data_8T0Z
#
_entry.id   8T0Z
#
_cell.length_a   1.00
_cell.length_b   1.00
_cell.length_c   1.00
_cell.angle_alpha   90.00
_cell.angle_beta   90.00
_cell.angle_gamma   90.00
#
_symmetry.space_group_name_H-M   'P 1'
#
loop_
_entity.id
_entity.type
_entity.pdbx_description
1 polymer 'Glutaminase liver isoform, mitochondrial'
2 non-polymer GLUTAMINE
#
_entity_poly.entity_id   1
_entity_poly.type   'polypeptide(L)'
_entity_poly.pdbx_seq_one_letter_code
;MRSMKALQKALSRAGSHCGRGGWGHPSRSPLLGGGVRHHLSEAAAQGRETPHSHQPQHQDHDSSESGMLSRLGDLLFYTI
AEGQERIPIHKFTTALKATGLQTSDPRLRDCMSEMHRVVQESSSGGLLDRDLFRKCVSSNIVLLTQAFRKKFVIPDFEEF
TGHVDRIFEDVKELTGGKVAAYIPQLAKSNPDLWGVSLCTVDGQRHSVGHTKIPFCLQSCVKPLTYAISISTLGTDYVHK
FVGKEPSGLRYNALSLNEEGIPHNPMVNAGAIVVSSLIKMDCNKAEKFDFVLQYLNKMAGNEYMGFSNATFQSEKETGDR
NYAIGYYLKEKKCFPKGVDMMAALDLYFQLCSVEVTCESGSVMAATLANGGICPITGESVLSAEAVRNTLSLMHSCGMYD
FSGQFAFHVGLPAKSAVSGAILLVVPNVMGMMCLSPPLDKLGNSHRGTSFCQKLVSLFNFHNYDNLRHCARKLDPRREGA
EIRNKTVVNLLFAAYSGDVSALRRFALSAMDMEQKDYDSRTALHVAAAEGHIEVVKFLIEACKVNPFAKDRWGNIPLDDA
VQFNHLEVVKLLQDYQDSYTLSETQAEAAAEALSKENLESMV
;
_entity_poly.pdbx_strand_id   A,B,C,D,E,G,I,K,F,H,J,L
#
# COMPACT_ATOMS: atom_id res chain seq x y z
N LEU A 69 -14.55 -62.29 -29.66
CA LEU A 69 -13.43 -61.92 -30.58
C LEU A 69 -13.89 -61.97 -32.03
N SER A 70 -15.11 -61.48 -32.29
CA SER A 70 -15.65 -61.46 -33.63
C SER A 70 -14.87 -60.47 -34.50
N ARG A 71 -14.63 -60.85 -35.75
CA ARG A 71 -13.88 -60.02 -36.70
C ARG A 71 -14.87 -59.25 -37.55
N LEU A 72 -14.94 -57.94 -37.33
CA LEU A 72 -15.79 -57.05 -38.11
C LEU A 72 -15.12 -56.54 -39.37
N GLY A 73 -14.03 -57.17 -39.81
CA GLY A 73 -13.27 -56.65 -40.93
C GLY A 73 -14.04 -56.57 -42.22
N ASP A 74 -14.86 -57.59 -42.52
CA ASP A 74 -15.58 -57.62 -43.79
C ASP A 74 -16.51 -56.42 -43.93
N LEU A 75 -17.28 -56.12 -42.88
CA LEU A 75 -18.14 -54.94 -42.92
C LEU A 75 -17.35 -53.66 -42.69
N LEU A 76 -16.27 -53.75 -41.92
CA LEU A 76 -15.52 -52.54 -41.56
C LEU A 76 -14.92 -51.87 -42.79
N PHE A 77 -14.18 -52.62 -43.60
CA PHE A 77 -13.58 -52.03 -44.79
C PHE A 77 -14.62 -51.68 -45.84
N TYR A 78 -15.67 -52.52 -45.97
CA TYR A 78 -16.68 -52.29 -46.99
C TYR A 78 -17.36 -50.95 -46.79
N THR A 79 -17.53 -50.51 -45.55
CA THR A 79 -18.09 -49.20 -45.28
C THR A 79 -17.17 -48.09 -45.78
N ILE A 80 -15.85 -48.27 -45.61
CA ILE A 80 -14.90 -47.24 -46.03
C ILE A 80 -14.92 -47.06 -47.53
N ALA A 81 -14.91 -48.17 -48.27
CA ALA A 81 -14.85 -48.14 -49.73
C ALA A 81 -16.26 -48.23 -50.31
N GLU A 82 -16.35 -48.09 -51.64
CA GLU A 82 -17.63 -48.17 -52.35
C GLU A 82 -17.91 -49.57 -52.89
N GLY A 83 -16.94 -50.49 -52.82
CA GLY A 83 -17.10 -51.83 -53.32
C GLY A 83 -15.98 -52.30 -54.23
N GLN A 84 -15.00 -51.43 -54.48
CA GLN A 84 -13.88 -51.76 -55.34
C GLN A 84 -12.71 -52.30 -54.53
N GLU A 85 -11.83 -53.03 -55.22
CA GLU A 85 -10.69 -53.66 -54.56
C GLU A 85 -9.58 -52.67 -54.24
N ARG A 86 -9.38 -51.65 -55.07
CA ARG A 86 -8.27 -50.71 -54.92
C ARG A 86 -8.77 -49.29 -55.05
N ILE A 87 -7.93 -48.35 -54.64
CA ILE A 87 -8.22 -46.92 -54.78
C ILE A 87 -6.88 -46.18 -54.89
N PRO A 88 -6.74 -45.18 -55.76
CA PRO A 88 -5.47 -44.45 -55.82
C PRO A 88 -5.15 -43.76 -54.50
N ILE A 89 -3.86 -43.77 -54.16
CA ILE A 89 -3.42 -43.13 -52.92
C ILE A 89 -3.64 -41.62 -53.00
N HIS A 90 -3.45 -41.03 -54.19
CA HIS A 90 -3.63 -39.58 -54.33
C HIS A 90 -5.05 -39.16 -53.98
N LYS A 91 -6.05 -39.92 -54.43
CA LYS A 91 -7.43 -39.64 -54.05
C LYS A 91 -7.74 -40.04 -52.62
N PHE A 92 -6.90 -40.85 -51.99
CA PHE A 92 -7.10 -41.24 -50.60
C PHE A 92 -6.48 -40.25 -49.62
N THR A 93 -5.41 -39.55 -50.01
CA THR A 93 -4.83 -38.54 -49.14
C THR A 93 -5.85 -37.45 -48.81
N THR A 94 -6.55 -36.95 -49.82
CA THR A 94 -7.65 -36.04 -49.59
C THR A 94 -8.83 -36.78 -48.98
N ALA A 95 -9.60 -36.05 -48.17
CA ALA A 95 -10.74 -36.55 -47.39
C ALA A 95 -10.30 -37.37 -46.18
N LEU A 96 -9.00 -37.62 -46.00
CA LEU A 96 -8.49 -38.29 -44.81
C LEU A 96 -7.95 -37.32 -43.78
N LYS A 97 -7.35 -36.20 -44.23
CA LYS A 97 -7.00 -35.12 -43.31
C LYS A 97 -8.22 -34.32 -42.87
N ALA A 98 -9.34 -34.48 -43.58
CA ALA A 98 -10.54 -33.69 -43.26
C ALA A 98 -11.05 -33.99 -41.86
N THR A 99 -10.76 -35.19 -41.34
CA THR A 99 -11.18 -35.56 -40.00
C THR A 99 -10.30 -34.96 -38.91
N GLY A 100 -9.34 -34.13 -39.26
CA GLY A 100 -8.49 -33.47 -38.27
C GLY A 100 -7.26 -34.25 -37.85
N LEU A 101 -7.44 -35.51 -37.49
CA LEU A 101 -6.34 -36.36 -37.05
C LEU A 101 -5.28 -36.47 -38.15
N GLN A 102 -4.10 -35.91 -37.89
CA GLN A 102 -3.06 -35.88 -38.91
C GLN A 102 -2.49 -37.27 -39.15
N THR A 103 -1.80 -37.42 -40.28
CA THR A 103 -1.20 -38.68 -40.69
C THR A 103 0.19 -38.90 -40.08
N SER A 104 0.59 -38.08 -39.11
CA SER A 104 1.92 -38.18 -38.50
C SER A 104 1.86 -38.46 -37.00
N ASP A 105 0.69 -38.78 -36.45
CA ASP A 105 0.61 -39.08 -35.03
C ASP A 105 1.40 -40.36 -34.74
N PRO A 106 2.14 -40.44 -33.62
CA PRO A 106 2.90 -41.66 -33.35
C PRO A 106 2.02 -42.89 -33.16
N ARG A 107 0.74 -42.71 -32.84
CA ARG A 107 -0.12 -43.87 -32.62
C ARG A 107 -0.26 -44.72 -33.87
N LEU A 108 -0.45 -44.08 -35.03
CA LEU A 108 -0.64 -44.78 -36.29
C LEU A 108 0.61 -44.77 -37.16
N ARG A 109 1.75 -44.38 -36.61
CA ARG A 109 2.97 -44.33 -37.41
C ARG A 109 3.38 -45.72 -37.88
N ASP A 110 3.24 -46.73 -37.01
CA ASP A 110 3.60 -48.09 -37.40
C ASP A 110 2.75 -48.57 -38.57
N CYS A 111 1.50 -48.14 -38.64
CA CYS A 111 0.62 -48.56 -39.72
C CYS A 111 1.14 -48.08 -41.06
N MET A 112 1.58 -46.82 -41.14
CA MET A 112 2.05 -46.28 -42.41
C MET A 112 3.43 -46.82 -42.77
N SER A 113 4.20 -47.25 -41.78
CA SER A 113 5.57 -47.72 -42.04
C SER A 113 5.57 -48.93 -42.96
N GLU A 114 4.70 -49.91 -42.71
CA GLU A 114 4.66 -51.09 -43.55
C GLU A 114 4.09 -50.77 -44.93
N MET A 115 3.23 -49.75 -45.02
CA MET A 115 2.60 -49.42 -46.28
C MET A 115 3.62 -48.90 -47.29
N HIS A 116 4.66 -48.22 -46.80
CA HIS A 116 5.63 -47.62 -47.71
C HIS A 116 6.51 -48.67 -48.38
N ARG A 117 6.82 -49.75 -47.65
CA ARG A 117 7.78 -50.74 -48.13
C ARG A 117 7.16 -51.78 -49.05
N VAL A 118 5.83 -51.85 -49.15
CA VAL A 118 5.20 -52.91 -49.93
C VAL A 118 5.21 -52.60 -51.42
N VAL A 119 5.34 -51.32 -51.80
CA VAL A 119 5.25 -50.95 -53.21
C VAL A 119 6.37 -51.56 -54.04
N GLN A 120 7.55 -51.76 -53.45
CA GLN A 120 8.68 -52.26 -54.22
C GLN A 120 8.41 -53.66 -54.78
N GLU A 121 8.20 -54.63 -53.90
CA GLU A 121 7.97 -56.02 -54.29
C GLU A 121 6.53 -56.38 -53.92
N SER A 122 5.63 -56.24 -54.90
CA SER A 122 4.24 -56.64 -54.72
C SER A 122 3.68 -57.41 -55.91
N SER A 123 4.35 -57.41 -57.06
CA SER A 123 3.89 -58.07 -58.28
C SER A 123 2.57 -57.51 -58.80
N SER A 124 2.17 -56.33 -58.34
CA SER A 124 0.92 -55.70 -58.77
C SER A 124 1.18 -54.30 -59.32
N GLY A 125 2.09 -53.57 -58.68
CA GLY A 125 2.47 -52.25 -59.15
C GLY A 125 1.36 -51.21 -59.03
N GLY A 126 0.90 -50.97 -57.80
CA GLY A 126 -0.04 -49.88 -57.55
C GLY A 126 -1.39 -50.33 -57.02
N LEU A 127 -1.43 -51.50 -56.36
CA LEU A 127 -2.65 -52.01 -55.75
C LEU A 127 -2.48 -52.05 -54.24
N LEU A 128 -3.48 -51.53 -53.53
CA LEU A 128 -3.41 -51.49 -52.06
C LEU A 128 -3.85 -52.82 -51.44
N ASP A 129 -4.91 -53.41 -51.98
CA ASP A 129 -5.46 -54.68 -51.51
C ASP A 129 -6.09 -54.52 -50.13
N ARG A 130 -7.17 -55.26 -49.88
CA ARG A 130 -7.88 -55.14 -48.60
C ARG A 130 -7.10 -55.81 -47.48
N ASP A 131 -6.55 -57.00 -47.75
CA ASP A 131 -5.97 -57.82 -46.67
C ASP A 131 -4.81 -57.10 -46.01
N LEU A 132 -3.91 -56.52 -46.81
CA LEU A 132 -2.70 -55.92 -46.25
C LEU A 132 -3.02 -54.76 -45.32
N PHE A 133 -3.97 -53.90 -45.69
CA PHE A 133 -4.31 -52.76 -44.84
C PHE A 133 -4.91 -53.21 -43.51
N ARG A 134 -5.77 -54.23 -43.54
CA ARG A 134 -6.41 -54.67 -42.30
C ARG A 134 -5.40 -55.28 -41.34
N LYS A 135 -4.46 -56.08 -41.86
CA LYS A 135 -3.52 -56.78 -40.98
C LYS A 135 -2.62 -55.80 -40.24
N CYS A 136 -2.14 -54.75 -40.92
CA CYS A 136 -1.22 -53.82 -40.27
C CYS A 136 -1.90 -53.10 -39.11
N VAL A 137 -3.16 -52.73 -39.27
CA VAL A 137 -3.91 -52.07 -38.21
C VAL A 137 -4.50 -53.14 -37.29
N SER A 138 -3.75 -53.50 -36.25
CA SER A 138 -4.16 -54.53 -35.29
C SER A 138 -4.36 -53.98 -33.89
N SER A 139 -3.36 -53.28 -33.35
CA SER A 139 -3.42 -52.77 -31.99
C SER A 139 -4.12 -51.42 -31.91
N ASN A 140 -3.87 -50.53 -32.87
CA ASN A 140 -4.44 -49.18 -32.88
C ASN A 140 -5.73 -49.11 -33.69
N ILE A 141 -6.46 -50.22 -33.77
CA ILE A 141 -7.69 -50.24 -34.56
C ILE A 141 -8.75 -49.33 -33.93
N VAL A 142 -8.79 -49.30 -32.59
CA VAL A 142 -9.86 -48.57 -31.90
C VAL A 142 -9.84 -47.09 -32.27
N LEU A 143 -8.65 -46.52 -32.44
CA LEU A 143 -8.57 -45.11 -32.83
C LEU A 143 -9.18 -44.90 -34.22
N LEU A 144 -8.89 -45.80 -35.16
CA LEU A 144 -9.40 -45.63 -36.51
C LEU A 144 -10.91 -45.75 -36.57
N THR A 145 -11.50 -46.66 -35.78
CA THR A 145 -12.94 -46.81 -35.77
C THR A 145 -13.62 -45.52 -35.32
N GLN A 146 -13.11 -44.91 -34.25
CA GLN A 146 -13.78 -43.76 -33.66
C GLN A 146 -13.84 -42.58 -34.63
N ALA A 147 -12.74 -42.34 -35.34
CA ALA A 147 -12.68 -41.16 -36.22
C ALA A 147 -13.72 -41.25 -37.34
N PHE A 148 -13.83 -42.42 -37.97
CA PHE A 148 -14.74 -42.56 -39.09
C PHE A 148 -16.20 -42.64 -38.63
N ARG A 149 -16.45 -43.21 -37.45
CA ARG A 149 -17.79 -43.29 -36.89
C ARG A 149 -18.22 -41.99 -36.21
N LYS A 150 -17.41 -40.93 -36.30
CA LYS A 150 -17.73 -39.63 -35.70
C LYS A 150 -17.93 -39.76 -34.19
N LYS A 151 -17.27 -40.73 -33.57
CA LYS A 151 -17.36 -40.93 -32.13
C LYS A 151 -16.42 -40.02 -31.35
N PHE A 152 -15.59 -39.23 -32.04
CA PHE A 152 -14.79 -38.23 -31.36
C PHE A 152 -15.68 -37.15 -30.76
N VAL A 153 -15.13 -36.43 -29.79
CA VAL A 153 -15.91 -35.42 -29.07
C VAL A 153 -16.30 -34.24 -29.95
N ILE A 154 -15.69 -34.09 -31.12
CA ILE A 154 -16.06 -33.04 -32.06
C ILE A 154 -16.29 -33.67 -33.42
N PRO A 155 -17.50 -34.15 -33.72
CA PRO A 155 -17.82 -34.56 -35.09
C PRO A 155 -17.91 -33.36 -36.02
N ASP A 156 -18.26 -33.60 -37.28
CA ASP A 156 -18.38 -32.58 -38.33
C ASP A 156 -17.28 -31.53 -38.22
N PHE A 157 -16.03 -31.98 -38.23
CA PHE A 157 -14.91 -31.08 -37.99
C PHE A 157 -14.85 -29.96 -39.00
N GLU A 158 -15.35 -30.18 -40.22
CA GLU A 158 -15.36 -29.12 -41.22
C GLU A 158 -16.21 -27.95 -40.76
N GLU A 159 -17.37 -28.25 -40.18
CA GLU A 159 -18.23 -27.18 -39.65
C GLU A 159 -17.55 -26.47 -38.47
N PHE A 160 -16.90 -27.23 -37.59
CA PHE A 160 -16.27 -26.63 -36.43
C PHE A 160 -15.12 -25.73 -36.83
N THR A 161 -14.22 -26.22 -37.68
CA THR A 161 -13.08 -25.41 -38.10
C THR A 161 -13.53 -24.24 -38.96
N GLY A 162 -14.56 -24.43 -39.78
CA GLY A 162 -15.05 -23.35 -40.62
C GLY A 162 -15.46 -22.14 -39.81
N HIS A 163 -16.14 -22.37 -38.67
CA HIS A 163 -16.51 -21.25 -37.80
C HIS A 163 -15.27 -20.58 -37.23
N VAL A 164 -14.26 -21.36 -36.85
CA VAL A 164 -13.03 -20.79 -36.30
C VAL A 164 -12.33 -19.94 -37.35
N ASP A 165 -12.33 -20.40 -38.60
CA ASP A 165 -11.69 -19.64 -39.66
C ASP A 165 -12.36 -18.28 -39.87
N ARG A 166 -13.69 -18.23 -39.81
CA ARG A 166 -14.37 -16.95 -39.96
C ARG A 166 -14.01 -16.01 -38.82
N ILE A 167 -13.95 -16.53 -37.59
CA ILE A 167 -13.55 -15.70 -36.45
C ILE A 167 -12.09 -15.28 -36.59
N PHE A 168 -11.26 -16.16 -37.15
CA PHE A 168 -9.84 -15.85 -37.30
C PHE A 168 -9.63 -14.59 -38.12
N GLU A 169 -10.32 -14.49 -39.26
CA GLU A 169 -10.19 -13.30 -40.08
C GLU A 169 -10.79 -12.08 -39.40
N ASP A 170 -11.90 -12.27 -38.69
CA ASP A 170 -12.56 -11.14 -38.03
C ASP A 170 -11.63 -10.48 -37.01
N VAL A 171 -10.94 -11.29 -36.21
CA VAL A 171 -10.00 -10.74 -35.23
C VAL A 171 -8.76 -10.17 -35.91
N LYS A 172 -8.48 -10.58 -37.14
CA LYS A 172 -7.25 -10.14 -37.81
C LYS A 172 -7.20 -8.63 -38.01
N GLU A 173 -8.36 -7.95 -38.04
CA GLU A 173 -8.36 -6.51 -38.27
C GLU A 173 -7.93 -5.75 -37.03
N LEU A 174 -8.28 -6.25 -35.85
CA LEU A 174 -8.01 -5.52 -34.62
C LEU A 174 -6.51 -5.42 -34.37
N THR A 175 -6.07 -4.23 -33.95
CA THR A 175 -4.67 -3.95 -33.66
C THR A 175 -4.55 -3.34 -32.28
N GLY A 176 -3.57 -3.82 -31.51
CA GLY A 176 -3.35 -3.35 -30.15
C GLY A 176 -2.19 -2.39 -30.04
N GLY A 177 -1.11 -2.84 -29.41
CA GLY A 177 0.08 -2.02 -29.26
C GLY A 177 0.85 -2.46 -28.04
N LYS A 178 2.01 -1.80 -27.86
CA LYS A 178 2.87 -2.03 -26.70
C LYS A 178 3.26 -3.51 -26.59
N VAL A 179 4.02 -3.94 -27.58
CA VAL A 179 4.36 -5.37 -27.70
C VAL A 179 5.12 -5.84 -26.46
N ALA A 180 6.16 -5.12 -26.06
CA ALA A 180 6.88 -5.47 -24.84
C ALA A 180 7.75 -4.29 -24.44
N ALA A 181 7.47 -3.70 -23.27
CA ALA A 181 8.29 -2.60 -22.79
C ALA A 181 9.72 -3.05 -22.51
N TYR A 182 9.88 -4.25 -21.96
CA TYR A 182 11.16 -4.79 -21.54
C TYR A 182 11.44 -6.08 -22.31
N ILE A 183 12.57 -6.72 -22.00
CA ILE A 183 13.08 -7.84 -22.79
C ILE A 183 13.16 -7.37 -24.24
N PRO A 184 14.16 -6.55 -24.61
CA PRO A 184 14.23 -6.01 -25.97
C PRO A 184 14.13 -7.06 -27.07
N GLN A 185 14.55 -8.29 -26.77
CA GLN A 185 14.47 -9.34 -27.77
C GLN A 185 13.03 -9.67 -28.14
N LEU A 186 12.10 -9.53 -27.20
CA LEU A 186 10.69 -9.74 -27.49
C LEU A 186 10.06 -8.55 -28.21
N ALA A 187 10.62 -7.36 -28.04
CA ALA A 187 10.14 -6.17 -28.74
C ALA A 187 10.51 -6.17 -30.21
N LYS A 188 11.37 -7.09 -30.65
CA LYS A 188 11.75 -7.21 -32.05
C LYS A 188 10.78 -8.05 -32.87
N SER A 189 9.82 -8.70 -32.23
CA SER A 189 8.90 -9.57 -32.97
C SER A 189 7.96 -8.73 -33.82
N ASN A 190 7.34 -9.39 -34.80
CA ASN A 190 6.49 -8.70 -35.76
C ASN A 190 5.13 -8.41 -35.16
N PRO A 191 4.70 -7.15 -35.04
CA PRO A 191 3.34 -6.90 -34.51
C PRO A 191 2.24 -7.50 -35.36
N ASP A 192 2.50 -7.74 -36.65
CA ASP A 192 1.50 -8.23 -37.58
C ASP A 192 1.45 -9.76 -37.64
N LEU A 193 1.85 -10.44 -36.57
CA LEU A 193 1.89 -11.89 -36.52
C LEU A 193 0.72 -12.39 -35.69
N TRP A 194 -0.05 -13.32 -36.25
CA TRP A 194 -1.28 -13.77 -35.61
C TRP A 194 -1.54 -15.22 -36.02
N GLY A 195 -1.47 -16.13 -35.05
CA GLY A 195 -1.68 -17.54 -35.32
C GLY A 195 -2.38 -18.21 -34.16
N VAL A 196 -3.20 -19.20 -34.50
CA VAL A 196 -3.98 -19.95 -33.53
C VAL A 196 -3.88 -21.43 -33.88
N SER A 197 -4.13 -22.27 -32.88
CA SER A 197 -4.10 -23.71 -33.09
C SER A 197 -4.93 -24.37 -32.00
N LEU A 198 -5.40 -25.58 -32.30
CA LEU A 198 -6.21 -26.35 -31.36
C LEU A 198 -5.82 -27.81 -31.46
N CYS A 199 -6.16 -28.56 -30.41
CA CYS A 199 -5.87 -29.99 -30.37
C CYS A 199 -6.93 -30.64 -29.48
N THR A 200 -7.90 -31.30 -30.09
CA THR A 200 -8.94 -31.99 -29.34
C THR A 200 -8.30 -33.03 -28.42
N VAL A 201 -9.02 -33.38 -27.36
CA VAL A 201 -8.52 -34.33 -26.37
C VAL A 201 -8.25 -35.70 -26.98
N ASP A 202 -8.78 -35.99 -28.18
CA ASP A 202 -8.53 -37.25 -28.88
C ASP A 202 -7.70 -37.06 -30.13
N GLY A 203 -6.87 -36.01 -30.19
CA GLY A 203 -5.96 -35.81 -31.28
C GLY A 203 -6.52 -35.00 -32.44
N GLN A 204 -7.82 -34.82 -32.51
CA GLN A 204 -8.45 -34.10 -33.60
C GLN A 204 -8.02 -32.63 -33.55
N ARG A 205 -7.14 -32.23 -34.45
CA ARG A 205 -6.43 -30.95 -34.34
C ARG A 205 -6.54 -30.15 -35.63
N HIS A 206 -6.56 -28.83 -35.48
CA HIS A 206 -6.57 -27.90 -36.59
C HIS A 206 -5.69 -26.71 -36.24
N SER A 207 -5.22 -26.00 -37.27
CA SER A 207 -4.33 -24.87 -37.08
C SER A 207 -4.41 -23.96 -38.29
N VAL A 208 -4.60 -22.66 -38.05
CA VAL A 208 -4.70 -21.66 -39.11
C VAL A 208 -3.94 -20.42 -38.68
N GLY A 209 -3.19 -19.83 -39.61
CA GLY A 209 -2.45 -18.61 -39.34
C GLY A 209 -0.95 -18.80 -39.35
N HIS A 210 -0.27 -18.19 -38.38
CA HIS A 210 1.18 -18.22 -38.25
C HIS A 210 1.64 -19.26 -37.23
N THR A 211 0.96 -20.40 -37.19
CA THR A 211 1.25 -21.46 -36.23
C THR A 211 2.60 -22.15 -36.44
N LYS A 212 3.41 -21.71 -37.42
CA LYS A 212 4.70 -22.33 -37.69
C LYS A 212 5.88 -21.45 -37.28
N ILE A 213 5.64 -20.37 -36.53
CA ILE A 213 6.67 -19.44 -36.12
C ILE A 213 6.96 -19.69 -34.64
N PRO A 214 8.15 -20.15 -34.25
CA PRO A 214 8.42 -20.36 -32.83
C PRO A 214 8.35 -19.07 -32.03
N PHE A 215 7.85 -19.19 -30.80
CA PHE A 215 7.77 -18.08 -29.86
C PHE A 215 8.08 -18.60 -28.47
N CYS A 216 8.65 -17.73 -27.65
CA CYS A 216 9.03 -18.12 -26.30
C CYS A 216 7.81 -18.49 -25.47
N LEU A 217 8.02 -19.40 -24.51
CA LEU A 217 6.96 -19.90 -23.65
C LEU A 217 6.90 -19.15 -22.32
N GLN A 218 7.22 -17.86 -22.34
CA GLN A 218 7.28 -17.09 -21.10
C GLN A 218 5.93 -17.08 -20.41
N SER A 219 5.92 -17.52 -19.15
CA SER A 219 4.75 -17.46 -18.28
C SER A 219 3.60 -18.37 -18.73
N CYS A 220 3.79 -19.14 -19.80
CA CYS A 220 2.90 -20.24 -20.14
C CYS A 220 3.44 -21.58 -19.66
N VAL A 221 4.68 -21.62 -19.19
CA VAL A 221 5.24 -22.80 -18.55
C VAL A 221 4.96 -22.82 -17.05
N LYS A 222 4.46 -21.73 -16.48
CA LYS A 222 4.12 -21.71 -15.06
C LYS A 222 3.08 -22.76 -14.69
N PRO A 223 1.94 -22.89 -15.39
CA PRO A 223 1.03 -23.98 -15.05
C PRO A 223 1.64 -25.35 -15.25
N LEU A 224 2.61 -25.47 -16.17
CA LEU A 224 3.25 -26.75 -16.40
C LEU A 224 4.27 -27.05 -15.31
N THR A 225 5.26 -26.18 -15.14
CA THR A 225 6.29 -26.41 -14.12
C THR A 225 5.69 -26.54 -12.73
N TYR A 226 4.55 -25.87 -12.49
CA TYR A 226 3.82 -26.12 -11.26
C TYR A 226 3.28 -27.55 -11.23
N ALA A 227 2.77 -28.03 -12.37
CA ALA A 227 2.24 -29.39 -12.43
C ALA A 227 3.35 -30.42 -12.25
N ILE A 228 4.58 -30.09 -12.65
CA ILE A 228 5.69 -31.01 -12.44
C ILE A 228 5.96 -31.18 -10.96
N SER A 229 5.92 -30.07 -10.21
CA SER A 229 6.22 -30.13 -8.78
C SER A 229 5.05 -30.73 -8.01
N ILE A 230 3.82 -30.39 -8.40
CA ILE A 230 2.66 -30.86 -7.65
C ILE A 230 2.53 -32.38 -7.75
N SER A 231 2.91 -32.96 -8.88
CA SER A 231 2.77 -34.40 -9.06
C SER A 231 3.96 -35.16 -8.48
N THR A 232 5.18 -34.63 -8.64
CA THR A 232 6.37 -35.29 -8.16
C THR A 232 6.70 -34.98 -6.70
N LEU A 233 5.91 -34.12 -6.05
CA LEU A 233 6.12 -33.81 -4.63
C LEU A 233 4.81 -33.75 -3.85
N GLY A 234 3.68 -34.08 -4.45
CA GLY A 234 2.42 -34.07 -3.74
C GLY A 234 1.86 -32.67 -3.58
N THR A 235 0.57 -32.58 -3.27
CA THR A 235 -0.06 -31.26 -3.14
C THR A 235 0.24 -30.62 -1.80
N ASP A 236 0.39 -31.43 -0.74
CA ASP A 236 0.61 -30.87 0.59
C ASP A 236 1.96 -30.15 0.68
N TYR A 237 3.02 -30.76 0.15
CA TYR A 237 4.35 -30.19 0.29
C TYR A 237 4.49 -28.91 -0.53
N VAL A 238 3.96 -28.90 -1.76
CA VAL A 238 4.21 -27.78 -2.67
C VAL A 238 3.58 -26.50 -2.12
N HIS A 239 2.36 -26.59 -1.61
CA HIS A 239 1.64 -25.40 -1.17
C HIS A 239 2.01 -24.98 0.24
N LYS A 240 2.96 -25.66 0.89
CA LYS A 240 3.53 -25.13 2.12
C LYS A 240 4.33 -23.87 1.86
N PHE A 241 4.88 -23.73 0.65
CA PHE A 241 5.74 -22.61 0.29
C PHE A 241 5.06 -21.57 -0.58
N VAL A 242 3.94 -21.90 -1.23
CA VAL A 242 3.21 -20.98 -2.08
C VAL A 242 1.73 -21.06 -1.74
N GLY A 243 1.10 -19.91 -1.62
CA GLY A 243 -0.34 -19.87 -1.45
C GLY A 243 -1.05 -20.36 -2.70
N LYS A 244 -2.38 -20.21 -2.68
CA LYS A 244 -3.20 -20.64 -3.81
C LYS A 244 -4.35 -19.67 -4.06
N GLU A 245 -4.15 -18.38 -3.78
CA GLU A 245 -5.20 -17.38 -3.91
C GLU A 245 -4.73 -16.23 -4.78
N PRO A 246 -5.63 -15.58 -5.53
CA PRO A 246 -5.20 -14.48 -6.39
C PRO A 246 -4.70 -13.29 -5.58
N SER A 247 -3.78 -12.52 -6.19
CA SER A 247 -3.17 -11.38 -5.54
C SER A 247 -3.79 -10.05 -5.95
N GLY A 248 -4.16 -9.89 -7.21
CA GLY A 248 -4.70 -8.62 -7.69
C GLY A 248 -3.69 -7.49 -7.62
N LEU A 249 -2.42 -7.79 -7.88
CA LEU A 249 -1.34 -6.81 -7.81
C LEU A 249 -0.37 -6.98 -8.97
N ARG A 250 -0.86 -7.38 -10.15
CA ARG A 250 0.00 -7.65 -11.30
C ARG A 250 0.86 -8.88 -11.03
N TYR A 251 1.69 -9.25 -11.99
CA TYR A 251 2.53 -10.45 -11.83
C TYR A 251 3.86 -10.17 -11.17
N ASN A 252 4.41 -8.95 -11.32
CA ASN A 252 5.66 -8.62 -10.65
C ASN A 252 5.49 -8.72 -9.14
N ALA A 253 4.65 -7.86 -8.57
CA ALA A 253 4.05 -8.06 -7.26
C ALA A 253 5.09 -8.41 -6.19
N LEU A 254 5.92 -7.42 -5.86
CA LEU A 254 6.80 -7.59 -4.70
C LEU A 254 5.96 -7.52 -3.44
N SER A 255 5.16 -8.55 -3.19
CA SER A 255 4.26 -8.58 -2.05
C SER A 255 3.88 -10.03 -1.76
N LEU A 256 4.02 -10.42 -0.50
CA LEU A 256 3.69 -11.77 -0.07
C LEU A 256 2.37 -11.73 0.70
N ASN A 257 1.72 -12.88 0.80
CA ASN A 257 0.40 -12.91 1.44
C ASN A 257 0.58 -12.73 2.94
N GLU A 258 -0.52 -12.84 3.69
CA GLU A 258 -0.48 -12.54 5.11
C GLU A 258 0.48 -13.46 5.86
N GLU A 259 0.46 -14.75 5.54
CA GLU A 259 1.25 -15.73 6.27
C GLU A 259 2.68 -15.85 5.77
N GLY A 260 3.10 -15.00 4.84
CA GLY A 260 4.50 -14.88 4.46
C GLY A 260 4.93 -15.61 3.22
N ILE A 261 4.01 -16.28 2.52
CA ILE A 261 4.34 -17.06 1.33
C ILE A 261 3.84 -16.33 0.10
N PRO A 262 4.40 -16.56 -1.09
CA PRO A 262 3.85 -15.92 -2.29
C PRO A 262 2.40 -16.34 -2.52
N HIS A 263 1.66 -15.44 -3.16
CA HIS A 263 0.21 -15.57 -3.22
C HIS A 263 -0.22 -16.85 -3.94
N ASN A 264 0.41 -17.16 -5.06
CA ASN A 264 0.00 -18.28 -5.90
C ASN A 264 1.13 -18.61 -6.86
N PRO A 265 1.13 -19.82 -7.43
CA PRO A 265 2.23 -20.19 -8.34
C PRO A 265 2.32 -19.33 -9.59
N MET A 266 1.24 -18.67 -10.01
CA MET A 266 1.22 -17.99 -11.30
C MET A 266 1.96 -16.66 -11.27
N VAL A 267 1.93 -15.94 -10.14
CA VAL A 267 2.69 -14.69 -10.06
C VAL A 267 4.18 -15.00 -10.10
N ASN A 268 4.96 -14.00 -10.52
CA ASN A 268 6.40 -14.19 -10.66
C ASN A 268 7.04 -14.60 -9.34
N ALA A 269 6.53 -14.07 -8.22
CA ALA A 269 7.08 -14.42 -6.93
C ALA A 269 6.82 -15.88 -6.59
N GLY A 270 5.69 -16.43 -7.03
CA GLY A 270 5.41 -17.83 -6.78
C GLY A 270 6.06 -18.77 -7.76
N ALA A 271 6.23 -18.33 -9.01
CA ALA A 271 6.85 -19.21 -10.01
C ALA A 271 8.31 -19.47 -9.67
N ILE A 272 8.97 -18.53 -8.99
CA ILE A 272 10.35 -18.74 -8.57
C ILE A 272 10.41 -19.79 -7.47
N VAL A 273 9.46 -19.76 -6.55
CA VAL A 273 9.47 -20.73 -5.45
C VAL A 273 9.15 -22.13 -5.96
N VAL A 274 8.12 -22.26 -6.80
CA VAL A 274 7.79 -23.58 -7.33
C VAL A 274 8.90 -24.09 -8.23
N SER A 275 9.55 -23.22 -9.00
CA SER A 275 10.72 -23.62 -9.76
C SER A 275 11.86 -24.06 -8.85
N SER A 276 11.88 -23.55 -7.61
CA SER A 276 12.93 -23.94 -6.68
C SER A 276 12.72 -25.35 -6.13
N LEU A 277 11.49 -25.86 -6.21
CA LEU A 277 11.17 -27.17 -5.64
C LEU A 277 11.57 -28.32 -6.55
N ILE A 278 11.88 -28.07 -7.82
CA ILE A 278 12.07 -29.13 -8.80
C ILE A 278 13.53 -29.58 -8.74
N LYS A 279 13.76 -30.74 -8.11
CA LYS A 279 15.07 -31.39 -8.05
C LYS A 279 16.14 -30.40 -7.57
N MET A 280 15.97 -29.95 -6.32
CA MET A 280 16.90 -28.97 -5.77
C MET A 280 18.25 -29.56 -5.44
N ASP A 281 18.36 -30.89 -5.34
CA ASP A 281 19.62 -31.53 -5.00
C ASP A 281 20.53 -31.76 -6.20
N CYS A 282 20.03 -31.61 -7.42
CA CYS A 282 20.79 -31.87 -8.62
C CYS A 282 21.42 -30.58 -9.15
N ASN A 283 22.27 -30.72 -10.15
CA ASN A 283 22.95 -29.58 -10.75
C ASN A 283 22.06 -28.90 -11.78
N LYS A 284 22.54 -27.75 -12.28
CA LYS A 284 21.69 -26.89 -13.10
C LYS A 284 21.29 -27.58 -14.41
N ALA A 285 22.22 -28.34 -15.01
CA ALA A 285 21.91 -29.01 -16.26
C ALA A 285 20.81 -30.05 -16.06
N GLU A 286 20.84 -30.77 -14.94
CA GLU A 286 19.84 -31.81 -14.71
C GLU A 286 18.49 -31.22 -14.34
N LYS A 287 18.46 -30.06 -13.68
CA LYS A 287 17.19 -29.43 -13.34
C LYS A 287 16.44 -29.01 -14.60
N PHE A 288 17.14 -28.35 -15.53
CA PHE A 288 16.51 -27.97 -16.79
C PHE A 288 16.09 -29.21 -17.57
N ASP A 289 16.95 -30.21 -17.64
CA ASP A 289 16.65 -31.39 -18.45
C ASP A 289 15.49 -32.18 -17.85
N PHE A 290 15.39 -32.22 -16.52
CA PHE A 290 14.30 -32.95 -15.89
C PHE A 290 12.95 -32.39 -16.30
N VAL A 291 12.80 -31.06 -16.25
CA VAL A 291 11.54 -30.44 -16.66
C VAL A 291 11.36 -30.59 -18.16
N LEU A 292 12.45 -30.48 -18.92
CA LEU A 292 12.35 -30.56 -20.37
C LEU A 292 11.83 -31.92 -20.82
N GLN A 293 12.24 -33.00 -20.14
CA GLN A 293 11.77 -34.33 -20.52
C GLN A 293 10.26 -34.44 -20.35
N TYR A 294 9.73 -33.96 -19.22
CA TYR A 294 8.28 -33.92 -19.05
C TYR A 294 7.64 -32.97 -20.05
N LEU A 295 8.25 -31.80 -20.26
CA LEU A 295 7.69 -30.85 -21.22
C LEU A 295 7.65 -31.44 -22.61
N ASN A 296 8.69 -32.18 -23.00
CA ASN A 296 8.66 -32.87 -24.28
C ASN A 296 7.54 -33.91 -24.31
N LYS A 297 7.37 -34.66 -23.22
CA LYS A 297 6.31 -35.66 -23.17
C LYS A 297 4.93 -35.03 -23.22
N MET A 298 4.78 -33.84 -22.63
CA MET A 298 3.49 -33.16 -22.65
C MET A 298 3.07 -32.81 -24.08
N ALA A 299 4.03 -32.37 -24.89
CA ALA A 299 3.76 -32.01 -26.27
C ALA A 299 3.84 -33.19 -27.23
N GLY A 300 3.97 -34.41 -26.72
CA GLY A 300 4.07 -35.57 -27.59
C GLY A 300 5.26 -35.51 -28.51
N ASN A 301 6.42 -35.09 -27.99
CA ASN A 301 7.66 -35.05 -28.76
C ASN A 301 7.51 -34.17 -29.99
N GLU A 302 6.79 -33.06 -29.84
CA GLU A 302 6.66 -32.07 -30.90
C GLU A 302 7.83 -31.09 -30.79
N TYR A 303 7.81 -30.03 -31.61
CA TYR A 303 8.90 -29.07 -31.61
C TYR A 303 9.04 -28.41 -30.25
N MET A 304 10.28 -28.36 -29.76
CA MET A 304 10.56 -27.77 -28.45
C MET A 304 12.00 -27.25 -28.49
N GLY A 305 12.14 -25.94 -28.72
CA GLY A 305 13.43 -25.31 -28.83
C GLY A 305 13.82 -24.55 -27.58
N PHE A 306 14.78 -23.65 -27.75
CA PHE A 306 15.21 -22.77 -26.68
C PHE A 306 15.77 -21.51 -27.31
N SER A 307 15.09 -20.38 -27.11
CA SER A 307 15.52 -19.11 -27.69
C SER A 307 16.55 -18.50 -26.76
N ASN A 308 17.83 -18.84 -26.99
CA ASN A 308 18.90 -18.29 -26.17
C ASN A 308 18.96 -16.77 -26.31
N ALA A 309 18.51 -16.23 -27.43
CA ALA A 309 18.46 -14.78 -27.57
C ALA A 309 17.55 -14.16 -26.52
N THR A 310 16.40 -14.79 -26.26
CA THR A 310 15.50 -14.32 -25.23
C THR A 310 15.93 -14.71 -23.82
N PHE A 311 16.75 -15.76 -23.68
CA PHE A 311 17.23 -16.14 -22.36
C PHE A 311 18.37 -15.25 -21.87
N GLN A 312 19.21 -14.76 -22.79
CA GLN A 312 20.24 -13.82 -22.36
C GLN A 312 19.66 -12.44 -22.12
N SER A 313 18.65 -12.04 -22.89
CA SER A 313 17.73 -11.04 -22.39
C SER A 313 16.89 -11.69 -21.29
N GLU A 314 16.16 -10.87 -20.53
CA GLU A 314 15.41 -11.33 -19.36
C GLU A 314 16.34 -11.77 -18.22
N LYS A 315 17.66 -11.75 -18.44
CA LYS A 315 18.67 -12.03 -17.43
C LYS A 315 19.66 -10.90 -17.27
N GLU A 316 20.06 -10.27 -18.38
CA GLU A 316 20.85 -9.05 -18.30
C GLU A 316 19.96 -7.86 -17.95
N THR A 317 18.72 -7.86 -18.44
CA THR A 317 17.80 -6.75 -18.27
C THR A 317 16.61 -7.07 -17.37
N GLY A 318 16.37 -8.34 -17.05
CA GLY A 318 15.26 -8.68 -16.20
C GLY A 318 15.64 -8.51 -14.75
N ASP A 319 15.28 -7.35 -14.20
CA ASP A 319 15.75 -6.95 -12.87
C ASP A 319 14.69 -7.08 -11.81
N ARG A 320 13.41 -6.93 -12.17
CA ARG A 320 12.35 -7.10 -11.20
C ARG A 320 12.31 -8.53 -10.70
N ASN A 321 12.59 -9.49 -11.58
CA ASN A 321 12.66 -10.89 -11.16
C ASN A 321 13.80 -11.09 -10.16
N TYR A 322 14.91 -10.39 -10.34
CA TYR A 322 16.00 -10.47 -9.37
C TYR A 322 15.60 -9.83 -8.04
N ALA A 323 14.92 -8.69 -8.09
CA ALA A 323 14.46 -8.04 -6.86
C ALA A 323 13.47 -8.94 -6.13
N ILE A 324 12.57 -9.60 -6.87
CA ILE A 324 11.70 -10.59 -6.26
C ILE A 324 12.52 -11.73 -5.70
N GLY A 325 13.50 -12.22 -6.46
CA GLY A 325 14.29 -13.36 -6.02
C GLY A 325 15.00 -13.10 -4.71
N TYR A 326 15.60 -11.92 -4.56
CA TYR A 326 16.27 -11.59 -3.31
C TYR A 326 15.26 -11.26 -2.21
N TYR A 327 14.10 -10.73 -2.58
CA TYR A 327 13.04 -10.48 -1.60
C TYR A 327 12.58 -11.78 -0.97
N LEU A 328 12.40 -12.83 -1.77
CA LEU A 328 12.02 -14.13 -1.23
C LEU A 328 13.11 -14.68 -0.32
N LYS A 329 14.38 -14.44 -0.66
CA LYS A 329 15.48 -14.91 0.17
C LYS A 329 15.47 -14.24 1.54
N GLU A 330 15.15 -12.94 1.57
CA GLU A 330 15.09 -12.23 2.86
C GLU A 330 14.03 -12.83 3.77
N LYS A 331 12.86 -13.14 3.23
CA LYS A 331 11.75 -13.66 4.01
C LYS A 331 11.91 -15.13 4.37
N LYS A 332 12.94 -15.80 3.85
CA LYS A 332 13.22 -17.21 4.17
C LYS A 332 12.02 -18.08 3.81
N CYS A 333 11.49 -17.88 2.61
CA CYS A 333 10.39 -18.68 2.08
C CYS A 333 10.85 -19.67 1.02
N PHE A 334 12.10 -20.12 1.10
CA PHE A 334 12.66 -21.16 0.26
C PHE A 334 12.90 -22.43 1.08
N PRO A 335 12.91 -23.60 0.47
CA PRO A 335 13.29 -24.81 1.23
C PRO A 335 14.72 -24.70 1.72
N LYS A 336 14.98 -25.33 2.87
CA LYS A 336 16.31 -25.28 3.46
C LYS A 336 17.33 -25.94 2.54
N GLY A 337 18.54 -25.41 2.55
CA GLY A 337 19.60 -25.94 1.70
C GLY A 337 19.35 -25.75 0.23
N VAL A 338 18.92 -24.56 -0.18
CA VAL A 338 18.61 -24.25 -1.57
C VAL A 338 19.22 -22.91 -1.92
N ASP A 339 19.91 -22.85 -3.06
CA ASP A 339 20.44 -21.59 -3.57
C ASP A 339 19.37 -20.89 -4.40
N MET A 340 19.05 -19.65 -4.02
CA MET A 340 17.99 -18.92 -4.71
C MET A 340 18.38 -18.64 -6.16
N MET A 341 19.64 -18.26 -6.40
CA MET A 341 20.05 -17.89 -7.75
C MET A 341 19.91 -19.06 -8.71
N ALA A 342 20.25 -20.27 -8.25
CA ALA A 342 20.07 -21.44 -9.10
C ALA A 342 18.61 -21.66 -9.44
N ALA A 343 17.72 -21.47 -8.47
CA ALA A 343 16.29 -21.61 -8.74
C ALA A 343 15.77 -20.46 -9.60
N LEU A 344 16.29 -19.25 -9.37
CA LEU A 344 15.88 -18.11 -10.19
C LEU A 344 16.32 -18.29 -11.63
N ASP A 345 17.56 -18.75 -11.84
CA ASP A 345 18.04 -18.99 -13.20
C ASP A 345 17.21 -20.05 -13.89
N LEU A 346 16.79 -21.09 -13.16
CA LEU A 346 15.96 -22.13 -13.75
C LEU A 346 14.63 -21.54 -14.23
N TYR A 347 14.13 -20.52 -13.53
CA TYR A 347 12.88 -19.89 -13.96
C TYR A 347 13.06 -19.18 -15.30
N PHE A 348 14.20 -18.52 -15.50
CA PHE A 348 14.46 -17.84 -16.77
C PHE A 348 14.53 -18.85 -17.91
N GLN A 349 15.23 -19.97 -17.71
CA GLN A 349 15.41 -20.95 -18.77
C GLN A 349 14.07 -21.55 -19.18
N LEU A 350 13.24 -21.93 -18.20
CA LEU A 350 11.93 -22.48 -18.51
C LEU A 350 11.08 -21.47 -19.26
N CYS A 351 11.16 -20.20 -18.85
CA CYS A 351 10.42 -19.16 -19.56
C CYS A 351 10.89 -19.04 -21.01
N SER A 352 12.18 -19.22 -21.25
CA SER A 352 12.76 -19.01 -22.57
C SER A 352 12.56 -20.17 -23.52
N VAL A 353 11.99 -21.29 -23.05
CA VAL A 353 11.65 -22.37 -23.97
C VAL A 353 10.70 -21.84 -25.03
N GLU A 354 10.93 -22.24 -26.28
CA GLU A 354 10.14 -21.76 -27.41
C GLU A 354 9.40 -22.93 -28.04
N VAL A 355 8.14 -22.69 -28.39
CA VAL A 355 7.29 -23.68 -29.04
C VAL A 355 6.46 -22.98 -30.11
N THR A 356 6.03 -23.76 -31.09
CA THR A 356 5.07 -23.30 -32.07
C THR A 356 3.66 -23.48 -31.52
N CYS A 357 2.71 -22.74 -32.10
CA CYS A 357 1.32 -22.90 -31.70
C CYS A 357 0.83 -24.32 -31.97
N GLU A 358 1.24 -24.89 -33.10
CA GLU A 358 0.86 -26.27 -33.42
C GLU A 358 1.38 -27.23 -32.37
N SER A 359 2.63 -27.06 -31.94
CA SER A 359 3.16 -27.86 -30.84
C SER A 359 2.64 -27.37 -29.50
N GLY A 360 2.38 -26.07 -29.38
CA GLY A 360 1.83 -25.56 -28.13
C GLY A 360 0.43 -26.06 -27.86
N SER A 361 -0.38 -26.20 -28.91
CA SER A 361 -1.74 -26.69 -28.73
C SER A 361 -1.77 -28.12 -28.20
N VAL A 362 -0.72 -28.90 -28.46
CA VAL A 362 -0.63 -30.23 -27.86
C VAL A 362 -0.61 -30.11 -26.35
N MET A 363 0.20 -29.22 -25.82
CA MET A 363 0.02 -28.78 -24.45
C MET A 363 -1.30 -28.04 -24.35
N ALA A 364 -1.94 -28.11 -23.18
CA ALA A 364 -3.28 -27.58 -22.94
C ALA A 364 -4.36 -28.48 -23.54
N ALA A 365 -3.95 -29.48 -24.32
CA ALA A 365 -4.80 -30.64 -24.59
C ALA A 365 -4.37 -31.82 -23.75
N THR A 366 -3.10 -31.85 -23.36
CA THR A 366 -2.64 -32.80 -22.35
C THR A 366 -3.36 -32.60 -21.04
N LEU A 367 -3.42 -31.35 -20.56
CA LEU A 367 -4.07 -31.04 -19.29
C LEU A 367 -5.53 -30.63 -19.46
N ALA A 368 -6.03 -30.57 -20.70
CA ALA A 368 -7.48 -30.63 -20.89
C ALA A 368 -7.98 -32.03 -20.59
N ASN A 369 -7.19 -33.04 -20.94
CA ASN A 369 -7.44 -34.40 -20.49
C ASN A 369 -7.04 -34.54 -19.02
N GLY A 370 -7.06 -35.76 -18.52
CA GLY A 370 -6.63 -36.03 -17.17
C GLY A 370 -5.14 -36.22 -17.05
N GLY A 371 -4.37 -35.36 -17.73
CA GLY A 371 -2.93 -35.45 -17.77
C GLY A 371 -2.39 -36.30 -18.90
N ILE A 372 -3.16 -37.30 -19.34
CA ILE A 372 -2.69 -38.18 -20.40
C ILE A 372 -2.63 -37.42 -21.72
N CYS A 373 -1.52 -37.56 -22.43
CA CYS A 373 -1.34 -36.84 -23.68
C CYS A 373 -2.38 -37.31 -24.70
N PRO A 374 -2.94 -36.41 -25.53
CA PRO A 374 -3.91 -36.85 -26.53
C PRO A 374 -3.26 -37.51 -27.73
N ILE A 375 -2.07 -37.05 -28.11
CA ILE A 375 -1.41 -37.56 -29.30
C ILE A 375 -0.85 -38.96 -29.06
N THR A 376 0.02 -39.10 -28.06
CA THR A 376 0.68 -40.37 -27.79
C THR A 376 -0.07 -41.24 -26.80
N GLY A 377 -1.03 -40.69 -26.06
CA GLY A 377 -1.75 -41.47 -25.08
C GLY A 377 -0.96 -41.80 -23.83
N GLU A 378 0.20 -41.17 -23.63
CA GLU A 378 1.01 -41.43 -22.45
C GLU A 378 0.29 -40.90 -21.21
N SER A 379 0.93 -41.08 -20.06
CA SER A 379 0.46 -40.56 -18.78
C SER A 379 1.56 -39.68 -18.21
N VAL A 380 1.50 -38.39 -18.48
CA VAL A 380 2.57 -37.47 -18.11
C VAL A 380 2.38 -37.02 -16.67
N LEU A 381 1.25 -36.36 -16.38
CA LEU A 381 0.99 -35.77 -15.08
C LEU A 381 -0.13 -36.52 -14.38
N SER A 382 -0.07 -36.49 -13.05
CA SER A 382 -1.13 -37.09 -12.25
C SER A 382 -2.44 -36.35 -12.48
N ALA A 383 -3.55 -37.08 -12.33
CA ALA A 383 -4.86 -36.47 -12.53
C ALA A 383 -5.10 -35.35 -11.53
N GLU A 384 -4.61 -35.52 -10.29
CA GLU A 384 -4.75 -34.46 -9.29
C GLU A 384 -3.94 -33.24 -9.67
N ALA A 385 -2.80 -33.44 -10.34
CA ALA A 385 -1.98 -32.32 -10.76
C ALA A 385 -2.72 -31.43 -11.75
N VAL A 386 -3.41 -32.04 -12.71
CA VAL A 386 -4.13 -31.27 -13.72
C VAL A 386 -5.29 -30.50 -13.08
N ARG A 387 -6.00 -31.14 -12.15
CA ARG A 387 -7.08 -30.43 -11.45
C ARG A 387 -6.52 -29.27 -10.64
N ASN A 388 -5.39 -29.47 -9.97
CA ASN A 388 -4.83 -28.42 -9.12
C ASN A 388 -4.39 -27.23 -9.95
N THR A 389 -3.72 -27.47 -11.08
CA THR A 389 -3.23 -26.37 -11.90
C THR A 389 -4.35 -25.69 -12.66
N LEU A 390 -5.35 -26.45 -13.11
CA LEU A 390 -6.47 -25.84 -13.82
C LEU A 390 -7.25 -24.91 -12.91
N SER A 391 -7.49 -25.34 -11.66
CA SER A 391 -8.22 -24.49 -10.71
C SER A 391 -7.46 -23.22 -10.37
N LEU A 392 -6.15 -23.19 -10.58
CA LEU A 392 -5.37 -21.97 -10.39
C LEU A 392 -5.27 -21.13 -11.66
N MET A 393 -5.25 -21.77 -12.83
CA MET A 393 -5.24 -21.02 -14.08
C MET A 393 -6.53 -20.23 -14.25
N HIS A 394 -7.67 -20.81 -13.87
CA HIS A 394 -8.94 -20.08 -13.96
C HIS A 394 -8.92 -18.84 -13.09
N SER A 395 -8.43 -18.97 -11.86
CA SER A 395 -8.46 -17.85 -10.92
C SER A 395 -7.25 -16.95 -11.06
N CYS A 396 -6.09 -17.52 -11.38
CA CYS A 396 -4.83 -16.79 -11.35
C CYS A 396 -4.10 -16.78 -12.69
N GLY A 397 -4.68 -17.35 -13.74
CA GLY A 397 -3.94 -17.49 -14.99
C GLY A 397 -3.58 -16.17 -15.63
N MET A 398 -4.53 -15.25 -15.69
CA MET A 398 -4.36 -13.98 -16.39
C MET A 398 -4.03 -12.83 -15.45
N TYR A 399 -3.74 -13.12 -14.18
CA TYR A 399 -3.40 -12.09 -13.20
C TYR A 399 -4.60 -11.15 -12.98
N ASP A 400 -4.40 -9.84 -13.09
CA ASP A 400 -5.49 -8.90 -12.83
C ASP A 400 -6.66 -9.12 -13.79
N PHE A 401 -6.37 -9.53 -15.01
CA PHE A 401 -7.40 -9.79 -16.00
C PHE A 401 -8.08 -11.13 -15.82
N SER A 402 -7.73 -11.88 -14.77
CA SER A 402 -8.35 -13.19 -14.54
C SER A 402 -9.85 -13.05 -14.33
N GLY A 403 -10.28 -12.06 -13.55
CA GLY A 403 -11.70 -11.87 -13.35
C GLY A 403 -12.43 -11.51 -14.62
N GLN A 404 -11.85 -10.58 -15.40
CA GLN A 404 -12.46 -10.23 -16.68
C GLN A 404 -12.48 -11.42 -17.62
N PHE A 405 -11.38 -12.18 -17.68
CA PHE A 405 -11.35 -13.35 -18.55
C PHE A 405 -12.32 -14.42 -18.07
N ALA A 406 -12.35 -14.69 -16.76
CA ALA A 406 -13.29 -15.68 -16.24
C ALA A 406 -14.73 -15.24 -16.45
N PHE A 407 -14.99 -13.93 -16.45
CA PHE A 407 -16.34 -13.42 -16.68
C PHE A 407 -16.79 -13.70 -18.11
N HIS A 408 -15.96 -13.34 -19.09
CA HIS A 408 -16.38 -13.37 -20.48
C HIS A 408 -16.04 -14.69 -21.16
N VAL A 409 -14.94 -15.32 -20.75
CA VAL A 409 -14.48 -16.57 -21.32
C VAL A 409 -14.77 -17.75 -20.40
N GLY A 410 -14.40 -17.63 -19.13
CA GLY A 410 -14.64 -18.70 -18.18
C GLY A 410 -13.94 -19.98 -18.54
N LEU A 411 -12.67 -19.88 -18.93
CA LEU A 411 -11.84 -21.03 -19.21
C LEU A 411 -10.47 -20.82 -18.58
N PRO A 412 -9.76 -21.89 -18.23
CA PRO A 412 -8.38 -21.70 -17.74
C PRO A 412 -7.45 -21.27 -18.86
N ALA A 413 -6.99 -20.04 -18.81
CA ALA A 413 -6.05 -19.51 -19.79
C ALA A 413 -4.90 -18.84 -19.06
N LYS A 414 -3.71 -18.94 -19.64
CA LYS A 414 -2.50 -18.41 -19.04
C LYS A 414 -1.90 -17.37 -19.98
N SER A 415 -1.64 -16.18 -19.45
CA SER A 415 -1.13 -15.08 -20.26
C SER A 415 0.37 -15.24 -20.51
N ALA A 416 0.91 -14.34 -21.32
CA ALA A 416 2.33 -14.35 -21.66
C ALA A 416 2.67 -13.07 -22.38
N VAL A 417 3.87 -12.54 -22.09
CA VAL A 417 4.31 -11.31 -22.74
C VAL A 417 4.65 -11.57 -24.21
N SER A 418 4.98 -12.81 -24.55
CA SER A 418 5.21 -13.16 -25.95
C SER A 418 3.95 -13.14 -26.79
N GLY A 419 2.78 -13.01 -26.17
CA GLY A 419 1.51 -13.02 -26.86
C GLY A 419 0.77 -14.33 -26.79
N ALA A 420 1.35 -15.35 -26.17
CA ALA A 420 0.70 -16.65 -26.08
C ALA A 420 -0.43 -16.59 -25.05
N ILE A 421 -1.49 -17.36 -25.33
CA ILE A 421 -2.58 -17.55 -24.38
C ILE A 421 -2.94 -19.02 -24.39
N LEU A 422 -2.48 -19.76 -23.37
CA LEU A 422 -2.66 -21.21 -23.28
C LEU A 422 -4.09 -21.47 -22.82
N LEU A 423 -5.04 -21.22 -23.72
CA LEU A 423 -6.44 -21.44 -23.42
C LEU A 423 -6.75 -22.93 -23.39
N VAL A 424 -7.59 -23.34 -22.45
CA VAL A 424 -7.94 -24.75 -22.23
C VAL A 424 -9.44 -24.88 -22.21
N VAL A 425 -9.96 -25.85 -22.94
CA VAL A 425 -11.38 -26.21 -22.87
C VAL A 425 -11.44 -27.61 -22.29
N PRO A 426 -11.75 -27.79 -21.01
CA PRO A 426 -11.65 -29.13 -20.41
C PRO A 426 -12.52 -30.15 -21.11
N ASN A 427 -11.96 -31.35 -21.32
CA ASN A 427 -12.63 -32.48 -21.95
C ASN A 427 -13.08 -32.18 -23.38
N VAL A 428 -12.58 -31.10 -23.98
CA VAL A 428 -12.91 -30.77 -25.37
C VAL A 428 -11.63 -30.64 -26.19
N MET A 429 -10.79 -29.66 -25.85
CA MET A 429 -9.61 -29.40 -26.66
C MET A 429 -8.66 -28.51 -25.88
N GLY A 430 -7.60 -28.09 -26.55
CA GLY A 430 -6.64 -27.15 -25.99
C GLY A 430 -6.18 -26.14 -27.02
N MET A 431 -6.35 -24.86 -26.72
CA MET A 431 -6.01 -23.78 -27.64
C MET A 431 -4.70 -23.13 -27.25
N MET A 432 -4.05 -22.53 -28.26
CA MET A 432 -2.84 -21.73 -28.02
C MET A 432 -2.82 -20.64 -29.09
N CYS A 433 -3.32 -19.47 -28.71
CA CYS A 433 -3.28 -18.30 -29.60
C CYS A 433 -1.92 -17.64 -29.54
N LEU A 434 -1.66 -16.76 -30.50
CA LEU A 434 -0.40 -16.03 -30.56
C LEU A 434 -0.63 -14.68 -31.21
N SER A 435 -0.31 -13.61 -30.48
CA SER A 435 -0.27 -12.27 -31.04
C SER A 435 0.73 -11.43 -30.24
N PRO A 436 1.87 -11.05 -30.81
CA PRO A 436 2.87 -10.32 -30.03
C PRO A 436 2.34 -9.06 -29.36
N PRO A 437 1.51 -8.23 -30.01
CA PRO A 437 1.04 -7.03 -29.30
C PRO A 437 0.13 -7.37 -28.13
N LEU A 438 0.25 -6.59 -27.05
CA LEU A 438 -0.43 -6.83 -25.78
C LEU A 438 -1.39 -5.69 -25.47
N ASP A 439 -2.16 -5.89 -24.41
CA ASP A 439 -2.98 -4.84 -23.83
C ASP A 439 -2.25 -4.27 -22.61
N LYS A 440 -2.91 -3.35 -21.90
CA LYS A 440 -2.28 -2.72 -20.74
C LYS A 440 -1.97 -3.74 -19.65
N LEU A 441 -2.77 -4.80 -19.54
CA LEU A 441 -2.68 -5.73 -18.44
C LEU A 441 -1.75 -6.91 -18.70
N GLY A 442 -1.12 -6.95 -19.88
CA GLY A 442 -0.18 -8.02 -20.19
C GLY A 442 -0.82 -9.19 -20.89
N ASN A 443 -1.74 -8.91 -21.80
CA ASN A 443 -2.44 -9.95 -22.56
C ASN A 443 -2.53 -9.56 -24.01
N SER A 444 -2.48 -10.56 -24.89
CA SER A 444 -2.57 -10.32 -26.31
C SER A 444 -3.94 -9.78 -26.68
N HIS A 445 -3.97 -8.69 -27.45
CA HIS A 445 -5.24 -8.10 -27.85
C HIS A 445 -6.01 -9.02 -28.78
N ARG A 446 -5.32 -9.59 -29.78
CA ARG A 446 -5.99 -10.49 -30.71
C ARG A 446 -6.33 -11.81 -30.04
N GLY A 447 -5.43 -12.34 -29.22
CA GLY A 447 -5.69 -13.61 -28.56
C GLY A 447 -6.88 -13.54 -27.62
N THR A 448 -6.97 -12.46 -26.84
CA THR A 448 -8.10 -12.31 -25.93
C THR A 448 -9.40 -12.14 -26.72
N SER A 449 -9.35 -11.38 -27.81
CA SER A 449 -10.56 -11.19 -28.62
C SER A 449 -11.03 -12.49 -29.22
N PHE A 450 -10.09 -13.33 -29.68
CA PHE A 450 -10.47 -14.63 -30.24
C PHE A 450 -11.11 -15.52 -29.18
N CYS A 451 -10.52 -15.57 -27.99
CA CYS A 451 -11.10 -16.37 -26.91
C CYS A 451 -12.48 -15.85 -26.52
N GLN A 452 -12.62 -14.53 -26.46
CA GLN A 452 -13.91 -13.94 -26.09
C GLN A 452 -14.98 -14.29 -27.13
N LYS A 453 -14.64 -14.17 -28.42
CA LYS A 453 -15.62 -14.44 -29.47
C LYS A 453 -15.96 -15.92 -29.54
N LEU A 454 -14.96 -16.79 -29.37
CA LEU A 454 -15.17 -18.22 -29.52
C LEU A 454 -16.14 -18.74 -28.48
N VAL A 455 -16.01 -18.27 -27.23
CA VAL A 455 -16.87 -18.75 -26.15
C VAL A 455 -18.31 -18.30 -26.39
N SER A 456 -18.49 -17.11 -26.97
CA SER A 456 -19.83 -16.59 -27.22
C SER A 456 -20.54 -17.31 -28.36
N LEU A 457 -19.88 -18.26 -29.03
CA LEU A 457 -20.47 -18.98 -30.15
C LEU A 457 -20.49 -20.49 -29.95
N PHE A 458 -19.73 -21.04 -28.99
CA PHE A 458 -19.55 -22.49 -28.89
C PHE A 458 -19.96 -23.07 -27.54
N ASN A 459 -20.51 -22.26 -26.63
CA ASN A 459 -21.07 -22.75 -25.37
C ASN A 459 -20.00 -23.31 -24.44
N PHE A 460 -18.73 -22.93 -24.62
CA PHE A 460 -17.65 -23.50 -23.83
C PHE A 460 -17.52 -22.88 -22.45
N HIS A 461 -18.28 -21.83 -22.15
CA HIS A 461 -18.20 -21.17 -20.85
C HIS A 461 -18.43 -22.17 -19.73
N ASN A 462 -17.90 -21.90 -18.53
CA ASN A 462 -18.08 -22.83 -17.42
C ASN A 462 -19.52 -22.87 -16.95
N TYR A 463 -20.31 -21.82 -17.21
CA TYR A 463 -21.65 -21.68 -16.68
C TYR A 463 -22.66 -21.38 -17.79
N ASP A 464 -22.60 -22.15 -18.87
CA ASP A 464 -23.65 -22.17 -19.88
C ASP A 464 -24.50 -23.43 -19.69
N ASN A 465 -25.45 -23.64 -20.59
CA ASN A 465 -26.34 -24.81 -20.56
C ASN A 465 -27.10 -24.91 -19.26
N LEU A 466 -27.45 -23.77 -18.67
CA LEU A 466 -28.16 -23.77 -17.38
C LEU A 466 -29.50 -24.48 -17.54
N ARG A 467 -30.41 -23.91 -18.33
CA ARG A 467 -31.59 -24.62 -18.82
C ARG A 467 -31.63 -24.69 -20.33
N HIS A 468 -31.71 -23.53 -20.99
CA HIS A 468 -31.72 -23.44 -22.45
C HIS A 468 -30.65 -22.50 -22.99
N CYS A 469 -30.45 -21.35 -22.34
CA CYS A 469 -29.55 -20.28 -22.79
C CYS A 469 -29.80 -20.03 -24.29
N ALA A 470 -28.78 -19.56 -25.00
CA ALA A 470 -28.86 -19.40 -26.45
C ALA A 470 -28.55 -20.74 -27.12
N ARG A 471 -28.70 -20.80 -28.44
CA ARG A 471 -28.41 -22.04 -29.15
C ARG A 471 -26.93 -22.37 -29.09
N LYS A 472 -26.08 -21.46 -29.59
CA LYS A 472 -24.63 -21.57 -29.45
C LYS A 472 -24.10 -22.88 -30.03
N LEU A 473 -24.67 -23.31 -31.15
CA LEU A 473 -24.22 -24.51 -31.86
C LEU A 473 -24.32 -25.75 -30.99
N ASP A 474 -23.98 -26.90 -31.55
CA ASP A 474 -24.12 -28.17 -30.83
C ASP A 474 -23.01 -28.31 -29.79
N PRO A 475 -23.34 -28.51 -28.50
CA PRO A 475 -22.26 -28.70 -27.50
C PRO A 475 -21.81 -30.15 -27.40
N ARG A 476 -20.99 -30.58 -28.36
CA ARG A 476 -20.40 -31.91 -28.42
C ARG A 476 -21.44 -33.02 -28.55
N ARG A 477 -22.67 -32.64 -28.89
CA ARG A 477 -23.74 -33.62 -29.05
C ARG A 477 -24.46 -33.43 -30.37
N LEU B 69 51.58 43.88 17.79
CA LEU B 69 51.42 42.53 18.39
C LEU B 69 51.77 42.56 19.88
N SER B 70 50.74 42.63 20.72
CA SER B 70 50.91 42.65 22.17
C SER B 70 50.83 41.22 22.69
N ARG B 71 51.98 40.52 22.68
CA ARG B 71 52.03 39.15 23.15
C ARG B 71 51.74 39.11 24.65
N LEU B 72 50.95 38.11 25.06
CA LEU B 72 50.56 37.97 26.47
C LEU B 72 50.76 36.54 26.97
N GLY B 73 51.65 35.77 26.33
CA GLY B 73 51.96 34.44 26.83
C GLY B 73 52.57 34.44 28.21
N ASP B 74 53.35 35.47 28.54
CA ASP B 74 53.94 35.54 29.87
C ASP B 74 52.87 35.62 30.96
N LEU B 75 51.80 36.38 30.71
CA LEU B 75 50.72 36.46 31.69
C LEU B 75 50.07 35.10 31.90
N LEU B 76 49.91 34.33 30.82
CA LEU B 76 49.32 32.99 30.95
C LEU B 76 50.18 32.11 31.85
N PHE B 77 51.51 32.21 31.71
CA PHE B 77 52.40 31.40 32.55
C PHE B 77 52.22 31.74 34.03
N TYR B 78 52.05 33.03 34.34
CA TYR B 78 51.84 33.43 35.72
C TYR B 78 50.55 32.83 36.29
N THR B 79 49.54 32.65 35.44
CA THR B 79 48.24 32.20 35.92
C THR B 79 48.22 30.71 36.25
N ILE B 80 49.17 29.93 35.72
CA ILE B 80 49.16 28.49 35.99
C ILE B 80 49.35 28.22 37.48
N ALA B 81 50.34 28.86 38.09
CA ALA B 81 50.67 28.67 39.49
C ALA B 81 50.14 29.83 40.32
N GLU B 82 50.30 29.71 41.63
CA GLU B 82 49.94 30.77 42.55
C GLU B 82 50.94 31.93 42.55
N GLY B 83 52.06 31.78 41.85
CA GLY B 83 53.09 32.80 41.82
C GLY B 83 54.49 32.22 41.72
N GLN B 84 54.63 30.93 42.01
CA GLN B 84 55.93 30.28 41.91
C GLN B 84 56.44 30.31 40.48
N GLU B 85 57.70 30.68 40.30
CA GLU B 85 58.27 30.82 38.97
C GLU B 85 58.71 29.48 38.38
N ARG B 86 58.98 28.49 39.23
CA ARG B 86 59.49 27.19 38.80
C ARG B 86 58.35 26.18 38.78
N ILE B 87 58.17 25.51 37.65
CA ILE B 87 57.09 24.54 37.47
C ILE B 87 57.66 23.26 36.86
N PRO B 88 57.43 22.09 37.46
CA PRO B 88 57.86 20.84 36.78
C PRO B 88 56.93 20.50 35.62
N ILE B 89 57.42 19.62 34.75
CA ILE B 89 56.66 19.29 33.55
C ILE B 89 55.37 18.55 33.90
N HIS B 90 55.42 17.66 34.90
CA HIS B 90 54.25 16.86 35.24
C HIS B 90 53.09 17.72 35.74
N LYS B 91 53.39 18.91 36.28
CA LYS B 91 52.31 19.79 36.73
C LYS B 91 51.53 20.37 35.56
N PHE B 92 52.13 20.44 34.38
CA PHE B 92 51.46 20.98 33.21
C PHE B 92 50.56 19.95 32.52
N THR B 93 50.82 18.65 32.70
CA THR B 93 49.95 17.65 32.11
C THR B 93 48.52 17.78 32.63
N THR B 94 48.38 18.01 33.94
CA THR B 94 47.11 18.43 34.51
C THR B 94 47.01 19.95 34.38
N ALA B 95 45.84 20.49 34.75
CA ALA B 95 45.52 21.91 34.65
C ALA B 95 45.28 22.36 33.22
N LEU B 96 45.43 21.45 32.25
CA LEU B 96 45.00 21.64 30.88
C LEU B 96 43.99 20.59 30.44
N LYS B 97 44.23 19.33 30.82
CA LYS B 97 43.22 18.29 30.63
C LYS B 97 41.98 18.56 31.48
N ALA B 98 42.10 19.36 32.54
CA ALA B 98 40.94 19.76 33.31
C ALA B 98 40.01 20.65 32.50
N THR B 99 40.56 21.41 31.55
CA THR B 99 39.76 22.27 30.70
C THR B 99 39.17 21.55 29.50
N GLY B 100 39.13 20.22 29.51
CA GLY B 100 38.53 19.45 28.45
C GLY B 100 39.48 19.10 27.32
N LEU B 101 40.28 20.07 26.89
CA LEU B 101 41.19 19.85 25.78
C LEU B 101 42.21 18.77 26.13
N GLN B 102 42.43 17.85 25.19
CA GLN B 102 43.42 16.80 25.37
C GLN B 102 44.81 17.32 25.02
N THR B 103 45.83 16.54 25.39
CA THR B 103 47.22 16.87 25.14
C THR B 103 47.78 16.13 23.93
N SER B 104 46.93 15.81 22.94
CA SER B 104 47.37 15.07 21.77
C SER B 104 46.76 15.59 20.48
N ASP B 105 46.31 16.83 20.45
CA ASP B 105 45.73 17.37 19.23
C ASP B 105 46.84 17.66 18.21
N PRO B 106 46.59 17.51 16.91
CA PRO B 106 47.62 17.89 15.93
C PRO B 106 47.98 19.36 15.98
N ARG B 107 47.06 20.21 16.42
CA ARG B 107 47.32 21.65 16.42
C ARG B 107 48.48 22.00 17.35
N LEU B 108 48.52 21.39 18.54
CA LEU B 108 49.57 21.65 19.51
C LEU B 108 50.56 20.50 19.61
N ARG B 109 50.59 19.62 18.62
CA ARG B 109 51.58 18.54 18.61
C ARG B 109 52.99 19.13 18.56
N ASP B 110 53.22 20.12 17.70
CA ASP B 110 54.53 20.76 17.64
C ASP B 110 54.86 21.47 18.94
N CYS B 111 53.87 22.11 19.55
CA CYS B 111 54.12 22.85 20.79
C CYS B 111 54.61 21.92 21.89
N MET B 112 53.90 20.79 22.09
CA MET B 112 54.31 19.86 23.14
C MET B 112 55.56 19.09 22.74
N SER B 113 55.63 18.64 21.49
CA SER B 113 56.79 17.87 21.04
C SER B 113 58.06 18.70 21.12
N GLU B 114 58.01 19.95 20.66
CA GLU B 114 59.16 20.83 20.81
C GLU B 114 59.48 21.07 22.28
N MET B 115 58.44 21.22 23.11
CA MET B 115 58.66 21.40 24.54
C MET B 115 59.32 20.16 25.14
N HIS B 116 58.89 18.97 24.73
CA HIS B 116 59.47 17.75 25.27
C HIS B 116 60.95 17.64 24.94
N ARG B 117 61.33 17.98 23.71
CA ARG B 117 62.73 17.93 23.33
C ARG B 117 63.56 18.92 24.15
N VAL B 118 63.02 20.11 24.41
CA VAL B 118 63.73 21.09 25.24
C VAL B 118 63.94 20.53 26.64
N VAL B 119 62.97 19.78 27.16
CA VAL B 119 63.15 19.12 28.44
C VAL B 119 64.31 18.12 28.32
N GLN B 120 64.94 17.87 29.46
CA GLN B 120 66.17 17.09 29.64
C GLN B 120 67.41 17.90 29.27
N GLU B 121 67.26 19.13 28.76
CA GLU B 121 68.40 20.04 28.59
C GLU B 121 67.87 21.46 28.78
N SER B 122 67.93 21.94 30.02
CA SER B 122 67.46 23.27 30.38
C SER B 122 68.37 23.92 31.41
N SER B 123 69.67 23.62 31.35
CA SER B 123 70.63 24.01 32.39
C SER B 123 70.28 23.33 33.70
N SER B 124 69.17 23.73 34.32
CA SER B 124 68.65 23.00 35.48
C SER B 124 68.25 21.58 35.08
N GLY B 125 67.65 21.44 33.90
CA GLY B 125 67.24 20.14 33.38
C GLY B 125 65.83 19.72 33.76
N GLY B 126 65.51 19.78 35.04
CA GLY B 126 64.19 19.39 35.52
C GLY B 126 63.27 20.56 35.81
N LEU B 127 63.76 21.78 35.60
CA LEU B 127 63.02 23.00 35.90
C LEU B 127 62.71 23.75 34.62
N LEU B 128 61.45 24.13 34.45
CA LEU B 128 61.04 24.95 33.32
C LEU B 128 61.37 26.41 33.63
N ASP B 129 61.33 27.27 32.60
CA ASP B 129 61.65 28.68 32.76
C ASP B 129 60.61 29.51 32.03
N ARG B 130 60.39 30.72 32.51
CA ARG B 130 59.41 31.62 31.90
C ARG B 130 59.76 31.90 30.45
N ASP B 131 61.04 32.19 30.18
CA ASP B 131 61.47 32.43 28.80
C ASP B 131 61.31 31.17 27.95
N LEU B 132 61.65 30.01 28.51
CA LEU B 132 61.59 28.77 27.74
C LEU B 132 60.17 28.48 27.26
N PHE B 133 59.18 28.61 28.14
CA PHE B 133 57.81 28.37 27.74
C PHE B 133 57.34 29.41 26.73
N ARG B 134 57.87 30.63 26.84
CA ARG B 134 57.51 31.70 25.92
C ARG B 134 57.96 31.36 24.51
N LYS B 135 59.02 30.56 24.38
CA LYS B 135 59.53 30.19 23.06
C LYS B 135 58.64 29.16 22.39
N CYS B 136 58.46 27.99 23.04
CA CYS B 136 57.70 26.90 22.44
C CYS B 136 56.22 26.95 22.81
N VAL B 137 55.63 28.14 22.68
CA VAL B 137 54.18 28.30 22.79
C VAL B 137 53.65 29.18 21.65
N SER B 138 54.57 29.80 20.89
CA SER B 138 54.16 30.81 19.93
C SER B 138 53.48 30.21 18.71
N SER B 139 53.75 28.94 18.40
CA SER B 139 53.18 28.32 17.21
C SER B 139 51.66 28.31 17.28
N ASN B 140 51.11 27.64 18.30
CA ASN B 140 49.67 27.56 18.53
C ASN B 140 49.39 28.26 19.86
N ILE B 141 49.17 29.57 19.80
CA ILE B 141 48.92 30.39 20.98
C ILE B 141 47.49 30.93 20.99
N VAL B 142 46.93 31.26 19.82
CA VAL B 142 45.59 31.82 19.78
C VAL B 142 44.58 30.85 20.37
N LEU B 143 44.81 29.55 20.18
CA LEU B 143 43.93 28.54 20.79
C LEU B 143 44.09 28.52 22.31
N LEU B 144 45.31 28.70 22.80
CA LEU B 144 45.53 28.66 24.25
C LEU B 144 44.86 29.84 24.94
N THR B 145 44.79 31.00 24.27
CA THR B 145 44.03 32.11 24.83
C THR B 145 42.56 31.77 24.96
N GLN B 146 42.01 31.07 23.96
CA GLN B 146 40.60 30.72 24.02
C GLN B 146 40.30 29.76 25.17
N ALA B 147 41.27 28.89 25.49
CA ALA B 147 41.01 27.84 26.48
C ALA B 147 41.08 28.37 27.89
N PHE B 148 42.25 28.88 28.30
CA PHE B 148 42.46 29.25 29.70
C PHE B 148 41.71 30.51 30.10
N ARG B 149 41.24 31.32 29.15
CA ARG B 149 40.39 32.47 29.43
C ARG B 149 38.91 32.13 29.30
N LYS B 150 38.55 30.84 29.37
CA LYS B 150 37.16 30.40 29.46
C LYS B 150 36.33 30.85 28.27
N LYS B 151 36.96 30.98 27.10
CA LYS B 151 36.26 31.42 25.90
C LYS B 151 35.74 30.29 25.04
N PHE B 152 35.96 29.03 25.43
CA PHE B 152 35.36 27.94 24.70
C PHE B 152 33.87 27.88 24.98
N VAL B 153 33.15 27.11 24.16
CA VAL B 153 31.70 27.11 24.21
C VAL B 153 31.18 26.48 25.51
N ILE B 154 32.01 25.70 26.20
CA ILE B 154 31.60 25.08 27.46
C ILE B 154 32.68 25.35 28.52
N PRO B 155 32.57 26.43 29.30
CA PRO B 155 33.45 26.58 30.46
C PRO B 155 33.12 25.55 31.53
N ASP B 156 33.79 25.65 32.68
CA ASP B 156 33.64 24.76 33.84
C ASP B 156 33.37 23.32 33.42
N PHE B 157 34.28 22.83 32.56
CA PHE B 157 34.09 21.54 31.91
C PHE B 157 33.95 20.40 32.90
N GLU B 158 34.71 20.42 34.01
CA GLU B 158 34.62 19.33 34.98
C GLU B 158 33.22 19.23 35.56
N GLU B 159 32.62 20.36 35.90
CA GLU B 159 31.24 20.34 36.39
C GLU B 159 30.27 19.94 35.27
N PHE B 160 30.53 20.40 34.05
CA PHE B 160 29.69 20.00 32.92
C PHE B 160 29.76 18.49 32.70
N THR B 161 30.98 17.93 32.73
CA THR B 161 31.13 16.50 32.51
C THR B 161 30.52 15.70 33.66
N GLY B 162 30.56 16.24 34.88
CA GLY B 162 29.98 15.55 36.01
C GLY B 162 28.49 15.28 35.80
N HIS B 163 27.78 16.23 35.21
CA HIS B 163 26.38 16.01 34.90
C HIS B 163 26.22 14.91 33.85
N VAL B 164 27.10 14.88 32.85
CA VAL B 164 27.06 13.81 31.86
C VAL B 164 27.36 12.47 32.51
N ASP B 165 28.35 12.43 33.41
CA ASP B 165 28.68 11.19 34.09
C ASP B 165 27.53 10.72 34.97
N ARG B 166 26.84 11.64 35.64
CA ARG B 166 25.68 11.25 36.44
C ARG B 166 24.58 10.69 35.54
N ILE B 167 24.32 11.35 34.40
CA ILE B 167 23.33 10.82 33.47
C ILE B 167 23.81 9.50 32.88
N PHE B 168 25.12 9.37 32.67
CA PHE B 168 25.67 8.15 32.11
C PHE B 168 25.38 6.94 32.99
N GLU B 169 25.53 7.12 34.31
CA GLU B 169 25.32 6.00 35.22
C GLU B 169 23.84 5.71 35.42
N ASP B 170 22.99 6.75 35.44
CA ASP B 170 21.57 6.54 35.68
C ASP B 170 20.95 5.69 34.57
N VAL B 171 21.28 5.97 33.32
CA VAL B 171 20.74 5.20 32.21
C VAL B 171 21.38 3.82 32.10
N LYS B 172 22.54 3.60 32.73
CA LYS B 172 23.20 2.31 32.66
C LYS B 172 22.37 1.21 33.32
N GLU B 173 21.45 1.56 34.22
CA GLU B 173 20.66 0.55 34.91
C GLU B 173 19.74 -0.20 33.95
N LEU B 174 19.31 0.43 32.87
CA LEU B 174 18.36 -0.20 31.97
C LEU B 174 19.02 -1.36 31.22
N THR B 175 18.17 -2.21 30.65
CA THR B 175 18.60 -3.38 29.89
C THR B 175 18.28 -3.26 28.40
N GLY B 176 17.05 -2.91 28.06
CA GLY B 176 16.68 -2.70 26.67
C GLY B 176 16.38 -3.99 25.93
N GLY B 177 16.18 -3.83 24.62
CA GLY B 177 15.83 -4.92 23.74
C GLY B 177 17.02 -5.70 23.24
N LYS B 178 16.79 -6.47 22.18
CA LYS B 178 17.81 -7.33 21.61
C LYS B 178 18.78 -6.51 20.75
N VAL B 179 19.82 -7.17 20.26
CA VAL B 179 20.91 -6.50 19.56
C VAL B 179 20.64 -6.49 18.05
N ALA B 180 20.62 -7.67 17.44
CA ALA B 180 20.40 -7.78 16.00
C ALA B 180 20.34 -9.26 15.64
N ALA B 181 19.70 -9.54 14.51
CA ALA B 181 19.56 -10.89 13.99
C ALA B 181 19.98 -11.04 12.54
N TYR B 182 19.71 -10.05 11.70
CA TYR B 182 19.91 -10.21 10.26
C TYR B 182 21.33 -9.90 9.81
N ILE B 183 22.23 -9.52 10.72
CA ILE B 183 23.66 -9.44 10.47
C ILE B 183 24.34 -10.37 11.47
N PRO B 184 24.52 -11.66 11.14
CA PRO B 184 24.88 -12.64 12.18
C PRO B 184 26.24 -12.42 12.82
N GLN B 185 27.02 -11.44 12.37
CA GLN B 185 28.28 -11.09 12.99
C GLN B 185 28.17 -9.91 13.94
N LEU B 186 27.13 -9.08 13.82
CA LEU B 186 26.89 -8.00 14.76
C LEU B 186 26.07 -8.43 15.97
N ALA B 187 25.47 -9.62 15.93
CA ALA B 187 24.79 -10.16 17.10
C ALA B 187 25.76 -10.70 18.14
N LYS B 188 27.04 -10.84 17.79
CA LYS B 188 28.04 -11.35 18.71
C LYS B 188 28.63 -10.29 19.63
N SER B 189 28.34 -9.01 19.38
CA SER B 189 28.85 -7.95 20.23
C SER B 189 28.24 -8.06 21.63
N ASN B 190 29.00 -7.61 22.61
CA ASN B 190 28.57 -7.73 24.00
C ASN B 190 27.35 -6.86 24.23
N PRO B 191 26.20 -7.42 24.63
CA PRO B 191 25.04 -6.55 24.92
C PRO B 191 25.27 -5.57 26.05
N ASP B 192 26.16 -5.89 26.99
CA ASP B 192 26.44 -5.01 28.11
C ASP B 192 27.38 -3.86 27.75
N LEU B 193 27.91 -3.85 26.53
CA LEU B 193 28.75 -2.74 26.09
C LEU B 193 27.96 -1.43 26.14
N TRP B 194 28.56 -0.40 26.71
CA TRP B 194 27.86 0.88 26.87
C TRP B 194 28.90 1.97 27.11
N GLY B 195 28.98 2.92 26.19
CA GLY B 195 29.91 4.02 26.33
C GLY B 195 29.47 5.20 25.49
N VAL B 196 29.81 6.40 25.95
CA VAL B 196 29.44 7.64 25.29
C VAL B 196 30.67 8.55 25.26
N SER B 197 30.75 9.35 24.20
CA SER B 197 31.85 10.31 24.05
C SER B 197 31.34 11.52 23.31
N LEU B 198 31.74 12.70 23.78
CA LEU B 198 31.32 13.97 23.22
C LEU B 198 32.55 14.81 22.89
N CYS B 199 32.57 15.36 21.68
CA CYS B 199 33.66 16.22 21.21
C CYS B 199 33.11 17.62 21.00
N THR B 200 33.55 18.55 21.84
CA THR B 200 33.13 19.93 21.72
C THR B 200 33.65 20.54 20.42
N VAL B 201 32.89 21.49 19.87
CA VAL B 201 33.27 22.18 18.66
C VAL B 201 34.61 22.87 18.78
N ASP B 202 35.03 23.23 19.99
CA ASP B 202 36.30 23.92 20.22
C ASP B 202 37.47 22.96 20.36
N GLY B 203 37.23 21.66 20.44
CA GLY B 203 38.26 20.67 20.64
C GLY B 203 38.20 19.95 21.96
N GLN B 204 37.50 20.50 22.95
CA GLN B 204 37.31 19.80 24.21
C GLN B 204 36.57 18.49 23.95
N ARG B 205 36.97 17.43 24.64
CA ARG B 205 36.34 16.15 24.44
C ARG B 205 36.51 15.30 25.70
N HIS B 206 35.44 14.59 26.05
CA HIS B 206 35.38 13.81 27.28
C HIS B 206 34.78 12.45 26.96
N SER B 207 35.48 11.39 27.37
CA SER B 207 35.08 10.02 27.11
C SER B 207 34.87 9.27 28.40
N VAL B 208 33.72 8.60 28.53
CA VAL B 208 33.38 7.79 29.68
C VAL B 208 32.74 6.51 29.21
N GLY B 209 33.06 5.42 29.90
CA GLY B 209 32.56 4.12 29.52
C GLY B 209 33.41 3.46 28.45
N HIS B 210 32.83 2.45 27.81
CA HIS B 210 33.54 1.69 26.79
C HIS B 210 33.65 2.48 25.50
N THR B 211 34.47 3.54 25.52
CA THR B 211 34.67 4.39 24.35
C THR B 211 35.85 3.96 23.49
N LYS B 212 36.57 2.90 23.87
CA LYS B 212 37.72 2.42 23.11
C LYS B 212 37.40 1.20 22.25
N ILE B 213 36.33 0.48 22.53
CA ILE B 213 36.01 -0.74 21.79
C ILE B 213 35.51 -0.34 20.40
N PRO B 214 36.17 -0.74 19.31
CA PRO B 214 35.64 -0.41 17.98
C PRO B 214 34.29 -1.04 17.75
N PHE B 215 33.42 -0.29 17.08
CA PHE B 215 32.11 -0.77 16.66
C PHE B 215 31.87 -0.39 15.21
N CYS B 216 31.10 -1.21 14.52
CA CYS B 216 30.83 -0.99 13.12
C CYS B 216 30.03 0.30 12.93
N LEU B 217 30.23 0.95 11.80
CA LEU B 217 29.63 2.25 11.50
C LEU B 217 28.38 2.10 10.63
N GLN B 218 27.58 1.07 10.89
CA GLN B 218 26.40 0.81 10.08
C GLN B 218 25.48 2.01 10.04
N SER B 219 25.13 2.45 8.83
CA SER B 219 24.14 3.50 8.62
C SER B 219 24.52 4.84 9.23
N CYS B 220 25.74 4.98 9.71
CA CYS B 220 26.27 6.27 10.14
C CYS B 220 27.09 6.93 9.06
N VAL B 221 27.30 6.25 7.93
CA VAL B 221 27.97 6.85 6.78
C VAL B 221 27.00 7.51 5.82
N LYS B 222 25.69 7.29 5.98
CA LYS B 222 24.73 7.92 5.10
C LYS B 222 24.76 9.44 5.20
N PRO B 223 24.70 10.06 6.38
CA PRO B 223 24.87 11.53 6.41
C PRO B 223 26.25 11.97 5.98
N LEU B 224 27.24 11.08 6.07
CA LEU B 224 28.61 11.45 5.71
C LEU B 224 28.84 11.26 4.22
N THR B 225 28.41 10.14 3.67
CA THR B 225 28.54 9.91 2.24
C THR B 225 27.70 10.89 1.45
N TYR B 226 26.49 11.20 1.95
CA TYR B 226 25.69 12.23 1.31
C TYR B 226 26.37 13.58 1.37
N ALA B 227 26.95 13.91 2.53
CA ALA B 227 27.68 15.17 2.66
C ALA B 227 28.90 15.19 1.72
N ILE B 228 29.52 14.03 1.50
CA ILE B 228 30.66 13.97 0.60
C ILE B 228 30.20 14.16 -0.84
N SER B 229 29.12 13.48 -1.23
CA SER B 229 28.65 13.58 -2.62
C SER B 229 28.15 14.98 -2.93
N ILE B 230 27.41 15.59 -2.00
CA ILE B 230 26.78 16.88 -2.29
C ILE B 230 27.81 17.98 -2.43
N SER B 231 28.88 17.95 -1.63
CA SER B 231 29.91 18.98 -1.74
C SER B 231 30.62 18.89 -3.08
N THR B 232 30.92 17.67 -3.52
CA THR B 232 31.66 17.49 -4.77
C THR B 232 30.78 17.76 -5.99
N LEU B 233 29.55 17.24 -5.99
CA LEU B 233 28.69 17.29 -7.16
C LEU B 233 27.59 18.34 -7.07
N GLY B 234 27.37 18.94 -5.92
CA GLY B 234 26.40 20.00 -5.78
C GLY B 234 25.03 19.49 -5.37
N THR B 235 24.26 20.37 -4.73
CA THR B 235 22.93 19.99 -4.26
C THR B 235 22.00 19.66 -5.42
N ASP B 236 22.04 20.47 -6.48
CA ASP B 236 21.06 20.35 -7.54
C ASP B 236 21.26 19.11 -8.41
N TYR B 237 22.41 18.45 -8.31
CA TYR B 237 22.67 17.22 -9.05
C TYR B 237 22.43 15.97 -8.22
N VAL B 238 22.82 15.99 -6.94
CA VAL B 238 22.65 14.82 -6.09
C VAL B 238 21.17 14.55 -5.85
N HIS B 239 20.36 15.60 -5.70
CA HIS B 239 18.95 15.46 -5.39
C HIS B 239 18.09 15.30 -6.63
N LYS B 240 18.70 15.29 -7.82
CA LYS B 240 17.96 14.87 -9.01
C LYS B 240 17.63 13.39 -8.96
N PHE B 241 18.40 12.61 -8.21
CA PHE B 241 18.25 11.15 -8.15
C PHE B 241 17.65 10.66 -6.84
N VAL B 242 17.57 11.50 -5.81
CA VAL B 242 17.02 11.12 -4.52
C VAL B 242 16.19 12.27 -3.98
N GLY B 243 15.09 11.94 -3.31
CA GLY B 243 14.24 12.93 -2.70
C GLY B 243 14.85 13.50 -1.44
N LYS B 244 14.08 14.35 -0.76
CA LYS B 244 14.52 14.99 0.47
C LYS B 244 13.38 15.07 1.48
N GLU B 245 12.61 13.98 1.63
CA GLU B 245 11.47 13.94 2.53
C GLU B 245 11.47 12.65 3.32
N PRO B 246 10.82 12.62 4.49
CA PRO B 246 10.77 11.39 5.28
C PRO B 246 9.76 10.40 4.71
N SER B 247 10.22 9.16 4.51
CA SER B 247 9.35 8.13 3.95
C SER B 247 8.32 7.63 4.95
N GLY B 248 8.73 7.42 6.20
CA GLY B 248 7.86 6.79 7.17
C GLY B 248 7.53 5.35 6.86
N LEU B 249 8.49 4.59 6.36
CA LEU B 249 8.32 3.20 5.96
C LEU B 249 9.51 2.36 6.39
N ARG B 250 10.11 2.68 7.52
CA ARG B 250 11.28 1.97 8.02
C ARG B 250 12.49 2.26 7.15
N TYR B 251 13.65 1.68 7.50
CA TYR B 251 14.86 1.89 6.70
C TYR B 251 15.04 0.85 5.60
N ASN B 252 14.35 -0.29 5.67
CA ASN B 252 14.40 -1.22 4.56
C ASN B 252 13.64 -0.67 3.35
N ALA B 253 12.34 -0.48 3.51
CA ALA B 253 11.55 0.43 2.68
C ALA B 253 11.75 0.20 1.19
N LEU B 254 11.29 -0.97 0.74
CA LEU B 254 11.26 -1.21 -0.70
C LEU B 254 10.16 -0.34 -1.30
N SER B 255 10.50 0.91 -1.62
CA SER B 255 9.50 1.85 -2.12
C SER B 255 10.21 3.11 -2.58
N LEU B 256 9.63 3.74 -3.60
CA LEU B 256 10.12 5.00 -4.15
C LEU B 256 8.99 6.01 -4.14
N ASN B 257 9.33 7.29 -4.08
CA ASN B 257 8.33 8.33 -3.93
C ASN B 257 7.54 8.46 -5.23
N GLU B 258 6.63 9.43 -5.28
CA GLU B 258 5.75 9.58 -6.45
C GLU B 258 6.55 9.86 -7.70
N GLU B 259 7.57 10.72 -7.60
CA GLU B 259 8.39 11.05 -8.77
C GLU B 259 9.24 9.89 -9.26
N GLY B 260 9.35 8.81 -8.49
CA GLY B 260 10.10 7.64 -8.91
C GLY B 260 11.53 7.61 -8.44
N ILE B 261 11.89 8.35 -7.38
CA ILE B 261 13.23 8.35 -6.82
C ILE B 261 13.10 8.02 -5.34
N PRO B 262 14.14 7.49 -4.68
CA PRO B 262 14.01 7.16 -3.26
C PRO B 262 13.70 8.39 -2.43
N HIS B 263 13.00 8.17 -1.32
CA HIS B 263 12.40 9.27 -0.57
C HIS B 263 13.45 10.26 -0.07
N ASN B 264 14.55 9.76 0.48
CA ASN B 264 15.58 10.61 1.05
C ASN B 264 16.90 9.85 1.02
N PRO B 265 18.02 10.55 1.25
CA PRO B 265 19.32 9.86 1.25
C PRO B 265 19.63 9.07 2.51
N MET B 266 18.67 8.89 3.43
CA MET B 266 18.90 8.16 4.66
C MET B 266 18.31 6.76 4.67
N VAL B 267 17.22 6.51 3.94
CA VAL B 267 16.69 5.17 3.82
C VAL B 267 17.67 4.34 3.00
N ASN B 268 17.53 3.01 3.05
CA ASN B 268 18.46 2.15 2.33
C ASN B 268 18.41 2.42 0.83
N ALA B 269 17.22 2.70 0.31
CA ALA B 269 17.09 2.95 -1.13
C ALA B 269 17.88 4.17 -1.55
N GLY B 270 17.84 5.23 -0.74
CA GLY B 270 18.58 6.45 -1.08
C GLY B 270 20.04 6.38 -0.74
N ALA B 271 20.42 5.57 0.25
CA ALA B 271 21.84 5.41 0.56
C ALA B 271 22.57 4.72 -0.57
N ILE B 272 21.89 3.82 -1.28
CA ILE B 272 22.50 3.13 -2.41
C ILE B 272 22.70 4.10 -3.57
N VAL B 273 21.71 4.94 -3.84
CA VAL B 273 21.81 5.85 -4.97
C VAL B 273 22.92 6.88 -4.74
N VAL B 274 22.99 7.45 -3.54
CA VAL B 274 24.04 8.41 -3.24
C VAL B 274 25.40 7.73 -3.17
N SER B 275 25.44 6.42 -2.96
CA SER B 275 26.71 5.70 -3.04
C SER B 275 27.15 5.53 -4.49
N SER B 276 26.20 5.58 -5.44
CA SER B 276 26.56 5.43 -6.84
C SER B 276 27.26 6.68 -7.36
N LEU B 277 26.86 7.85 -6.86
CA LEU B 277 27.35 9.11 -7.42
C LEU B 277 28.85 9.28 -7.20
N ILE B 278 29.42 8.60 -6.21
CA ILE B 278 30.82 8.83 -5.84
C ILE B 278 31.71 8.25 -6.92
N LYS B 279 32.31 9.12 -7.74
CA LYS B 279 33.34 8.73 -8.70
C LYS B 279 32.84 7.62 -9.63
N MET B 280 31.85 7.98 -10.43
CA MET B 280 31.24 7.01 -11.34
C MET B 280 32.23 6.45 -12.36
N ASP B 281 33.36 7.11 -12.57
CA ASP B 281 34.35 6.66 -13.55
C ASP B 281 35.45 5.80 -12.94
N CYS B 282 35.82 6.04 -11.69
CA CYS B 282 36.95 5.33 -11.09
C CYS B 282 36.54 3.90 -10.71
N ASN B 283 37.53 3.11 -10.31
CA ASN B 283 37.33 1.70 -10.01
C ASN B 283 36.86 1.52 -8.57
N LYS B 284 36.71 0.26 -8.15
CA LYS B 284 36.12 -0.04 -6.86
C LYS B 284 37.00 0.47 -5.72
N ALA B 285 38.31 0.26 -5.81
CA ALA B 285 39.21 0.66 -4.74
C ALA B 285 39.25 2.19 -4.61
N GLU B 286 39.29 2.89 -5.74
CA GLU B 286 39.37 4.35 -5.69
C GLU B 286 38.06 4.96 -5.22
N LYS B 287 36.94 4.24 -5.40
CA LYS B 287 35.67 4.71 -4.83
C LYS B 287 35.72 4.66 -3.31
N PHE B 288 36.13 3.53 -2.74
CA PHE B 288 36.24 3.43 -1.29
C PHE B 288 37.35 4.33 -0.77
N ASP B 289 38.48 4.36 -1.47
CA ASP B 289 39.61 5.16 -1.00
C ASP B 289 39.25 6.64 -0.96
N PHE B 290 38.55 7.13 -1.99
CA PHE B 290 38.17 8.53 -2.03
C PHE B 290 37.29 8.91 -0.84
N VAL B 291 36.31 8.07 -0.52
CA VAL B 291 35.43 8.35 0.61
C VAL B 291 36.21 8.26 1.92
N LEU B 292 37.06 7.25 2.05
CA LEU B 292 37.76 7.04 3.32
C LEU B 292 38.72 8.19 3.63
N GLN B 293 39.19 8.91 2.60
CA GLN B 293 40.02 10.07 2.86
C GLN B 293 39.22 11.17 3.54
N TYR B 294 37.98 11.38 3.11
CA TYR B 294 37.11 12.33 3.79
C TYR B 294 36.85 11.89 5.22
N LEU B 295 36.51 10.61 5.42
CA LEU B 295 36.20 10.13 6.77
C LEU B 295 37.42 10.25 7.68
N ASN B 296 38.62 10.08 7.13
CA ASN B 296 39.82 10.29 7.92
C ASN B 296 39.97 11.77 8.29
N LYS B 297 39.66 12.66 7.35
CA LYS B 297 39.75 14.09 7.64
C LYS B 297 38.70 14.50 8.67
N MET B 298 37.49 13.94 8.58
CA MET B 298 36.44 14.28 9.53
C MET B 298 36.85 13.92 10.95
N ALA B 299 37.43 12.74 11.13
CA ALA B 299 37.80 12.25 12.46
C ALA B 299 39.12 12.78 12.95
N GLY B 300 39.74 13.70 12.21
CA GLY B 300 41.04 14.23 12.62
C GLY B 300 42.13 13.18 12.60
N ASN B 301 42.14 12.31 11.59
CA ASN B 301 43.16 11.28 11.44
C ASN B 301 43.20 10.36 12.66
N GLU B 302 42.06 10.16 13.32
CA GLU B 302 41.98 9.29 14.48
C GLU B 302 41.70 7.88 14.00
N TYR B 303 41.36 6.97 14.91
CA TYR B 303 41.19 5.56 14.55
C TYR B 303 40.11 5.42 13.49
N MET B 304 40.45 4.70 12.41
CA MET B 304 39.57 4.55 11.26
C MET B 304 39.84 3.16 10.67
N GLY B 305 39.06 2.18 11.09
CA GLY B 305 39.28 0.79 10.75
C GLY B 305 38.37 0.31 9.64
N PHE B 306 38.24 -1.01 9.57
CA PHE B 306 37.32 -1.66 8.62
C PHE B 306 37.07 -3.06 9.14
N SER B 307 35.82 -3.36 9.50
CA SER B 307 35.47 -4.65 10.09
C SER B 307 35.11 -5.60 8.96
N ASN B 308 36.12 -6.29 8.44
CA ASN B 308 35.86 -7.25 7.36
C ASN B 308 35.00 -8.41 7.84
N ALA B 309 35.05 -8.73 9.14
CA ALA B 309 34.12 -9.72 9.68
C ALA B 309 32.68 -9.24 9.54
N THR B 310 32.46 -7.93 9.57
CA THR B 310 31.14 -7.36 9.36
C THR B 310 30.87 -7.00 7.90
N PHE B 311 31.90 -7.02 7.04
CA PHE B 311 31.66 -6.81 5.62
C PHE B 311 31.29 -8.09 4.91
N GLN B 312 31.99 -9.19 5.22
CA GLN B 312 31.64 -10.47 4.62
C GLN B 312 30.25 -10.91 5.08
N SER B 313 29.95 -10.71 6.37
CA SER B 313 28.57 -10.68 6.79
C SER B 313 27.92 -9.39 6.27
N GLU B 314 26.60 -9.44 6.08
CA GLU B 314 25.81 -8.35 5.51
C GLU B 314 26.02 -8.23 4.00
N LYS B 315 26.99 -8.97 3.45
CA LYS B 315 27.12 -9.16 2.01
C LYS B 315 26.68 -10.55 1.59
N GLU B 316 26.91 -11.55 2.44
CA GLU B 316 26.32 -12.87 2.28
C GLU B 316 24.91 -12.94 2.85
N THR B 317 24.50 -11.95 3.64
CA THR B 317 23.21 -11.94 4.31
C THR B 317 22.34 -10.74 3.96
N GLY B 318 22.91 -9.68 3.40
CA GLY B 318 22.15 -8.47 3.13
C GLY B 318 21.17 -8.64 1.98
N ASP B 319 20.24 -9.57 2.13
CA ASP B 319 19.32 -9.88 1.04
C ASP B 319 18.42 -8.70 0.70
N ARG B 320 17.92 -7.99 1.72
CA ARG B 320 17.02 -6.88 1.45
C ARG B 320 17.74 -5.77 0.71
N ASN B 321 19.00 -5.51 1.04
CA ASN B 321 19.76 -4.49 0.33
C ASN B 321 19.95 -4.87 -1.13
N TYR B 322 20.10 -6.17 -1.42
CA TYR B 322 20.15 -6.61 -2.80
C TYR B 322 18.81 -6.41 -3.50
N ALA B 323 17.71 -6.68 -2.79
CA ALA B 323 16.39 -6.47 -3.36
C ALA B 323 16.16 -5.01 -3.66
N ILE B 324 16.60 -4.12 -2.77
CA ILE B 324 16.47 -2.69 -3.01
C ILE B 324 17.37 -2.26 -4.16
N GLY B 325 18.56 -2.86 -4.25
CA GLY B 325 19.46 -2.51 -5.34
C GLY B 325 18.89 -2.84 -6.70
N TYR B 326 18.35 -4.04 -6.85
CA TYR B 326 17.76 -4.43 -8.13
C TYR B 326 16.46 -3.70 -8.38
N TYR B 327 15.71 -3.36 -7.32
CA TYR B 327 14.50 -2.58 -7.48
C TYR B 327 14.82 -1.19 -8.03
N LEU B 328 15.93 -0.61 -7.58
CA LEU B 328 16.35 0.68 -8.12
C LEU B 328 16.80 0.56 -9.57
N LYS B 329 17.41 -0.58 -9.93
CA LYS B 329 17.93 -0.74 -11.28
C LYS B 329 16.81 -0.69 -12.32
N GLU B 330 15.68 -1.35 -12.03
CA GLU B 330 14.57 -1.34 -12.99
C GLU B 330 14.05 0.07 -13.21
N LYS B 331 13.89 0.84 -12.15
CA LYS B 331 13.29 2.16 -12.23
C LYS B 331 14.20 3.18 -12.91
N LYS B 332 15.41 2.80 -13.30
CA LYS B 332 16.32 3.67 -14.05
C LYS B 332 16.61 4.95 -13.26
N CYS B 333 16.71 4.81 -11.94
CA CYS B 333 17.00 5.93 -11.06
C CYS B 333 18.48 6.03 -10.73
N PHE B 334 19.32 5.16 -11.29
CA PHE B 334 20.76 5.36 -11.25
C PHE B 334 21.19 6.27 -12.39
N PRO B 335 22.34 6.94 -12.28
CA PRO B 335 22.81 7.75 -13.40
C PRO B 335 23.16 6.88 -14.60
N LYS B 336 23.15 7.52 -15.77
CA LYS B 336 23.51 6.81 -17.00
C LYS B 336 24.93 6.29 -16.93
N GLY B 337 25.15 5.09 -17.44
CA GLY B 337 26.47 4.49 -17.42
C GLY B 337 26.98 4.14 -16.05
N VAL B 338 26.09 3.75 -15.13
CA VAL B 338 26.45 3.37 -13.77
C VAL B 338 25.85 2.00 -13.50
N ASP B 339 26.66 1.10 -12.96
CA ASP B 339 26.21 -0.24 -12.59
C ASP B 339 25.74 -0.24 -11.13
N MET B 340 24.73 -1.07 -10.86
CA MET B 340 24.17 -1.13 -9.52
C MET B 340 25.12 -1.82 -8.56
N MET B 341 25.76 -2.90 -8.99
CA MET B 341 26.55 -3.71 -8.07
C MET B 341 27.72 -2.91 -7.50
N ALA B 342 28.38 -2.11 -8.33
CA ALA B 342 29.48 -1.28 -7.83
C ALA B 342 28.97 -0.27 -6.81
N ALA B 343 27.81 0.33 -7.06
CA ALA B 343 27.24 1.27 -6.10
C ALA B 343 26.72 0.53 -4.86
N LEU B 344 26.02 -0.57 -5.06
CA LEU B 344 25.52 -1.34 -3.92
C LEU B 344 26.67 -1.92 -3.11
N ASP B 345 27.70 -2.44 -3.78
CA ASP B 345 28.84 -2.99 -3.06
C ASP B 345 29.51 -1.93 -2.20
N LEU B 346 29.66 -0.73 -2.74
CA LEU B 346 30.27 0.35 -1.96
C LEU B 346 29.47 0.65 -0.71
N TYR B 347 28.14 0.54 -0.79
CA TYR B 347 27.30 0.79 0.37
C TYR B 347 27.63 -0.18 1.50
N PHE B 348 27.81 -1.46 1.16
CA PHE B 348 28.21 -2.44 2.18
C PHE B 348 29.58 -2.10 2.75
N GLN B 349 30.51 -1.68 1.88
CA GLN B 349 31.87 -1.40 2.35
C GLN B 349 31.90 -0.23 3.31
N LEU B 350 31.21 0.86 2.96
CA LEU B 350 31.19 2.03 3.85
C LEU B 350 30.51 1.70 5.18
N CYS B 351 29.40 0.96 5.12
CA CYS B 351 28.73 0.57 6.36
C CYS B 351 29.63 -0.30 7.22
N SER B 352 30.49 -1.12 6.61
CA SER B 352 31.35 -2.01 7.35
C SER B 352 32.52 -1.30 8.01
N VAL B 353 32.77 -0.03 7.68
CA VAL B 353 33.82 0.73 8.34
C VAL B 353 33.52 0.81 9.84
N GLU B 354 34.56 0.74 10.66
CA GLU B 354 34.43 0.73 12.10
C GLU B 354 35.23 1.87 12.72
N VAL B 355 34.65 2.47 13.76
CA VAL B 355 35.31 3.51 14.55
C VAL B 355 34.90 3.35 16.01
N THR B 356 35.72 3.89 16.90
CA THR B 356 35.38 3.95 18.31
C THR B 356 34.44 5.13 18.54
N CYS B 357 33.91 5.22 19.76
CA CYS B 357 33.10 6.38 20.13
C CYS B 357 33.93 7.65 20.06
N GLU B 358 35.18 7.58 20.54
CA GLU B 358 36.05 8.75 20.49
C GLU B 358 36.33 9.16 19.05
N SER B 359 36.65 8.19 18.19
CA SER B 359 36.89 8.52 16.79
C SER B 359 35.62 8.98 16.10
N GLY B 360 34.48 8.39 16.42
CA GLY B 360 33.21 8.82 15.89
C GLY B 360 32.62 10.02 16.57
N SER B 361 33.21 10.47 17.68
CA SER B 361 32.81 11.71 18.32
C SER B 361 33.39 12.94 17.63
N VAL B 362 34.60 12.84 17.09
CA VAL B 362 35.12 13.92 16.26
C VAL B 362 34.25 14.08 15.02
N MET B 363 33.88 12.97 14.40
CA MET B 363 32.75 12.97 13.49
C MET B 363 31.52 13.39 14.27
N ALA B 364 30.62 14.14 13.62
CA ALA B 364 29.47 14.76 14.25
C ALA B 364 29.88 16.01 15.03
N ALA B 365 31.18 16.27 15.16
CA ALA B 365 31.69 17.58 15.53
C ALA B 365 32.29 18.30 14.34
N THR B 366 32.72 17.56 13.32
CA THR B 366 33.12 18.18 12.06
C THR B 366 31.91 18.84 11.41
N LEU B 367 30.77 18.15 11.39
CA LEU B 367 29.55 18.72 10.83
C LEU B 367 28.68 19.39 11.87
N ALA B 368 29.10 19.41 13.14
CA ALA B 368 28.58 20.42 14.06
C ALA B 368 29.12 21.79 13.71
N ASN B 369 30.40 21.86 13.37
CA ASN B 369 30.99 23.03 12.72
C ASN B 369 30.39 23.19 11.33
N GLY B 370 30.78 24.23 10.61
CA GLY B 370 30.40 24.36 9.23
C GLY B 370 31.28 23.52 8.31
N GLY B 371 31.43 22.24 8.63
CA GLY B 371 32.24 21.33 7.85
C GLY B 371 33.71 21.32 8.19
N ILE B 372 34.17 22.17 9.10
CA ILE B 372 35.57 22.27 9.45
C ILE B 372 35.81 21.44 10.71
N CYS B 373 36.81 20.57 10.66
CA CYS B 373 37.09 19.69 11.79
C CYS B 373 37.47 20.53 13.02
N PRO B 374 36.99 20.19 14.22
CA PRO B 374 37.32 21.01 15.39
C PRO B 374 38.71 20.76 15.94
N ILE B 375 39.30 19.60 15.67
CA ILE B 375 40.59 19.25 16.26
C ILE B 375 41.74 19.79 15.42
N THR B 376 41.82 19.42 14.15
CA THR B 376 42.90 19.85 13.27
C THR B 376 42.60 21.14 12.52
N GLY B 377 41.39 21.69 12.67
CA GLY B 377 41.05 22.92 11.99
C GLY B 377 40.99 22.82 10.49
N GLU B 378 41.01 21.62 9.93
CA GLU B 378 40.95 21.45 8.49
C GLU B 378 39.54 21.74 7.98
N SER B 379 39.45 22.18 6.73
CA SER B 379 38.19 22.42 6.05
C SER B 379 37.86 21.20 5.21
N VAL B 380 36.85 20.46 5.62
CA VAL B 380 36.50 19.18 4.98
C VAL B 380 35.35 19.39 4.02
N LEU B 381 34.21 19.86 4.54
CA LEU B 381 32.97 19.95 3.80
C LEU B 381 32.55 21.40 3.63
N SER B 382 31.83 21.67 2.55
CA SER B 382 31.21 22.97 2.38
C SER B 382 30.06 23.15 3.37
N ALA B 383 29.84 24.40 3.78
CA ALA B 383 28.77 24.67 4.73
C ALA B 383 27.41 24.28 4.17
N GLU B 384 27.21 24.41 2.86
CA GLU B 384 25.97 23.97 2.26
C GLU B 384 25.79 22.47 2.39
N ALA B 385 26.89 21.71 2.27
CA ALA B 385 26.81 20.26 2.43
C ALA B 385 26.38 19.89 3.84
N VAL B 386 26.97 20.56 4.85
CA VAL B 386 26.61 20.28 6.23
C VAL B 386 25.20 20.76 6.53
N ARG B 387 24.80 21.89 5.95
CA ARG B 387 23.45 22.40 6.18
C ARG B 387 22.40 21.41 5.68
N ASN B 388 22.65 20.81 4.52
CA ASN B 388 21.67 19.88 3.95
C ASN B 388 21.67 18.55 4.70
N THR B 389 22.84 18.01 5.03
CA THR B 389 22.89 16.73 5.71
C THR B 389 22.36 16.82 7.13
N LEU B 390 22.47 17.98 7.77
CA LEU B 390 21.92 18.14 9.11
C LEU B 390 20.40 18.20 9.08
N SER B 391 19.83 18.97 8.14
CA SER B 391 18.39 19.10 8.07
C SER B 391 17.72 17.78 7.70
N LEU B 392 18.43 16.94 6.94
CA LEU B 392 17.91 15.61 6.64
C LEU B 392 18.07 14.66 7.82
N MET B 393 19.14 14.80 8.59
CA MET B 393 19.28 14.00 9.80
C MET B 393 18.20 14.33 10.81
N HIS B 394 17.67 15.56 10.79
CA HIS B 394 16.59 15.92 11.69
C HIS B 394 15.28 15.30 11.25
N SER B 395 14.99 15.33 9.95
CA SER B 395 13.69 14.87 9.48
C SER B 395 13.63 13.34 9.42
N CYS B 396 14.66 12.71 8.84
CA CYS B 396 14.66 11.28 8.59
C CYS B 396 16.01 10.68 8.96
N GLY B 397 16.56 11.10 10.10
CA GLY B 397 17.82 10.55 10.55
C GLY B 397 17.67 9.25 11.32
N MET B 398 16.46 8.94 11.79
CA MET B 398 16.19 7.71 12.52
C MET B 398 14.93 7.04 12.03
N TYR B 399 14.54 7.31 10.78
CA TYR B 399 13.46 6.57 10.10
C TYR B 399 12.16 6.83 10.84
N ASP B 400 11.37 5.81 11.18
CA ASP B 400 10.07 6.03 11.79
C ASP B 400 10.18 6.72 13.14
N PHE B 401 11.29 6.51 13.86
CA PHE B 401 11.49 7.12 15.17
C PHE B 401 12.01 8.54 15.09
N SER B 402 12.23 9.08 13.88
CA SER B 402 12.76 10.43 13.77
C SER B 402 11.81 11.46 14.36
N GLY B 403 10.51 11.26 14.17
CA GLY B 403 9.55 12.22 14.70
C GLY B 403 9.57 12.29 16.21
N GLN B 404 9.63 11.13 16.87
CA GLN B 404 9.70 11.11 18.33
C GLN B 404 11.00 11.74 18.83
N PHE B 405 12.11 11.51 18.13
CA PHE B 405 13.37 12.10 18.54
C PHE B 405 13.33 13.62 18.43
N ALA B 406 12.85 14.13 17.29
CA ALA B 406 12.72 15.58 17.15
C ALA B 406 11.71 16.15 18.13
N PHE B 407 10.67 15.39 18.46
CA PHE B 407 9.69 15.85 19.44
C PHE B 407 10.28 15.91 20.84
N HIS B 408 11.09 14.90 21.21
CA HIS B 408 11.62 14.77 22.55
C HIS B 408 13.02 15.34 22.70
N VAL B 409 13.89 15.11 21.73
CA VAL B 409 15.29 15.55 21.79
C VAL B 409 15.52 16.79 20.94
N GLY B 410 14.98 16.81 19.73
CA GLY B 410 15.12 17.98 18.87
C GLY B 410 16.54 18.28 18.48
N LEU B 411 17.28 17.26 18.04
CA LEU B 411 18.66 17.42 17.60
C LEU B 411 18.89 16.53 16.39
N PRO B 412 19.78 16.92 15.45
CA PRO B 412 20.09 16.01 14.35
C PRO B 412 20.89 14.80 14.80
N ALA B 413 20.28 13.62 14.76
CA ALA B 413 20.93 12.38 15.14
C ALA B 413 20.71 11.35 14.05
N LYS B 414 21.65 10.41 13.95
CA LYS B 414 21.60 9.34 12.95
C LYS B 414 21.79 8.02 13.68
N SER B 415 20.78 7.15 13.60
CA SER B 415 20.82 5.89 14.29
C SER B 415 21.76 4.92 13.58
N ALA B 416 21.81 3.69 14.10
CA ALA B 416 22.66 2.66 13.54
C ALA B 416 22.27 1.32 14.15
N VAL B 417 22.25 0.28 13.31
CA VAL B 417 21.91 -1.05 13.80
C VAL B 417 23.00 -1.62 14.71
N SER B 418 24.18 -1.02 14.72
CA SER B 418 25.25 -1.42 15.63
C SER B 418 25.24 -0.62 16.92
N GLY B 419 24.16 0.13 17.19
CA GLY B 419 24.00 0.83 18.44
C GLY B 419 24.50 2.26 18.45
N ALA B 420 25.18 2.70 17.38
CA ALA B 420 25.69 4.06 17.35
C ALA B 420 24.55 5.07 17.25
N ILE B 421 24.73 6.22 17.88
CA ILE B 421 23.81 7.35 17.79
C ILE B 421 24.66 8.58 17.52
N LEU B 422 24.78 8.96 16.25
CA LEU B 422 25.63 10.09 15.84
C LEU B 422 24.91 11.39 16.19
N LEU B 423 24.91 11.71 17.47
CA LEU B 423 24.24 12.92 17.94
C LEU B 423 25.03 14.16 17.58
N VAL B 424 24.32 15.22 17.17
CA VAL B 424 24.93 16.48 16.79
C VAL B 424 24.18 17.60 17.52
N VAL B 425 24.94 18.50 18.13
CA VAL B 425 24.36 19.71 18.73
C VAL B 425 25.05 20.87 17.99
N PRO B 426 24.42 21.52 17.03
CA PRO B 426 25.13 22.52 16.22
C PRO B 426 25.76 23.62 17.07
N ASN B 427 27.02 23.92 16.78
CA ASN B 427 27.77 25.01 17.40
C ASN B 427 27.95 24.83 18.91
N VAL B 428 27.77 23.62 19.43
CA VAL B 428 28.06 23.34 20.84
C VAL B 428 29.03 22.16 20.93
N MET B 429 28.61 21.01 20.42
CA MET B 429 29.44 19.81 20.51
C MET B 429 28.88 18.75 19.56
N GLY B 430 29.64 17.68 19.41
CA GLY B 430 29.18 16.51 18.70
C GLY B 430 29.40 15.28 19.56
N MET B 431 28.38 14.43 19.62
CA MET B 431 28.37 13.30 20.53
C MET B 431 27.98 12.03 19.79
N MET B 432 28.72 10.96 20.04
CA MET B 432 28.40 9.64 19.52
C MET B 432 28.29 8.68 20.69
N CYS B 433 27.23 7.88 20.71
CA CYS B 433 26.89 7.03 21.84
C CYS B 433 26.66 5.60 21.34
N LEU B 434 27.22 4.64 22.06
CA LEU B 434 27.21 3.24 21.66
C LEU B 434 26.43 2.42 22.69
N SER B 435 25.47 1.63 22.19
CA SER B 435 24.75 0.67 23.03
C SER B 435 24.20 -0.41 22.10
N PRO B 436 24.87 -1.56 22.01
CA PRO B 436 24.43 -2.59 21.06
C PRO B 436 22.99 -3.03 21.25
N PRO B 437 22.45 -3.04 22.49
CA PRO B 437 21.00 -3.28 22.59
C PRO B 437 20.18 -2.26 21.82
N LEU B 438 19.21 -2.74 21.02
CA LEU B 438 18.32 -1.89 20.25
C LEU B 438 16.89 -1.95 20.80
N ASP B 439 16.08 -1.01 20.32
CA ASP B 439 14.64 -1.04 20.52
C ASP B 439 13.98 -1.67 19.29
N LYS B 440 12.65 -1.59 19.20
CA LYS B 440 11.95 -2.24 18.10
C LYS B 440 12.22 -1.55 16.77
N LEU B 441 12.42 -0.23 16.79
CA LEU B 441 12.42 0.57 15.57
C LEU B 441 13.81 0.72 14.96
N GLY B 442 14.81 0.00 15.46
CA GLY B 442 16.14 0.08 14.91
C GLY B 442 17.05 1.09 15.58
N ASN B 443 16.81 1.42 16.84
CA ASN B 443 17.56 2.45 17.56
C ASN B 443 18.04 1.89 18.89
N SER B 444 19.21 2.34 19.32
CA SER B 444 19.75 1.91 20.60
C SER B 444 18.82 2.34 21.73
N HIS B 445 18.58 1.44 22.67
CA HIS B 445 17.68 1.75 23.79
C HIS B 445 18.33 2.77 24.72
N ARG B 446 19.58 2.53 25.12
CA ARG B 446 20.23 3.43 26.06
C ARG B 446 20.64 4.73 25.38
N GLY B 447 21.15 4.65 24.16
CA GLY B 447 21.52 5.86 23.44
C GLY B 447 20.35 6.79 23.23
N THR B 448 19.19 6.25 22.85
CA THR B 448 18.00 7.07 22.70
C THR B 448 17.58 7.68 24.04
N SER B 449 17.60 6.87 25.10
CA SER B 449 17.23 7.38 26.41
C SER B 449 18.26 8.38 26.92
N PHE B 450 19.54 8.14 26.64
CA PHE B 450 20.59 9.05 27.08
C PHE B 450 20.40 10.43 26.46
N CYS B 451 20.05 10.48 25.17
CA CYS B 451 19.85 11.77 24.52
C CYS B 451 18.68 12.52 25.14
N GLN B 452 17.59 11.82 25.45
CA GLN B 452 16.42 12.48 26.03
C GLN B 452 16.75 13.06 27.40
N LYS B 453 17.54 12.34 28.20
CA LYS B 453 17.94 12.86 29.49
C LYS B 453 18.90 14.04 29.35
N LEU B 454 19.74 14.01 28.31
CA LEU B 454 20.72 15.08 28.13
C LEU B 454 20.03 16.42 27.87
N VAL B 455 19.10 16.45 26.91
CA VAL B 455 18.42 17.69 26.58
C VAL B 455 17.51 18.18 27.69
N SER B 456 16.94 17.27 28.48
CA SER B 456 16.06 17.69 29.57
C SER B 456 16.81 18.48 30.64
N LEU B 457 18.14 18.41 30.65
CA LEU B 457 18.95 19.13 31.61
C LEU B 457 19.73 20.29 30.99
N PHE B 458 20.40 20.06 29.87
CA PHE B 458 21.36 21.02 29.32
C PHE B 458 20.74 22.02 28.36
N ASN B 459 19.46 21.89 28.02
CA ASN B 459 18.77 22.86 27.18
C ASN B 459 19.42 22.96 25.79
N PHE B 460 19.36 21.83 25.07
CA PHE B 460 19.86 21.74 23.71
C PHE B 460 18.76 21.64 22.66
N HIS B 461 17.49 21.68 23.07
CA HIS B 461 16.42 21.56 22.10
C HIS B 461 16.38 22.77 21.16
N ASN B 462 16.01 22.51 19.91
CA ASN B 462 16.05 23.54 18.88
C ASN B 462 15.00 24.63 19.10
N TYR B 463 13.94 24.33 19.85
CA TYR B 463 12.81 25.25 20.01
C TYR B 463 12.61 25.60 21.49
N ASP B 464 13.70 25.95 22.16
CA ASP B 464 13.64 26.26 23.59
C ASP B 464 12.68 27.41 23.89
N ASN B 465 12.48 28.32 22.94
CA ASN B 465 11.65 29.52 23.09
C ASN B 465 11.95 30.22 24.43
N LEU B 466 13.18 30.74 24.50
CA LEU B 466 13.76 31.22 25.74
C LEU B 466 13.08 32.49 26.22
N ARG B 467 11.88 32.36 26.79
CA ARG B 467 11.16 33.47 27.38
C ARG B 467 10.76 33.24 28.84
N HIS B 468 10.36 32.02 29.20
CA HIS B 468 10.14 31.68 30.61
C HIS B 468 10.41 30.18 30.78
N CYS B 469 11.60 29.86 31.29
CA CYS B 469 12.02 28.48 31.50
C CYS B 469 13.39 28.51 32.16
N ALA B 470 13.76 27.38 32.78
CA ALA B 470 15.03 27.30 33.49
C ALA B 470 15.56 25.86 33.37
N ARG B 471 16.36 25.62 32.34
CA ARG B 471 17.12 24.38 32.20
C ARG B 471 18.62 24.65 32.24
N LYS B 472 19.12 25.55 31.41
CA LYS B 472 20.50 26.02 31.48
C LYS B 472 20.62 27.20 30.51
N LEU B 473 21.53 28.11 30.83
CA LEU B 473 21.68 29.38 30.13
C LEU B 473 23.17 29.63 29.85
N ASP B 474 23.83 28.64 29.27
CA ASP B 474 25.25 28.75 28.95
C ASP B 474 25.59 29.98 28.12
N PRO B 475 24.83 30.34 27.07
CA PRO B 475 25.19 31.52 26.28
C PRO B 475 24.87 32.80 27.03
N ARG B 476 25.87 33.69 27.10
CA ARG B 476 25.71 35.02 27.69
C ARG B 476 25.25 34.90 29.15
N ARG B 477 26.13 34.38 29.99
CA ARG B 477 25.85 34.20 31.41
C ARG B 477 26.27 35.43 32.20
N LEU C 69 25.16 62.51 37.03
CA LEU C 69 24.08 61.70 37.67
C LEU C 69 22.74 62.44 37.56
N SER C 70 21.92 62.01 36.61
CA SER C 70 20.63 62.62 36.33
C SER C 70 19.53 61.56 36.36
N ARG C 71 18.32 61.99 36.68
CA ARG C 71 17.18 61.07 36.75
C ARG C 71 16.93 60.44 35.38
N LEU C 72 16.76 59.13 35.37
CA LEU C 72 16.56 58.36 34.15
C LEU C 72 15.10 58.16 33.79
N GLY C 73 14.17 58.67 34.61
CA GLY C 73 12.77 58.39 34.39
C GLY C 73 12.09 59.29 33.37
N ASP C 74 12.82 60.25 32.79
CA ASP C 74 12.22 61.22 31.89
C ASP C 74 13.11 61.51 30.68
N LEU C 75 14.01 60.58 30.34
CA LEU C 75 14.90 60.80 29.19
C LEU C 75 14.21 60.58 27.85
N LEU C 76 12.98 60.06 27.85
CA LEU C 76 12.32 59.72 26.59
C LEU C 76 12.01 60.95 25.75
N PHE C 77 11.66 62.06 26.40
CA PHE C 77 11.22 63.23 25.66
C PHE C 77 12.34 63.80 24.79
N TYR C 78 13.57 63.81 25.30
CA TYR C 78 14.66 64.50 24.62
C TYR C 78 15.00 63.85 23.28
N THR C 79 15.02 62.50 23.22
CA THR C 79 15.51 61.84 22.03
C THR C 79 14.64 62.14 20.81
N ILE C 80 13.33 62.26 21.00
CA ILE C 80 12.47 62.67 19.89
C ILE C 80 12.74 64.12 19.52
N ALA C 81 13.06 64.96 20.51
CA ALA C 81 13.25 66.39 20.26
C ALA C 81 14.57 66.70 19.58
N GLU C 82 15.60 65.88 19.79
CA GLU C 82 16.96 66.20 19.36
C GLU C 82 17.41 67.55 19.94
N GLY C 83 17.07 67.77 21.20
CA GLY C 83 17.43 69.00 21.90
C GLY C 83 16.38 70.09 21.84
N GLN C 84 15.32 69.92 21.06
CA GLN C 84 14.29 70.95 20.97
C GLN C 84 13.45 70.97 22.24
N GLU C 85 12.84 72.13 22.52
CA GLU C 85 12.10 72.29 23.75
C GLU C 85 10.78 71.52 23.73
N ARG C 86 10.04 71.61 22.63
CA ARG C 86 8.71 71.01 22.52
C ARG C 86 8.47 70.49 21.11
N ILE C 87 7.57 69.53 20.99
CA ILE C 87 7.21 68.94 19.70
C ILE C 87 5.69 68.80 19.65
N PRO C 88 5.05 68.90 18.48
CA PRO C 88 3.60 68.64 18.42
C PRO C 88 3.30 67.16 18.48
N ILE C 89 2.00 66.86 18.63
CA ILE C 89 1.57 65.47 18.78
C ILE C 89 1.75 64.70 17.47
N HIS C 90 1.51 65.35 16.34
CA HIS C 90 1.52 64.64 15.06
C HIS C 90 2.89 64.06 14.75
N LYS C 91 3.96 64.72 15.20
CA LYS C 91 5.30 64.18 14.96
C LYS C 91 5.51 62.86 15.67
N PHE C 92 4.85 62.68 16.82
CA PHE C 92 5.05 61.45 17.60
C PHE C 92 4.60 60.22 16.83
N THR C 93 3.49 60.32 16.10
CA THR C 93 2.97 59.16 15.40
C THR C 93 3.94 58.67 14.34
N THR C 94 4.57 59.59 13.61
CA THR C 94 5.51 59.19 12.57
C THR C 94 6.70 58.43 13.16
N ALA C 95 7.25 58.92 14.27
CA ALA C 95 8.38 58.24 14.89
C ALA C 95 7.97 56.86 15.41
N LEU C 96 6.83 56.77 16.08
CA LEU C 96 6.38 55.49 16.61
C LEU C 96 6.01 54.52 15.50
N LYS C 97 5.45 55.03 14.40
CA LYS C 97 5.16 54.15 13.27
C LYS C 97 6.45 53.54 12.72
N ALA C 98 7.51 54.32 12.65
CA ALA C 98 8.84 53.74 12.46
C ALA C 98 9.20 52.91 13.68
N THR C 99 10.07 51.92 13.47
CA THR C 99 10.45 50.88 14.42
C THR C 99 9.39 49.78 14.48
N GLY C 100 8.31 49.86 13.69
CA GLY C 100 7.39 48.76 13.51
C GLY C 100 6.14 48.80 14.37
N LEU C 101 6.18 49.47 15.51
CA LEU C 101 5.02 49.48 16.40
C LEU C 101 3.88 50.27 15.79
N GLN C 102 2.66 49.77 15.96
CA GLN C 102 1.45 50.41 15.47
C GLN C 102 0.77 51.15 16.62
N THR C 103 0.08 52.25 16.28
CA THR C 103 -0.59 53.05 17.29
C THR C 103 -1.70 52.29 17.99
N SER C 104 -2.21 51.21 17.39
CA SER C 104 -3.30 50.43 17.96
C SER C 104 -2.82 49.30 18.86
N ASP C 105 -1.64 49.42 19.45
CA ASP C 105 -1.15 48.39 20.35
C ASP C 105 -2.03 48.34 21.59
N PRO C 106 -2.45 47.16 22.05
CA PRO C 106 -3.22 47.11 23.30
C PRO C 106 -2.47 47.66 24.50
N ARG C 107 -1.14 47.50 24.54
CA ARG C 107 -0.38 48.00 25.68
C ARG C 107 -0.45 49.52 25.76
N LEU C 108 -0.40 50.20 24.62
CA LEU C 108 -0.45 51.66 24.56
C LEU C 108 -1.87 52.20 24.54
N ARG C 109 -2.88 51.33 24.66
CA ARG C 109 -4.26 51.76 24.56
C ARG C 109 -4.60 52.76 25.66
N ASP C 110 -4.19 52.47 26.90
CA ASP C 110 -4.51 53.36 28.02
C ASP C 110 -3.84 54.72 27.84
N CYS C 111 -2.60 54.73 27.35
CA CYS C 111 -1.88 55.99 27.20
C CYS C 111 -2.57 56.91 26.21
N MET C 112 -2.94 56.38 25.04
CA MET C 112 -3.50 57.23 23.99
C MET C 112 -4.92 57.69 24.34
N SER C 113 -5.72 56.81 24.96
CA SER C 113 -7.12 57.15 25.20
C SER C 113 -7.25 58.37 26.11
N GLU C 114 -6.47 58.40 27.19
CA GLU C 114 -6.54 59.52 28.12
C GLU C 114 -5.82 60.75 27.55
N MET C 115 -4.73 60.53 26.82
CA MET C 115 -3.94 61.65 26.31
C MET C 115 -4.74 62.49 25.34
N HIS C 116 -5.46 61.86 24.40
CA HIS C 116 -6.19 62.61 23.39
C HIS C 116 -7.28 63.47 24.03
N ARG C 117 -8.00 62.92 25.01
CA ARG C 117 -9.07 63.68 25.65
C ARG C 117 -8.53 64.92 26.35
N VAL C 118 -7.37 64.79 27.01
CA VAL C 118 -6.81 65.90 27.76
C VAL C 118 -6.43 67.05 26.82
N VAL C 119 -5.82 66.72 25.69
CA VAL C 119 -5.28 67.76 24.81
C VAL C 119 -6.41 68.59 24.20
N GLN C 120 -7.55 67.95 23.90
CA GLN C 120 -8.61 68.66 23.20
C GLN C 120 -9.15 69.82 24.04
N GLU C 121 -9.34 69.60 25.34
CA GLU C 121 -9.87 70.62 26.25
C GLU C 121 -8.95 70.71 27.46
N SER C 122 -8.17 71.78 27.52
CA SER C 122 -7.25 72.02 28.64
C SER C 122 -6.75 73.47 28.50
N SER C 123 -5.88 73.87 29.42
CA SER C 123 -5.29 75.21 29.39
C SER C 123 -4.19 75.36 28.36
N SER C 124 -3.40 74.30 28.13
CA SER C 124 -2.33 74.39 27.15
C SER C 124 -2.88 74.61 25.74
N GLY C 125 -3.95 73.93 25.40
CA GLY C 125 -4.56 74.06 24.08
C GLY C 125 -3.88 73.16 23.05
N GLY C 126 -3.36 73.76 21.99
CA GLY C 126 -2.69 73.04 20.94
C GLY C 126 -1.21 72.78 21.15
N LEU C 127 -0.68 73.13 22.32
CA LEU C 127 0.74 72.99 22.62
C LEU C 127 0.93 71.84 23.61
N LEU C 128 2.18 71.41 23.72
CA LEU C 128 2.57 70.30 24.58
C LEU C 128 3.39 70.83 25.75
N ASP C 129 3.58 69.96 26.75
CA ASP C 129 4.35 70.29 27.94
C ASP C 129 5.09 69.05 28.41
N ARG C 130 6.21 69.28 29.10
CA ARG C 130 7.06 68.17 29.53
C ARG C 130 6.45 67.42 30.71
N ASP C 131 5.86 68.15 31.65
CA ASP C 131 5.38 67.52 32.88
C ASP C 131 4.30 66.48 32.61
N LEU C 132 3.34 66.83 31.74
CA LEU C 132 2.25 65.89 31.46
C LEU C 132 2.77 64.62 30.79
N PHE C 133 3.71 64.75 29.86
CA PHE C 133 4.25 63.58 29.19
C PHE C 133 5.02 62.67 30.15
N ARG C 134 5.56 63.24 31.23
CA ARG C 134 6.39 62.44 32.13
C ARG C 134 5.59 61.38 32.89
N LYS C 135 4.29 61.61 33.11
CA LYS C 135 3.48 60.74 33.96
C LYS C 135 2.34 60.05 33.23
N CYS C 136 1.76 60.68 32.20
CA CYS C 136 0.60 60.12 31.53
C CYS C 136 0.89 58.78 30.84
N VAL C 137 2.15 58.49 30.54
CA VAL C 137 2.54 57.28 29.84
C VAL C 137 3.33 56.33 30.73
N SER C 138 3.22 56.48 32.05
CA SER C 138 4.01 55.67 32.97
C SER C 138 3.68 54.19 32.90
N SER C 139 2.55 53.80 32.28
CA SER C 139 2.15 52.41 32.27
C SER C 139 3.16 51.53 31.53
N ASN C 140 3.64 52.00 30.39
CA ASN C 140 4.46 51.19 29.49
C ASN C 140 5.66 51.98 28.97
N ILE C 141 6.34 52.69 29.88
CA ILE C 141 7.57 53.38 29.49
C ILE C 141 8.67 52.39 29.13
N VAL C 142 8.65 51.19 29.73
CA VAL C 142 9.72 50.21 29.48
C VAL C 142 9.71 49.80 28.02
N LEU C 143 8.53 49.70 27.40
CA LEU C 143 8.46 49.39 25.98
C LEU C 143 8.93 50.57 25.14
N LEU C 144 8.53 51.78 25.51
CA LEU C 144 8.93 52.95 24.73
C LEU C 144 10.44 53.17 24.77
N THR C 145 11.03 53.13 25.98
CA THR C 145 12.47 53.26 26.08
C THR C 145 13.19 52.08 25.43
N GLN C 146 12.57 50.90 25.41
CA GLN C 146 13.14 49.79 24.65
C GLN C 146 12.99 50.02 23.16
N ALA C 147 11.85 50.58 22.73
CA ALA C 147 11.59 50.77 21.31
C ALA C 147 12.55 51.78 20.71
N PHE C 148 12.80 52.89 21.41
CA PHE C 148 13.61 53.97 20.87
C PHE C 148 15.10 53.78 21.13
N ARG C 149 15.50 52.78 21.91
CA ARG C 149 16.90 52.42 22.10
C ARG C 149 17.35 51.31 21.17
N LYS C 150 16.52 50.94 20.19
CA LYS C 150 16.85 49.89 19.22
C LYS C 150 17.11 48.56 19.92
N LYS C 151 16.40 48.31 21.02
CA LYS C 151 16.62 47.12 21.83
C LYS C 151 15.63 46.00 21.54
N PHE C 152 14.78 46.16 20.53
CA PHE C 152 13.89 45.09 20.13
C PHE C 152 14.69 43.99 19.42
N VAL C 153 14.01 42.88 19.09
CA VAL C 153 14.66 41.77 18.43
C VAL C 153 15.07 42.10 17.00
N ILE C 154 14.47 43.13 16.41
CA ILE C 154 14.85 43.61 15.08
C ILE C 154 15.05 45.11 15.18
N PRO C 155 16.29 45.61 15.42
CA PRO C 155 16.45 47.05 15.68
C PRO C 155 16.15 47.91 14.46
N ASP C 156 16.79 47.60 13.33
CA ASP C 156 16.59 48.34 12.09
C ASP C 156 15.40 47.71 11.37
N PHE C 157 14.26 48.39 11.40
CA PHE C 157 13.03 47.86 10.82
C PHE C 157 12.69 48.50 9.48
N GLU C 158 13.17 49.72 9.22
CA GLU C 158 12.94 50.34 7.92
C GLU C 158 13.74 49.64 6.83
N GLU C 159 14.91 49.11 7.17
CA GLU C 159 15.68 48.33 6.20
C GLU C 159 15.10 46.94 6.05
N PHE C 160 14.61 46.35 7.15
CA PHE C 160 14.05 45.00 7.07
C PHE C 160 12.83 44.97 6.18
N THR C 161 11.94 45.96 6.32
CA THR C 161 10.78 46.04 5.43
C THR C 161 11.20 46.30 3.99
N GLY C 162 12.24 47.12 3.78
CA GLY C 162 12.70 47.37 2.43
C GLY C 162 13.10 46.10 1.70
N HIS C 163 13.74 45.18 2.42
CA HIS C 163 14.02 43.87 1.85
C HIS C 163 12.74 43.09 1.60
N VAL C 164 11.77 43.20 2.52
CA VAL C 164 10.49 42.51 2.32
C VAL C 164 9.75 43.10 1.14
N ASP C 165 9.84 44.42 0.95
CA ASP C 165 9.18 45.04 -0.20
C ASP C 165 9.77 44.55 -1.51
N ARG C 166 11.10 44.44 -1.58
CA ARG C 166 11.74 44.01 -2.83
C ARG C 166 11.41 42.55 -3.14
N ILE C 167 11.56 41.67 -2.15
CA ILE C 167 11.25 40.26 -2.36
C ILE C 167 9.75 40.08 -2.62
N PHE C 168 8.92 40.97 -2.10
CA PHE C 168 7.49 40.92 -2.39
C PHE C 168 7.23 41.00 -3.88
N GLU C 169 7.85 41.98 -4.55
CA GLU C 169 7.60 42.18 -5.97
C GLU C 169 8.22 41.09 -6.81
N ASP C 170 9.36 40.54 -6.37
CA ASP C 170 10.06 39.54 -7.17
C ASP C 170 9.21 38.31 -7.39
N VAL C 171 8.55 37.81 -6.33
CA VAL C 171 7.70 36.63 -6.44
C VAL C 171 6.29 36.98 -6.87
N LYS C 172 5.89 38.25 -6.83
CA LYS C 172 4.54 38.62 -7.23
C LYS C 172 4.31 38.34 -8.71
N GLU C 173 5.35 38.51 -9.53
CA GLU C 173 5.22 38.23 -10.96
C GLU C 173 5.08 36.74 -11.25
N LEU C 174 5.38 35.88 -10.29
CA LEU C 174 5.28 34.43 -10.48
C LEU C 174 3.82 34.03 -10.31
N THR C 175 3.20 33.54 -11.38
CA THR C 175 1.76 33.28 -11.40
C THR C 175 1.44 31.82 -11.71
N GLY C 176 2.14 30.90 -11.07
CA GLY C 176 1.87 29.48 -11.20
C GLY C 176 1.12 28.94 -10.00
N GLY C 177 0.30 27.93 -10.23
CA GLY C 177 -0.41 27.25 -9.17
C GLY C 177 -1.80 26.84 -9.61
N LYS C 178 -2.64 26.51 -8.63
CA LYS C 178 -4.01 26.09 -8.87
C LYS C 178 -4.78 26.25 -7.58
N VAL C 179 -5.92 26.93 -7.63
CA VAL C 179 -6.66 27.27 -6.43
C VAL C 179 -7.64 26.15 -6.08
N ALA C 180 -7.49 25.60 -4.87
CA ALA C 180 -8.40 24.61 -4.31
C ALA C 180 -8.76 23.52 -5.32
N ALA C 181 -9.96 22.94 -5.18
CA ALA C 181 -10.46 21.92 -6.11
C ALA C 181 -11.78 21.35 -5.60
N TYR C 182 -11.75 20.77 -4.40
CA TYR C 182 -12.90 19.98 -3.94
C TYR C 182 -13.89 20.81 -3.15
N ILE C 183 -13.45 21.89 -2.50
CA ILE C 183 -14.33 22.81 -1.79
C ILE C 183 -14.73 23.91 -2.78
N PRO C 184 -15.99 23.99 -3.21
CA PRO C 184 -16.34 24.99 -4.23
C PRO C 184 -16.06 26.43 -3.81
N GLN C 185 -16.25 26.78 -2.54
CA GLN C 185 -16.12 28.17 -2.12
C GLN C 185 -14.69 28.65 -2.10
N LEU C 186 -13.71 27.74 -2.05
CA LEU C 186 -12.31 28.13 -2.12
C LEU C 186 -11.79 28.25 -3.54
N ALA C 187 -12.56 27.80 -4.52
CA ALA C 187 -12.22 27.97 -5.93
C ALA C 187 -12.70 29.30 -6.50
N LYS C 188 -13.47 30.06 -5.73
CA LYS C 188 -13.94 31.37 -6.15
C LYS C 188 -13.03 32.51 -5.69
N SER C 189 -11.96 32.21 -4.97
CA SER C 189 -11.03 33.24 -4.54
C SER C 189 -10.20 33.75 -5.72
N ASN C 190 -9.78 35.00 -5.62
CA ASN C 190 -8.98 35.61 -6.67
C ASN C 190 -7.61 34.96 -6.71
N PRO C 191 -7.19 34.35 -7.83
CA PRO C 191 -5.82 33.80 -7.87
C PRO C 191 -4.75 34.87 -7.68
N ASP C 192 -4.99 36.09 -8.14
CA ASP C 192 -4.00 37.16 -8.02
C ASP C 192 -3.88 37.70 -6.60
N LEU C 193 -4.76 37.30 -5.69
CA LEU C 193 -4.64 37.72 -4.29
C LEU C 193 -3.31 37.22 -3.74
N TRP C 194 -2.51 38.13 -3.20
CA TRP C 194 -1.19 37.75 -2.67
C TRP C 194 -0.74 38.83 -1.69
N GLY C 195 -0.68 38.48 -0.41
CA GLY C 195 -0.27 39.42 0.61
C GLY C 195 0.54 38.72 1.69
N VAL C 196 1.25 39.52 2.47
CA VAL C 196 2.13 39.03 3.52
C VAL C 196 2.04 39.97 4.71
N SER C 197 2.17 39.40 5.90
CA SER C 197 2.20 40.19 7.13
C SER C 197 3.05 39.46 8.15
N LEU C 198 3.69 40.24 9.02
CA LEU C 198 4.62 39.70 10.00
C LEU C 198 4.44 40.42 11.33
N CYS C 199 4.78 39.72 12.41
CA CYS C 199 4.70 40.27 13.76
C CYS C 199 5.86 39.73 14.58
N THR C 200 6.66 40.62 15.14
CA THR C 200 7.80 40.20 15.94
C THR C 200 7.33 39.78 17.33
N VAL C 201 8.27 39.24 18.11
CA VAL C 201 7.98 38.84 19.49
C VAL C 201 8.05 40.07 20.40
N ASP C 202 8.31 41.24 19.84
CA ASP C 202 8.28 42.50 20.58
C ASP C 202 7.15 43.41 20.15
N GLY C 203 6.33 43.02 19.17
CA GLY C 203 5.17 43.77 18.76
C GLY C 203 5.31 44.51 17.45
N GLN C 204 6.48 44.51 16.83
CA GLN C 204 6.65 45.18 15.54
C GLN C 204 5.79 44.48 14.49
N ARG C 205 4.97 45.24 13.77
CA ARG C 205 4.10 44.71 12.73
C ARG C 205 4.40 45.41 11.41
N HIS C 206 4.50 44.61 10.35
CA HIS C 206 4.56 45.12 8.98
C HIS C 206 3.61 44.30 8.12
N SER C 207 3.07 44.95 7.09
CA SER C 207 2.06 44.31 6.25
C SER C 207 2.13 44.91 4.86
N VAL C 208 2.21 44.07 3.84
CA VAL C 208 2.29 44.50 2.45
C VAL C 208 1.38 43.61 1.61
N GLY C 209 0.72 44.21 0.62
CA GLY C 209 -0.16 43.46 -0.25
C GLY C 209 -1.58 43.39 0.27
N HIS C 210 -2.30 42.38 -0.20
CA HIS C 210 -3.68 42.15 0.19
C HIS C 210 -3.67 41.46 1.56
N THR C 211 -3.61 42.27 2.62
CA THR C 211 -3.53 41.76 3.98
C THR C 211 -4.75 42.11 4.82
N LYS C 212 -5.76 42.75 4.24
CA LYS C 212 -7.01 43.03 4.92
C LYS C 212 -8.16 42.18 4.37
N ILE C 213 -7.87 41.26 3.47
CA ILE C 213 -8.89 40.40 2.86
C ILE C 213 -9.03 39.16 3.74
N PRO C 214 -10.17 38.92 4.39
CA PRO C 214 -10.29 37.72 5.22
C PRO C 214 -10.19 36.45 4.39
N PHE C 215 -9.59 35.43 5.00
CA PHE C 215 -9.52 34.10 4.42
C PHE C 215 -9.64 33.08 5.55
N CYS C 216 -9.74 31.82 5.20
CA CYS C 216 -10.01 30.75 6.16
C CYS C 216 -8.72 30.07 6.60
N LEU C 217 -8.64 29.75 7.89
CA LEU C 217 -7.55 28.95 8.44
C LEU C 217 -7.90 27.48 8.25
N GLN C 218 -7.84 27.04 6.99
CA GLN C 218 -8.29 25.70 6.66
C GLN C 218 -7.46 24.64 7.37
N SER C 219 -6.15 24.87 7.53
CA SER C 219 -5.31 23.96 8.28
C SER C 219 -4.29 24.66 9.16
N CYS C 220 -4.30 25.98 9.24
CA CYS C 220 -3.45 26.68 10.20
C CYS C 220 -3.99 26.57 11.61
N VAL C 221 -5.22 26.10 11.80
CA VAL C 221 -5.78 25.94 13.13
C VAL C 221 -5.32 24.65 13.79
N LYS C 222 -4.77 23.70 13.02
CA LYS C 222 -4.33 22.44 13.61
C LYS C 222 -3.23 22.63 14.64
N PRO C 223 -2.14 23.38 14.38
CA PRO C 223 -1.17 23.59 15.46
C PRO C 223 -1.74 24.35 16.64
N LEU C 224 -2.82 25.12 16.43
CA LEU C 224 -3.40 25.88 17.53
C LEU C 224 -4.38 25.04 18.33
N THR C 225 -5.30 24.34 17.65
CA THR C 225 -6.21 23.46 18.36
C THR C 225 -5.49 22.30 19.03
N TYR C 226 -4.32 21.92 18.52
CA TYR C 226 -3.50 20.91 19.20
C TYR C 226 -2.76 21.52 20.38
N ALA C 227 -2.15 22.68 20.18
CA ALA C 227 -1.45 23.36 21.28
C ALA C 227 -2.41 23.63 22.43
N ILE C 228 -3.65 23.96 22.13
CA ILE C 228 -4.63 24.24 23.17
C ILE C 228 -4.89 22.98 23.98
N SER C 229 -4.99 21.83 23.31
CA SER C 229 -5.23 20.58 24.01
C SER C 229 -4.05 20.22 24.91
N ILE C 230 -2.83 20.47 24.44
CA ILE C 230 -1.65 20.15 25.25
C ILE C 230 -1.63 20.95 26.53
N SER C 231 -1.90 22.26 26.43
CA SER C 231 -1.81 23.11 27.61
C SER C 231 -2.90 22.80 28.62
N THR C 232 -4.02 22.21 28.17
CA THR C 232 -5.13 21.90 29.07
C THR C 232 -5.07 20.48 29.60
N LEU C 233 -4.81 19.49 28.73
CA LEU C 233 -4.81 18.09 29.11
C LEU C 233 -3.42 17.55 29.40
N GLY C 234 -2.38 18.21 28.94
CA GLY C 234 -1.02 17.74 29.18
C GLY C 234 -0.50 16.93 28.01
N THR C 235 0.83 16.86 27.91
CA THR C 235 1.46 16.18 26.79
C THR C 235 1.12 14.69 26.77
N ASP C 236 1.15 14.05 27.94
CA ASP C 236 0.99 12.60 27.99
C ASP C 236 -0.42 12.19 27.53
N TYR C 237 -1.45 12.85 28.05
CA TYR C 237 -2.81 12.46 27.72
C TYR C 237 -3.11 12.66 26.24
N VAL C 238 -2.67 13.78 25.66
CA VAL C 238 -2.99 14.06 24.27
C VAL C 238 -2.33 13.06 23.34
N HIS C 239 -1.10 12.65 23.65
CA HIS C 239 -0.33 11.80 22.76
C HIS C 239 -0.54 10.32 23.00
N LYS C 240 -1.65 9.95 23.65
CA LYS C 240 -2.11 8.57 23.64
C LYS C 240 -3.01 8.27 22.45
N PHE C 241 -3.71 9.29 21.95
CA PHE C 241 -4.69 9.13 20.88
C PHE C 241 -4.21 9.67 19.54
N VAL C 242 -3.06 10.34 19.50
CA VAL C 242 -2.46 10.80 18.25
C VAL C 242 -0.96 10.57 18.34
N GLY C 243 -0.38 10.05 17.26
CA GLY C 243 1.05 9.85 17.20
C GLY C 243 1.77 11.18 17.17
N LYS C 244 3.10 11.09 16.99
CA LYS C 244 3.95 12.27 16.93
C LYS C 244 5.03 12.13 15.87
N GLU C 245 4.75 11.39 14.80
CA GLU C 245 5.72 11.14 13.74
C GLU C 245 5.11 11.47 12.38
N PRO C 246 5.91 11.95 11.42
CA PRO C 246 5.38 12.21 10.09
C PRO C 246 4.93 10.91 9.43
N SER C 247 3.88 11.02 8.60
CA SER C 247 3.26 9.86 7.98
C SER C 247 3.87 9.51 6.63
N GLY C 248 4.24 10.51 5.83
CA GLY C 248 4.70 10.28 4.48
C GLY C 248 3.60 10.24 3.44
N LEU C 249 2.35 10.10 3.87
CA LEU C 249 1.19 10.18 2.99
C LEU C 249 0.56 11.56 3.14
N ARG C 250 -0.14 11.99 2.10
CA ARG C 250 -0.73 13.31 2.11
C ARG C 250 -1.83 13.41 3.16
N TYR C 251 -2.14 14.65 3.55
CA TYR C 251 -3.13 14.89 4.59
C TYR C 251 -4.46 14.24 4.23
N ASN C 252 -4.82 14.25 2.95
CA ASN C 252 -6.10 13.70 2.52
C ASN C 252 -6.17 12.22 2.81
N ALA C 253 -5.07 11.50 2.61
CA ALA C 253 -5.06 10.06 2.75
C ALA C 253 -5.39 9.64 4.17
N LEU C 254 -6.11 8.54 4.30
CA LEU C 254 -6.57 8.02 5.58
C LEU C 254 -5.84 6.73 5.88
N SER C 255 -5.15 6.70 7.02
CA SER C 255 -4.36 5.54 7.43
C SER C 255 -3.81 5.81 8.82
N LEU C 256 -3.42 4.73 9.50
CA LEU C 256 -2.93 4.78 10.87
C LEU C 256 -1.62 4.03 10.95
N ASN C 257 -0.79 4.42 11.94
CA ASN C 257 0.53 3.84 12.08
C ASN C 257 0.43 2.46 12.73
N GLU C 258 1.57 1.89 13.10
CA GLU C 258 1.61 0.57 13.70
C GLU C 258 0.94 0.50 15.06
N GLU C 259 0.73 1.64 15.72
CA GLU C 259 0.20 1.68 17.08
C GLU C 259 -1.32 1.80 17.11
N GLY C 260 -1.98 1.86 15.95
CA GLY C 260 -3.42 1.96 15.92
C GLY C 260 -3.97 3.35 16.15
N ILE C 261 -3.15 4.38 15.98
CA ILE C 261 -3.58 5.77 16.17
C ILE C 261 -3.06 6.58 14.99
N PRO C 262 -3.62 7.77 14.76
CA PRO C 262 -3.13 8.61 13.67
C PRO C 262 -1.66 8.95 13.84
N HIS C 263 -0.98 9.14 12.71
CA HIS C 263 0.47 9.30 12.74
C HIS C 263 0.90 10.51 13.55
N ASN C 264 0.16 11.61 13.43
CA ASN C 264 0.58 12.89 13.99
C ASN C 264 -0.64 13.80 14.08
N PRO C 265 -0.57 14.86 14.89
CA PRO C 265 -1.74 15.73 15.06
C PRO C 265 -2.00 16.71 13.92
N MET C 266 -1.33 16.55 12.76
CA MET C 266 -1.46 17.48 11.66
C MET C 266 -2.19 16.90 10.45
N VAL C 267 -2.08 15.60 10.20
CA VAL C 267 -2.87 14.97 9.14
C VAL C 267 -4.34 15.07 9.54
N ASN C 268 -5.23 14.93 8.56
CA ASN C 268 -6.66 15.06 8.85
C ASN C 268 -7.10 14.04 9.89
N ALA C 269 -6.53 12.84 9.85
CA ALA C 269 -6.89 11.81 10.83
C ALA C 269 -6.45 12.19 12.24
N GLY C 270 -5.49 13.12 12.36
CA GLY C 270 -5.02 13.54 13.65
C GLY C 270 -5.73 14.76 14.18
N ALA C 271 -6.06 15.70 13.29
CA ALA C 271 -6.77 16.90 13.71
C ALA C 271 -8.18 16.57 14.19
N ILE C 272 -8.79 15.52 13.65
CA ILE C 272 -10.12 15.13 14.08
C ILE C 272 -10.08 14.61 15.51
N VAL C 273 -9.02 13.91 15.89
CA VAL C 273 -8.94 13.34 17.24
C VAL C 273 -8.70 14.45 18.25
N VAL C 274 -7.67 15.27 18.05
CA VAL C 274 -7.39 16.37 18.96
C VAL C 274 -8.54 17.36 19.02
N SER C 275 -9.35 17.43 17.96
CA SER C 275 -10.60 18.19 18.00
C SER C 275 -11.66 17.52 18.85
N SER C 276 -11.45 16.26 19.24
CA SER C 276 -12.36 15.57 20.14
C SER C 276 -11.94 15.67 21.60
N LEU C 277 -10.67 15.96 21.86
CA LEU C 277 -10.17 16.10 23.23
C LEU C 277 -10.60 17.40 23.89
N ILE C 278 -11.19 18.33 23.13
CA ILE C 278 -11.48 19.67 23.63
C ILE C 278 -12.91 19.67 24.16
N LYS C 279 -13.04 19.63 25.49
CA LYS C 279 -14.34 19.69 26.17
C LYS C 279 -15.28 18.60 25.66
N MET C 280 -14.87 17.35 25.89
CA MET C 280 -15.66 16.22 25.42
C MET C 280 -17.02 16.11 26.09
N ASP C 281 -17.22 16.78 27.23
CA ASP C 281 -18.50 16.71 27.94
C ASP C 281 -19.45 17.84 27.56
N CYS C 282 -18.94 19.04 27.33
CA CYS C 282 -19.79 20.19 27.07
C CYS C 282 -20.49 20.04 25.72
N ASN C 283 -21.36 20.99 25.41
CA ASN C 283 -22.13 20.97 24.18
C ASN C 283 -21.38 21.67 23.05
N LYS C 284 -21.93 21.56 21.84
CA LYS C 284 -21.22 22.02 20.65
C LYS C 284 -20.95 23.52 20.70
N ALA C 285 -21.93 24.30 21.18
CA ALA C 285 -21.73 25.74 21.26
C ALA C 285 -20.59 26.10 22.19
N GLU C 286 -20.49 25.40 23.33
CA GLU C 286 -19.42 25.68 24.27
C GLU C 286 -18.06 25.26 23.72
N LYS C 287 -18.03 24.17 22.95
CA LYS C 287 -16.76 23.70 22.41
C LYS C 287 -16.12 24.74 21.50
N PHE C 288 -16.90 25.27 20.55
CA PHE C 288 -16.35 26.29 19.66
C PHE C 288 -15.99 27.55 20.42
N ASP C 289 -16.81 27.95 21.38
CA ASP C 289 -16.52 29.15 22.17
C ASP C 289 -15.23 28.98 22.95
N PHE C 290 -15.01 27.80 23.53
CA PHE C 290 -13.79 27.56 24.30
C PHE C 290 -12.54 27.72 23.43
N VAL C 291 -12.57 27.16 22.23
CA VAL C 291 -11.43 27.29 21.32
C VAL C 291 -11.31 28.72 20.81
N LEU C 292 -12.44 29.34 20.47
CA LEU C 292 -12.41 30.69 19.92
C LEU C 292 -11.83 31.69 20.92
N GLN C 293 -12.12 31.50 22.22
CA GLN C 293 -11.62 32.44 23.23
C GLN C 293 -10.09 32.45 23.25
N TYR C 294 -9.47 31.27 23.20
CA TYR C 294 -8.01 31.23 23.16
C TYR C 294 -7.48 31.78 21.85
N LEU C 295 -8.13 31.44 20.73
CA LEU C 295 -7.69 31.98 19.44
C LEU C 295 -7.79 33.50 19.43
N ASN C 296 -8.81 34.05 20.06
CA ASN C 296 -8.87 35.51 20.21
C ASN C 296 -7.68 36.01 21.01
N LYS C 297 -7.31 35.31 22.08
CA LYS C 297 -6.18 35.73 22.88
C LYS C 297 -4.86 35.47 22.16
N MET C 298 -4.82 34.43 21.33
CA MET C 298 -3.62 34.18 20.53
C MET C 298 -3.36 35.34 19.57
N ALA C 299 -4.41 35.87 18.95
CA ALA C 299 -4.30 36.96 17.99
C ALA C 299 -4.41 38.33 18.64
N GLY C 300 -4.48 38.40 19.96
CA GLY C 300 -4.59 39.69 20.63
C GLY C 300 -5.87 40.44 20.30
N ASN C 301 -7.00 39.73 20.23
CA ASN C 301 -8.30 40.33 19.96
C ASN C 301 -8.32 41.03 18.60
N GLU C 302 -7.57 40.52 17.64
CA GLU C 302 -7.60 41.02 16.28
C GLU C 302 -8.79 40.41 15.54
N TYR C 303 -8.86 40.60 14.23
CA TYR C 303 -9.98 40.10 13.46
C TYR C 303 -10.08 38.58 13.57
N MET C 304 -11.29 38.09 13.82
CA MET C 304 -11.53 36.65 13.94
C MET C 304 -12.99 36.42 13.58
N GLY C 305 -13.22 35.95 12.35
CA GLY C 305 -14.57 35.75 11.86
C GLY C 305 -14.93 34.29 11.66
N PHE C 306 -15.82 34.02 10.71
CA PHE C 306 -16.25 32.65 10.43
C PHE C 306 -16.86 32.62 9.04
N SER C 307 -16.24 31.91 8.12
CA SER C 307 -16.74 31.79 6.76
C SER C 307 -17.78 30.69 6.72
N ASN C 308 -19.03 31.04 7.03
CA ASN C 308 -20.09 30.05 7.01
C ASN C 308 -20.27 29.46 5.61
N ALA C 309 -20.01 30.25 4.57
CA ALA C 309 -20.09 29.73 3.21
C ALA C 309 -19.08 28.61 3.01
N THR C 310 -17.85 28.79 3.51
CA THR C 310 -16.87 27.70 3.45
C THR C 310 -17.28 26.56 4.37
N PHE C 311 -17.86 26.88 5.52
CA PHE C 311 -18.28 25.83 6.45
C PHE C 311 -19.33 24.93 5.80
N GLN C 312 -20.29 25.53 5.10
CA GLN C 312 -21.30 24.73 4.41
C GLN C 312 -20.75 24.07 3.16
N SER C 313 -19.72 24.65 2.54
CA SER C 313 -19.09 24.02 1.40
C SER C 313 -18.27 22.80 1.80
N GLU C 314 -17.79 22.73 3.04
CA GLU C 314 -16.98 21.62 3.49
C GLU C 314 -17.83 20.53 4.14
N LYS C 315 -18.91 20.90 4.84
CA LYS C 315 -19.80 19.88 5.39
C LYS C 315 -20.46 19.07 4.29
N GLU C 316 -20.90 19.74 3.22
CA GLU C 316 -21.62 19.06 2.15
C GLU C 316 -20.69 18.39 1.14
N THR C 317 -19.44 18.85 1.03
CA THR C 317 -18.50 18.33 0.04
C THR C 317 -17.26 17.69 0.65
N GLY C 318 -16.99 17.92 1.92
CA GLY C 318 -15.82 17.32 2.57
C GLY C 318 -16.05 15.85 2.81
N ASP C 319 -16.11 15.08 1.73
CA ASP C 319 -16.48 13.68 1.84
C ASP C 319 -15.35 12.81 2.38
N ARG C 320 -14.10 13.14 2.06
CA ARG C 320 -12.99 12.37 2.59
C ARG C 320 -12.89 12.51 4.11
N ASN C 321 -13.15 13.71 4.61
CA ASN C 321 -13.08 13.93 6.06
C ASN C 321 -14.14 13.12 6.79
N TYR C 322 -15.24 12.79 6.11
CA TYR C 322 -16.25 11.94 6.72
C TYR C 322 -15.81 10.48 6.73
N ALA C 323 -15.08 10.06 5.69
CA ALA C 323 -14.56 8.70 5.68
C ALA C 323 -13.56 8.48 6.81
N ILE C 324 -12.71 9.48 7.07
CA ILE C 324 -11.74 9.36 8.15
C ILE C 324 -12.46 9.28 9.49
N GLY C 325 -13.47 10.13 9.69
CA GLY C 325 -14.18 10.12 10.96
C GLY C 325 -14.82 8.77 11.26
N TYR C 326 -15.44 8.16 10.25
CA TYR C 326 -16.02 6.84 10.45
C TYR C 326 -14.95 5.77 10.45
N TYR C 327 -13.87 5.97 9.68
CA TYR C 327 -12.75 5.04 9.73
C TYR C 327 -12.09 5.06 11.11
N LEU C 328 -11.94 6.24 11.70
CA LEU C 328 -11.40 6.33 13.05
C LEU C 328 -12.34 5.68 14.06
N LYS C 329 -13.64 5.90 13.90
CA LYS C 329 -14.61 5.38 14.84
C LYS C 329 -14.60 3.86 14.90
N GLU C 330 -14.25 3.19 13.80
CA GLU C 330 -14.21 1.73 13.81
C GLU C 330 -12.98 1.21 14.55
N LYS C 331 -11.91 1.99 14.56
CA LYS C 331 -10.65 1.60 15.20
C LYS C 331 -10.58 2.01 16.67
N LYS C 332 -11.64 2.60 17.22
CA LYS C 332 -11.64 3.06 18.61
C LYS C 332 -10.48 4.03 18.87
N CYS C 333 -10.23 4.92 17.92
CA CYS C 333 -9.16 5.90 18.08
C CYS C 333 -9.57 7.03 19.02
N PHE C 334 -10.85 7.34 19.12
CA PHE C 334 -11.30 8.41 19.99
C PHE C 334 -11.28 7.95 21.45
N PRO C 335 -11.32 8.90 22.40
CA PRO C 335 -11.46 8.50 23.81
C PRO C 335 -12.77 7.78 24.09
N LYS C 336 -12.94 7.26 25.30
CA LYS C 336 -14.18 6.60 25.66
C LYS C 336 -15.30 7.62 25.82
N GLY C 337 -16.50 7.24 25.39
CA GLY C 337 -17.67 8.09 25.54
C GLY C 337 -17.52 9.43 24.85
N VAL C 338 -17.04 9.41 23.60
CA VAL C 338 -16.85 10.63 22.82
C VAL C 338 -17.56 10.44 21.48
N ASP C 339 -18.45 11.38 21.16
CA ASP C 339 -19.12 11.35 19.87
C ASP C 339 -18.16 11.79 18.78
N MET C 340 -18.08 11.00 17.70
CA MET C 340 -17.22 11.36 16.60
C MET C 340 -17.82 12.48 15.75
N MET C 341 -19.14 12.46 15.58
CA MET C 341 -19.79 13.47 14.74
C MET C 341 -19.60 14.87 15.32
N ALA C 342 -19.74 15.00 16.64
CA ALA C 342 -19.49 16.30 17.26
C ALA C 342 -18.03 16.70 17.13
N ALA C 343 -17.11 15.74 17.30
CA ALA C 343 -15.70 16.04 17.15
C ALA C 343 -15.34 16.36 15.71
N LEU C 344 -15.87 15.59 14.76
CA LEU C 344 -15.63 15.88 13.36
C LEU C 344 -16.24 17.21 12.96
N ASP C 345 -17.44 17.49 13.47
CA ASP C 345 -18.09 18.77 13.15
C ASP C 345 -17.26 19.95 13.64
N LEU C 346 -16.71 19.84 14.85
CA LEU C 346 -15.88 20.93 15.37
C LEU C 346 -14.65 21.15 14.49
N TYR C 347 -14.11 20.08 13.92
CA TYR C 347 -12.99 20.22 13.00
C TYR C 347 -13.38 21.03 11.78
N PHE C 348 -14.58 20.81 11.26
CA PHE C 348 -15.07 21.63 10.14
C PHE C 348 -15.25 23.07 10.57
N GLN C 349 -15.79 23.29 11.77
CA GLN C 349 -16.02 24.65 12.24
C GLN C 349 -14.71 25.41 12.39
N LEU C 350 -13.72 24.79 13.03
CA LEU C 350 -12.44 25.47 13.25
C LEU C 350 -11.76 25.81 11.93
N CYS C 351 -11.81 24.88 10.97
CA CYS C 351 -11.17 25.13 9.68
C CYS C 351 -11.81 26.30 8.95
N SER C 352 -13.05 26.66 9.32
CA SER C 352 -13.76 27.74 8.68
C SER C 352 -13.56 29.09 9.35
N VAL C 353 -12.79 29.15 10.45
CA VAL C 353 -12.54 30.41 11.13
C VAL C 353 -11.80 31.35 10.18
N GLU C 354 -12.27 32.60 10.10
CA GLU C 354 -11.69 33.59 9.22
C GLU C 354 -10.71 34.47 9.98
N VAL C 355 -9.57 34.77 9.35
CA VAL C 355 -8.64 35.77 9.83
C VAL C 355 -8.05 36.48 8.62
N THR C 356 -7.30 37.54 8.88
CA THR C 356 -6.51 38.24 7.89
C THR C 356 -5.04 37.86 8.07
N CYS C 357 -4.20 38.34 7.16
CA CYS C 357 -2.76 38.13 7.34
C CYS C 357 -2.26 38.86 8.57
N GLU C 358 -2.81 40.04 8.87
CA GLU C 358 -2.42 40.74 10.08
C GLU C 358 -2.82 39.97 11.33
N SER C 359 -4.02 39.40 11.34
CA SER C 359 -4.44 38.57 12.47
C SER C 359 -3.61 37.28 12.53
N GLY C 360 -3.34 36.68 11.37
CA GLY C 360 -2.55 35.47 11.36
C GLY C 360 -1.11 35.69 11.78
N SER C 361 -0.53 36.83 11.40
CA SER C 361 0.86 37.11 11.77
C SER C 361 1.02 37.17 13.28
N VAL C 362 0.12 37.86 13.97
CA VAL C 362 0.15 37.87 15.43
C VAL C 362 -0.11 36.48 15.98
N MET C 363 -0.98 35.73 15.31
CA MET C 363 -1.29 34.38 15.76
C MET C 363 -0.08 33.47 15.65
N ALA C 364 0.76 33.69 14.64
CA ALA C 364 2.02 32.96 14.54
C ALA C 364 3.05 33.51 15.51
N ALA C 365 3.06 34.83 15.71
CA ALA C 365 4.01 35.42 16.64
C ALA C 365 3.79 34.92 18.05
N THR C 366 2.55 34.54 18.40
CA THR C 366 2.30 33.96 19.70
C THR C 366 3.09 32.68 19.89
N LEU C 367 3.16 31.84 18.87
CA LEU C 367 3.96 30.64 18.95
C LEU C 367 5.45 30.96 19.03
N ALA C 368 5.87 32.02 18.32
CA ALA C 368 7.28 32.39 18.36
C ALA C 368 7.70 32.85 19.74
N ASN C 369 6.86 33.63 20.42
CA ASN C 369 7.19 34.23 21.71
C ASN C 369 6.72 33.29 22.82
N GLY C 370 7.19 32.05 22.76
CA GLY C 370 6.95 31.07 23.82
C GLY C 370 5.51 30.96 24.27
N GLY C 371 4.58 31.06 23.34
CA GLY C 371 3.17 31.02 23.69
C GLY C 371 2.70 32.17 24.55
N ILE C 372 3.29 33.34 24.39
CA ILE C 372 2.84 34.56 25.04
C ILE C 372 2.68 35.61 23.96
N CYS C 373 1.46 36.09 23.77
CA CYS C 373 1.17 37.03 22.70
C CYS C 373 1.98 38.31 22.91
N PRO C 374 2.74 38.77 21.91
CA PRO C 374 3.61 39.92 22.15
C PRO C 374 2.87 41.22 22.42
N ILE C 375 1.71 41.43 21.79
CA ILE C 375 1.03 42.71 21.87
C ILE C 375 0.06 42.80 23.03
N THR C 376 -0.11 41.74 23.82
CA THR C 376 -0.91 41.80 25.03
C THR C 376 -0.12 41.26 26.22
N GLY C 377 0.78 40.31 25.98
CA GLY C 377 1.61 39.76 27.02
C GLY C 377 0.96 38.70 27.87
N GLU C 378 -0.27 38.30 27.56
CA GLU C 378 -0.94 37.27 28.36
C GLU C 378 -0.27 35.92 28.15
N SER C 379 -0.16 35.15 29.23
CA SER C 379 0.40 33.80 29.17
C SER C 379 -0.69 32.85 28.67
N VAL C 380 -1.03 33.02 27.40
CA VAL C 380 -2.15 32.28 26.81
C VAL C 380 -1.82 30.79 26.70
N LEU C 381 -0.57 30.44 26.40
CA LEU C 381 -0.18 29.06 26.15
C LEU C 381 1.03 28.71 27.01
N SER C 382 1.11 27.44 27.39
CA SER C 382 2.23 26.96 28.17
C SER C 382 3.47 26.81 27.30
N ALA C 383 4.63 26.74 27.96
CA ALA C 383 5.88 26.58 27.24
C ALA C 383 5.97 25.23 26.56
N GLU C 384 5.43 24.18 27.19
CA GLU C 384 5.50 22.85 26.60
C GLU C 384 4.63 22.75 25.36
N ALA C 385 3.51 23.46 25.34
CA ALA C 385 2.62 23.40 24.18
C ALA C 385 3.30 23.96 22.94
N VAL C 386 4.02 25.07 23.09
CA VAL C 386 4.71 25.67 21.95
C VAL C 386 5.83 24.76 21.47
N ARG C 387 6.64 24.25 22.38
CA ARG C 387 7.75 23.40 22.00
C ARG C 387 7.26 22.15 21.28
N ASN C 388 6.19 21.55 21.80
CA ASN C 388 5.60 20.39 21.14
C ASN C 388 5.00 20.79 19.79
N THR C 389 4.34 21.95 19.73
CA THR C 389 3.69 22.36 18.49
C THR C 389 4.71 22.68 17.41
N LEU C 390 5.72 23.50 17.73
CA LEU C 390 6.72 23.86 16.74
C LEU C 390 7.50 22.64 16.28
N SER C 391 7.83 21.74 17.20
CA SER C 391 8.60 20.55 16.84
C SER C 391 7.81 19.60 15.95
N LEU C 392 6.49 19.76 15.85
CA LEU C 392 5.68 18.94 14.97
C LEU C 392 5.38 19.63 13.64
N MET C 393 5.22 20.95 13.63
CA MET C 393 5.07 21.64 12.36
C MET C 393 6.32 21.51 11.52
N HIS C 394 7.50 21.50 12.15
CA HIS C 394 8.74 21.36 11.40
C HIS C 394 8.78 20.04 10.64
N SER C 395 8.36 18.95 11.29
CA SER C 395 8.39 17.63 10.68
C SER C 395 7.06 17.21 10.07
N CYS C 396 5.95 17.84 10.49
CA CYS C 396 4.62 17.45 10.03
C CYS C 396 3.76 18.61 9.57
N GLY C 397 4.29 19.83 9.50
CA GLY C 397 3.45 20.97 9.21
C GLY C 397 2.80 20.91 7.84
N MET C 398 3.59 20.56 6.82
CA MET C 398 3.13 20.64 5.43
C MET C 398 3.05 19.26 4.76
N TYR C 399 2.99 18.18 5.56
CA TYR C 399 2.72 16.84 5.05
C TYR C 399 3.87 16.41 4.15
N ASP C 400 3.63 16.00 2.90
CA ASP C 400 4.72 15.55 2.04
C ASP C 400 5.77 16.63 1.87
N PHE C 401 5.35 17.89 1.79
CA PHE C 401 6.28 19.00 1.65
C PHE C 401 6.92 19.40 2.98
N SER C 402 6.76 18.60 4.04
CA SER C 402 7.50 18.86 5.26
C SER C 402 9.00 18.78 4.98
N GLY C 403 9.42 17.77 4.23
CA GLY C 403 10.69 17.84 3.55
C GLY C 403 10.59 18.75 2.33
N GLN C 404 11.75 19.26 1.90
CA GLN C 404 11.84 20.30 0.88
C GLN C 404 11.47 21.66 1.44
N PHE C 405 11.01 21.71 2.69
CA PHE C 405 10.76 22.96 3.40
C PHE C 405 11.66 23.10 4.61
N ALA C 406 11.73 22.08 5.46
CA ALA C 406 12.81 22.04 6.45
C ALA C 406 14.16 22.02 5.75
N PHE C 407 14.22 21.44 4.56
CA PHE C 407 15.46 21.40 3.78
C PHE C 407 15.84 22.77 3.24
N HIS C 408 14.88 23.48 2.64
CA HIS C 408 15.14 24.78 2.03
C HIS C 408 14.85 25.96 2.95
N VAL C 409 13.92 25.82 3.89
CA VAL C 409 13.50 26.91 4.77
C VAL C 409 13.89 26.65 6.21
N GLY C 410 13.74 25.43 6.69
CA GLY C 410 14.18 25.08 8.02
C GLY C 410 13.31 25.59 9.15
N LEU C 411 12.23 26.32 8.84
CA LEU C 411 11.38 26.91 9.87
C LEU C 411 10.08 26.13 10.00
N PRO C 412 9.43 26.13 11.17
CA PRO C 412 8.13 25.46 11.29
C PRO C 412 7.02 26.31 10.69
N ALA C 413 6.44 25.83 9.59
CA ALA C 413 5.36 26.51 8.90
C ALA C 413 4.24 25.54 8.63
N LYS C 414 3.01 26.04 8.70
CA LYS C 414 1.80 25.25 8.47
C LYS C 414 1.11 25.74 7.23
N SER C 415 0.87 24.84 6.28
CA SER C 415 0.22 25.15 5.03
C SER C 415 -1.29 24.95 5.14
N ALA C 416 -2.02 25.55 4.20
CA ALA C 416 -3.45 25.40 4.12
C ALA C 416 -3.88 25.46 2.66
N VAL C 417 -5.06 24.89 2.38
CA VAL C 417 -5.60 24.96 1.02
C VAL C 417 -6.19 26.31 0.68
N SER C 418 -6.32 27.21 1.66
CA SER C 418 -6.75 28.57 1.41
C SER C 418 -5.59 29.49 1.04
N GLY C 419 -4.40 28.94 0.81
CA GLY C 419 -3.24 29.69 0.40
C GLY C 419 -2.33 30.11 1.53
N ALA C 420 -2.82 30.09 2.77
CA ALA C 420 -2.04 30.59 3.89
C ALA C 420 -0.83 29.70 4.16
N ILE C 421 0.22 30.30 4.71
CA ILE C 421 1.39 29.58 5.22
C ILE C 421 1.80 30.22 6.53
N LEU C 422 1.41 29.60 7.64
CA LEU C 422 1.66 30.17 8.97
C LEU C 422 3.14 29.98 9.31
N LEU C 423 3.96 30.87 8.76
CA LEU C 423 5.41 30.77 8.95
C LEU C 423 5.79 31.29 10.34
N VAL C 424 6.62 30.52 11.05
CA VAL C 424 7.06 30.85 12.40
C VAL C 424 8.58 30.91 12.41
N VAL C 425 9.12 31.97 12.96
CA VAL C 425 10.56 32.11 13.22
C VAL C 425 10.73 32.14 14.73
N PRO C 426 11.20 31.04 15.36
CA PRO C 426 11.26 31.03 16.83
C PRO C 426 12.13 32.15 17.37
N ASN C 427 11.64 32.79 18.43
CA ASN C 427 12.33 33.86 19.15
C ASN C 427 12.60 35.08 18.28
N VAL C 428 11.96 35.21 17.13
CA VAL C 428 12.14 36.39 16.28
C VAL C 428 10.78 36.98 15.90
N MET C 429 9.94 36.20 15.22
CA MET C 429 8.68 36.75 14.71
C MET C 429 7.79 35.61 14.24
N GLY C 430 6.63 35.99 13.74
CA GLY C 430 5.74 35.08 13.05
C GLY C 430 5.15 35.76 11.84
N MET C 431 4.86 34.96 10.82
CA MET C 431 4.52 35.49 9.51
C MET C 431 3.54 34.55 8.83
N MET C 432 2.51 35.12 8.21
CA MET C 432 1.54 34.35 7.43
C MET C 432 1.45 34.95 6.03
N CYS C 433 1.63 34.10 5.02
CA CYS C 433 1.65 34.51 3.62
C CYS C 433 0.48 33.86 2.89
N LEU C 434 -0.31 34.69 2.22
CA LEU C 434 -1.54 34.25 1.56
C LEU C 434 -1.34 34.26 0.05
N SER C 435 -1.62 33.14 -0.60
CA SER C 435 -1.81 33.10 -2.05
C SER C 435 -2.64 31.86 -2.38
N PRO C 436 -3.87 32.00 -2.87
CA PRO C 436 -4.72 30.82 -3.09
C PRO C 436 -4.10 29.80 -4.03
N PRO C 437 -3.36 30.21 -5.10
CA PRO C 437 -2.72 29.21 -5.96
C PRO C 437 -1.89 28.18 -5.21
N LEU C 438 -2.25 26.91 -5.35
CA LEU C 438 -1.56 25.79 -4.70
C LEU C 438 -0.78 24.98 -5.73
N ASP C 439 0.22 24.24 -5.24
CA ASP C 439 0.96 23.30 -6.06
C ASP C 439 0.39 21.90 -5.84
N LYS C 440 1.08 20.88 -6.36
CA LYS C 440 0.55 19.51 -6.29
C LYS C 440 0.40 19.04 -4.84
N LEU C 441 1.37 19.35 -3.98
CA LEU C 441 1.40 18.84 -2.62
C LEU C 441 0.50 19.63 -1.67
N GLY C 442 -0.43 20.43 -2.18
CA GLY C 442 -1.34 21.17 -1.32
C GLY C 442 -0.68 22.26 -0.51
N ASN C 443 0.26 22.98 -1.09
CA ASN C 443 0.87 24.15 -0.47
C ASN C 443 0.82 25.31 -1.45
N SER C 444 0.73 26.52 -0.92
CA SER C 444 0.68 27.70 -1.77
C SER C 444 1.99 27.87 -2.52
N HIS C 445 1.89 28.17 -3.82
CA HIS C 445 3.09 28.26 -4.65
C HIS C 445 3.84 29.57 -4.41
N ARG C 446 3.13 30.70 -4.45
CA ARG C 446 3.78 31.97 -4.18
C ARG C 446 4.29 32.03 -2.74
N GLY C 447 3.50 31.53 -1.80
CA GLY C 447 3.90 31.59 -0.41
C GLY C 447 5.15 30.78 -0.12
N THR C 448 5.22 29.56 -0.63
CA THR C 448 6.38 28.72 -0.35
C THR C 448 7.61 29.19 -1.11
N SER C 449 7.44 29.75 -2.31
CA SER C 449 8.55 30.37 -3.00
C SER C 449 9.05 31.59 -2.23
N PHE C 450 8.13 32.37 -1.67
CA PHE C 450 8.52 33.52 -0.86
C PHE C 450 9.30 33.08 0.37
N CYS C 451 8.89 31.99 1.00
CA CYS C 451 9.59 31.50 2.18
C CYS C 451 11.01 31.07 1.84
N GLN C 452 11.18 30.41 0.70
CA GLN C 452 12.50 29.92 0.31
C GLN C 452 13.46 31.07 0.07
N LYS C 453 12.99 32.16 -0.53
CA LYS C 453 13.87 33.30 -0.80
C LYS C 453 14.20 34.06 0.48
N LEU C 454 13.24 34.19 1.38
CA LEU C 454 13.45 34.97 2.60
C LEU C 454 14.53 34.34 3.48
N VAL C 455 14.50 33.02 3.64
CA VAL C 455 15.44 32.37 4.54
C VAL C 455 16.87 32.50 4.02
N SER C 456 17.05 32.46 2.70
CA SER C 456 18.41 32.57 2.15
C SER C 456 19.02 33.93 2.47
N LEU C 457 18.21 34.98 2.43
CA LEU C 457 18.73 36.32 2.66
C LEU C 457 19.01 36.57 4.13
N PHE C 458 18.12 36.10 5.01
CA PHE C 458 18.04 36.59 6.38
C PHE C 458 18.58 35.62 7.42
N ASN C 459 19.16 34.50 7.01
CA ASN C 459 19.90 33.59 7.88
C ASN C 459 18.99 32.85 8.85
N PHE C 460 17.68 32.79 8.60
CA PHE C 460 16.75 32.25 9.59
C PHE C 460 16.78 30.73 9.66
N HIS C 461 17.47 30.04 8.76
CA HIS C 461 17.40 28.58 8.71
C HIS C 461 17.89 28.00 10.03
N ASN C 462 17.25 26.89 10.44
CA ASN C 462 17.50 26.34 11.77
C ASN C 462 18.93 25.85 11.94
N TYR C 463 19.62 25.55 10.83
CA TYR C 463 20.96 24.97 10.87
C TYR C 463 21.98 25.85 10.15
N ASP C 464 21.72 27.16 10.08
CA ASP C 464 22.72 28.11 9.60
C ASP C 464 23.65 28.42 10.76
N ASN C 465 24.83 27.82 10.74
CA ASN C 465 25.77 27.99 11.84
C ASN C 465 26.26 29.44 11.92
N LEU C 466 26.44 29.91 13.14
CA LEU C 466 26.90 31.27 13.38
C LEU C 466 28.41 31.37 13.13
N ARG C 467 28.88 32.61 12.99
CA ARG C 467 30.26 32.96 12.68
C ARG C 467 30.68 32.53 11.28
N HIS C 468 29.74 32.06 10.44
CA HIS C 468 30.02 31.76 9.04
C HIS C 468 29.00 32.38 8.10
N CYS C 469 28.32 33.46 8.52
CA CYS C 469 27.28 34.10 7.73
C CYS C 469 27.73 34.62 6.37
N ALA C 470 28.83 35.36 6.35
CA ALA C 470 29.37 35.93 5.11
C ALA C 470 28.26 36.81 4.44
N ARG C 471 27.76 36.58 3.21
CA ARG C 471 26.78 37.50 2.63
C ARG C 471 25.46 37.50 3.39
N LYS C 472 25.07 36.33 3.89
CA LYS C 472 23.82 36.16 4.64
C LYS C 472 23.57 37.25 5.71
N LEU C 473 22.58 38.12 5.51
CA LEU C 473 22.27 39.16 6.48
C LEU C 473 21.68 38.56 7.75
N ASP C 474 22.03 39.15 8.88
CA ASP C 474 21.48 38.77 10.19
C ASP C 474 20.73 39.98 10.74
N PRO C 475 19.39 39.99 10.74
CA PRO C 475 18.68 41.21 11.12
C PRO C 475 18.65 41.48 12.61
N ARG C 476 18.83 40.44 13.44
CA ARG C 476 18.73 40.63 14.88
C ARG C 476 19.88 41.47 15.42
N ARG C 477 21.06 41.37 14.84
CA ARG C 477 22.17 42.24 15.21
C ARG C 477 21.93 43.65 14.69
N LEU D 69 -50.98 -43.10 -29.73
CA LEU D 69 -50.93 -42.16 -28.57
C LEU D 69 -51.29 -42.89 -27.28
N SER D 70 -50.29 -43.53 -26.67
CA SER D 70 -50.50 -44.24 -25.42
C SER D 70 -50.69 -43.25 -24.27
N ARG D 71 -51.26 -43.76 -23.17
CA ARG D 71 -51.59 -42.96 -22.01
C ARG D 71 -50.88 -43.53 -20.77
N LEU D 72 -50.18 -42.66 -20.04
CA LEU D 72 -49.41 -43.11 -18.88
C LEU D 72 -50.32 -43.51 -17.73
N GLY D 73 -51.55 -43.02 -17.70
CA GLY D 73 -52.46 -43.39 -16.63
C GLY D 73 -52.68 -44.89 -16.56
N ASP D 74 -52.79 -45.55 -17.71
CA ASP D 74 -52.97 -47.00 -17.73
C ASP D 74 -51.74 -47.70 -17.14
N LEU D 75 -50.55 -47.27 -17.52
CA LEU D 75 -49.34 -47.82 -16.94
C LEU D 75 -49.16 -47.36 -15.50
N LEU D 76 -49.72 -46.20 -15.16
CA LEU D 76 -49.59 -45.67 -13.80
C LEU D 76 -50.26 -46.57 -12.78
N PHE D 77 -51.37 -47.22 -13.16
CA PHE D 77 -52.11 -48.06 -12.21
C PHE D 77 -51.24 -49.19 -11.69
N TYR D 78 -50.52 -49.88 -12.58
CA TYR D 78 -49.68 -51.00 -12.16
C TYR D 78 -48.55 -50.51 -11.25
N THR D 79 -47.97 -49.35 -11.58
CA THR D 79 -46.82 -48.86 -10.82
C THR D 79 -47.21 -48.54 -9.38
N ILE D 80 -48.39 -47.96 -9.17
CA ILE D 80 -48.78 -47.53 -7.83
C ILE D 80 -48.89 -48.72 -6.88
N ALA D 81 -49.61 -49.76 -7.29
CA ALA D 81 -49.90 -50.90 -6.43
C ALA D 81 -48.88 -52.02 -6.57
N GLU D 82 -48.00 -51.98 -7.59
CA GLU D 82 -47.01 -53.01 -7.89
C GLU D 82 -47.55 -54.42 -7.67
N GLY D 83 -48.79 -54.67 -8.08
CA GLY D 83 -49.43 -55.96 -7.93
C GLY D 83 -50.37 -56.07 -6.74
N GLN D 84 -50.36 -55.11 -5.83
CA GLN D 84 -51.26 -55.17 -4.67
C GLN D 84 -52.70 -55.04 -5.14
N GLU D 85 -53.58 -55.83 -4.52
CA GLU D 85 -54.97 -55.88 -4.96
C GLU D 85 -55.68 -54.54 -4.76
N ARG D 86 -55.46 -53.89 -3.62
CA ARG D 86 -56.13 -52.65 -3.27
C ARG D 86 -55.09 -51.59 -2.91
N ILE D 87 -55.43 -50.33 -3.20
CA ILE D 87 -54.55 -49.20 -2.99
C ILE D 87 -55.06 -48.46 -1.75
N PRO D 88 -54.41 -48.59 -0.59
CA PRO D 88 -54.81 -47.77 0.56
C PRO D 88 -54.40 -46.32 0.39
N ILE D 89 -55.13 -45.44 1.09
CA ILE D 89 -54.90 -44.00 0.93
C ILE D 89 -53.88 -43.51 1.94
N HIS D 90 -54.02 -43.91 3.20
CA HIS D 90 -53.15 -43.37 4.25
C HIS D 90 -51.70 -43.79 4.04
N LYS D 91 -51.47 -44.95 3.44
CA LYS D 91 -50.11 -45.37 3.12
C LYS D 91 -49.51 -44.49 2.04
N PHE D 92 -50.32 -44.02 1.10
CA PHE D 92 -49.81 -43.18 0.02
C PHE D 92 -49.36 -41.82 0.53
N THR D 93 -49.95 -41.35 1.63
CA THR D 93 -49.64 -40.00 2.12
C THR D 93 -48.16 -39.86 2.44
N THR D 94 -47.57 -40.85 3.12
CA THR D 94 -46.13 -40.84 3.38
C THR D 94 -45.33 -41.36 2.19
N ALA D 95 -45.97 -42.02 1.24
CA ALA D 95 -45.25 -42.54 0.08
C ALA D 95 -44.74 -41.43 -0.82
N LEU D 96 -45.56 -40.39 -1.04
CA LEU D 96 -45.15 -39.29 -1.91
C LEU D 96 -43.99 -38.48 -1.33
N LYS D 97 -43.76 -38.56 -0.03
CA LYS D 97 -42.65 -37.82 0.57
C LYS D 97 -41.32 -38.23 -0.06
N ALA D 98 -41.16 -39.51 -0.36
CA ALA D 98 -39.96 -39.98 -1.03
C ALA D 98 -39.85 -39.37 -2.42
N THR D 99 -38.70 -39.59 -3.05
CA THR D 99 -38.31 -39.04 -4.35
C THR D 99 -37.92 -37.58 -4.26
N GLY D 100 -37.96 -36.97 -3.07
CA GLY D 100 -37.47 -35.61 -2.88
C GLY D 100 -38.55 -34.56 -2.79
N LEU D 101 -39.57 -34.65 -3.63
CA LEU D 101 -40.62 -33.63 -3.63
C LEU D 101 -41.33 -33.60 -2.28
N GLN D 102 -41.58 -32.39 -1.79
CA GLN D 102 -42.28 -32.19 -0.53
C GLN D 102 -43.77 -32.01 -0.79
N THR D 103 -44.57 -32.47 0.18
CA THR D 103 -46.02 -32.39 0.02
C THR D 103 -46.49 -30.95 -0.11
N SER D 104 -45.78 -30.01 0.52
CA SER D 104 -46.15 -28.60 0.48
C SER D 104 -45.58 -27.88 -0.74
N ASP D 105 -45.22 -28.60 -1.80
CA ASP D 105 -44.67 -27.95 -2.98
C ASP D 105 -45.73 -27.04 -3.61
N PRO D 106 -45.36 -25.86 -4.09
CA PRO D 106 -46.37 -24.99 -4.73
C PRO D 106 -47.06 -25.62 -5.93
N ARG D 107 -46.40 -26.55 -6.61
CA ARG D 107 -46.94 -27.15 -7.83
C ARG D 107 -47.94 -28.26 -7.57
N LEU D 108 -48.28 -28.59 -6.32
CA LEU D 108 -49.22 -29.67 -6.03
C LEU D 108 -50.40 -29.21 -5.18
N ARG D 109 -50.70 -27.91 -5.16
CA ARG D 109 -51.84 -27.43 -4.40
C ARG D 109 -53.14 -27.97 -4.97
N ASP D 110 -53.27 -27.97 -6.30
CA ASP D 110 -54.49 -28.48 -6.93
C ASP D 110 -54.67 -29.96 -6.64
N CYS D 111 -53.57 -30.72 -6.61
CA CYS D 111 -53.66 -32.15 -6.32
C CYS D 111 -54.22 -32.38 -4.93
N MET D 112 -53.72 -31.64 -3.93
CA MET D 112 -54.12 -31.90 -2.55
C MET D 112 -55.51 -31.31 -2.27
N SER D 113 -55.84 -30.18 -2.89
CA SER D 113 -57.08 -29.49 -2.56
C SER D 113 -58.30 -30.35 -2.84
N GLU D 114 -58.34 -31.00 -4.01
CA GLU D 114 -59.50 -31.81 -4.36
C GLU D 114 -59.63 -33.01 -3.43
N MET D 115 -58.50 -33.60 -3.04
CA MET D 115 -58.55 -34.75 -2.14
C MET D 115 -59.17 -34.38 -0.79
N HIS D 116 -58.79 -33.23 -0.25
CA HIS D 116 -59.30 -32.83 1.06
C HIS D 116 -60.78 -32.48 0.98
N ARG D 117 -61.21 -31.82 -0.11
CA ARG D 117 -62.59 -31.37 -0.21
C ARG D 117 -63.55 -32.54 -0.34
N VAL D 118 -63.26 -33.49 -1.24
CA VAL D 118 -64.23 -34.52 -1.57
C VAL D 118 -64.43 -35.48 -0.40
N VAL D 119 -63.35 -35.80 0.32
CA VAL D 119 -63.43 -36.83 1.35
C VAL D 119 -64.38 -36.45 2.48
N GLN D 120 -64.58 -35.16 2.73
CA GLN D 120 -65.45 -34.68 3.79
C GLN D 120 -66.83 -34.27 3.28
N GLU D 121 -67.34 -34.93 2.25
CA GLU D 121 -68.63 -34.61 1.67
C GLU D 121 -69.66 -35.73 1.86
N SER D 122 -69.33 -36.94 1.43
CA SER D 122 -70.28 -38.06 1.45
C SER D 122 -69.93 -39.03 2.56
N SER D 123 -70.78 -40.05 2.70
CA SER D 123 -70.59 -41.12 3.68
C SER D 123 -70.02 -42.39 3.06
N SER D 124 -69.12 -42.25 2.09
CA SER D 124 -68.53 -43.38 1.38
C SER D 124 -67.55 -44.18 2.23
N GLY D 125 -67.20 -43.70 3.42
CA GLY D 125 -66.27 -44.42 4.27
C GLY D 125 -64.83 -44.14 3.90
N GLY D 126 -64.03 -45.20 3.91
CA GLY D 126 -62.61 -45.11 3.65
C GLY D 126 -62.18 -45.25 2.21
N LEU D 127 -63.13 -45.27 1.27
CA LEU D 127 -62.85 -45.44 -0.15
C LEU D 127 -63.01 -44.11 -0.89
N LEU D 128 -62.00 -43.79 -1.70
CA LEU D 128 -62.01 -42.61 -2.55
C LEU D 128 -61.87 -43.05 -4.00
N ASP D 129 -62.57 -42.36 -4.90
CA ASP D 129 -62.64 -42.74 -6.30
C ASP D 129 -61.30 -42.55 -7.00
N ARG D 130 -61.02 -43.43 -7.95
CA ARG D 130 -59.79 -43.33 -8.72
C ARG D 130 -59.88 -42.22 -9.76
N ASP D 131 -61.09 -41.96 -10.26
CA ASP D 131 -61.26 -40.93 -11.28
C ASP D 131 -60.82 -39.56 -10.77
N LEU D 132 -61.01 -39.30 -9.47
CA LEU D 132 -60.52 -38.06 -8.89
C LEU D 132 -59.00 -37.98 -8.96
N PHE D 133 -58.32 -39.12 -8.79
CA PHE D 133 -56.86 -39.13 -8.88
C PHE D 133 -56.41 -38.75 -10.28
N ARG D 134 -57.08 -39.26 -11.31
CA ARG D 134 -56.67 -38.96 -12.69
C ARG D 134 -56.92 -37.50 -13.02
N LYS D 135 -58.06 -36.96 -12.61
CA LYS D 135 -58.44 -35.60 -13.03
C LYS D 135 -57.53 -34.54 -12.41
N CYS D 136 -56.96 -34.80 -11.24
CA CYS D 136 -56.12 -33.81 -10.57
C CYS D 136 -54.68 -33.81 -11.08
N VAL D 137 -54.14 -34.98 -11.45
CA VAL D 137 -52.76 -35.06 -11.92
C VAL D 137 -52.60 -34.68 -13.38
N SER D 138 -53.70 -34.48 -14.11
CA SER D 138 -53.59 -34.09 -15.52
C SER D 138 -52.90 -32.74 -15.67
N SER D 139 -53.03 -31.85 -14.69
CA SER D 139 -52.33 -30.57 -14.74
C SER D 139 -50.83 -30.74 -14.65
N ASN D 140 -50.36 -31.66 -13.81
CA ASN D 140 -48.93 -31.86 -13.56
C ASN D 140 -48.57 -33.32 -13.76
N ILE D 141 -49.11 -33.93 -14.82
CA ILE D 141 -48.75 -35.31 -15.14
C ILE D 141 -47.30 -35.37 -15.62
N VAL D 142 -46.86 -34.38 -16.39
CA VAL D 142 -45.50 -34.39 -16.91
C VAL D 142 -44.49 -34.25 -15.77
N LEU D 143 -44.86 -33.52 -14.71
CA LEU D 143 -43.96 -33.41 -13.56
C LEU D 143 -43.88 -34.73 -12.79
N LEU D 144 -45.04 -35.34 -12.50
CA LEU D 144 -45.06 -36.52 -11.65
C LEU D 144 -44.36 -37.69 -12.33
N THR D 145 -44.55 -37.86 -13.64
CA THR D 145 -43.92 -38.99 -14.32
C THR D 145 -42.39 -38.88 -14.28
N GLN D 146 -41.85 -37.67 -14.28
CA GLN D 146 -40.41 -37.51 -14.17
C GLN D 146 -39.91 -38.05 -12.84
N ALA D 147 -40.64 -37.79 -11.75
CA ALA D 147 -40.24 -38.31 -10.45
C ALA D 147 -40.25 -39.84 -10.45
N PHE D 148 -41.24 -40.44 -11.10
CA PHE D 148 -41.40 -41.88 -11.11
C PHE D 148 -40.72 -42.56 -12.30
N ARG D 149 -40.18 -41.79 -13.24
CA ARG D 149 -39.35 -42.32 -14.32
C ARG D 149 -37.87 -42.02 -14.13
N LYS D 150 -37.49 -41.46 -12.98
CA LYS D 150 -36.09 -41.19 -12.66
C LYS D 150 -35.46 -40.21 -13.64
N LYS D 151 -36.25 -39.30 -14.19
CA LYS D 151 -35.73 -38.25 -15.05
C LYS D 151 -35.17 -37.08 -14.27
N PHE D 152 -35.36 -37.03 -12.95
CA PHE D 152 -34.79 -35.97 -12.14
C PHE D 152 -33.26 -36.08 -12.13
N VAL D 153 -32.62 -34.95 -11.84
CA VAL D 153 -31.16 -34.88 -11.92
C VAL D 153 -30.48 -35.71 -10.85
N ILE D 154 -31.18 -36.08 -9.78
CA ILE D 154 -30.64 -36.98 -8.76
C ILE D 154 -31.67 -38.08 -8.51
N PRO D 155 -31.69 -39.14 -9.33
CA PRO D 155 -32.68 -40.20 -9.12
C PRO D 155 -32.59 -40.88 -7.76
N ASP D 156 -31.39 -41.02 -7.20
CA ASP D 156 -31.17 -41.79 -5.98
C ASP D 156 -31.12 -40.88 -4.76
N PHE D 157 -31.99 -39.87 -4.71
CA PHE D 157 -31.94 -38.86 -3.65
C PHE D 157 -31.99 -39.48 -2.26
N GLU D 158 -32.66 -40.62 -2.10
CA GLU D 158 -32.71 -41.26 -0.79
C GLU D 158 -31.33 -41.64 -0.31
N GLU D 159 -30.50 -42.20 -1.21
CA GLU D 159 -29.12 -42.50 -0.84
C GLU D 159 -28.30 -41.23 -0.70
N PHE D 160 -28.65 -40.18 -1.44
CA PHE D 160 -27.92 -38.92 -1.34
C PHE D 160 -27.98 -38.37 0.07
N THR D 161 -29.16 -38.41 0.68
CA THR D 161 -29.29 -37.96 2.07
C THR D 161 -28.52 -38.89 3.01
N GLY D 162 -28.35 -40.16 2.62
CA GLY D 162 -27.57 -41.06 3.45
C GLY D 162 -26.12 -40.65 3.58
N HIS D 163 -25.61 -39.96 2.55
CA HIS D 163 -24.23 -39.46 2.61
C HIS D 163 -24.18 -38.08 3.23
N VAL D 164 -25.18 -37.24 2.95
CA VAL D 164 -25.16 -35.87 3.46
C VAL D 164 -25.26 -35.88 4.99
N ASP D 165 -26.16 -36.70 5.54
CA ASP D 165 -26.29 -36.74 7.00
C ASP D 165 -25.07 -37.36 7.66
N ARG D 166 -24.44 -38.34 7.01
CA ARG D 166 -23.22 -38.91 7.57
C ARG D 166 -22.11 -37.87 7.64
N ILE D 167 -21.93 -37.11 6.56
CA ILE D 167 -20.94 -36.04 6.57
C ILE D 167 -21.36 -34.94 7.53
N PHE D 168 -22.66 -34.71 7.65
CA PHE D 168 -23.17 -33.72 8.61
C PHE D 168 -22.73 -34.07 10.03
N GLU D 169 -22.93 -35.33 10.44
CA GLU D 169 -22.47 -35.76 11.75
C GLU D 169 -20.95 -35.82 11.83
N ASP D 170 -20.29 -36.09 10.70
CA ASP D 170 -18.83 -36.19 10.70
C ASP D 170 -18.20 -34.85 11.05
N VAL D 171 -18.76 -33.75 10.55
CA VAL D 171 -18.19 -32.42 10.79
C VAL D 171 -18.79 -31.75 12.01
N LYS D 172 -19.86 -32.29 12.59
CA LYS D 172 -20.46 -31.69 13.77
C LYS D 172 -19.52 -31.72 14.96
N GLU D 173 -18.57 -32.64 15.00
CA GLU D 173 -17.64 -32.72 16.12
C GLU D 173 -16.66 -31.55 16.15
N LEU D 174 -16.40 -30.93 14.99
CA LEU D 174 -15.41 -29.87 14.94
C LEU D 174 -15.90 -28.62 15.66
N THR D 175 -14.96 -27.87 16.21
CA THR D 175 -15.23 -26.55 16.76
C THR D 175 -15.07 -25.51 15.66
N GLY D 176 -15.04 -24.24 16.03
CA GLY D 176 -14.89 -23.17 15.06
C GLY D 176 -14.10 -22.00 15.60
N GLY D 177 -14.03 -20.93 14.84
CA GLY D 177 -13.32 -19.72 15.20
C GLY D 177 -14.20 -18.75 15.96
N LYS D 178 -13.91 -17.47 15.82
CA LYS D 178 -14.69 -16.45 16.50
C LYS D 178 -16.12 -16.43 15.95
N VAL D 179 -17.02 -15.82 16.72
CA VAL D 179 -18.45 -15.83 16.42
C VAL D 179 -18.87 -14.45 15.94
N ALA D 180 -17.93 -13.68 15.40
CA ALA D 180 -18.21 -12.35 14.85
C ALA D 180 -18.85 -11.45 15.90
N ALA D 181 -18.08 -11.18 16.95
CA ALA D 181 -18.54 -10.39 18.08
C ALA D 181 -18.39 -8.89 17.87
N TYR D 182 -17.83 -8.46 16.74
CA TYR D 182 -17.59 -7.04 16.52
C TYR D 182 -18.85 -6.27 16.14
N ILE D 183 -19.96 -6.96 15.90
CA ILE D 183 -21.28 -6.32 15.84
C ILE D 183 -22.11 -6.94 16.96
N PRO D 184 -22.80 -6.14 17.80
CA PRO D 184 -23.41 -6.72 19.01
C PRO D 184 -24.38 -7.85 18.75
N GLN D 185 -25.19 -7.78 17.68
CA GLN D 185 -26.30 -8.71 17.56
C GLN D 185 -25.84 -10.13 17.24
N LEU D 186 -24.89 -10.27 16.30
CA LEU D 186 -24.48 -11.61 15.89
C LEU D 186 -23.81 -12.41 17.01
N ALA D 187 -23.29 -11.75 18.03
CA ALA D 187 -22.75 -12.47 19.18
C ALA D 187 -23.83 -13.20 19.95
N LYS D 188 -25.09 -12.79 19.80
CA LYS D 188 -26.20 -13.40 20.54
C LYS D 188 -26.52 -14.81 20.06
N SER D 189 -26.13 -15.17 18.84
CA SER D 189 -26.48 -16.49 18.31
C SER D 189 -25.70 -17.58 19.04
N ASN D 190 -26.35 -18.73 19.20
CA ASN D 190 -25.70 -19.89 19.80
C ASN D 190 -24.73 -20.50 18.78
N PRO D 191 -23.44 -20.60 19.09
CA PRO D 191 -22.49 -21.12 18.07
C PRO D 191 -22.68 -22.59 17.73
N ASP D 192 -23.52 -23.32 18.47
CA ASP D 192 -23.74 -24.74 18.21
C ASP D 192 -24.75 -24.98 17.10
N LEU D 193 -25.37 -23.94 16.55
CA LEU D 193 -26.28 -24.12 15.44
C LEU D 193 -25.54 -24.74 14.26
N TRP D 194 -26.16 -25.74 13.64
CA TRP D 194 -25.53 -26.42 12.51
C TRP D 194 -26.63 -27.11 11.72
N GLY D 195 -26.88 -26.63 10.52
CA GLY D 195 -27.91 -27.21 9.66
C GLY D 195 -27.56 -27.00 8.21
N VAL D 196 -28.12 -27.86 7.36
CA VAL D 196 -27.85 -27.82 5.92
C VAL D 196 -29.13 -28.13 5.17
N SER D 197 -29.32 -27.46 4.04
CA SER D 197 -30.47 -27.70 3.16
C SER D 197 -30.02 -27.64 1.72
N LEU D 198 -30.71 -28.41 0.88
CA LEU D 198 -30.41 -28.45 -0.54
C LEU D 198 -31.70 -28.53 -1.34
N CYS D 199 -31.64 -28.06 -2.58
CA CYS D 199 -32.80 -28.05 -3.46
C CYS D 199 -32.30 -28.35 -4.87
N THR D 200 -32.61 -29.54 -5.37
CA THR D 200 -32.29 -29.85 -6.75
C THR D 200 -33.13 -28.98 -7.68
N VAL D 201 -32.67 -28.85 -8.92
CA VAL D 201 -33.33 -27.99 -9.90
C VAL D 201 -34.65 -28.61 -10.36
N ASP D 202 -34.93 -29.83 -9.92
CA ASP D 202 -36.22 -30.47 -10.16
C ASP D 202 -37.19 -30.29 -9.00
N GLY D 203 -36.70 -29.97 -7.81
CA GLY D 203 -37.53 -29.75 -6.64
C GLY D 203 -37.28 -30.70 -5.48
N GLN D 204 -36.32 -31.61 -5.57
CA GLN D 204 -36.02 -32.48 -4.44
C GLN D 204 -35.40 -31.67 -3.32
N ARG D 205 -35.88 -31.87 -2.10
CA ARG D 205 -35.43 -31.10 -0.95
C ARG D 205 -35.27 -31.99 0.27
N HIS D 206 -34.17 -31.81 0.99
CA HIS D 206 -33.90 -32.51 2.24
C HIS D 206 -33.25 -31.52 3.21
N SER D 207 -33.48 -31.75 4.50
CA SER D 207 -33.01 -30.84 5.52
C SER D 207 -32.62 -31.62 6.77
N VAL D 208 -31.42 -31.37 7.26
CA VAL D 208 -30.90 -32.01 8.47
C VAL D 208 -30.39 -30.93 9.41
N GLY D 209 -30.77 -31.02 10.69
CA GLY D 209 -30.27 -30.12 11.69
C GLY D 209 -31.22 -28.99 12.04
N HIS D 210 -30.67 -27.79 12.22
CA HIS D 210 -31.41 -26.61 12.66
C HIS D 210 -31.79 -25.72 11.50
N THR D 211 -32.16 -26.32 10.36
CA THR D 211 -32.39 -25.56 9.14
C THR D 211 -33.46 -24.49 9.29
N LYS D 212 -34.39 -24.66 10.22
CA LYS D 212 -35.54 -23.75 10.34
C LYS D 212 -35.28 -22.59 11.29
N ILE D 213 -34.09 -22.45 11.85
CA ILE D 213 -33.78 -21.30 12.69
C ILE D 213 -33.46 -20.12 11.78
N PRO D 214 -34.17 -18.99 11.87
CA PRO D 214 -33.86 -17.88 10.95
C PRO D 214 -32.50 -17.27 11.24
N PHE D 215 -31.92 -16.70 10.18
CA PHE D 215 -30.65 -15.98 10.28
C PHE D 215 -30.57 -15.00 9.12
N CYS D 216 -29.64 -14.07 9.22
CA CYS D 216 -29.54 -12.98 8.27
C CYS D 216 -28.65 -13.32 7.09
N LEU D 217 -29.00 -12.78 5.92
CA LEU D 217 -28.16 -12.85 4.72
C LEU D 217 -27.21 -11.65 4.76
N GLN D 218 -26.26 -11.71 5.69
CA GLN D 218 -25.42 -10.55 5.95
C GLN D 218 -24.57 -10.19 4.74
N SER D 219 -24.10 -11.20 3.99
CA SER D 219 -23.39 -10.95 2.74
C SER D 219 -23.85 -11.83 1.60
N CYS D 220 -24.70 -12.82 1.86
CA CYS D 220 -25.21 -13.67 0.78
C CYS D 220 -26.17 -12.94 -0.14
N VAL D 221 -26.63 -11.74 0.23
CA VAL D 221 -27.53 -10.99 -0.65
C VAL D 221 -26.78 -10.28 -1.76
N LYS D 222 -25.46 -10.20 -1.69
CA LYS D 222 -24.70 -9.52 -2.74
C LYS D 222 -24.86 -10.17 -4.10
N PRO D 223 -24.75 -11.50 -4.26
CA PRO D 223 -25.04 -12.08 -5.57
C PRO D 223 -26.47 -11.85 -6.02
N LEU D 224 -27.42 -11.85 -5.08
CA LEU D 224 -28.82 -11.69 -5.45
C LEU D 224 -29.11 -10.28 -5.94
N THR D 225 -28.66 -9.27 -5.19
CA THR D 225 -28.85 -7.89 -5.63
C THR D 225 -28.05 -7.60 -6.90
N TYR D 226 -26.91 -8.28 -7.07
CA TYR D 226 -26.16 -8.15 -8.32
C TYR D 226 -26.96 -8.71 -9.48
N ALA D 227 -27.46 -9.93 -9.34
CA ALA D 227 -28.25 -10.54 -10.41
C ALA D 227 -29.49 -9.70 -10.71
N ILE D 228 -30.07 -9.09 -9.69
CA ILE D 228 -31.24 -8.24 -9.89
C ILE D 228 -30.88 -7.04 -10.76
N SER D 229 -29.73 -6.43 -10.49
CA SER D 229 -29.32 -5.25 -11.24
C SER D 229 -28.99 -5.61 -12.69
N ILE D 230 -28.27 -6.71 -12.90
CA ILE D 230 -27.90 -7.10 -14.26
C ILE D 230 -29.15 -7.43 -15.07
N SER D 231 -30.11 -8.14 -14.45
CA SER D 231 -31.30 -8.55 -15.16
C SER D 231 -32.17 -7.38 -15.60
N THR D 232 -31.99 -6.20 -15.00
CA THR D 232 -32.87 -5.06 -15.26
C THR D 232 -32.22 -3.98 -16.11
N LEU D 233 -30.92 -3.71 -15.90
CA LEU D 233 -30.24 -2.59 -16.53
C LEU D 233 -29.23 -2.99 -17.60
N GLY D 234 -28.82 -4.24 -17.64
CA GLY D 234 -27.86 -4.69 -18.64
C GLY D 234 -26.46 -4.80 -18.08
N THR D 235 -25.66 -5.67 -18.69
CA THR D 235 -24.32 -5.95 -18.18
C THR D 235 -23.41 -4.73 -18.33
N ASP D 236 -23.44 -4.09 -19.50
CA ASP D 236 -22.52 -2.98 -19.77
C ASP D 236 -22.78 -1.82 -18.83
N TYR D 237 -24.04 -1.50 -18.57
CA TYR D 237 -24.36 -0.35 -17.72
C TYR D 237 -23.88 -0.59 -16.30
N VAL D 238 -24.16 -1.76 -15.74
CA VAL D 238 -23.83 -2.02 -14.34
C VAL D 238 -22.33 -2.01 -14.13
N HIS D 239 -21.59 -2.75 -14.95
CA HIS D 239 -20.15 -2.87 -14.77
C HIS D 239 -19.39 -1.61 -15.18
N LYS D 240 -20.06 -0.65 -15.81
CA LYS D 240 -19.46 0.65 -16.02
C LYS D 240 -19.19 1.37 -14.70
N PHE D 241 -19.90 0.99 -13.64
CA PHE D 241 -19.75 1.60 -12.32
C PHE D 241 -19.00 0.73 -11.32
N VAL D 242 -18.93 -0.57 -11.54
CA VAL D 242 -18.27 -1.50 -10.62
C VAL D 242 -17.44 -2.48 -11.45
N GLY D 243 -16.22 -2.73 -11.00
CA GLY D 243 -15.34 -3.66 -11.68
C GLY D 243 -15.90 -5.08 -11.61
N LYS D 244 -15.12 -6.00 -12.17
CA LYS D 244 -15.53 -7.40 -12.24
C LYS D 244 -14.37 -8.35 -11.96
N GLU D 245 -13.39 -7.92 -11.16
CA GLU D 245 -12.20 -8.69 -10.88
C GLU D 245 -11.96 -8.77 -9.37
N PRO D 246 -11.31 -9.83 -8.89
CA PRO D 246 -11.10 -9.96 -7.45
C PRO D 246 -10.18 -8.86 -6.92
N SER D 247 -10.40 -8.49 -5.66
CA SER D 247 -9.66 -7.39 -5.04
C SER D 247 -8.35 -7.85 -4.41
N GLY D 248 -8.36 -8.95 -3.67
CA GLY D 248 -7.20 -9.46 -2.99
C GLY D 248 -7.10 -9.05 -1.54
N LEU D 249 -7.81 -8.00 -1.14
CA LEU D 249 -7.91 -7.61 0.25
C LEU D 249 -9.16 -8.25 0.87
N ARG D 250 -9.44 -7.91 2.12
CA ARG D 250 -10.60 -8.46 2.80
C ARG D 250 -11.87 -7.88 2.19
N TYR D 251 -13.02 -8.26 2.75
CA TYR D 251 -14.28 -7.75 2.23
C TYR D 251 -14.51 -6.29 2.60
N ASN D 252 -13.89 -5.80 3.67
CA ASN D 252 -13.95 -4.38 3.99
C ASN D 252 -13.33 -3.58 2.85
N ALA D 253 -12.01 -3.74 2.67
CA ALA D 253 -11.29 -3.27 1.49
C ALA D 253 -11.64 -1.82 1.13
N LEU D 254 -11.24 -0.93 2.03
CA LEU D 254 -11.45 0.50 1.78
C LEU D 254 -10.49 0.97 0.70
N SER D 255 -10.68 0.49 -0.52
CA SER D 255 -9.76 0.76 -1.62
C SER D 255 -10.46 0.48 -2.93
N LEU D 256 -9.92 1.06 -4.00
CA LEU D 256 -10.45 0.92 -5.35
C LEU D 256 -9.35 0.51 -6.31
N ASN D 257 -9.74 -0.01 -7.47
CA ASN D 257 -8.78 -0.47 -8.46
C ASN D 257 -8.18 0.73 -9.20
N GLU D 258 -7.42 0.45 -10.26
CA GLU D 258 -6.78 1.53 -11.00
C GLU D 258 -7.81 2.43 -11.68
N GLU D 259 -8.88 1.83 -12.22
CA GLU D 259 -9.88 2.59 -12.95
C GLU D 259 -10.66 3.55 -12.06
N GLY D 260 -10.56 3.44 -10.75
CA GLY D 260 -11.31 4.30 -9.85
C GLY D 260 -12.68 3.78 -9.48
N ILE D 261 -12.94 2.49 -9.65
CA ILE D 261 -14.22 1.88 -9.33
C ILE D 261 -13.95 0.67 -8.45
N PRO D 262 -14.96 0.19 -7.71
CA PRO D 262 -14.73 -0.99 -6.86
C PRO D 262 -14.32 -2.20 -7.68
N HIS D 263 -13.55 -3.07 -7.04
CA HIS D 263 -12.93 -4.19 -7.74
C HIS D 263 -13.98 -5.12 -8.34
N ASN D 264 -15.03 -5.43 -7.58
CA ASN D 264 -16.00 -6.44 -7.97
C ASN D 264 -17.30 -6.18 -7.22
N PRO D 265 -18.41 -6.77 -7.66
CA PRO D 265 -19.69 -6.54 -6.97
C PRO D 265 -19.87 -7.34 -5.68
N MET D 266 -18.82 -7.99 -5.16
CA MET D 266 -18.92 -8.80 -3.97
C MET D 266 -18.25 -8.19 -2.75
N VAL D 267 -17.28 -7.30 -2.93
CA VAL D 267 -16.68 -6.61 -1.79
C VAL D 267 -17.67 -5.55 -1.30
N ASN D 268 -17.46 -5.06 -0.08
CA ASN D 268 -18.40 -4.13 0.50
C ASN D 268 -18.51 -2.85 -0.33
N ALA D 269 -17.41 -2.42 -0.93
CA ALA D 269 -17.46 -1.23 -1.77
C ALA D 269 -18.30 -1.45 -3.02
N GLY D 270 -18.26 -2.64 -3.59
CA GLY D 270 -19.03 -2.94 -4.77
C GLY D 270 -20.48 -3.29 -4.47
N ALA D 271 -20.73 -3.87 -3.29
CA ALA D 271 -22.10 -4.19 -2.93
C ALA D 271 -22.92 -2.93 -2.73
N ILE D 272 -22.28 -1.84 -2.31
CA ILE D 272 -22.99 -0.57 -2.15
C ILE D 272 -23.35 0.00 -3.50
N VAL D 273 -22.44 -0.09 -4.47
CA VAL D 273 -22.68 0.52 -5.78
C VAL D 273 -23.79 -0.21 -6.52
N VAL D 274 -23.77 -1.54 -6.51
CA VAL D 274 -24.87 -2.28 -7.13
C VAL D 274 -26.18 -2.00 -6.41
N SER D 275 -26.15 -1.84 -5.09
CA SER D 275 -27.35 -1.43 -4.37
C SER D 275 -27.75 0.01 -4.72
N SER D 276 -26.79 0.83 -5.15
CA SER D 276 -27.12 2.19 -5.57
C SER D 276 -27.83 2.21 -6.92
N LEU D 277 -27.65 1.16 -7.73
CA LEU D 277 -28.17 1.15 -9.09
C LEU D 277 -29.60 0.66 -9.19
N ILE D 278 -30.21 0.22 -8.09
CA ILE D 278 -31.54 -0.39 -8.14
C ILE D 278 -32.58 0.71 -7.98
N LYS D 279 -33.10 1.18 -9.12
CA LYS D 279 -34.24 2.10 -9.14
C LYS D 279 -33.90 3.37 -8.35
N MET D 280 -32.91 4.10 -8.86
CA MET D 280 -32.34 5.23 -8.13
C MET D 280 -33.25 6.45 -8.09
N ASP D 281 -34.35 6.46 -8.84
CA ASP D 281 -35.22 7.63 -8.93
C ASP D 281 -36.49 7.51 -8.09
N CYS D 282 -36.54 6.55 -7.16
CA CYS D 282 -37.69 6.34 -6.30
C CYS D 282 -37.28 6.47 -4.84
N ASN D 283 -38.26 6.31 -3.94
CA ASN D 283 -38.06 6.51 -2.51
C ASN D 283 -37.66 5.19 -1.85
N LYS D 284 -37.33 5.30 -0.55
CA LYS D 284 -36.70 4.18 0.15
C LYS D 284 -37.64 2.97 0.24
N ALA D 285 -38.93 3.21 0.48
CA ALA D 285 -39.86 2.10 0.61
C ALA D 285 -39.95 1.29 -0.67
N GLU D 286 -40.00 1.97 -1.82
CA GLU D 286 -40.09 1.26 -3.09
C GLU D 286 -38.79 0.51 -3.40
N LYS D 287 -37.65 1.10 -3.05
CA LYS D 287 -36.37 0.46 -3.35
C LYS D 287 -36.26 -0.89 -2.67
N PHE D 288 -36.56 -0.96 -1.38
CA PHE D 288 -36.52 -2.24 -0.69
C PHE D 288 -37.59 -3.19 -1.19
N ASP D 289 -38.78 -2.68 -1.50
CA ASP D 289 -39.86 -3.55 -1.95
C ASP D 289 -39.55 -4.14 -3.32
N PHE D 290 -38.88 -3.39 -4.19
CA PHE D 290 -38.50 -3.91 -5.50
C PHE D 290 -37.53 -5.08 -5.35
N VAL D 291 -36.53 -4.94 -4.48
CA VAL D 291 -35.57 -6.01 -4.27
C VAL D 291 -36.22 -7.18 -3.55
N LEU D 292 -37.03 -6.89 -2.54
CA LEU D 292 -37.67 -7.96 -1.78
C LEU D 292 -38.62 -8.77 -2.66
N GLN D 293 -39.22 -8.14 -3.67
CA GLN D 293 -40.16 -8.84 -4.52
C GLN D 293 -39.48 -9.96 -5.31
N TYR D 294 -38.29 -9.71 -5.85
CA TYR D 294 -37.58 -10.74 -6.57
C TYR D 294 -37.00 -11.79 -5.62
N LEU D 295 -36.54 -11.36 -4.45
CA LEU D 295 -36.00 -12.32 -3.49
C LEU D 295 -37.06 -13.31 -3.04
N ASN D 296 -38.29 -12.84 -2.85
CA ASN D 296 -39.38 -13.75 -2.53
C ASN D 296 -39.62 -14.74 -3.66
N LYS D 297 -39.59 -14.24 -4.91
CA LYS D 297 -39.81 -15.12 -6.05
C LYS D 297 -38.64 -16.08 -6.25
N MET D 298 -37.42 -15.65 -5.92
CA MET D 298 -36.29 -16.57 -5.96
C MET D 298 -36.50 -17.73 -5.00
N ALA D 299 -37.03 -17.44 -3.81
CA ALA D 299 -37.24 -18.44 -2.78
C ALA D 299 -38.56 -19.19 -2.94
N GLY D 300 -39.25 -19.05 -4.07
CA GLY D 300 -40.50 -19.76 -4.24
C GLY D 300 -41.54 -19.39 -3.21
N ASN D 301 -41.60 -18.12 -2.82
CA ASN D 301 -42.53 -17.64 -1.81
C ASN D 301 -42.39 -18.43 -0.50
N GLU D 302 -41.14 -18.63 -0.09
CA GLU D 302 -40.83 -19.23 1.19
C GLU D 302 -40.70 -18.14 2.25
N TYR D 303 -40.31 -18.50 3.46
CA TYR D 303 -40.17 -17.53 4.55
C TYR D 303 -39.09 -16.52 4.19
N MET D 304 -39.51 -15.27 3.97
CA MET D 304 -38.62 -14.16 3.66
C MET D 304 -38.89 -13.08 4.70
N GLY D 305 -38.10 -13.06 5.76
CA GLY D 305 -38.33 -12.21 6.90
C GLY D 305 -37.38 -11.03 6.96
N PHE D 306 -37.36 -10.41 8.13
CA PHE D 306 -36.52 -9.26 8.39
C PHE D 306 -36.20 -9.24 9.88
N SER D 307 -34.98 -8.82 10.22
CA SER D 307 -34.49 -8.82 11.60
C SER D 307 -34.04 -7.41 11.91
N ASN D 308 -34.99 -6.58 12.35
CA ASN D 308 -34.66 -5.19 12.66
C ASN D 308 -33.68 -5.09 13.83
N ALA D 309 -33.59 -6.13 14.66
CA ALA D 309 -32.56 -6.13 15.70
C ALA D 309 -31.17 -6.08 15.09
N THR D 310 -30.95 -6.83 14.01
CA THR D 310 -29.66 -6.77 13.34
C THR D 310 -29.51 -5.48 12.55
N PHE D 311 -30.57 -5.04 11.88
CA PHE D 311 -30.48 -3.83 11.06
C PHE D 311 -30.11 -2.61 11.89
N GLN D 312 -30.76 -2.45 13.05
CA GLN D 312 -30.40 -1.35 13.93
C GLN D 312 -29.03 -1.56 14.55
N SER D 313 -28.67 -2.81 14.82
CA SER D 313 -27.36 -3.10 15.37
C SER D 313 -26.27 -2.71 14.38
N GLU D 314 -26.44 -3.06 13.10
CA GLU D 314 -25.45 -2.73 12.09
C GLU D 314 -25.48 -1.26 11.73
N LYS D 315 -26.68 -0.68 11.59
CA LYS D 315 -26.78 0.72 11.18
C LYS D 315 -26.13 1.64 12.20
N GLU D 316 -26.13 1.26 13.48
CA GLU D 316 -25.53 2.07 14.53
C GLU D 316 -24.08 1.69 14.82
N THR D 317 -23.61 0.56 14.33
CA THR D 317 -22.26 0.07 14.62
C THR D 317 -21.41 -0.18 13.39
N GLY D 318 -22.02 -0.36 12.22
CA GLY D 318 -21.26 -0.66 11.02
C GLY D 318 -20.52 0.56 10.50
N ASP D 319 -19.53 1.01 11.26
CA ASP D 319 -18.83 2.24 10.90
C ASP D 319 -17.95 2.06 9.67
N ARG D 320 -17.40 0.86 9.47
CA ARG D 320 -16.55 0.62 8.31
C ARG D 320 -17.34 0.83 7.01
N ASN D 321 -18.57 0.34 6.96
CA ASN D 321 -19.39 0.53 5.78
C ASN D 321 -19.71 2.00 5.56
N TYR D 322 -19.81 2.78 6.63
CA TYR D 322 -19.95 4.23 6.47
C TYR D 322 -18.69 4.84 5.89
N ALA D 323 -17.53 4.32 6.28
CA ALA D 323 -16.27 4.82 5.73
C ALA D 323 -16.18 4.52 4.24
N ILE D 324 -16.64 3.34 3.83
CA ILE D 324 -16.60 2.99 2.41
C ILE D 324 -17.61 3.84 1.63
N GLY D 325 -18.78 4.07 2.21
CA GLY D 325 -19.78 4.87 1.53
C GLY D 325 -19.30 6.28 1.27
N TYR D 326 -18.71 6.92 2.29
CA TYR D 326 -18.20 8.26 2.11
C TYR D 326 -16.92 8.27 1.28
N TYR D 327 -16.21 7.14 1.23
CA TYR D 327 -15.05 7.05 0.34
C TYR D 327 -15.47 6.94 -1.11
N LEU D 328 -16.51 6.15 -1.39
CA LEU D 328 -17.00 6.04 -2.76
C LEU D 328 -17.60 7.35 -3.24
N LYS D 329 -18.36 8.03 -2.38
CA LYS D 329 -18.97 9.30 -2.77
C LYS D 329 -17.91 10.34 -3.09
N GLU D 330 -16.77 10.27 -2.42
CA GLU D 330 -15.69 11.23 -2.66
C GLU D 330 -14.99 10.97 -3.98
N LYS D 331 -15.04 9.73 -4.47
CA LYS D 331 -14.37 9.35 -5.71
C LYS D 331 -15.33 9.34 -6.91
N LYS D 332 -16.54 9.88 -6.76
CA LYS D 332 -17.50 9.95 -7.86
C LYS D 332 -17.84 8.55 -8.38
N CYS D 333 -18.08 7.64 -7.44
CA CYS D 333 -18.34 6.24 -7.77
C CYS D 333 -19.83 5.92 -7.92
N PHE D 334 -20.71 6.93 -7.85
CA PHE D 334 -22.14 6.73 -7.96
C PHE D 334 -22.68 7.46 -9.19
N PRO D 335 -23.81 7.02 -9.75
CA PRO D 335 -24.41 7.77 -10.86
C PRO D 335 -24.82 9.16 -10.42
N LYS D 336 -24.83 10.09 -11.37
CA LYS D 336 -25.15 11.48 -11.06
C LYS D 336 -26.55 11.58 -10.48
N GLY D 337 -26.71 12.43 -9.46
CA GLY D 337 -27.99 12.64 -8.83
C GLY D 337 -28.44 11.53 -7.92
N VAL D 338 -27.53 10.68 -7.45
CA VAL D 338 -27.86 9.56 -6.58
C VAL D 338 -27.27 9.83 -5.21
N ASP D 339 -28.07 9.67 -4.17
CA ASP D 339 -27.62 9.90 -2.81
C ASP D 339 -26.87 8.68 -2.28
N MET D 340 -25.78 8.92 -1.57
CA MET D 340 -25.01 7.81 -1.01
C MET D 340 -25.77 7.12 0.11
N MET D 341 -26.34 7.90 1.03
CA MET D 341 -26.93 7.32 2.23
C MET D 341 -28.11 6.42 1.88
N ALA D 342 -28.89 6.79 0.87
CA ALA D 342 -29.99 5.93 0.45
C ALA D 342 -29.48 4.58 -0.03
N ALA D 343 -28.39 4.58 -0.81
CA ALA D 343 -27.81 3.32 -1.26
C ALA D 343 -27.22 2.54 -0.09
N LEU D 344 -26.46 3.22 0.77
CA LEU D 344 -25.88 2.55 1.93
C LEU D 344 -26.97 2.01 2.85
N ASP D 345 -28.00 2.82 3.10
CA ASP D 345 -29.10 2.36 3.96
C ASP D 345 -29.81 1.16 3.35
N LEU D 346 -30.02 1.18 2.03
CA LEU D 346 -30.62 0.03 1.38
C LEU D 346 -29.74 -1.21 1.52
N TYR D 347 -28.43 -1.02 1.42
CA TYR D 347 -27.50 -2.14 1.55
C TYR D 347 -27.61 -2.77 2.93
N PHE D 348 -27.75 -1.95 3.98
CA PHE D 348 -27.94 -2.49 5.32
C PHE D 348 -29.26 -3.24 5.42
N GLN D 349 -30.30 -2.75 4.76
CA GLN D 349 -31.59 -3.43 4.81
C GLN D 349 -31.54 -4.79 4.13
N LEU D 350 -30.93 -4.85 2.94
CA LEU D 350 -30.80 -6.13 2.26
C LEU D 350 -29.96 -7.10 3.07
N CYS D 351 -28.89 -6.60 3.69
CA CYS D 351 -28.03 -7.46 4.51
C CYS D 351 -28.79 -8.04 5.68
N SER D 352 -29.83 -7.35 6.16
CA SER D 352 -30.58 -7.77 7.33
C SER D 352 -31.79 -8.63 6.99
N VAL D 353 -31.99 -8.98 5.72
CA VAL D 353 -33.09 -9.89 5.36
C VAL D 353 -32.83 -11.24 6.02
N GLU D 354 -33.87 -11.79 6.64
CA GLU D 354 -33.76 -13.00 7.46
C GLU D 354 -34.37 -14.16 6.69
N VAL D 355 -33.60 -15.24 6.55
CA VAL D 355 -34.04 -16.44 5.85
C VAL D 355 -33.59 -17.67 6.62
N THR D 356 -34.43 -18.70 6.57
CA THR D 356 -34.04 -20.02 7.01
C THR D 356 -33.21 -20.70 5.91
N CYS D 357 -32.60 -21.83 6.25
CA CYS D 357 -31.87 -22.58 5.23
C CYS D 357 -32.82 -23.09 4.16
N GLU D 358 -34.03 -23.50 4.53
CA GLU D 358 -35.02 -23.90 3.54
C GLU D 358 -35.34 -22.76 2.58
N SER D 359 -35.51 -21.55 3.10
CA SER D 359 -35.81 -20.41 2.25
C SER D 359 -34.64 -20.11 1.32
N GLY D 360 -33.41 -20.24 1.83
CA GLY D 360 -32.24 -19.88 1.03
C GLY D 360 -31.74 -21.01 0.16
N SER D 361 -32.07 -22.26 0.51
CA SER D 361 -31.66 -23.38 -0.33
C SER D 361 -32.32 -23.30 -1.70
N VAL D 362 -33.62 -22.99 -1.73
CA VAL D 362 -34.28 -22.76 -3.00
C VAL D 362 -33.80 -21.47 -3.65
N MET D 363 -33.33 -20.52 -2.84
CA MET D 363 -32.84 -19.27 -3.39
C MET D 363 -31.52 -19.47 -4.15
N ALA D 364 -30.66 -20.36 -3.66
CA ALA D 364 -29.45 -20.71 -4.37
C ALA D 364 -29.73 -21.64 -5.55
N ALA D 365 -30.69 -22.55 -5.41
CA ALA D 365 -31.01 -23.46 -6.50
C ALA D 365 -31.57 -22.72 -7.70
N THR D 366 -32.06 -21.49 -7.53
CA THR D 366 -32.45 -20.68 -8.67
C THR D 366 -31.24 -20.37 -9.55
N LEU D 367 -30.12 -20.00 -8.93
CA LEU D 367 -28.90 -19.74 -9.69
C LEU D 367 -28.40 -21.02 -10.35
N ALA D 368 -28.44 -22.14 -9.64
CA ALA D 368 -28.10 -23.41 -10.27
C ALA D 368 -29.04 -23.72 -11.42
N ASN D 369 -30.34 -23.45 -11.23
CA ASN D 369 -31.32 -23.69 -12.28
C ASN D 369 -31.31 -22.60 -13.33
N GLY D 370 -30.54 -21.52 -13.13
CA GLY D 370 -30.43 -20.48 -14.14
C GLY D 370 -31.67 -19.64 -14.27
N GLY D 371 -31.98 -18.87 -13.23
CA GLY D 371 -33.11 -17.97 -13.27
C GLY D 371 -34.45 -18.64 -13.43
N ILE D 372 -34.62 -19.82 -12.85
CA ILE D 372 -35.92 -20.49 -12.82
C ILE D 372 -36.03 -21.17 -11.45
N CYS D 373 -36.91 -20.65 -10.61
CA CYS D 373 -37.11 -21.27 -9.30
C CYS D 373 -37.67 -22.67 -9.51
N PRO D 374 -37.00 -23.73 -9.02
CA PRO D 374 -37.46 -25.08 -9.35
C PRO D 374 -38.85 -25.41 -8.87
N ILE D 375 -39.29 -24.85 -7.73
CA ILE D 375 -40.55 -25.24 -7.11
C ILE D 375 -41.68 -24.26 -7.42
N THR D 376 -41.47 -23.30 -8.34
CA THR D 376 -42.55 -22.45 -8.82
C THR D 376 -42.50 -22.18 -10.31
N GLY D 377 -41.49 -22.67 -11.03
CA GLY D 377 -41.42 -22.45 -12.45
C GLY D 377 -41.27 -21.00 -12.86
N GLU D 378 -40.85 -20.13 -11.95
CA GLU D 378 -40.70 -18.73 -12.25
C GLU D 378 -39.60 -18.52 -13.29
N SER D 379 -39.46 -17.27 -13.73
CA SER D 379 -38.42 -16.84 -14.66
C SER D 379 -37.77 -15.58 -14.14
N VAL D 380 -37.37 -15.62 -12.86
CA VAL D 380 -37.01 -14.41 -12.13
C VAL D 380 -35.84 -13.69 -12.79
N LEU D 381 -34.79 -14.43 -13.15
CA LEU D 381 -33.53 -13.85 -13.59
C LEU D 381 -33.27 -14.21 -15.05
N SER D 382 -32.70 -13.26 -15.79
CA SER D 382 -32.27 -13.54 -17.15
C SER D 382 -31.14 -14.56 -17.13
N ALA D 383 -30.97 -15.24 -18.27
CA ALA D 383 -29.92 -16.25 -18.37
C ALA D 383 -28.54 -15.63 -18.18
N GLU D 384 -28.31 -14.46 -18.77
CA GLU D 384 -27.01 -13.81 -18.64
C GLU D 384 -26.76 -13.33 -17.21
N ALA D 385 -27.80 -12.92 -16.51
CA ALA D 385 -27.62 -12.41 -15.15
C ALA D 385 -27.05 -13.47 -14.21
N VAL D 386 -27.59 -14.68 -14.28
CA VAL D 386 -27.09 -15.75 -13.44
C VAL D 386 -25.70 -16.19 -13.89
N ARG D 387 -25.46 -16.23 -15.21
CA ARG D 387 -24.14 -16.59 -15.71
C ARG D 387 -23.09 -15.63 -15.20
N ASN D 388 -23.45 -14.35 -15.06
CA ASN D 388 -22.51 -13.37 -14.49
C ASN D 388 -22.38 -13.56 -12.99
N THR D 389 -23.49 -13.80 -12.29
CA THR D 389 -23.43 -13.94 -10.84
C THR D 389 -22.57 -15.12 -10.44
N LEU D 390 -22.69 -16.25 -11.14
CA LEU D 390 -21.88 -17.41 -10.82
C LEU D 390 -20.42 -17.17 -11.19
N SER D 391 -20.17 -16.32 -12.19
CA SER D 391 -18.79 -16.01 -12.57
C SER D 391 -18.09 -15.11 -11.57
N LEU D 392 -18.83 -14.22 -10.90
CA LEU D 392 -18.27 -13.44 -9.81
C LEU D 392 -18.28 -14.21 -8.49
N MET D 393 -19.40 -14.86 -8.19
CA MET D 393 -19.51 -15.63 -6.95
C MET D 393 -18.50 -16.77 -6.90
N HIS D 394 -17.96 -17.19 -8.05
CA HIS D 394 -16.89 -18.19 -8.06
C HIS D 394 -15.57 -17.57 -7.63
N SER D 395 -15.10 -16.56 -8.36
CA SER D 395 -13.79 -15.98 -8.14
C SER D 395 -13.78 -14.90 -7.07
N CYS D 396 -14.94 -14.50 -6.56
CA CYS D 396 -15.01 -13.40 -5.59
C CYS D 396 -15.97 -13.68 -4.44
N GLY D 397 -16.61 -14.84 -4.39
CA GLY D 397 -17.68 -15.04 -3.43
C GLY D 397 -17.20 -15.06 -1.99
N MET D 398 -16.08 -15.73 -1.73
CA MET D 398 -15.59 -15.97 -0.38
C MET D 398 -14.46 -15.02 0.02
N TYR D 399 -14.24 -13.96 -0.77
CA TYR D 399 -13.24 -12.92 -0.49
C TYR D 399 -11.85 -13.53 -0.56
N ASP D 400 -11.00 -13.38 0.46
CA ASP D 400 -9.64 -13.90 0.37
C ASP D 400 -9.64 -15.41 0.24
N PHE D 401 -10.67 -16.07 0.74
CA PHE D 401 -10.75 -17.52 0.71
C PHE D 401 -11.37 -18.01 -0.60
N SER D 402 -11.46 -17.14 -1.61
CA SER D 402 -11.90 -17.58 -2.92
C SER D 402 -10.94 -18.63 -3.48
N GLY D 403 -9.63 -18.40 -3.36
CA GLY D 403 -8.69 -19.50 -3.42
C GLY D 403 -8.76 -20.31 -2.14
N GLN D 404 -8.34 -21.58 -2.24
CA GLN D 404 -8.54 -22.59 -1.19
C GLN D 404 -9.97 -23.08 -1.16
N PHE D 405 -10.87 -22.48 -1.95
CA PHE D 405 -12.21 -22.99 -2.15
C PHE D 405 -12.46 -23.35 -3.60
N ALA D 406 -12.11 -22.45 -4.53
CA ALA D 406 -12.09 -22.83 -5.93
C ALA D 406 -11.04 -23.91 -6.18
N PHE D 407 -9.96 -23.89 -5.41
CA PHE D 407 -8.93 -24.93 -5.54
C PHE D 407 -9.46 -26.27 -5.06
N HIS D 408 -10.10 -26.30 -3.89
CA HIS D 408 -10.52 -27.54 -3.27
C HIS D 408 -11.95 -27.93 -3.66
N VAL D 409 -12.87 -26.98 -3.59
CA VAL D 409 -14.28 -27.26 -3.89
C VAL D 409 -14.60 -26.98 -5.35
N GLY D 410 -14.16 -25.84 -5.87
CA GLY D 410 -14.43 -25.51 -7.26
C GLY D 410 -15.89 -25.31 -7.55
N LEU D 411 -16.62 -24.63 -6.67
CA LEU D 411 -18.03 -24.34 -6.84
C LEU D 411 -18.28 -22.86 -6.56
N PRO D 412 -19.33 -22.26 -7.15
CA PRO D 412 -19.68 -20.88 -6.79
C PRO D 412 -20.43 -20.84 -5.46
N ALA D 413 -19.79 -20.25 -4.46
CA ALA D 413 -20.37 -20.12 -3.13
C ALA D 413 -20.13 -18.71 -2.61
N LYS D 414 -20.96 -18.30 -1.66
CA LYS D 414 -20.90 -16.97 -1.09
C LYS D 414 -21.02 -17.08 0.42
N SER D 415 -20.06 -16.48 1.14
CA SER D 415 -20.04 -16.54 2.59
C SER D 415 -20.85 -15.39 3.20
N ALA D 416 -20.97 -15.43 4.51
CA ALA D 416 -21.62 -14.36 5.26
C ALA D 416 -21.18 -14.46 6.71
N VAL D 417 -21.09 -13.29 7.37
CA VAL D 417 -20.67 -13.25 8.77
C VAL D 417 -21.66 -13.90 9.71
N SER D 418 -22.87 -14.22 9.23
CA SER D 418 -23.85 -14.96 10.01
C SER D 418 -23.68 -16.47 9.89
N GLY D 419 -22.62 -16.94 9.22
CA GLY D 419 -22.37 -18.35 9.05
C GLY D 419 -22.95 -18.96 7.80
N ALA D 420 -23.72 -18.21 7.02
CA ALA D 420 -24.32 -18.76 5.82
C ALA D 420 -23.26 -19.02 4.76
N ILE D 421 -23.49 -20.07 3.97
CA ILE D 421 -22.68 -20.38 2.80
C ILE D 421 -23.62 -20.78 1.68
N LEU D 422 -23.89 -19.84 0.75
CA LEU D 422 -24.87 -20.05 -0.31
C LEU D 422 -24.24 -20.86 -1.44
N LEU D 423 -24.03 -22.14 -1.15
CA LEU D 423 -23.38 -23.02 -2.12
C LEU D 423 -24.27 -23.24 -3.33
N VAL D 424 -23.64 -23.41 -4.49
CA VAL D 424 -24.35 -23.63 -5.75
C VAL D 424 -23.64 -24.72 -6.52
N VAL D 425 -24.41 -25.66 -7.07
CA VAL D 425 -23.90 -26.71 -7.93
C VAL D 425 -24.62 -26.58 -9.27
N PRO D 426 -24.03 -25.96 -10.30
CA PRO D 426 -24.77 -25.67 -11.52
C PRO D 426 -25.36 -26.92 -12.16
N ASN D 427 -26.58 -26.79 -12.66
CA ASN D 427 -27.32 -27.84 -13.36
C ASN D 427 -27.66 -29.03 -12.46
N VAL D 428 -27.39 -28.95 -11.15
CA VAL D 428 -27.62 -30.06 -10.25
C VAL D 428 -28.53 -29.64 -9.10
N MET D 429 -28.07 -28.68 -8.29
CA MET D 429 -28.82 -28.29 -7.10
C MET D 429 -28.26 -26.98 -6.57
N GLY D 430 -28.86 -26.52 -5.47
CA GLY D 430 -28.37 -25.37 -4.73
C GLY D 430 -28.45 -25.63 -3.25
N MET D 431 -27.33 -25.51 -2.54
CA MET D 431 -27.21 -25.91 -1.16
C MET D 431 -26.85 -24.71 -0.31
N MET D 432 -27.32 -24.71 0.95
CA MET D 432 -27.00 -23.65 1.90
C MET D 432 -26.76 -24.26 3.27
N CYS D 433 -25.74 -23.76 3.94
CA CYS D 433 -25.28 -24.29 5.23
C CYS D 433 -25.25 -23.15 6.24
N LEU D 434 -25.72 -23.43 7.45
CA LEU D 434 -25.74 -22.44 8.53
C LEU D 434 -24.84 -22.93 9.66
N SER D 435 -23.82 -22.14 9.99
CA SER D 435 -22.98 -22.39 11.15
C SER D 435 -22.37 -21.07 11.61
N PRO D 436 -22.83 -20.48 12.71
CA PRO D 436 -22.41 -19.13 13.07
C PRO D 436 -20.90 -18.96 13.19
N PRO D 437 -20.20 -19.80 13.97
CA PRO D 437 -18.79 -19.46 14.29
C PRO D 437 -17.93 -19.38 13.04
N LEU D 438 -17.33 -18.21 12.84
CA LEU D 438 -16.63 -17.90 11.61
C LEU D 438 -15.21 -18.45 11.66
N ASP D 439 -14.45 -18.26 10.60
CA ASP D 439 -13.03 -18.58 10.52
C ASP D 439 -12.26 -17.27 10.41
N LYS D 440 -10.95 -17.37 10.16
CA LYS D 440 -10.10 -16.18 10.18
C LYS D 440 -10.52 -15.17 9.14
N LEU D 441 -10.85 -15.61 7.93
CA LEU D 441 -11.08 -14.72 6.80
C LEU D 441 -12.54 -14.41 6.55
N GLY D 442 -13.44 -14.76 7.47
CA GLY D 442 -14.83 -14.40 7.37
C GLY D 442 -15.75 -15.44 6.78
N ASN D 443 -15.60 -16.71 7.16
CA ASN D 443 -16.50 -17.77 6.73
C ASN D 443 -16.61 -18.81 7.83
N SER D 444 -17.70 -19.56 7.81
CA SER D 444 -17.95 -20.53 8.87
C SER D 444 -16.99 -21.71 8.76
N HIS D 445 -16.38 -22.08 9.89
CA HIS D 445 -15.44 -23.19 9.89
C HIS D 445 -16.12 -24.50 9.54
N ARG D 446 -17.29 -24.76 10.12
CA ARG D 446 -18.01 -26.00 9.84
C ARG D 446 -18.54 -26.02 8.42
N GLY D 447 -19.15 -24.91 7.98
CA GLY D 447 -19.72 -24.87 6.64
C GLY D 447 -18.68 -25.02 5.56
N THR D 448 -17.56 -24.28 5.66
CA THR D 448 -16.53 -24.37 4.64
C THR D 448 -15.86 -25.74 4.63
N SER D 449 -15.67 -26.34 5.80
CA SER D 449 -15.12 -27.69 5.85
C SER D 449 -16.13 -28.71 5.33
N PHE D 450 -17.42 -28.49 5.58
CA PHE D 450 -18.44 -29.37 5.03
C PHE D 450 -18.44 -29.32 3.51
N CYS D 451 -18.33 -28.12 2.93
CA CYS D 451 -18.30 -28.00 1.47
C CYS D 451 -17.09 -28.71 0.88
N GLN D 452 -15.93 -28.56 1.52
CA GLN D 452 -14.73 -29.25 1.04
C GLN D 452 -14.84 -30.76 1.22
N LYS D 453 -15.69 -31.20 2.15
CA LYS D 453 -15.83 -32.64 2.40
C LYS D 453 -16.83 -33.26 1.44
N LEU D 454 -17.91 -32.54 1.13
CA LEU D 454 -18.92 -33.07 0.20
C LEU D 454 -18.36 -33.21 -1.20
N VAL D 455 -17.53 -32.27 -1.65
CA VAL D 455 -17.03 -32.30 -3.02
C VAL D 455 -16.08 -33.46 -3.26
N SER D 456 -15.36 -33.91 -2.24
CA SER D 456 -14.44 -35.03 -2.40
C SER D 456 -15.15 -36.35 -2.64
N LEU D 457 -16.46 -36.41 -2.39
CA LEU D 457 -17.21 -37.67 -2.44
C LEU D 457 -18.23 -37.74 -3.57
N PHE D 458 -18.56 -36.62 -4.22
CA PHE D 458 -19.70 -36.56 -5.13
C PHE D 458 -19.34 -36.08 -6.53
N ASN D 459 -18.09 -35.71 -6.80
CA ASN D 459 -17.65 -35.29 -8.12
C ASN D 459 -18.45 -34.07 -8.58
N PHE D 460 -18.31 -32.98 -7.82
CA PHE D 460 -18.91 -31.70 -8.14
C PHE D 460 -17.87 -30.63 -8.45
N HIS D 461 -16.58 -30.92 -8.29
CA HIS D 461 -15.56 -29.94 -8.62
C HIS D 461 -15.63 -29.60 -10.10
N ASN D 462 -15.38 -28.33 -10.41
CA ASN D 462 -15.63 -27.84 -11.77
C ASN D 462 -14.75 -28.55 -12.78
N TYR D 463 -13.48 -28.79 -12.44
CA TYR D 463 -12.50 -29.40 -13.34
C TYR D 463 -12.23 -30.86 -12.97
N ASP D 464 -13.28 -31.58 -12.57
CA ASP D 464 -13.17 -33.02 -12.31
C ASP D 464 -13.33 -33.75 -13.63
N ASN D 465 -12.24 -34.35 -14.11
CA ASN D 465 -12.24 -35.02 -15.39
C ASN D 465 -13.10 -36.28 -15.36
N LEU D 466 -13.59 -36.67 -16.53
CA LEU D 466 -14.36 -37.89 -16.68
C LEU D 466 -13.44 -39.09 -16.86
N ARG D 467 -14.02 -40.29 -16.79
CA ARG D 467 -13.31 -41.54 -17.06
C ARG D 467 -12.21 -41.79 -16.04
N HIS D 468 -12.23 -41.07 -14.92
CA HIS D 468 -11.29 -41.32 -13.81
C HIS D 468 -11.98 -41.21 -12.45
N CYS D 469 -13.30 -41.15 -12.41
CA CYS D 469 -13.99 -40.96 -11.13
C CYS D 469 -13.85 -42.17 -10.23
N ALA D 470 -14.09 -43.36 -10.77
CA ALA D 470 -14.00 -44.60 -10.00
C ALA D 470 -14.93 -44.57 -8.79
N ARG D 471 -14.41 -44.21 -7.62
CA ARG D 471 -15.22 -44.26 -6.40
C ARG D 471 -16.23 -43.13 -6.33
N LYS D 472 -15.91 -41.98 -6.92
CA LYS D 472 -16.83 -40.84 -6.85
C LYS D 472 -18.14 -41.18 -7.55
N LEU D 473 -19.23 -40.63 -7.01
CA LEU D 473 -20.56 -40.94 -7.51
C LEU D 473 -20.83 -40.19 -8.82
N ASP D 474 -21.96 -40.52 -9.46
CA ASP D 474 -22.36 -39.93 -10.73
C ASP D 474 -23.87 -40.01 -10.83
N PRO D 475 -24.61 -39.02 -10.33
CA PRO D 475 -26.07 -39.19 -10.21
C PRO D 475 -26.78 -39.43 -11.52
N ARG D 476 -26.26 -38.92 -12.64
CA ARG D 476 -26.94 -39.11 -13.92
C ARG D 476 -27.02 -40.59 -14.28
N ARG D 477 -25.94 -41.34 -14.06
CA ARG D 477 -25.96 -42.77 -14.24
C ARG D 477 -24.87 -43.44 -13.40
N LEU E 69 50.20 -41.64 -85.68
CA LEU E 69 50.59 -42.34 -86.94
C LEU E 69 50.85 -41.35 -88.06
N SER E 70 49.97 -40.36 -88.19
CA SER E 70 50.14 -39.34 -89.20
C SER E 70 51.40 -38.53 -88.96
N ARG E 71 52.13 -38.26 -90.04
CA ARG E 71 53.40 -37.54 -89.99
C ARG E 71 53.15 -36.11 -90.45
N LEU E 72 53.05 -35.20 -89.48
CA LEU E 72 52.80 -33.79 -89.75
C LEU E 72 54.07 -33.00 -90.06
N GLY E 73 55.24 -33.65 -90.03
CA GLY E 73 56.47 -32.93 -90.31
C GLY E 73 56.52 -32.37 -91.72
N ASP E 74 56.01 -33.14 -92.68
CA ASP E 74 56.03 -32.68 -94.08
C ASP E 74 55.22 -31.39 -94.24
N LEU E 75 54.04 -31.32 -93.61
CA LEU E 75 53.24 -30.10 -93.69
C LEU E 75 53.84 -29.00 -92.82
N LEU E 76 54.36 -29.36 -91.65
CA LEU E 76 54.91 -28.35 -90.74
C LEU E 76 56.12 -27.66 -91.36
N PHE E 77 57.01 -28.43 -91.99
CA PHE E 77 58.23 -27.85 -92.54
C PHE E 77 57.91 -26.84 -93.64
N TYR E 78 56.96 -27.17 -94.52
CA TYR E 78 56.65 -26.30 -95.65
C TYR E 78 56.09 -24.97 -95.16
N THR E 79 55.22 -24.99 -94.16
CA THR E 79 54.59 -23.77 -93.68
C THR E 79 55.62 -22.84 -93.03
N ILE E 80 56.59 -23.40 -92.32
CA ILE E 80 57.58 -22.59 -91.63
C ILE E 80 58.38 -21.76 -92.62
N ALA E 81 58.77 -22.37 -93.74
CA ALA E 81 59.54 -21.69 -94.76
C ALA E 81 58.66 -20.66 -95.48
N GLU E 82 59.31 -19.69 -96.11
CA GLU E 82 58.61 -18.62 -96.81
C GLU E 82 58.49 -18.87 -98.31
N GLY E 83 59.35 -19.71 -98.88
CA GLY E 83 59.31 -20.04 -100.30
C GLY E 83 60.61 -19.83 -101.02
N GLN E 84 61.52 -19.06 -100.43
CA GLN E 84 62.81 -18.81 -101.05
C GLN E 84 63.74 -20.01 -100.87
N GLU E 85 64.74 -20.10 -101.75
CA GLU E 85 65.65 -21.24 -101.75
C GLU E 85 66.64 -21.21 -100.59
N ARG E 86 67.07 -20.02 -100.17
CA ARG E 86 68.06 -19.89 -99.10
C ARG E 86 67.60 -18.80 -98.13
N ILE E 87 68.10 -18.90 -96.89
CA ILE E 87 67.74 -17.96 -95.84
C ILE E 87 68.92 -17.82 -94.88
N PRO E 88 69.24 -16.62 -94.38
CA PRO E 88 70.37 -16.50 -93.47
C PRO E 88 70.11 -17.17 -92.14
N ILE E 89 71.21 -17.57 -91.48
CA ILE E 89 71.12 -18.21 -90.16
C ILE E 89 70.56 -17.23 -89.14
N HIS E 90 70.75 -15.92 -89.35
CA HIS E 90 70.31 -14.95 -88.36
C HIS E 90 68.80 -15.00 -88.14
N LYS E 91 68.03 -15.31 -89.18
CA LYS E 91 66.58 -15.34 -89.06
C LYS E 91 66.08 -16.50 -88.20
N PHE E 92 66.79 -17.63 -88.21
CA PHE E 92 66.39 -18.78 -87.40
C PHE E 92 66.73 -18.62 -85.92
N THR E 93 67.83 -17.93 -85.61
CA THR E 93 68.29 -17.88 -84.22
C THR E 93 67.27 -17.19 -83.32
N THR E 94 66.68 -16.09 -83.78
CA THR E 94 65.75 -15.34 -82.96
C THR E 94 64.43 -16.09 -82.81
N ALA E 95 63.74 -15.80 -81.72
CA ALA E 95 62.41 -16.31 -81.38
C ALA E 95 62.41 -17.78 -81.00
N LEU E 96 63.56 -18.44 -80.96
CA LEU E 96 63.64 -19.86 -80.61
C LEU E 96 63.71 -20.11 -79.12
N LYS E 97 64.40 -19.24 -78.37
CA LYS E 97 64.53 -19.43 -76.93
C LYS E 97 63.34 -18.90 -76.15
N ALA E 98 62.40 -18.22 -76.83
CA ALA E 98 61.30 -17.59 -76.11
C ALA E 98 60.34 -18.61 -75.53
N THR E 99 60.37 -19.85 -76.03
CA THR E 99 59.44 -20.88 -75.58
C THR E 99 59.81 -21.46 -74.21
N GLY E 100 60.87 -20.96 -73.57
CA GLY E 100 61.26 -21.38 -72.24
C GLY E 100 62.20 -22.57 -72.19
N LEU E 101 61.87 -23.63 -72.92
CA LEU E 101 62.69 -24.83 -72.89
C LEU E 101 64.10 -24.53 -73.40
N GLN E 102 65.07 -24.62 -72.50
CA GLN E 102 66.47 -24.42 -72.88
C GLN E 102 66.95 -25.57 -73.75
N THR E 103 67.90 -25.27 -74.63
CA THR E 103 68.42 -26.24 -75.60
C THR E 103 69.28 -27.31 -74.95
N SER E 104 69.63 -27.18 -73.67
CA SER E 104 70.56 -28.10 -73.02
C SER E 104 69.87 -29.29 -72.38
N ASP E 105 68.61 -29.56 -72.70
CA ASP E 105 67.93 -30.70 -72.14
C ASP E 105 68.59 -31.99 -72.63
N PRO E 106 68.95 -32.93 -71.74
CA PRO E 106 69.51 -34.20 -72.24
C PRO E 106 68.59 -34.96 -73.17
N ARG E 107 67.27 -34.78 -73.07
CA ARG E 107 66.35 -35.57 -73.89
C ARG E 107 66.57 -35.35 -75.37
N LEU E 108 66.76 -34.09 -75.77
CA LEU E 108 66.96 -33.72 -77.18
C LEU E 108 68.43 -33.44 -77.50
N ARG E 109 69.35 -33.84 -76.63
CA ARG E 109 70.77 -33.57 -76.88
C ARG E 109 71.26 -34.32 -78.11
N ASP E 110 70.75 -35.53 -78.35
CA ASP E 110 71.21 -36.32 -79.49
C ASP E 110 70.95 -35.60 -80.80
N CYS E 111 69.77 -34.99 -80.95
CA CYS E 111 69.47 -34.24 -82.17
C CYS E 111 70.41 -33.05 -82.33
N MET E 112 70.68 -32.33 -81.23
CA MET E 112 71.55 -31.17 -81.31
C MET E 112 72.98 -31.56 -81.65
N SER E 113 73.42 -32.73 -81.17
CA SER E 113 74.80 -33.15 -81.40
C SER E 113 75.09 -33.34 -82.89
N GLU E 114 74.16 -33.95 -83.63
CA GLU E 114 74.39 -34.18 -85.05
C GLU E 114 74.47 -32.87 -85.82
N MET E 115 73.77 -31.84 -85.35
CA MET E 115 73.76 -30.56 -86.07
C MET E 115 75.13 -29.90 -86.05
N HIS E 116 75.97 -30.23 -85.06
CA HIS E 116 77.26 -29.57 -84.94
C HIS E 116 78.29 -30.17 -85.91
N ARG E 117 78.15 -31.46 -86.21
CA ARG E 117 79.15 -32.15 -87.03
C ARG E 117 78.98 -31.91 -88.53
N VAL E 118 77.84 -31.38 -88.97
CA VAL E 118 77.62 -31.16 -90.39
C VAL E 118 78.17 -29.82 -90.86
N VAL E 119 78.57 -28.94 -89.93
CA VAL E 119 78.95 -27.59 -90.30
C VAL E 119 80.24 -27.54 -91.09
N GLN E 120 81.25 -28.35 -90.73
CA GLN E 120 82.58 -28.17 -91.29
C GLN E 120 82.62 -28.56 -92.75
N GLU E 121 82.35 -29.84 -93.06
CA GLU E 121 82.44 -30.38 -94.41
C GLU E 121 81.04 -30.80 -94.87
N SER E 122 80.38 -29.90 -95.60
CA SER E 122 79.12 -30.22 -96.26
C SER E 122 79.04 -29.71 -97.69
N SER E 123 79.95 -28.85 -98.12
CA SER E 123 80.02 -28.31 -99.48
C SER E 123 78.88 -27.34 -99.80
N SER E 124 78.01 -27.05 -98.84
CA SER E 124 76.90 -26.12 -99.04
C SER E 124 76.90 -25.05 -97.96
N GLY E 125 77.20 -25.43 -96.73
CA GLY E 125 77.29 -24.49 -95.63
C GLY E 125 76.02 -23.73 -95.35
N GLY E 126 74.97 -24.44 -94.90
CA GLY E 126 73.74 -23.80 -94.47
C GLY E 126 72.48 -24.37 -95.08
N LEU E 127 72.54 -25.60 -95.59
CA LEU E 127 71.39 -26.29 -96.14
C LEU E 127 71.02 -27.47 -95.26
N LEU E 128 69.73 -27.61 -94.99
CA LEU E 128 69.21 -28.66 -94.11
C LEU E 128 68.52 -29.77 -94.90
N ASP E 129 67.60 -29.41 -95.79
CA ASP E 129 66.82 -30.37 -96.58
C ASP E 129 65.83 -31.10 -95.68
N ARG E 130 64.65 -31.41 -96.22
CA ARG E 130 63.61 -32.04 -95.41
C ARG E 130 63.80 -33.56 -95.37
N ASP E 131 64.26 -34.16 -96.46
CA ASP E 131 64.34 -35.62 -96.52
C ASP E 131 65.32 -36.17 -95.48
N LEU E 132 66.54 -35.63 -95.45
CA LEU E 132 67.54 -36.15 -94.52
C LEU E 132 67.18 -35.85 -93.07
N PHE E 133 66.67 -34.65 -92.80
CA PHE E 133 66.35 -34.29 -91.42
C PHE E 133 65.23 -35.15 -90.85
N ARG E 134 64.21 -35.44 -91.66
CA ARG E 134 63.05 -36.19 -91.15
C ARG E 134 63.44 -37.59 -90.73
N LYS E 135 64.29 -38.26 -91.52
CA LYS E 135 64.64 -39.65 -91.22
C LYS E 135 65.37 -39.77 -89.89
N CYS E 136 66.36 -38.91 -89.65
CA CYS E 136 67.15 -39.01 -88.43
C CYS E 136 66.31 -38.62 -87.21
N VAL E 137 65.60 -37.49 -87.28
CA VAL E 137 64.72 -37.07 -86.19
C VAL E 137 63.32 -37.58 -86.46
N SER E 138 62.99 -38.76 -85.93
CA SER E 138 61.71 -39.41 -86.17
C SER E 138 60.91 -39.62 -84.89
N SER E 139 61.52 -40.13 -83.83
CA SER E 139 60.80 -40.54 -82.64
C SER E 139 60.60 -39.41 -81.64
N ASN E 140 61.61 -38.57 -81.45
CA ASN E 140 61.59 -37.52 -80.43
C ASN E 140 61.09 -36.19 -80.97
N ILE E 141 60.60 -36.17 -82.21
CA ILE E 141 60.12 -34.93 -82.80
C ILE E 141 58.84 -34.47 -82.12
N VAL E 142 58.02 -35.41 -81.62
CA VAL E 142 56.68 -35.09 -81.14
C VAL E 142 56.75 -34.14 -79.95
N LEU E 143 57.76 -34.28 -79.10
CA LEU E 143 57.82 -33.47 -77.89
C LEU E 143 57.94 -31.99 -78.23
N LEU E 144 58.75 -31.65 -79.23
CA LEU E 144 58.87 -30.25 -79.63
C LEU E 144 57.55 -29.73 -80.18
N THR E 145 56.74 -30.60 -80.77
CA THR E 145 55.43 -30.19 -81.25
C THR E 145 54.54 -29.77 -80.09
N GLN E 146 54.58 -30.52 -78.98
CA GLN E 146 53.79 -30.15 -77.81
C GLN E 146 54.19 -28.79 -77.27
N ALA E 147 55.46 -28.42 -77.43
CA ALA E 147 55.93 -27.14 -76.91
C ALA E 147 55.43 -25.98 -77.77
N PHE E 148 55.47 -26.14 -79.09
CA PHE E 148 55.15 -25.04 -80.00
C PHE E 148 53.67 -24.90 -80.28
N ARG E 149 52.86 -25.90 -79.92
CA ARG E 149 51.42 -25.81 -80.08
C ARG E 149 50.72 -25.20 -78.87
N LYS E 150 51.47 -24.61 -77.94
CA LYS E 150 50.91 -24.00 -76.73
C LYS E 150 50.08 -25.01 -75.94
N LYS E 151 50.59 -26.24 -75.87
CA LYS E 151 49.96 -27.31 -75.10
C LYS E 151 50.52 -27.40 -73.69
N PHE E 152 51.51 -26.58 -73.34
CA PHE E 152 52.07 -26.62 -72.00
C PHE E 152 51.08 -26.10 -70.96
N VAL E 153 51.38 -26.37 -69.69
CA VAL E 153 50.56 -25.88 -68.59
C VAL E 153 50.69 -24.37 -68.42
N ILE E 154 51.74 -23.76 -68.98
CA ILE E 154 51.94 -22.32 -68.88
C ILE E 154 52.17 -21.75 -70.28
N PRO E 155 51.11 -21.44 -71.04
CA PRO E 155 51.31 -20.71 -72.30
C PRO E 155 51.72 -19.27 -72.05
N ASP E 156 51.84 -18.49 -73.12
CA ASP E 156 52.22 -17.07 -73.08
C ASP E 156 53.30 -16.80 -72.05
N PHE E 157 54.38 -17.57 -72.14
CA PHE E 157 55.47 -17.49 -71.17
C PHE E 157 56.07 -16.10 -71.08
N GLU E 158 55.99 -15.30 -72.15
CA GLU E 158 56.57 -13.96 -72.12
C GLU E 158 55.90 -13.08 -71.08
N GLU E 159 54.57 -13.15 -70.98
CA GLU E 159 53.88 -12.38 -69.96
C GLU E 159 54.11 -12.98 -68.58
N PHE E 160 54.12 -14.31 -68.47
CA PHE E 160 54.35 -14.94 -67.18
C PHE E 160 55.74 -14.63 -66.64
N THR E 161 56.76 -14.74 -67.48
CA THR E 161 58.12 -14.43 -67.03
C THR E 161 58.28 -12.94 -66.79
N GLY E 162 57.59 -12.10 -67.55
CA GLY E 162 57.63 -10.67 -67.30
C GLY E 162 57.11 -10.31 -65.92
N HIS E 163 56.02 -10.97 -65.51
CA HIS E 163 55.49 -10.75 -64.16
C HIS E 163 56.50 -11.18 -63.11
N VAL E 164 57.17 -12.31 -63.33
CA VAL E 164 58.14 -12.81 -62.36
C VAL E 164 59.28 -11.81 -62.20
N ASP E 165 59.76 -11.26 -63.31
CA ASP E 165 60.85 -10.30 -63.25
C ASP E 165 60.45 -9.05 -62.48
N ARG E 166 59.23 -8.55 -62.73
CA ARG E 166 58.80 -7.33 -62.07
C ARG E 166 58.72 -7.50 -60.55
N ILE E 167 58.18 -8.63 -60.10
CA ILE E 167 58.10 -8.89 -58.66
C ILE E 167 59.50 -9.04 -58.08
N PHE E 168 60.42 -9.62 -58.85
CA PHE E 168 61.80 -9.75 -58.39
C PHE E 168 62.41 -8.38 -58.12
N GLU E 169 62.18 -7.42 -59.01
CA GLU E 169 62.65 -6.06 -58.77
C GLU E 169 61.96 -5.44 -57.56
N ASP E 170 60.65 -5.67 -57.42
CA ASP E 170 59.91 -5.06 -56.32
C ASP E 170 60.42 -5.56 -54.97
N VAL E 171 60.74 -6.85 -54.87
CA VAL E 171 61.26 -7.41 -53.63
C VAL E 171 62.67 -6.88 -53.35
N LYS E 172 63.42 -6.54 -54.40
CA LYS E 172 64.83 -6.23 -54.22
C LYS E 172 65.06 -5.01 -53.34
N GLU E 173 64.06 -4.15 -53.16
CA GLU E 173 64.22 -3.00 -52.28
C GLU E 173 64.24 -3.41 -50.82
N LEU E 174 63.43 -4.40 -50.45
CA LEU E 174 63.33 -4.81 -49.06
C LEU E 174 64.59 -5.54 -48.61
N THR E 175 64.99 -5.31 -47.35
CA THR E 175 66.13 -5.97 -46.74
C THR E 175 65.74 -6.44 -45.34
N GLY E 176 66.19 -7.64 -44.98
CA GLY E 176 65.88 -8.21 -43.68
C GLY E 176 67.02 -8.02 -42.69
N GLY E 177 67.64 -9.12 -42.30
CA GLY E 177 68.76 -9.07 -41.38
C GLY E 177 69.05 -10.42 -40.80
N LYS E 178 70.06 -10.44 -39.91
CA LYS E 178 70.44 -11.64 -39.16
C LYS E 178 70.75 -12.80 -40.12
N VAL E 179 71.80 -12.59 -40.91
CA VAL E 179 72.15 -13.56 -41.96
C VAL E 179 72.41 -14.94 -41.36
N ALA E 180 73.16 -15.00 -40.25
CA ALA E 180 73.37 -16.27 -39.58
C ALA E 180 73.85 -16.06 -38.14
N ALA E 181 73.04 -16.48 -37.16
CA ALA E 181 73.46 -16.37 -35.77
C ALA E 181 74.65 -17.27 -35.49
N TYR E 182 74.65 -18.49 -36.06
CA TYR E 182 75.70 -19.48 -35.81
C TYR E 182 76.21 -20.03 -37.14
N ILE E 183 77.04 -21.06 -37.09
CA ILE E 183 77.76 -21.53 -38.28
C ILE E 183 78.53 -20.33 -38.85
N PRO E 184 79.63 -19.92 -38.22
CA PRO E 184 80.35 -18.72 -38.68
C PRO E 184 80.61 -18.65 -40.17
N GLN E 185 80.67 -19.78 -40.88
CA GLN E 185 80.91 -19.73 -42.32
C GLN E 185 79.77 -19.03 -43.05
N LEU E 186 78.52 -19.23 -42.61
CA LEU E 186 77.39 -18.55 -43.23
C LEU E 186 77.43 -17.04 -43.00
N ALA E 187 78.08 -16.59 -41.93
CA ALA E 187 78.11 -15.16 -41.62
C ALA E 187 78.91 -14.36 -42.64
N LYS E 188 79.74 -15.01 -43.45
CA LYS E 188 80.56 -14.31 -44.44
C LYS E 188 79.83 -14.06 -45.75
N SER E 189 78.63 -14.63 -45.93
CA SER E 189 77.89 -14.42 -47.17
C SER E 189 77.39 -13.00 -47.27
N ASN E 190 77.47 -12.42 -48.46
CA ASN E 190 77.08 -11.03 -48.66
C ASN E 190 75.56 -10.88 -48.50
N PRO E 191 75.08 -9.96 -47.65
CA PRO E 191 73.62 -9.78 -47.56
C PRO E 191 72.96 -9.37 -48.86
N ASP E 192 73.67 -8.67 -49.75
CA ASP E 192 73.07 -8.05 -50.92
C ASP E 192 72.83 -9.02 -52.07
N LEU E 193 72.92 -10.33 -51.84
CA LEU E 193 72.73 -11.33 -52.88
C LEU E 193 71.26 -11.75 -52.90
N TRP E 194 70.66 -11.75 -54.09
CA TRP E 194 69.22 -12.01 -54.21
C TRP E 194 68.91 -12.45 -55.62
N GLY E 195 68.42 -13.67 -55.78
CA GLY E 195 68.08 -14.20 -57.08
C GLY E 195 67.15 -15.38 -56.97
N VAL E 196 66.37 -15.61 -58.03
CA VAL E 196 65.34 -16.64 -58.05
C VAL E 196 65.39 -17.37 -59.38
N SER E 197 64.87 -18.60 -59.38
CA SER E 197 64.76 -19.40 -60.57
C SER E 197 63.55 -20.32 -60.44
N LEU E 198 63.04 -20.79 -61.58
CA LEU E 198 61.85 -21.62 -61.60
C LEU E 198 61.92 -22.59 -62.76
N CYS E 199 61.32 -23.76 -62.56
CA CYS E 199 61.29 -24.82 -63.56
C CYS E 199 59.90 -25.43 -63.56
N THR E 200 59.19 -25.30 -64.68
CA THR E 200 57.82 -25.76 -64.80
C THR E 200 57.81 -27.28 -64.85
N VAL E 201 56.64 -27.87 -64.56
CA VAL E 201 56.51 -29.32 -64.45
C VAL E 201 56.92 -30.03 -65.75
N ASP E 202 56.93 -29.33 -66.88
CA ASP E 202 57.37 -29.92 -68.13
C ASP E 202 58.81 -29.55 -68.50
N GLY E 203 59.49 -28.77 -67.67
CA GLY E 203 60.84 -28.32 -67.93
C GLY E 203 60.94 -26.87 -68.37
N GLN E 204 59.83 -26.24 -68.74
CA GLN E 204 59.84 -24.84 -69.09
C GLN E 204 60.34 -24.01 -67.92
N ARG E 205 61.49 -23.37 -68.08
CA ARG E 205 62.22 -22.84 -66.94
C ARG E 205 62.80 -21.47 -67.26
N HIS E 206 62.95 -20.66 -66.21
CA HIS E 206 63.44 -19.29 -66.31
C HIS E 206 64.32 -19.00 -65.10
N SER E 207 65.22 -18.04 -65.26
CA SER E 207 66.13 -17.64 -64.20
C SER E 207 66.41 -16.16 -64.30
N VAL E 208 66.60 -15.52 -63.15
CA VAL E 208 66.89 -14.08 -63.08
C VAL E 208 67.59 -13.79 -61.76
N GLY E 209 68.52 -12.83 -61.80
CA GLY E 209 69.20 -12.39 -60.61
C GLY E 209 70.55 -13.06 -60.38
N HIS E 210 70.84 -13.41 -59.13
CA HIS E 210 72.08 -14.08 -58.76
C HIS E 210 71.92 -15.60 -58.75
N THR E 211 71.10 -16.13 -59.64
CA THR E 211 70.74 -17.55 -59.67
C THR E 211 71.94 -18.46 -59.92
N LYS E 212 73.05 -17.96 -60.43
CA LYS E 212 74.16 -18.80 -60.87
C LYS E 212 75.23 -18.99 -59.79
N ILE E 213 74.97 -18.58 -58.55
CA ILE E 213 75.91 -18.72 -57.45
C ILE E 213 75.53 -19.99 -56.67
N PRO E 214 76.48 -20.88 -56.38
CA PRO E 214 76.16 -21.99 -55.47
C PRO E 214 75.93 -21.51 -54.05
N PHE E 215 75.09 -22.25 -53.32
CA PHE E 215 74.81 -21.95 -51.93
C PHE E 215 74.48 -23.26 -51.22
N CYS E 216 74.73 -23.28 -49.91
CA CYS E 216 74.51 -24.48 -49.12
C CYS E 216 73.03 -24.85 -49.09
N LEU E 217 72.75 -26.15 -48.99
CA LEU E 217 71.40 -26.68 -48.99
C LEU E 217 70.91 -27.02 -47.59
N GLN E 218 71.30 -26.24 -46.59
CA GLN E 218 70.90 -26.52 -45.22
C GLN E 218 69.38 -26.43 -45.09
N SER E 219 68.79 -27.47 -44.51
CA SER E 219 67.37 -27.53 -44.22
C SER E 219 66.47 -27.42 -45.46
N CYS E 220 67.06 -27.52 -46.66
CA CYS E 220 66.31 -27.83 -47.87
C CYS E 220 66.53 -29.27 -48.31
N VAL E 221 67.41 -30.00 -47.61
CA VAL E 221 67.57 -31.44 -47.85
C VAL E 221 66.69 -32.26 -46.92
N LYS E 222 66.15 -31.68 -45.86
CA LYS E 222 65.23 -32.40 -44.99
C LYS E 222 64.03 -32.95 -45.75
N PRO E 223 63.32 -32.18 -46.58
CA PRO E 223 62.20 -32.79 -47.31
C PRO E 223 62.64 -33.82 -48.34
N LEU E 224 63.78 -33.58 -48.99
CA LEU E 224 64.25 -34.54 -49.98
C LEU E 224 64.73 -35.83 -49.31
N THR E 225 65.57 -35.72 -48.28
CA THR E 225 66.06 -36.93 -47.62
C THR E 225 64.93 -37.72 -46.98
N TYR E 226 63.85 -37.04 -46.59
CA TYR E 226 62.65 -37.77 -46.17
C TYR E 226 62.05 -38.54 -47.33
N ALA E 227 62.04 -37.93 -48.52
CA ALA E 227 61.48 -38.60 -49.69
C ALA E 227 62.32 -39.80 -50.10
N ILE E 228 63.64 -39.73 -49.87
CA ILE E 228 64.50 -40.87 -50.17
C ILE E 228 64.21 -42.01 -49.20
N SER E 229 64.11 -41.68 -47.91
CA SER E 229 63.87 -42.70 -46.90
C SER E 229 62.47 -43.29 -47.04
N ILE E 230 61.49 -42.44 -47.36
CA ILE E 230 60.10 -42.88 -47.33
C ILE E 230 59.80 -43.75 -48.55
N SER E 231 60.49 -43.53 -49.66
CA SER E 231 60.22 -44.28 -50.88
C SER E 231 60.98 -45.60 -50.94
N THR E 232 61.96 -45.80 -50.08
CA THR E 232 62.75 -47.03 -50.04
C THR E 232 62.47 -47.89 -48.81
N LEU E 233 61.67 -47.40 -47.86
CA LEU E 233 61.36 -48.14 -46.64
C LEU E 233 59.88 -48.11 -46.30
N GLY E 234 59.03 -47.53 -47.13
CA GLY E 234 57.61 -47.53 -46.88
C GLY E 234 57.18 -46.54 -45.83
N THR E 235 55.89 -46.17 -45.83
CA THR E 235 55.41 -45.18 -44.88
C THR E 235 55.32 -45.76 -43.47
N ASP E 236 54.97 -47.03 -43.35
CA ASP E 236 54.71 -47.61 -42.03
C ASP E 236 55.98 -47.79 -41.22
N TYR E 237 57.13 -47.97 -41.89
CA TYR E 237 58.37 -48.18 -41.16
C TYR E 237 58.99 -46.86 -40.72
N VAL E 238 59.00 -45.86 -41.60
CA VAL E 238 59.67 -44.60 -41.30
C VAL E 238 58.99 -43.90 -40.13
N HIS E 239 57.66 -43.85 -40.15
CA HIS E 239 56.92 -43.09 -39.15
C HIS E 239 56.72 -43.83 -37.84
N LYS E 240 57.33 -45.00 -37.67
CA LYS E 240 57.44 -45.60 -36.34
C LYS E 240 58.48 -44.89 -35.49
N PHE E 241 59.38 -44.11 -36.11
CA PHE E 241 60.45 -43.42 -35.40
C PHE E 241 60.32 -41.91 -35.43
N VAL E 242 59.46 -41.35 -36.28
CA VAL E 242 59.24 -39.91 -36.34
C VAL E 242 57.74 -39.66 -36.46
N GLY E 243 57.27 -38.61 -35.80
CA GLY E 243 55.89 -38.20 -35.91
C GLY E 243 55.63 -37.53 -37.23
N LYS E 244 54.41 -36.98 -37.35
CA LYS E 244 54.00 -36.29 -38.57
C LYS E 244 53.17 -35.05 -38.27
N GLU E 245 53.44 -34.38 -37.15
CA GLU E 245 52.68 -33.21 -36.73
C GLU E 245 53.61 -32.05 -36.43
N PRO E 246 53.15 -30.80 -36.59
CA PRO E 246 54.00 -29.67 -36.24
C PRO E 246 54.18 -29.55 -34.74
N SER E 247 55.30 -28.95 -34.34
CA SER E 247 55.65 -28.79 -32.94
C SER E 247 55.50 -27.37 -32.42
N GLY E 248 55.78 -26.37 -33.25
CA GLY E 248 55.71 -24.99 -32.79
C GLY E 248 56.71 -24.67 -31.71
N LEU E 249 57.92 -25.23 -31.80
CA LEU E 249 58.97 -25.01 -30.81
C LEU E 249 60.31 -24.81 -31.50
N ARG E 250 60.31 -24.01 -32.58
CA ARG E 250 61.52 -23.78 -33.36
C ARG E 250 62.01 -25.10 -33.97
N TYR E 251 63.11 -25.05 -34.72
CA TYR E 251 63.64 -26.27 -35.32
C TYR E 251 64.65 -26.98 -34.43
N ASN E 252 65.30 -26.29 -33.51
CA ASN E 252 66.21 -26.95 -32.56
C ASN E 252 65.42 -27.95 -31.72
N ALA E 253 64.51 -27.45 -30.89
CA ALA E 253 63.43 -28.26 -30.32
C ALA E 253 63.96 -29.49 -29.58
N LEU E 254 64.64 -29.24 -28.47
CA LEU E 254 64.99 -30.35 -27.58
C LEU E 254 63.75 -30.83 -26.87
N SER E 255 62.86 -31.49 -27.60
CA SER E 255 61.60 -31.98 -27.06
C SER E 255 60.98 -32.94 -28.05
N LEU E 256 60.35 -33.98 -27.53
CA LEU E 256 59.65 -34.98 -28.32
C LEU E 256 58.17 -34.96 -27.98
N ASN E 257 57.37 -35.57 -28.85
CA ASN E 257 55.92 -35.58 -28.65
C ASN E 257 55.58 -36.58 -27.55
N GLU E 258 54.29 -36.85 -27.36
CA GLU E 258 53.86 -37.66 -26.22
C GLU E 258 54.40 -39.09 -26.32
N GLU E 259 54.38 -39.67 -27.51
CA GLU E 259 54.84 -41.05 -27.68
C GLU E 259 56.36 -41.18 -27.73
N GLY E 260 57.10 -40.13 -27.41
CA GLY E 260 58.53 -40.24 -27.23
C GLY E 260 59.35 -40.29 -28.50
N ILE E 261 58.79 -39.86 -29.63
CA ILE E 261 59.51 -39.80 -30.91
C ILE E 261 59.53 -38.36 -31.37
N PRO E 262 60.47 -37.96 -32.24
CA PRO E 262 60.49 -36.57 -32.70
C PRO E 262 59.19 -36.19 -33.39
N HIS E 263 58.86 -34.90 -33.29
CA HIS E 263 57.54 -34.44 -33.73
C HIS E 263 57.31 -34.72 -35.21
N ASN E 264 58.31 -34.45 -36.04
CA ASN E 264 58.16 -34.62 -37.48
C ASN E 264 59.53 -34.56 -38.17
N PRO E 265 59.63 -34.98 -39.43
CA PRO E 265 60.94 -34.98 -40.09
C PRO E 265 61.60 -33.62 -40.21
N MET E 266 60.83 -32.52 -40.24
CA MET E 266 61.41 -31.22 -40.53
C MET E 266 62.17 -30.64 -39.34
N VAL E 267 61.73 -30.88 -38.12
CA VAL E 267 62.47 -30.42 -36.94
C VAL E 267 63.81 -31.13 -36.90
N ASN E 268 64.78 -30.54 -36.20
CA ASN E 268 66.14 -31.09 -36.21
C ASN E 268 66.17 -32.49 -35.61
N ALA E 269 65.42 -32.71 -34.53
CA ALA E 269 65.41 -34.02 -33.90
C ALA E 269 64.91 -35.09 -34.87
N GLY E 270 63.86 -34.79 -35.61
CA GLY E 270 63.36 -35.74 -36.60
C GLY E 270 64.30 -35.94 -37.77
N ALA E 271 64.94 -34.86 -38.25
CA ALA E 271 65.82 -34.99 -39.40
C ALA E 271 67.00 -35.90 -39.10
N ILE E 272 67.51 -35.86 -37.87
CA ILE E 272 68.59 -36.77 -37.49
C ILE E 272 68.12 -38.21 -37.56
N VAL E 273 66.90 -38.48 -37.08
CA VAL E 273 66.38 -39.84 -37.12
C VAL E 273 66.19 -40.30 -38.56
N VAL E 274 65.63 -39.43 -39.40
CA VAL E 274 65.37 -39.80 -40.79
C VAL E 274 66.68 -40.10 -41.52
N SER E 275 67.70 -39.27 -41.30
CA SER E 275 68.99 -39.55 -41.92
C SER E 275 69.60 -40.83 -41.38
N SER E 276 69.21 -41.25 -40.17
CA SER E 276 69.71 -42.50 -39.62
C SER E 276 69.12 -43.70 -40.36
N LEU E 277 67.89 -43.59 -40.84
CA LEU E 277 67.21 -44.70 -41.48
C LEU E 277 67.78 -45.08 -42.84
N ILE E 278 68.66 -44.25 -43.41
CA ILE E 278 69.12 -44.44 -44.78
C ILE E 278 70.32 -45.38 -44.75
N LYS E 279 70.06 -46.67 -44.99
CA LYS E 279 71.09 -47.69 -45.11
C LYS E 279 71.97 -47.73 -43.86
N MET E 280 71.35 -48.13 -42.76
CA MET E 280 72.04 -48.13 -41.47
C MET E 280 73.23 -49.07 -41.44
N ASP E 281 73.21 -50.13 -42.23
CA ASP E 281 74.28 -51.14 -42.21
C ASP E 281 75.46 -50.77 -43.09
N CYS E 282 75.39 -49.68 -43.84
CA CYS E 282 76.46 -49.29 -44.74
C CYS E 282 77.47 -48.42 -44.01
N ASN E 283 78.59 -48.13 -44.68
CA ASN E 283 79.61 -47.27 -44.14
C ASN E 283 79.31 -45.81 -44.47
N LYS E 284 80.13 -44.91 -43.92
CA LYS E 284 79.84 -43.48 -44.04
C LYS E 284 79.89 -43.02 -45.49
N ALA E 285 80.89 -43.47 -46.24
CA ALA E 285 81.03 -43.03 -47.62
C ALA E 285 79.85 -43.48 -48.46
N GLU E 286 79.39 -44.73 -48.26
CA GLU E 286 78.31 -45.25 -49.08
C GLU E 286 76.99 -44.51 -48.82
N LYS E 287 76.72 -44.17 -47.57
CA LYS E 287 75.44 -43.54 -47.23
C LYS E 287 75.30 -42.19 -47.92
N PHE E 288 76.32 -41.34 -47.83
CA PHE E 288 76.26 -40.05 -48.51
C PHE E 288 76.19 -40.23 -50.02
N ASP E 289 76.99 -41.16 -50.56
CA ASP E 289 76.95 -41.40 -51.99
C ASP E 289 75.59 -41.91 -52.43
N PHE E 290 74.98 -42.78 -51.63
CA PHE E 290 73.63 -43.26 -51.95
C PHE E 290 72.64 -42.12 -52.01
N VAL E 291 72.67 -41.24 -51.01
CA VAL E 291 71.71 -40.14 -50.97
C VAL E 291 72.00 -39.14 -52.08
N LEU E 292 73.29 -38.88 -52.34
CA LEU E 292 73.64 -37.89 -53.35
C LEU E 292 73.17 -38.30 -54.74
N GLN E 293 73.25 -39.60 -55.07
CA GLN E 293 72.85 -40.04 -56.40
C GLN E 293 71.38 -39.74 -56.66
N TYR E 294 70.52 -39.95 -55.66
CA TYR E 294 69.14 -39.50 -55.79
C TYR E 294 69.07 -38.00 -56.03
N LEU E 295 69.77 -37.22 -55.20
CA LEU E 295 69.73 -35.78 -55.33
C LEU E 295 70.26 -35.34 -56.69
N ASN E 296 71.25 -36.06 -57.23
CA ASN E 296 71.67 -35.80 -58.60
C ASN E 296 70.55 -36.13 -59.58
N LYS E 297 69.81 -37.22 -59.32
CA LYS E 297 68.71 -37.59 -60.20
C LYS E 297 67.55 -36.61 -60.09
N MET E 298 67.31 -36.07 -58.89
CA MET E 298 66.24 -35.08 -58.74
C MET E 298 66.50 -33.84 -59.58
N ALA E 299 67.75 -33.38 -59.61
CA ALA E 299 68.12 -32.17 -60.32
C ALA E 299 68.50 -32.42 -61.78
N GLY E 300 68.23 -33.61 -62.31
CA GLY E 300 68.57 -33.90 -63.69
C GLY E 300 70.04 -33.79 -63.98
N ASN E 301 70.89 -34.17 -63.02
CA ASN E 301 72.34 -34.08 -63.17
C ASN E 301 72.78 -32.65 -63.49
N GLU E 302 72.10 -31.68 -62.89
CA GLU E 302 72.52 -30.29 -62.96
C GLU E 302 73.66 -30.10 -61.96
N TYR E 303 74.03 -28.83 -61.70
CA TYR E 303 75.09 -28.57 -60.75
C TYR E 303 74.73 -29.14 -59.38
N MET E 304 75.68 -29.88 -58.81
CA MET E 304 75.46 -30.54 -57.51
C MET E 304 76.83 -30.70 -56.86
N GLY E 305 77.13 -29.82 -55.91
CA GLY E 305 78.43 -29.77 -55.27
C GLY E 305 78.38 -30.18 -53.81
N PHE E 306 79.42 -29.80 -53.08
CA PHE E 306 79.51 -30.07 -51.65
C PHE E 306 80.45 -29.03 -51.05
N SER E 307 79.94 -28.25 -50.10
CA SER E 307 80.71 -27.17 -49.49
C SER E 307 81.45 -27.75 -48.28
N ASN E 308 82.69 -28.19 -48.51
CA ASN E 308 83.50 -28.71 -47.40
C ASN E 308 83.75 -27.64 -46.34
N ALA E 309 83.76 -26.37 -46.71
CA ALA E 309 83.93 -25.31 -45.73
C ALA E 309 82.79 -25.31 -44.73
N THR E 310 81.56 -25.51 -45.19
CA THR E 310 80.40 -25.54 -44.32
C THR E 310 80.28 -26.85 -43.54
N PHE E 311 80.81 -27.96 -44.06
CA PHE E 311 80.77 -29.21 -43.33
C PHE E 311 81.80 -29.27 -42.21
N GLN E 312 82.99 -28.70 -42.42
CA GLN E 312 83.95 -28.59 -41.31
C GLN E 312 83.43 -27.64 -40.24
N SER E 313 82.82 -26.53 -40.63
CA SER E 313 81.94 -25.82 -39.72
C SER E 313 80.67 -26.64 -39.52
N GLU E 314 79.82 -26.20 -38.59
CA GLU E 314 78.58 -26.90 -38.23
C GLU E 314 78.86 -28.23 -37.53
N LYS E 315 80.12 -28.61 -37.37
CA LYS E 315 80.54 -29.80 -36.64
C LYS E 315 81.43 -29.48 -35.46
N GLU E 316 82.39 -28.58 -35.63
CA GLU E 316 83.14 -28.08 -34.49
C GLU E 316 82.34 -27.08 -33.67
N THR E 317 81.40 -26.37 -34.31
CA THR E 317 80.65 -25.30 -33.67
C THR E 317 79.14 -25.52 -33.68
N GLY E 318 78.64 -26.52 -34.41
CA GLY E 318 77.22 -26.83 -34.35
C GLY E 318 76.96 -27.77 -33.20
N ASP E 319 76.52 -27.22 -32.07
CA ASP E 319 76.46 -27.95 -30.81
C ASP E 319 75.04 -28.31 -30.39
N ARG E 320 74.05 -27.53 -30.80
CA ARG E 320 72.67 -27.90 -30.50
C ARG E 320 72.29 -29.21 -31.16
N ASN E 321 72.77 -29.44 -32.39
CA ASN E 321 72.50 -30.70 -33.06
C ASN E 321 73.11 -31.87 -32.30
N TYR E 322 74.31 -31.69 -31.76
CA TYR E 322 74.91 -32.74 -30.95
C TYR E 322 74.11 -33.00 -29.69
N ALA E 323 73.62 -31.93 -29.04
CA ALA E 323 72.80 -32.10 -27.86
C ALA E 323 71.50 -32.82 -28.21
N ILE E 324 70.93 -32.51 -29.37
CA ILE E 324 69.73 -33.23 -29.81
C ILE E 324 70.07 -34.68 -30.11
N GLY E 325 71.14 -34.91 -30.86
CA GLY E 325 71.51 -36.28 -31.21
C GLY E 325 71.76 -37.15 -29.99
N TYR E 326 72.50 -36.63 -29.02
CA TYR E 326 72.72 -37.40 -27.79
C TYR E 326 71.42 -37.57 -27.01
N TYR E 327 70.56 -36.55 -27.02
CA TYR E 327 69.28 -36.67 -26.33
C TYR E 327 68.43 -37.79 -26.93
N LEU E 328 68.44 -37.91 -28.26
CA LEU E 328 67.70 -38.99 -28.89
C LEU E 328 68.28 -40.35 -28.53
N LYS E 329 69.61 -40.43 -28.37
CA LYS E 329 70.24 -41.69 -27.99
C LYS E 329 69.77 -42.13 -26.61
N GLU E 330 69.61 -41.18 -25.68
CA GLU E 330 69.13 -41.52 -24.35
C GLU E 330 67.73 -42.10 -24.39
N LYS E 331 66.86 -41.55 -25.24
CA LYS E 331 65.47 -41.97 -25.32
C LYS E 331 65.28 -43.26 -26.11
N LYS E 332 66.34 -43.79 -26.72
CA LYS E 332 66.27 -45.04 -27.47
C LYS E 332 65.27 -44.94 -28.61
N CYS E 333 65.18 -43.76 -29.22
CA CYS E 333 64.31 -43.52 -30.37
C CYS E 333 65.08 -43.60 -31.69
N PHE E 334 66.13 -44.41 -31.72
CA PHE E 334 66.88 -44.72 -32.92
C PHE E 334 66.62 -46.17 -33.34
N PRO E 335 66.78 -46.51 -34.61
CA PRO E 335 66.68 -47.93 -35.00
C PRO E 335 67.74 -48.77 -34.30
N LYS E 336 67.39 -50.03 -34.04
CA LYS E 336 68.31 -50.93 -33.34
C LYS E 336 69.59 -51.09 -34.15
N GLY E 337 70.71 -51.16 -33.43
CA GLY E 337 72.00 -51.38 -34.07
C GLY E 337 72.44 -50.26 -34.99
N VAL E 338 72.29 -49.00 -34.55
CA VAL E 338 72.74 -47.85 -35.32
C VAL E 338 73.52 -46.93 -34.38
N ASP E 339 74.59 -46.34 -34.90
CA ASP E 339 75.41 -45.41 -34.15
C ASP E 339 74.86 -44.00 -34.33
N MET E 340 74.66 -43.29 -33.21
CA MET E 340 74.12 -41.94 -33.29
C MET E 340 75.04 -41.01 -34.05
N MET E 341 76.35 -41.09 -33.78
CA MET E 341 77.29 -40.15 -34.40
C MET E 341 77.34 -40.35 -35.92
N ALA E 342 77.31 -41.59 -36.39
CA ALA E 342 77.35 -41.85 -37.82
C ALA E 342 76.14 -41.26 -38.51
N ALA E 343 74.96 -41.42 -37.92
CA ALA E 343 73.75 -40.82 -38.49
C ALA E 343 73.79 -39.31 -38.36
N LEU E 344 74.25 -38.80 -37.22
CA LEU E 344 74.31 -37.35 -37.02
C LEU E 344 75.30 -36.71 -37.98
N ASP E 345 76.46 -37.33 -38.18
CA ASP E 345 77.42 -36.79 -39.14
C ASP E 345 76.83 -36.77 -40.54
N LEU E 346 76.07 -37.80 -40.90
CA LEU E 346 75.43 -37.83 -42.21
C LEU E 346 74.47 -36.66 -42.37
N TYR E 347 73.83 -36.25 -41.28
CA TYR E 347 72.92 -35.09 -41.35
C TYR E 347 73.70 -33.83 -41.69
N PHE E 348 74.88 -33.64 -41.09
CA PHE E 348 75.71 -32.49 -41.45
C PHE E 348 76.19 -32.60 -42.90
N GLN E 349 76.58 -33.81 -43.33
CA GLN E 349 77.03 -33.99 -44.70
C GLN E 349 75.92 -33.67 -45.69
N LEU E 350 74.71 -34.14 -45.42
CA LEU E 350 73.59 -33.83 -46.30
C LEU E 350 73.30 -32.34 -46.32
N CYS E 351 73.32 -31.70 -45.15
CA CYS E 351 73.03 -30.27 -45.08
C CYS E 351 74.12 -29.41 -45.72
N SER E 352 75.29 -29.98 -45.98
CA SER E 352 76.40 -29.23 -46.56
C SER E 352 76.41 -29.26 -48.08
N VAL E 353 75.53 -30.04 -48.71
CA VAL E 353 75.44 -30.03 -50.16
C VAL E 353 75.09 -28.63 -50.64
N GLU E 354 75.67 -28.24 -51.77
CA GLU E 354 75.44 -26.92 -52.36
C GLU E 354 74.84 -27.07 -53.74
N VAL E 355 73.87 -26.22 -54.04
CA VAL E 355 73.20 -26.19 -55.35
C VAL E 355 73.05 -24.74 -55.77
N THR E 356 72.95 -24.55 -57.09
CA THR E 356 72.53 -23.28 -57.64
C THR E 356 71.01 -23.24 -57.70
N CYS E 357 70.46 -22.02 -57.70
CA CYS E 357 69.01 -21.89 -57.80
C CYS E 357 68.49 -22.48 -59.09
N GLU E 358 69.31 -22.49 -60.14
CA GLU E 358 68.94 -23.21 -61.36
C GLU E 358 68.81 -24.71 -61.10
N SER E 359 69.81 -25.31 -60.48
CA SER E 359 69.73 -26.72 -60.11
C SER E 359 68.85 -26.94 -58.90
N GLY E 360 68.60 -25.90 -58.10
CA GLY E 360 67.64 -25.99 -57.01
C GLY E 360 66.19 -25.80 -57.44
N SER E 361 65.97 -25.32 -58.66
CA SER E 361 64.62 -25.21 -59.20
C SER E 361 64.14 -26.52 -59.83
N VAL E 362 65.03 -27.28 -60.46
CA VAL E 362 64.67 -28.60 -60.94
C VAL E 362 64.27 -29.48 -59.76
N MET E 363 65.06 -29.46 -58.69
CA MET E 363 64.56 -29.88 -57.39
C MET E 363 63.38 -29.00 -57.03
N ALA E 364 62.36 -29.60 -56.42
CA ALA E 364 61.11 -28.94 -56.09
C ALA E 364 60.22 -28.75 -57.32
N ALA E 365 60.75 -29.03 -58.51
CA ALA E 365 59.93 -29.25 -59.70
C ALA E 365 59.77 -30.72 -60.03
N THR E 366 60.71 -31.56 -59.58
CA THR E 366 60.51 -33.00 -59.64
C THR E 366 59.34 -33.42 -58.78
N LEU E 367 59.33 -33.00 -57.51
CA LEU E 367 58.24 -33.34 -56.60
C LEU E 367 57.04 -32.42 -56.75
N ALA E 368 57.17 -31.33 -57.51
CA ALA E 368 55.96 -30.64 -57.98
C ALA E 368 55.17 -31.55 -58.91
N ASN E 369 55.87 -32.24 -59.81
CA ASN E 369 55.26 -33.31 -60.59
C ASN E 369 55.05 -34.53 -59.70
N GLY E 370 54.59 -35.62 -60.28
CA GLY E 370 54.32 -36.82 -59.51
C GLY E 370 55.54 -37.68 -59.24
N GLY E 371 56.66 -37.05 -58.86
CA GLY E 371 57.87 -37.76 -58.54
C GLY E 371 58.82 -37.96 -59.71
N ILE E 372 58.35 -37.75 -60.93
CA ILE E 372 59.19 -37.93 -62.13
C ILE E 372 59.86 -36.61 -62.45
N CYS E 373 61.19 -36.66 -62.59
CA CYS E 373 61.94 -35.44 -62.88
C CYS E 373 61.58 -34.95 -64.28
N PRO E 374 61.32 -33.64 -64.48
CA PRO E 374 60.96 -33.18 -65.82
C PRO E 374 62.11 -33.23 -66.81
N ILE E 375 63.33 -32.92 -66.36
CA ILE E 375 64.44 -32.74 -67.30
C ILE E 375 64.74 -34.03 -68.03
N THR E 376 64.82 -35.15 -67.29
CA THR E 376 65.14 -36.44 -67.86
C THR E 376 63.93 -37.36 -67.98
N GLY E 377 62.85 -37.09 -67.25
CA GLY E 377 61.70 -37.97 -67.25
C GLY E 377 61.86 -39.20 -66.38
N GLU E 378 62.98 -39.35 -65.69
CA GLU E 378 63.22 -40.51 -64.86
C GLU E 378 62.27 -40.50 -63.66
N SER E 379 61.81 -41.69 -63.28
CA SER E 379 60.93 -41.87 -62.14
C SER E 379 61.81 -41.96 -60.90
N VAL E 380 61.95 -40.85 -60.19
CA VAL E 380 62.84 -40.77 -59.05
C VAL E 380 62.13 -41.21 -57.77
N LEU E 381 61.06 -40.52 -57.41
CA LEU E 381 60.35 -40.76 -56.15
C LEU E 381 59.03 -41.45 -56.41
N SER E 382 58.60 -42.25 -55.45
CA SER E 382 57.27 -42.85 -55.51
C SER E 382 56.21 -41.77 -55.25
N ALA E 383 55.04 -41.96 -55.86
CA ALA E 383 53.97 -40.98 -55.71
C ALA E 383 53.55 -40.85 -54.25
N GLU E 384 53.67 -41.92 -53.47
CA GLU E 384 53.43 -41.82 -52.03
C GLU E 384 54.44 -40.88 -51.39
N ALA E 385 55.70 -40.96 -51.80
CA ALA E 385 56.74 -40.15 -51.18
C ALA E 385 56.50 -38.66 -51.41
N VAL E 386 56.18 -38.28 -52.64
CA VAL E 386 55.98 -36.87 -52.95
C VAL E 386 54.79 -36.32 -52.18
N ARG E 387 53.69 -37.08 -52.13
CA ARG E 387 52.52 -36.60 -51.42
C ARG E 387 52.79 -36.47 -49.92
N ASN E 388 53.55 -37.40 -49.34
CA ASN E 388 53.85 -37.34 -47.92
C ASN E 388 54.75 -36.16 -47.59
N THR E 389 55.84 -35.99 -48.34
CA THR E 389 56.77 -34.90 -48.04
C THR E 389 56.12 -33.55 -48.34
N LEU E 390 55.32 -33.46 -49.41
CA LEU E 390 54.65 -32.20 -49.70
C LEU E 390 53.69 -31.82 -48.59
N SER E 391 52.97 -32.79 -48.05
CA SER E 391 52.04 -32.51 -46.96
C SER E 391 52.78 -32.02 -45.73
N LEU E 392 53.94 -32.62 -45.41
CA LEU E 392 54.69 -32.20 -44.24
C LEU E 392 55.39 -30.86 -44.46
N MET E 393 55.87 -30.59 -45.68
CA MET E 393 56.42 -29.28 -45.96
C MET E 393 55.36 -28.20 -45.79
N HIS E 394 54.13 -28.49 -46.20
CA HIS E 394 53.04 -27.54 -45.94
C HIS E 394 52.77 -27.41 -44.45
N SER E 395 52.67 -28.54 -43.75
CA SER E 395 52.29 -28.51 -42.34
C SER E 395 53.42 -27.95 -41.49
N CYS E 396 54.66 -28.40 -41.71
CA CYS E 396 55.77 -28.05 -40.85
C CYS E 396 57.06 -27.78 -41.63
N GLY E 397 56.97 -27.25 -42.86
CA GLY E 397 58.17 -27.01 -43.63
C GLY E 397 58.93 -25.77 -43.22
N MET E 398 58.33 -24.91 -42.42
CA MET E 398 58.96 -23.65 -42.01
C MET E 398 58.86 -23.44 -40.50
N TYR E 399 58.66 -24.52 -39.74
CA TYR E 399 58.70 -24.48 -38.28
C TYR E 399 57.55 -23.60 -37.80
N ASP E 400 57.79 -22.64 -36.91
CA ASP E 400 56.68 -21.86 -36.35
C ASP E 400 55.98 -21.03 -37.41
N PHE E 401 56.70 -20.61 -38.45
CA PHE E 401 56.14 -19.79 -39.51
C PHE E 401 55.32 -20.59 -40.52
N SER E 402 55.28 -21.92 -40.41
CA SER E 402 54.56 -22.72 -41.39
C SER E 402 53.09 -22.36 -41.42
N GLY E 403 52.51 -22.09 -40.25
CA GLY E 403 51.11 -21.69 -40.20
C GLY E 403 50.87 -20.36 -40.90
N GLN E 404 51.75 -19.39 -40.66
CA GLN E 404 51.59 -18.08 -41.29
C GLN E 404 51.88 -18.15 -42.78
N PHE E 405 52.88 -18.93 -43.17
CA PHE E 405 53.15 -19.10 -44.59
C PHE E 405 51.97 -19.75 -45.31
N ALA E 406 51.38 -20.78 -44.70
CA ALA E 406 50.19 -21.39 -45.28
C ALA E 406 49.05 -20.38 -45.35
N PHE E 407 48.90 -19.55 -44.31
CA PHE E 407 47.84 -18.55 -44.28
C PHE E 407 47.99 -17.56 -45.42
N HIS E 408 49.21 -17.07 -45.64
CA HIS E 408 49.41 -16.03 -46.66
C HIS E 408 49.69 -16.64 -48.02
N VAL E 409 50.58 -17.62 -48.09
CA VAL E 409 51.02 -18.20 -49.36
C VAL E 409 50.25 -19.45 -49.70
N GLY E 410 50.13 -20.39 -48.76
CA GLY E 410 49.42 -21.62 -49.01
C GLY E 410 50.07 -22.49 -50.05
N LEU E 411 51.38 -22.69 -49.94
CA LEU E 411 52.09 -23.64 -50.78
C LEU E 411 53.14 -24.36 -49.92
N PRO E 412 53.50 -25.60 -50.28
CA PRO E 412 54.57 -26.26 -49.53
C PRO E 412 55.93 -25.65 -49.80
N ALA E 413 56.47 -24.94 -48.81
CA ALA E 413 57.78 -24.32 -48.91
C ALA E 413 58.65 -24.77 -47.75
N LYS E 414 59.92 -25.02 -48.05
CA LYS E 414 60.91 -25.39 -47.04
C LYS E 414 61.93 -24.27 -46.94
N SER E 415 62.13 -23.75 -45.73
CA SER E 415 63.00 -22.61 -45.52
C SER E 415 64.43 -23.10 -45.25
N ALA E 416 65.29 -22.17 -44.82
CA ALA E 416 66.68 -22.49 -44.53
C ALA E 416 67.31 -21.29 -43.84
N VAL E 417 68.48 -21.52 -43.24
CA VAL E 417 69.28 -20.43 -42.69
C VAL E 417 70.31 -19.91 -43.69
N SER E 418 70.46 -20.57 -44.84
CA SER E 418 71.28 -20.06 -45.92
C SER E 418 70.52 -19.13 -46.85
N GLY E 419 69.27 -18.79 -46.53
CA GLY E 419 68.47 -17.89 -47.32
C GLY E 419 67.55 -18.55 -48.31
N ALA E 420 67.64 -19.85 -48.50
CA ALA E 420 66.83 -20.53 -49.49
C ALA E 420 65.40 -20.70 -49.02
N ILE E 421 64.46 -20.63 -49.99
CA ILE E 421 63.09 -21.06 -49.78
C ILE E 421 62.68 -21.92 -50.95
N LEU E 422 62.42 -23.20 -50.69
CA LEU E 422 62.15 -24.18 -51.74
C LEU E 422 60.64 -24.23 -51.95
N LEU E 423 60.13 -23.34 -52.79
CA LEU E 423 58.70 -23.24 -53.04
C LEU E 423 58.28 -24.28 -54.07
N VAL E 424 57.11 -24.88 -53.85
CA VAL E 424 56.56 -25.90 -54.73
C VAL E 424 55.13 -25.52 -55.07
N VAL E 425 54.85 -25.33 -56.35
CA VAL E 425 53.51 -25.13 -56.85
C VAL E 425 53.08 -26.43 -57.51
N PRO E 426 52.24 -27.26 -56.88
CA PRO E 426 51.91 -28.56 -57.46
C PRO E 426 51.28 -28.43 -58.84
N ASN E 427 51.73 -29.29 -59.76
CA ASN E 427 51.24 -29.37 -61.12
C ASN E 427 51.50 -28.10 -61.94
N VAL E 428 52.29 -27.16 -61.41
CA VAL E 428 52.64 -25.96 -62.16
C VAL E 428 54.15 -25.85 -62.26
N MET E 429 54.83 -25.67 -61.13
CA MET E 429 56.27 -25.45 -61.17
C MET E 429 56.82 -25.57 -59.76
N GLY E 430 58.13 -25.34 -59.65
CA GLY E 430 58.81 -25.25 -58.37
C GLY E 430 59.92 -24.23 -58.42
N MET E 431 59.94 -23.32 -57.46
CA MET E 431 60.92 -22.23 -57.43
C MET E 431 61.94 -22.49 -56.35
N MET E 432 63.00 -21.68 -56.37
CA MET E 432 64.01 -21.71 -55.31
C MET E 432 64.56 -20.29 -55.18
N CYS E 433 63.98 -19.52 -54.27
CA CYS E 433 64.50 -18.20 -53.97
C CYS E 433 65.85 -18.33 -53.26
N LEU E 434 66.53 -17.19 -53.10
CA LEU E 434 67.81 -17.16 -52.41
C LEU E 434 68.04 -15.75 -51.91
N SER E 435 68.12 -15.61 -50.59
CA SER E 435 68.44 -14.33 -49.97
C SER E 435 69.06 -14.58 -48.59
N PRO E 436 70.37 -14.39 -48.42
CA PRO E 436 71.01 -14.70 -47.14
C PRO E 436 70.39 -13.98 -45.97
N PRO E 437 69.86 -12.75 -46.13
CA PRO E 437 69.11 -12.15 -45.03
C PRO E 437 67.95 -13.03 -44.59
N LEU E 438 67.73 -13.08 -43.27
CA LEU E 438 66.72 -13.93 -42.65
C LEU E 438 65.73 -13.07 -41.86
N ASP E 439 64.74 -13.73 -41.27
CA ASP E 439 63.80 -13.15 -40.33
C ASP E 439 64.06 -13.77 -38.95
N LYS E 440 63.23 -13.40 -37.97
CA LYS E 440 63.42 -13.89 -36.60
C LYS E 440 63.27 -15.40 -36.53
N LEU E 441 62.27 -15.96 -37.21
CA LEU E 441 61.96 -17.38 -37.09
C LEU E 441 62.85 -18.26 -37.96
N GLY E 442 63.72 -17.69 -38.78
CA GLY E 442 64.60 -18.45 -39.64
C GLY E 442 64.16 -18.53 -41.08
N ASN E 443 63.64 -17.44 -41.65
CA ASN E 443 63.16 -17.42 -43.02
C ASN E 443 63.71 -16.20 -43.75
N SER E 444 63.96 -16.36 -45.04
CA SER E 444 64.50 -15.26 -45.83
C SER E 444 63.45 -14.17 -45.98
N HIS E 445 63.80 -12.94 -45.59
CA HIS E 445 62.86 -11.83 -45.68
C HIS E 445 62.48 -11.55 -47.12
N ARG E 446 63.46 -11.59 -48.02
CA ARG E 446 63.16 -11.36 -49.44
C ARG E 446 62.39 -12.53 -50.03
N GLY E 447 62.85 -13.76 -49.77
CA GLY E 447 62.19 -14.91 -50.37
C GLY E 447 60.76 -15.07 -49.92
N THR E 448 60.51 -14.92 -48.61
CA THR E 448 59.14 -15.02 -48.12
C THR E 448 58.27 -13.92 -48.73
N SER E 449 58.81 -12.71 -48.85
CA SER E 449 58.06 -11.63 -49.48
C SER E 449 57.79 -11.95 -50.95
N PHE E 450 58.76 -12.54 -51.64
CA PHE E 450 58.56 -12.88 -53.05
C PHE E 450 57.46 -13.92 -53.22
N CYS E 451 57.47 -14.95 -52.38
CA CYS E 451 56.45 -16.00 -52.48
C CYS E 451 55.07 -15.44 -52.18
N GLN E 452 54.96 -14.58 -51.17
CA GLN E 452 53.67 -13.96 -50.85
C GLN E 452 53.19 -13.11 -52.02
N LYS E 453 54.08 -12.31 -52.60
CA LYS E 453 53.70 -11.43 -53.69
C LYS E 453 53.28 -12.23 -54.92
N LEU E 454 53.94 -13.37 -55.17
CA LEU E 454 53.59 -14.18 -56.34
C LEU E 454 52.17 -14.72 -56.24
N VAL E 455 51.79 -15.24 -55.07
CA VAL E 455 50.49 -15.88 -54.93
C VAL E 455 49.37 -14.85 -55.00
N SER E 456 49.62 -13.63 -54.52
CA SER E 456 48.60 -12.60 -54.56
C SER E 456 48.32 -12.10 -55.97
N LEU E 457 49.16 -12.46 -56.95
CA LEU E 457 48.96 -12.08 -58.34
C LEU E 457 48.74 -13.27 -59.27
N PHE E 458 48.97 -14.50 -58.81
CA PHE E 458 48.80 -15.69 -59.64
C PHE E 458 47.87 -16.73 -59.03
N ASN E 459 47.29 -16.46 -57.86
CA ASN E 459 46.23 -17.27 -57.25
C ASN E 459 46.57 -18.77 -57.22
N PHE E 460 47.82 -19.08 -56.85
CA PHE E 460 48.26 -20.46 -56.67
C PHE E 460 47.99 -21.00 -55.27
N HIS E 461 47.24 -20.27 -54.44
CA HIS E 461 46.88 -20.73 -53.11
C HIS E 461 46.20 -22.09 -53.15
N ASN E 462 46.16 -22.80 -52.02
CA ASN E 462 45.46 -24.07 -51.99
C ASN E 462 43.97 -23.88 -52.26
N TYR E 463 43.37 -22.85 -51.66
CA TYR E 463 41.92 -22.65 -51.66
C TYR E 463 41.51 -21.39 -52.42
N ASP E 464 42.27 -21.01 -53.44
CA ASP E 464 41.86 -19.96 -54.35
C ASP E 464 41.01 -20.53 -55.48
N ASN E 465 40.39 -19.62 -56.24
CA ASN E 465 39.56 -20.01 -57.38
C ASN E 465 38.43 -20.93 -56.96
N LEU E 466 37.77 -20.60 -55.85
CA LEU E 466 36.74 -21.46 -55.30
C LEU E 466 35.59 -21.65 -56.29
N ARG E 467 34.83 -20.57 -56.55
CA ARG E 467 33.90 -20.55 -57.67
C ARG E 467 34.17 -19.40 -58.62
N HIS E 468 34.20 -18.16 -58.12
CA HIS E 468 34.46 -16.98 -58.93
C HIS E 468 35.55 -16.10 -58.35
N CYS E 469 35.61 -16.00 -57.02
CA CYS E 469 36.50 -15.08 -56.28
C CYS E 469 36.42 -13.70 -56.95
N ALA E 470 37.51 -12.95 -56.94
CA ALA E 470 37.56 -11.67 -57.64
C ALA E 470 37.66 -11.92 -59.14
N ARG E 471 37.81 -10.86 -59.93
CA ARG E 471 37.94 -11.03 -61.37
C ARG E 471 39.29 -11.64 -61.71
N LYS E 472 40.37 -10.91 -61.46
CA LYS E 472 41.74 -11.40 -61.67
C LYS E 472 41.90 -11.99 -63.07
N LEU E 473 41.61 -11.19 -64.09
CA LEU E 473 41.59 -11.61 -65.48
C LEU E 473 40.55 -12.72 -65.69
N ASP E 474 40.39 -13.18 -66.93
CA ASP E 474 39.36 -14.16 -67.22
C ASP E 474 39.71 -15.51 -66.62
N PRO E 475 38.87 -16.10 -65.74
CA PRO E 475 39.17 -17.46 -65.24
C PRO E 475 38.71 -18.56 -66.19
N ARG E 476 39.54 -18.77 -67.22
CA ARG E 476 39.34 -19.73 -68.31
C ARG E 476 38.10 -19.44 -69.16
N ARG E 477 37.53 -18.25 -68.99
CA ARG E 477 36.36 -17.83 -69.77
C ARG E 477 36.59 -16.46 -70.37
N LEU F 69 104.46 -24.84 31.95
CA LEU F 69 103.65 -26.07 31.72
C LEU F 69 103.12 -26.61 33.04
N SER F 70 101.81 -26.84 33.10
CA SER F 70 101.17 -27.41 34.29
C SER F 70 101.41 -28.92 34.30
N ARG F 71 102.61 -29.29 34.75
CA ARG F 71 102.98 -30.70 34.85
C ARG F 71 102.01 -31.42 35.77
N LEU F 72 101.46 -32.54 35.29
CA LEU F 72 100.39 -33.24 36.01
C LEU F 72 100.55 -34.76 35.95
N GLY F 73 101.76 -35.28 35.79
CA GLY F 73 101.95 -36.71 35.72
C GLY F 73 101.54 -37.45 36.97
N ASP F 74 101.79 -36.87 38.15
CA ASP F 74 101.45 -37.55 39.40
C ASP F 74 99.95 -37.76 39.54
N LEU F 75 99.14 -36.75 39.22
CA LEU F 75 97.70 -36.88 39.41
C LEU F 75 97.09 -37.83 38.38
N LEU F 76 97.68 -37.92 37.19
CA LEU F 76 97.06 -38.65 36.10
C LEU F 76 96.93 -40.13 36.44
N PHE F 77 98.02 -40.77 36.86
CA PHE F 77 97.97 -42.20 37.17
C PHE F 77 97.05 -42.48 38.35
N TYR F 78 97.11 -41.62 39.38
CA TYR F 78 96.25 -41.82 40.54
C TYR F 78 94.78 -41.74 40.16
N THR F 79 94.43 -40.81 39.27
CA THR F 79 93.03 -40.66 38.86
C THR F 79 92.61 -41.74 37.87
N ILE F 80 93.56 -42.33 37.15
CA ILE F 80 93.20 -43.31 36.12
C ILE F 80 92.53 -44.52 36.76
N ALA F 81 93.12 -45.06 37.81
CA ALA F 81 92.64 -46.26 38.46
C ALA F 81 92.02 -45.94 39.82
N GLU F 82 91.23 -46.88 40.33
CA GLU F 82 90.59 -46.73 41.64
C GLU F 82 91.51 -47.14 42.79
N GLY F 83 92.73 -47.60 42.50
CA GLY F 83 93.65 -48.03 43.54
C GLY F 83 94.52 -49.19 43.13
N GLN F 84 94.16 -49.87 42.05
CA GLN F 84 94.95 -51.00 41.57
C GLN F 84 96.32 -50.52 41.08
N GLU F 85 97.38 -51.07 41.69
CA GLU F 85 98.73 -50.67 41.31
C GLU F 85 99.11 -51.20 39.94
N ARG F 86 98.74 -52.44 39.62
CA ARG F 86 99.09 -53.07 38.36
C ARG F 86 97.83 -53.23 37.50
N ILE F 87 97.93 -52.80 36.25
CA ILE F 87 96.82 -52.91 35.30
C ILE F 87 97.35 -53.63 34.06
N PRO F 88 96.67 -54.67 33.55
CA PRO F 88 97.19 -55.34 32.35
C PRO F 88 97.12 -54.45 31.13
N ILE F 89 97.98 -54.76 30.15
CA ILE F 89 98.07 -53.93 28.95
C ILE F 89 96.77 -53.95 28.17
N HIS F 90 96.11 -55.11 28.09
CA HIS F 90 94.89 -55.21 27.31
C HIS F 90 93.76 -54.34 27.89
N LYS F 91 93.81 -54.08 29.21
CA LYS F 91 92.80 -53.21 29.79
C LYS F 91 92.93 -51.77 29.30
N PHE F 92 94.14 -51.37 28.87
CA PHE F 92 94.32 -50.05 28.29
C PHE F 92 93.79 -49.97 26.87
N THR F 93 93.91 -51.05 26.09
CA THR F 93 93.34 -51.04 24.74
C THR F 93 91.83 -50.85 24.79
N THR F 94 91.15 -51.58 25.67
CA THR F 94 89.76 -51.26 25.98
C THR F 94 89.72 -50.06 26.92
N ALA F 95 88.51 -49.55 27.13
CA ALA F 95 88.25 -48.30 27.85
C ALA F 95 88.58 -47.08 27.00
N LEU F 96 89.15 -47.30 25.80
CA LEU F 96 89.25 -46.29 24.76
C LEU F 96 88.27 -46.56 23.63
N LYS F 97 88.20 -47.82 23.18
CA LYS F 97 87.11 -48.22 22.29
C LYS F 97 85.75 -48.02 22.94
N ALA F 98 85.67 -48.14 24.28
CA ALA F 98 84.40 -47.89 24.96
C ALA F 98 83.95 -46.46 24.78
N THR F 99 84.89 -45.52 24.72
CA THR F 99 84.58 -44.11 24.49
C THR F 99 84.39 -43.78 23.02
N GLY F 100 84.37 -44.78 22.13
CA GLY F 100 84.12 -44.56 20.73
C GLY F 100 85.38 -44.38 19.91
N LEU F 101 86.36 -43.67 20.45
CA LEU F 101 87.58 -43.39 19.72
C LEU F 101 88.31 -44.69 19.37
N GLN F 102 88.79 -44.77 18.13
CA GLN F 102 89.54 -45.92 17.66
C GLN F 102 91.02 -45.73 17.94
N THR F 103 91.72 -46.85 18.12
CA THR F 103 93.16 -46.83 18.36
C THR F 103 93.97 -46.70 17.07
N SER F 104 93.31 -46.55 15.92
CA SER F 104 93.98 -46.37 14.63
C SER F 104 94.05 -44.90 14.23
N ASP F 105 93.72 -43.99 15.13
CA ASP F 105 93.80 -42.57 14.82
C ASP F 105 95.27 -42.17 14.73
N PRO F 106 95.70 -41.52 13.64
CA PRO F 106 97.13 -41.12 13.56
C PRO F 106 97.57 -40.19 14.68
N ARG F 107 96.63 -39.50 15.33
CA ARG F 107 97.01 -38.56 16.38
C ARG F 107 97.72 -39.26 17.53
N LEU F 108 97.25 -40.44 17.93
CA LEU F 108 97.79 -41.17 19.06
C LEU F 108 98.59 -42.41 18.64
N ARG F 109 98.85 -42.59 17.35
CA ARG F 109 99.58 -43.78 16.90
C ARG F 109 101.02 -43.76 17.40
N ASP F 110 101.61 -42.57 17.53
CA ASP F 110 103.02 -42.48 17.90
C ASP F 110 103.26 -43.09 19.28
N CYS F 111 102.40 -42.79 20.26
CA CYS F 111 102.54 -43.39 21.58
C CYS F 111 102.38 -44.90 21.52
N MET F 112 101.40 -45.37 20.74
CA MET F 112 101.20 -46.81 20.61
C MET F 112 102.39 -47.48 19.95
N SER F 113 102.95 -46.85 18.91
CA SER F 113 104.08 -47.45 18.19
C SER F 113 105.29 -47.59 19.10
N GLU F 114 105.64 -46.52 19.83
CA GLU F 114 106.79 -46.60 20.73
C GLU F 114 106.51 -47.56 21.89
N MET F 115 105.27 -47.59 22.37
CA MET F 115 104.92 -48.47 23.48
C MET F 115 105.11 -49.94 23.10
N HIS F 116 104.71 -50.31 21.88
CA HIS F 116 104.80 -51.71 21.47
C HIS F 116 106.24 -52.18 21.41
N ARG F 117 107.14 -51.33 20.89
CA ARG F 117 108.54 -51.74 20.75
C ARG F 117 109.19 -51.99 22.11
N VAL F 118 108.85 -51.19 23.12
CA VAL F 118 109.46 -51.34 24.43
C VAL F 118 109.14 -52.71 25.03
N VAL F 119 108.01 -53.30 24.65
CA VAL F 119 107.62 -54.62 25.11
C VAL F 119 108.71 -55.60 24.69
N GLN F 120 108.90 -56.66 25.47
CA GLN F 120 109.94 -57.67 25.35
C GLN F 120 111.28 -57.15 25.87
N GLU F 121 111.38 -55.90 26.30
CA GLU F 121 112.62 -55.37 26.88
C GLU F 121 112.24 -54.36 27.96
N SER F 122 112.13 -54.84 29.19
CA SER F 122 111.82 -54.00 30.34
C SER F 122 112.62 -54.41 31.57
N SER F 123 113.86 -54.87 31.37
CA SER F 123 114.68 -55.46 32.41
C SER F 123 114.03 -56.75 32.91
N SER F 124 112.90 -56.62 33.61
CA SER F 124 112.11 -57.80 33.94
C SER F 124 111.55 -58.45 32.68
N GLY F 125 111.23 -57.64 31.68
CA GLY F 125 110.75 -58.12 30.39
C GLY F 125 109.24 -58.22 30.24
N GLY F 126 108.59 -58.94 31.15
CA GLY F 126 107.15 -59.16 31.06
C GLY F 126 106.32 -58.29 31.97
N LEU F 127 106.95 -57.37 32.70
CA LEU F 127 106.28 -56.52 33.67
C LEU F 127 106.22 -55.08 33.16
N LEU F 128 105.07 -54.45 33.36
CA LEU F 128 104.86 -53.07 32.96
C LEU F 128 105.38 -52.13 34.04
N ASP F 129 105.58 -50.85 33.70
CA ASP F 129 106.09 -49.87 34.65
C ASP F 129 105.25 -48.59 34.55
N ARG F 130 105.10 -47.93 35.69
CA ARG F 130 104.28 -46.71 35.74
C ARG F 130 104.96 -45.54 35.04
N ASP F 131 106.29 -45.43 35.18
CA ASP F 131 106.98 -44.24 34.72
C ASP F 131 106.98 -44.15 33.19
N LEU F 132 106.98 -45.29 32.50
CA LEU F 132 107.15 -45.29 31.05
C LEU F 132 106.04 -44.51 30.36
N PHE F 133 104.79 -44.75 30.77
CA PHE F 133 103.67 -44.05 30.14
C PHE F 133 103.72 -42.55 30.42
N ARG F 134 104.16 -42.18 31.61
CA ARG F 134 104.22 -40.78 31.99
C ARG F 134 105.19 -39.95 31.14
N LYS F 135 106.32 -40.55 30.76
CA LYS F 135 107.33 -39.82 29.99
C LYS F 135 106.83 -39.52 28.58
N CYS F 136 106.36 -40.54 27.87
CA CYS F 136 105.98 -40.40 26.46
C CYS F 136 104.49 -40.12 26.28
N VAL F 137 103.99 -39.10 26.97
CA VAL F 137 102.60 -38.66 26.81
C VAL F 137 102.54 -37.14 26.68
N SER F 138 103.67 -36.45 26.89
CA SER F 138 103.66 -34.99 26.86
C SER F 138 103.32 -34.46 25.49
N SER F 139 103.75 -35.16 24.43
CA SER F 139 103.49 -34.70 23.07
C SER F 139 101.99 -34.63 22.80
N ASN F 140 101.25 -35.65 23.24
CA ASN F 140 99.81 -35.74 23.05
C ASN F 140 99.18 -36.09 24.40
N ILE F 141 98.57 -35.10 25.05
CA ILE F 141 97.94 -35.27 26.35
C ILE F 141 96.49 -34.81 26.29
N VAL F 142 96.24 -33.68 25.62
CA VAL F 142 94.92 -33.07 25.64
C VAL F 142 93.87 -33.98 25.04
N LEU F 143 94.21 -34.72 23.97
CA LEU F 143 93.24 -35.59 23.32
C LEU F 143 92.75 -36.69 24.26
N LEU F 144 93.68 -37.30 25.00
CA LEU F 144 93.31 -38.43 25.85
C LEU F 144 92.47 -37.98 27.04
N THR F 145 92.71 -36.77 27.56
CA THR F 145 91.93 -36.29 28.70
C THR F 145 90.46 -36.14 28.32
N GLN F 146 90.17 -35.69 27.11
CA GLN F 146 88.79 -35.45 26.70
C GLN F 146 87.99 -36.75 26.71
N ALA F 147 88.55 -37.82 26.18
CA ALA F 147 87.82 -39.08 26.09
C ALA F 147 87.59 -39.69 27.48
N PHE F 148 88.62 -39.66 28.33
CA PHE F 148 88.54 -40.32 29.62
C PHE F 148 87.89 -39.48 30.70
N ARG F 149 87.55 -38.22 30.42
CA ARG F 149 86.80 -37.38 31.34
C ARG F 149 85.40 -37.07 30.81
N LYS F 150 84.94 -37.80 29.79
CA LYS F 150 83.58 -37.66 29.26
C LYS F 150 83.32 -36.23 28.79
N LYS F 151 84.34 -35.60 28.20
CA LYS F 151 84.26 -34.21 27.77
C LYS F 151 83.91 -34.07 26.29
N PHE F 152 83.86 -35.16 25.53
CA PHE F 152 83.54 -35.06 24.11
C PHE F 152 82.09 -34.62 23.92
N VAL F 153 81.77 -34.25 22.68
CA VAL F 153 80.45 -33.72 22.38
C VAL F 153 79.35 -34.78 22.51
N ILE F 154 79.72 -36.06 22.50
CA ILE F 154 78.75 -37.14 22.70
C ILE F 154 79.25 -38.05 23.81
N PRO F 155 78.91 -37.78 25.07
CA PRO F 155 79.22 -38.73 26.15
C PRO F 155 78.34 -39.97 26.02
N ASP F 156 78.44 -40.84 27.02
CA ASP F 156 77.73 -42.12 27.14
C ASP F 156 77.54 -42.79 25.77
N PHE F 157 78.67 -42.97 25.09
CA PHE F 157 78.66 -43.49 23.73
C PHE F 157 78.01 -44.86 23.63
N GLU F 158 78.11 -45.69 24.68
CA GLU F 158 77.49 -47.01 24.62
C GLU F 158 75.99 -46.91 24.44
N GLU F 159 75.33 -46.02 25.20
CA GLU F 159 73.90 -45.84 25.04
C GLU F 159 73.58 -45.24 23.68
N PHE F 160 74.47 -44.38 23.16
CA PHE F 160 74.26 -43.82 21.83
C PHE F 160 74.22 -44.92 20.77
N THR F 161 75.16 -45.86 20.84
CA THR F 161 75.22 -46.92 19.83
C THR F 161 73.98 -47.79 19.90
N GLY F 162 73.50 -48.09 21.11
CA GLY F 162 72.33 -48.95 21.24
C GLY F 162 71.11 -48.37 20.56
N HIS F 163 70.90 -47.06 20.69
CA HIS F 163 69.75 -46.43 20.05
C HIS F 163 69.84 -46.51 18.53
N VAL F 164 71.04 -46.30 17.99
CA VAL F 164 71.23 -46.42 16.54
C VAL F 164 71.12 -47.88 16.12
N ASP F 165 71.60 -48.80 16.97
CA ASP F 165 71.61 -50.21 16.61
C ASP F 165 70.20 -50.74 16.39
N ARG F 166 69.26 -50.38 17.27
CA ARG F 166 67.88 -50.82 17.07
C ARG F 166 67.25 -50.11 15.88
N ILE F 167 67.58 -48.84 15.67
CA ILE F 167 67.11 -48.14 14.48
C ILE F 167 67.74 -48.75 13.23
N PHE F 168 69.02 -49.14 13.32
CA PHE F 168 69.65 -49.88 12.24
C PHE F 168 68.90 -51.17 11.97
N GLU F 169 68.58 -51.92 13.03
CA GLU F 169 67.81 -53.15 12.86
C GLU F 169 66.38 -52.86 12.42
N ASP F 170 65.76 -51.81 12.98
CA ASP F 170 64.35 -51.54 12.71
C ASP F 170 64.11 -51.23 11.25
N VAL F 171 65.01 -50.45 10.63
CA VAL F 171 64.81 -50.06 9.25
C VAL F 171 65.23 -51.15 8.27
N LYS F 172 65.92 -52.19 8.75
CA LYS F 172 66.42 -53.24 7.87
C LYS F 172 65.28 -54.05 7.24
N GLU F 173 64.08 -54.02 7.82
CA GLU F 173 62.98 -54.83 7.31
C GLU F 173 62.53 -54.35 5.94
N LEU F 174 62.58 -53.04 5.69
CA LEU F 174 62.11 -52.49 4.43
C LEU F 174 62.95 -53.03 3.26
N THR F 175 62.37 -52.97 2.07
CA THR F 175 63.01 -53.47 0.86
C THR F 175 63.24 -52.38 -0.20
N GLY F 176 62.39 -51.37 -0.27
CA GLY F 176 62.62 -50.28 -1.20
C GLY F 176 62.29 -50.64 -2.64
N GLY F 177 62.70 -49.72 -3.51
CA GLY F 177 62.44 -49.82 -4.94
C GLY F 177 63.64 -50.36 -5.71
N LYS F 178 63.73 -49.96 -6.98
CA LYS F 178 64.77 -50.46 -7.87
C LYS F 178 66.10 -49.75 -7.58
N VAL F 179 67.15 -50.25 -8.23
CA VAL F 179 68.51 -49.77 -7.98
C VAL F 179 68.91 -48.76 -9.05
N ALA F 180 69.00 -49.21 -10.29
CA ALA F 180 69.38 -48.35 -11.40
C ALA F 180 69.25 -49.13 -12.70
N ALA F 181 68.95 -48.42 -13.77
CA ALA F 181 68.79 -49.01 -15.11
C ALA F 181 69.63 -48.33 -16.17
N TYR F 182 69.84 -47.01 -16.06
CA TYR F 182 70.60 -46.29 -17.07
C TYR F 182 72.11 -46.38 -16.85
N ILE F 183 72.55 -46.99 -15.76
CA ILE F 183 73.96 -47.29 -15.53
C ILE F 183 74.08 -48.79 -15.30
N PRO F 184 74.39 -49.57 -16.34
CA PRO F 184 74.31 -51.04 -16.21
C PRO F 184 75.24 -51.63 -15.16
N GLN F 185 76.30 -50.92 -14.78
CA GLN F 185 77.25 -51.45 -13.79
C GLN F 185 76.77 -51.25 -12.36
N LEU F 186 75.73 -50.45 -12.14
CA LEU F 186 75.15 -50.29 -10.81
C LEU F 186 74.02 -51.29 -10.54
N ALA F 187 73.49 -51.95 -11.57
CA ALA F 187 72.50 -53.00 -11.34
C ALA F 187 73.11 -54.24 -10.73
N LYS F 188 74.43 -54.42 -10.85
CA LYS F 188 75.11 -55.59 -10.31
C LYS F 188 75.38 -55.47 -8.81
N SER F 189 75.10 -54.33 -8.20
CA SER F 189 75.26 -54.19 -6.76
C SER F 189 74.17 -54.96 -6.03
N ASN F 190 74.53 -55.47 -4.86
CA ASN F 190 73.60 -56.32 -4.10
C ASN F 190 72.45 -55.48 -3.56
N PRO F 191 71.19 -55.78 -3.90
CA PRO F 191 70.09 -54.98 -3.35
C PRO F 191 69.96 -55.08 -1.84
N ASP F 192 70.34 -56.21 -1.25
CA ASP F 192 70.24 -56.39 0.20
C ASP F 192 71.31 -55.64 0.98
N LEU F 193 72.28 -55.04 0.30
CA LEU F 193 73.35 -54.35 0.98
C LEU F 193 72.80 -53.17 1.79
N TRP F 194 73.15 -53.12 3.07
CA TRP F 194 72.63 -52.07 3.96
C TRP F 194 73.62 -51.89 5.10
N GLY F 195 74.16 -50.67 5.23
CA GLY F 195 75.12 -50.39 6.27
C GLY F 195 75.17 -48.91 6.56
N VAL F 196 75.59 -48.59 7.78
CA VAL F 196 75.64 -47.22 8.26
C VAL F 196 76.91 -47.01 9.06
N SER F 197 77.47 -45.81 8.95
CA SER F 197 78.67 -45.43 9.68
C SER F 197 78.57 -43.96 10.06
N LEU F 198 79.14 -43.61 11.21
CA LEU F 198 79.13 -42.24 11.71
C LEU F 198 80.50 -41.89 12.25
N CYS F 199 80.79 -40.59 12.29
CA CYS F 199 82.08 -40.09 12.76
C CYS F 199 81.83 -38.76 13.46
N THR F 200 81.90 -38.76 14.79
CA THR F 200 81.72 -37.54 15.56
C THR F 200 82.85 -36.57 15.25
N VAL F 201 82.56 -35.27 15.39
CA VAL F 201 83.52 -34.23 15.12
C VAL F 201 84.77 -34.33 15.98
N ASP F 202 84.71 -35.05 17.10
CA ASP F 202 85.84 -35.19 18.01
C ASP F 202 86.60 -36.48 17.78
N GLY F 203 86.37 -37.17 16.67
CA GLY F 203 87.10 -38.37 16.30
C GLY F 203 86.39 -39.67 16.61
N GLN F 204 85.38 -39.65 17.49
CA GLN F 204 84.64 -40.88 17.79
C GLN F 204 83.93 -41.38 16.54
N ARG F 205 83.83 -42.70 16.43
CA ARG F 205 83.14 -43.32 15.31
C ARG F 205 82.58 -44.67 15.74
N HIS F 206 81.53 -45.11 15.04
CA HIS F 206 80.92 -46.40 15.30
C HIS F 206 80.08 -46.84 14.12
N SER F 207 80.46 -47.95 13.50
CA SER F 207 79.84 -48.44 12.27
C SER F 207 79.18 -49.78 12.49
N VAL F 208 77.95 -49.93 12.00
CA VAL F 208 77.22 -51.19 12.04
C VAL F 208 76.72 -51.49 10.63
N GLY F 209 76.85 -52.74 10.22
CA GLY F 209 76.37 -53.19 8.93
C GLY F 209 77.49 -53.43 7.93
N HIS F 210 77.13 -53.30 6.66
CA HIS F 210 78.08 -53.54 5.56
C HIS F 210 78.88 -52.27 5.29
N THR F 211 79.72 -51.93 6.26
CA THR F 211 80.56 -50.75 6.18
C THR F 211 81.97 -51.04 5.68
N LYS F 212 82.25 -52.29 5.29
CA LYS F 212 83.53 -52.65 4.70
C LYS F 212 83.47 -52.81 3.19
N ILE F 213 82.28 -52.90 2.61
CA ILE F 213 82.12 -53.10 1.17
C ILE F 213 82.32 -51.76 0.47
N PRO F 214 83.29 -51.62 -0.45
CA PRO F 214 83.39 -50.37 -1.21
C PRO F 214 82.15 -50.12 -2.04
N PHE F 215 81.78 -48.84 -2.13
CA PHE F 215 80.65 -48.41 -2.95
C PHE F 215 81.02 -47.13 -3.67
N CYS F 216 80.38 -46.92 -4.81
CA CYS F 216 80.72 -45.78 -5.66
C CYS F 216 80.15 -44.49 -5.09
N LEU F 217 80.81 -43.37 -5.39
CA LEU F 217 80.51 -42.06 -4.81
C LEU F 217 79.70 -41.19 -5.76
N GLN F 218 78.75 -41.79 -6.48
CA GLN F 218 77.98 -41.06 -7.47
C GLN F 218 77.27 -39.85 -6.86
N SER F 219 77.69 -38.66 -7.29
CA SER F 219 77.07 -37.39 -6.91
C SER F 219 77.23 -37.03 -5.44
N CYS F 220 77.91 -37.85 -4.65
CA CYS F 220 78.36 -37.43 -3.34
C CYS F 220 79.66 -36.64 -3.42
N VAL F 221 80.22 -36.50 -4.62
CA VAL F 221 81.38 -35.64 -4.82
C VAL F 221 80.97 -34.20 -5.12
N LYS F 222 79.74 -33.98 -5.59
CA LYS F 222 79.30 -32.63 -5.92
C LYS F 222 79.46 -31.65 -4.75
N PRO F 223 79.01 -31.95 -3.53
CA PRO F 223 79.27 -30.99 -2.44
C PRO F 223 80.74 -30.92 -2.06
N LEU F 224 81.51 -31.96 -2.39
CA LEU F 224 82.94 -31.91 -2.17
C LEU F 224 83.64 -31.08 -3.23
N THR F 225 83.47 -31.45 -4.51
CA THR F 225 84.12 -30.72 -5.59
C THR F 225 83.67 -29.26 -5.62
N TYR F 226 82.43 -29.00 -5.21
CA TYR F 226 82.00 -27.61 -5.07
C TYR F 226 82.82 -26.90 -4.01
N ALA F 227 83.11 -27.59 -2.90
CA ALA F 227 83.95 -27.01 -1.86
C ALA F 227 85.37 -26.77 -2.36
N ILE F 228 85.84 -27.60 -3.30
CA ILE F 228 87.18 -27.42 -3.84
C ILE F 228 87.26 -26.15 -4.67
N SER F 229 86.29 -25.95 -5.56
CA SER F 229 86.30 -24.78 -6.41
C SER F 229 86.13 -23.50 -5.60
N ILE F 230 85.21 -23.50 -4.64
CA ILE F 230 84.91 -22.28 -3.91
C ILE F 230 86.05 -21.94 -2.94
N SER F 231 86.68 -22.96 -2.35
CA SER F 231 87.76 -22.72 -1.41
C SER F 231 89.10 -22.45 -2.09
N THR F 232 89.18 -22.58 -3.41
CA THR F 232 90.40 -22.32 -4.16
C THR F 232 90.26 -21.19 -5.15
N LEU F 233 89.04 -20.84 -5.55
CA LEU F 233 88.80 -19.80 -6.54
C LEU F 233 87.88 -18.70 -6.06
N GLY F 234 87.17 -18.89 -4.95
CA GLY F 234 86.33 -17.85 -4.38
C GLY F 234 84.88 -17.95 -4.81
N THR F 235 83.97 -17.65 -3.88
CA THR F 235 82.55 -17.73 -4.19
C THR F 235 82.15 -16.68 -5.23
N ASP F 236 82.82 -15.52 -5.22
CA ASP F 236 82.47 -14.45 -6.14
C ASP F 236 82.77 -14.80 -7.60
N TYR F 237 83.60 -15.80 -7.85
CA TYR F 237 83.95 -16.22 -9.21
C TYR F 237 83.27 -17.52 -9.62
N VAL F 238 83.18 -18.49 -8.72
CA VAL F 238 82.57 -19.77 -9.06
C VAL F 238 81.10 -19.58 -9.42
N HIS F 239 80.39 -18.76 -8.65
CA HIS F 239 78.95 -18.61 -8.83
C HIS F 239 78.59 -17.69 -10.00
N LYS F 240 79.57 -17.15 -10.70
CA LYS F 240 79.29 -16.43 -11.93
C LYS F 240 78.85 -17.37 -13.05
N PHE F 241 79.12 -18.67 -12.92
CA PHE F 241 78.77 -19.66 -13.93
C PHE F 241 77.73 -20.68 -13.49
N VAL F 242 77.44 -20.78 -12.19
CA VAL F 242 76.43 -21.70 -11.68
C VAL F 242 75.56 -20.92 -10.70
N GLY F 243 74.25 -21.14 -10.78
CA GLY F 243 73.34 -20.52 -9.85
C GLY F 243 73.50 -21.11 -8.46
N LYS F 244 72.60 -20.69 -7.58
CA LYS F 244 72.64 -21.13 -6.19
C LYS F 244 71.23 -21.35 -5.64
N GLU F 245 70.29 -21.75 -6.49
CA GLU F 245 68.89 -21.93 -6.11
C GLU F 245 68.37 -23.25 -6.65
N PRO F 246 67.38 -23.85 -5.99
CA PRO F 246 66.91 -25.17 -6.43
C PRO F 246 66.15 -25.10 -7.75
N SER F 247 66.46 -26.03 -8.65
CA SER F 247 65.79 -26.09 -9.94
C SER F 247 64.38 -26.65 -9.83
N GLY F 248 64.19 -27.68 -9.02
CA GLY F 248 62.91 -28.35 -8.96
C GLY F 248 62.55 -29.06 -10.25
N LEU F 249 63.54 -29.57 -10.96
CA LEU F 249 63.32 -30.29 -12.22
C LEU F 249 64.19 -31.54 -12.31
N ARG F 250 64.31 -32.29 -11.22
CA ARG F 250 65.15 -33.48 -11.19
C ARG F 250 66.62 -33.11 -11.35
N TYR F 251 67.50 -34.10 -11.35
CA TYR F 251 68.93 -33.84 -11.49
C TYR F 251 69.42 -33.84 -12.93
N ASN F 252 68.74 -34.55 -13.83
CA ASN F 252 69.13 -34.51 -15.24
C ASN F 252 69.00 -33.10 -15.78
N ALA F 253 67.77 -32.58 -15.87
CA ALA F 253 67.49 -31.16 -15.95
C ALA F 253 68.22 -30.49 -17.12
N LEU F 254 67.77 -30.83 -18.33
CA LEU F 254 68.21 -30.08 -19.52
C LEU F 254 67.52 -28.72 -19.49
N SER F 255 68.00 -27.86 -18.59
CA SER F 255 67.35 -26.59 -18.35
C SER F 255 68.31 -25.67 -17.60
N LEU F 256 68.19 -24.38 -17.86
CA LEU F 256 68.95 -23.35 -17.16
C LEU F 256 67.98 -22.26 -16.71
N ASN F 257 68.39 -21.54 -15.67
CA ASN F 257 67.54 -20.49 -15.12
C ASN F 257 67.52 -19.31 -16.09
N GLU F 258 66.85 -18.22 -15.71
CA GLU F 258 66.65 -17.11 -16.62
C GLU F 258 67.97 -16.40 -16.98
N GLU F 259 69.03 -16.61 -16.22
CA GLU F 259 70.31 -16.01 -16.53
C GLU F 259 71.11 -16.81 -17.55
N GLY F 260 70.64 -17.99 -17.95
CA GLY F 260 71.37 -18.81 -18.90
C GLY F 260 72.48 -19.65 -18.31
N ILE F 261 72.42 -19.95 -17.01
CA ILE F 261 73.43 -20.74 -16.33
C ILE F 261 72.72 -21.83 -15.55
N PRO F 262 73.42 -22.91 -15.20
CA PRO F 262 72.76 -23.98 -14.43
C PRO F 262 72.25 -23.46 -13.09
N HIS F 263 71.14 -24.06 -12.64
CA HIS F 263 70.41 -23.53 -11.50
C HIS F 263 71.25 -23.57 -10.22
N ASN F 264 71.99 -24.64 -10.00
CA ASN F 264 72.72 -24.82 -8.75
C ASN F 264 73.84 -25.82 -8.99
N PRO F 265 74.83 -25.88 -8.10
CA PRO F 265 75.96 -26.81 -8.31
C PRO F 265 75.66 -28.26 -7.96
N MET F 266 74.41 -28.62 -7.69
CA MET F 266 74.04 -30.00 -7.37
C MET F 266 73.42 -30.74 -8.55
N VAL F 267 72.64 -30.06 -9.38
CA VAL F 267 72.13 -30.71 -10.60
C VAL F 267 73.31 -31.00 -11.53
N ASN F 268 73.08 -31.93 -12.46
CA ASN F 268 74.15 -32.33 -13.37
C ASN F 268 74.64 -31.16 -14.20
N ALA F 269 73.72 -30.30 -14.65
CA ALA F 269 74.13 -29.15 -15.46
C ALA F 269 75.06 -28.23 -14.68
N GLY F 270 74.99 -28.25 -13.35
CA GLY F 270 75.86 -27.45 -12.52
C GLY F 270 77.11 -28.18 -12.10
N ALA F 271 76.99 -29.48 -11.81
CA ALA F 271 78.16 -30.25 -11.38
C ALA F 271 79.19 -30.34 -12.50
N ILE F 272 78.75 -30.26 -13.76
CA ILE F 272 79.70 -30.24 -14.87
C ILE F 272 80.44 -28.92 -14.89
N VAL F 273 79.73 -27.80 -14.67
CA VAL F 273 80.37 -26.49 -14.76
C VAL F 273 81.40 -26.32 -13.64
N VAL F 274 81.05 -26.71 -12.41
CA VAL F 274 82.03 -26.61 -11.33
C VAL F 274 83.20 -27.56 -11.57
N SER F 275 82.97 -28.69 -12.23
CA SER F 275 84.08 -29.57 -12.57
C SER F 275 85.04 -28.90 -13.55
N SER F 276 84.52 -28.07 -14.46
CA SER F 276 85.39 -27.38 -15.41
C SER F 276 86.28 -26.38 -14.71
N LEU F 277 85.83 -25.80 -13.59
CA LEU F 277 86.58 -24.75 -12.92
C LEU F 277 87.87 -25.27 -12.28
N ILE F 278 88.02 -26.59 -12.14
CA ILE F 278 89.19 -27.14 -11.47
C ILE F 278 90.35 -27.17 -12.45
N LYS F 279 91.32 -26.27 -12.25
CA LYS F 279 92.58 -26.28 -13.00
C LYS F 279 92.33 -26.21 -14.51
N MET F 280 91.80 -25.05 -14.92
CA MET F 280 91.46 -24.84 -16.32
C MET F 280 92.63 -25.12 -17.26
N ASP F 281 93.85 -24.80 -16.83
CA ASP F 281 95.02 -24.87 -17.71
C ASP F 281 95.74 -26.21 -17.66
N CYS F 282 95.81 -26.86 -16.50
CA CYS F 282 96.55 -28.11 -16.39
C CYS F 282 95.89 -29.21 -17.22
N ASN F 283 96.55 -30.36 -17.28
CA ASN F 283 96.11 -31.47 -18.12
C ASN F 283 95.18 -32.40 -17.34
N LYS F 284 94.76 -33.48 -18.01
CA LYS F 284 93.78 -34.38 -17.42
C LYS F 284 94.32 -35.04 -16.15
N ALA F 285 95.58 -35.48 -16.18
CA ALA F 285 96.14 -36.19 -15.05
C ALA F 285 96.16 -35.32 -13.80
N GLU F 286 96.52 -34.04 -13.96
CA GLU F 286 96.59 -33.15 -12.81
C GLU F 286 95.19 -32.77 -12.33
N LYS F 287 94.22 -32.69 -13.23
CA LYS F 287 92.86 -32.32 -12.83
C LYS F 287 92.28 -33.35 -11.86
N PHE F 288 92.30 -34.63 -12.23
CA PHE F 288 91.78 -35.65 -11.34
C PHE F 288 92.65 -35.81 -10.10
N ASP F 289 93.97 -35.72 -10.27
CA ASP F 289 94.86 -35.86 -9.12
C ASP F 289 94.65 -34.73 -8.12
N PHE F 290 94.46 -33.50 -8.61
CA PHE F 290 94.29 -32.37 -7.71
C PHE F 290 93.06 -32.54 -6.83
N VAL F 291 91.94 -32.92 -7.41
CA VAL F 291 90.73 -33.16 -6.63
C VAL F 291 90.93 -34.33 -5.69
N LEU F 292 91.54 -35.41 -6.18
CA LEU F 292 91.65 -36.63 -5.38
C LEU F 292 92.49 -36.42 -4.12
N GLN F 293 93.44 -35.47 -4.15
CA GLN F 293 94.21 -35.20 -2.95
C GLN F 293 93.32 -34.67 -1.84
N TYR F 294 92.39 -33.77 -2.18
CA TYR F 294 91.44 -33.29 -1.17
C TYR F 294 90.59 -34.41 -0.63
N LEU F 295 90.09 -35.29 -1.51
CA LEU F 295 89.23 -36.37 -1.07
C LEU F 295 89.96 -37.31 -0.10
N ASN F 296 91.28 -37.46 -0.26
CA ASN F 296 92.04 -38.23 0.70
C ASN F 296 92.22 -37.47 2.01
N LYS F 297 92.55 -36.18 1.92
CA LYS F 297 92.72 -35.37 3.13
C LYS F 297 91.41 -35.25 3.89
N MET F 298 90.31 -35.08 3.16
CA MET F 298 89.00 -34.97 3.82
C MET F 298 88.65 -36.25 4.55
N ALA F 299 88.99 -37.41 3.99
CA ALA F 299 88.59 -38.70 4.51
C ALA F 299 89.57 -39.28 5.51
N GLY F 300 90.53 -38.48 5.99
CA GLY F 300 91.49 -38.98 6.95
C GLY F 300 92.39 -40.07 6.41
N ASN F 301 92.72 -40.01 5.12
CA ASN F 301 93.63 -40.97 4.49
C ASN F 301 93.15 -42.41 4.67
N GLU F 302 91.83 -42.59 4.63
CA GLU F 302 91.24 -43.92 4.66
C GLU F 302 90.96 -44.37 3.23
N TYR F 303 90.18 -45.44 3.07
CA TYR F 303 89.98 -46.06 1.77
C TYR F 303 89.49 -45.05 0.74
N MET F 304 90.19 -44.99 -0.39
CA MET F 304 89.85 -44.07 -1.48
C MET F 304 90.28 -44.75 -2.77
N GLY F 305 89.31 -45.39 -3.44
CA GLY F 305 89.56 -46.15 -4.64
C GLY F 305 89.08 -45.45 -5.89
N PHE F 306 88.86 -46.25 -6.94
CA PHE F 306 88.36 -45.73 -8.20
C PHE F 306 87.71 -46.89 -8.95
N SER F 307 86.39 -46.87 -9.08
CA SER F 307 85.64 -47.94 -9.72
C SER F 307 85.75 -47.78 -11.23
N ASN F 308 86.77 -48.41 -11.81
CA ASN F 308 86.94 -48.36 -13.26
C ASN F 308 85.75 -49.01 -13.96
N ALA F 309 85.10 -49.99 -13.33
CA ALA F 309 83.89 -50.54 -13.90
C ALA F 309 82.79 -49.50 -13.96
N THR F 310 82.66 -48.69 -12.92
CA THR F 310 81.64 -47.64 -12.88
C THR F 310 82.05 -46.39 -13.65
N PHE F 311 83.32 -46.28 -14.06
CA PHE F 311 83.76 -45.16 -14.88
C PHE F 311 83.53 -45.41 -16.36
N GLN F 312 83.95 -46.59 -16.86
CA GLN F 312 83.69 -46.91 -18.26
C GLN F 312 82.20 -46.98 -18.53
N SER F 313 81.44 -47.58 -17.62
CA SER F 313 80.02 -47.33 -17.59
C SER F 313 79.77 -45.90 -17.13
N GLU F 314 78.64 -45.34 -17.59
CA GLU F 314 78.31 -43.92 -17.43
C GLU F 314 79.11 -43.04 -18.39
N LYS F 315 80.04 -43.63 -19.13
CA LYS F 315 80.75 -42.93 -20.21
C LYS F 315 80.33 -43.41 -21.59
N GLU F 316 79.89 -44.67 -21.69
CA GLU F 316 79.33 -45.19 -22.93
C GLU F 316 77.81 -45.14 -22.95
N THR F 317 77.16 -45.09 -21.79
CA THR F 317 75.72 -45.05 -21.68
C THR F 317 75.18 -43.76 -21.09
N GLY F 318 76.04 -42.90 -20.53
CA GLY F 318 75.58 -41.66 -19.96
C GLY F 318 75.27 -40.61 -21.02
N ASP F 319 74.31 -40.93 -21.89
CA ASP F 319 74.02 -40.02 -23.00
C ASP F 319 73.31 -38.76 -22.52
N ARG F 320 72.59 -38.84 -21.39
CA ARG F 320 71.94 -37.64 -20.88
C ARG F 320 72.95 -36.59 -20.44
N ASN F 321 74.03 -37.03 -19.79
CA ASN F 321 75.06 -36.07 -19.38
C ASN F 321 75.79 -35.50 -20.59
N TYR F 322 75.97 -36.31 -21.63
CA TYR F 322 76.57 -35.79 -22.86
C TYR F 322 75.68 -34.72 -23.49
N ALA F 323 74.36 -34.94 -23.49
CA ALA F 323 73.45 -33.91 -23.99
C ALA F 323 73.52 -32.65 -23.14
N ILE F 324 73.61 -32.81 -21.82
CA ILE F 324 73.74 -31.64 -20.94
C ILE F 324 75.06 -30.94 -21.20
N GLY F 325 76.10 -31.70 -21.49
CA GLY F 325 77.39 -31.09 -21.77
C GLY F 325 77.35 -30.20 -23.00
N TYR F 326 76.75 -30.70 -24.09
CA TYR F 326 76.67 -29.90 -25.31
C TYR F 326 75.67 -28.77 -25.18
N TYR F 327 74.55 -29.00 -24.48
CA TYR F 327 73.59 -27.93 -24.26
C TYR F 327 74.22 -26.78 -23.51
N LEU F 328 75.09 -27.07 -22.53
CA LEU F 328 75.82 -26.01 -21.86
C LEU F 328 76.86 -25.39 -22.77
N LYS F 329 77.49 -26.20 -23.63
CA LYS F 329 78.52 -25.67 -24.52
C LYS F 329 77.93 -24.66 -25.49
N GLU F 330 76.71 -24.91 -25.97
CA GLU F 330 76.05 -23.94 -26.84
C GLU F 330 75.82 -22.62 -26.13
N LYS F 331 75.34 -22.68 -24.88
CA LYS F 331 74.98 -21.48 -24.14
C LYS F 331 76.19 -20.72 -23.62
N LYS F 332 77.41 -21.21 -23.87
CA LYS F 332 78.63 -20.46 -23.56
C LYS F 332 78.72 -20.13 -22.08
N CYS F 333 78.26 -21.05 -21.24
CA CYS F 333 78.34 -20.88 -19.79
C CYS F 333 79.57 -21.53 -19.18
N PHE F 334 80.45 -22.11 -19.99
CA PHE F 334 81.75 -22.54 -19.52
C PHE F 334 82.72 -21.38 -19.52
N PRO F 335 83.79 -21.43 -18.72
CA PRO F 335 84.82 -20.40 -18.81
C PRO F 335 85.52 -20.43 -20.17
N LYS F 336 86.01 -19.27 -20.59
CA LYS F 336 86.70 -19.18 -21.87
C LYS F 336 87.93 -20.08 -21.88
N GLY F 337 88.19 -20.67 -23.05
CA GLY F 337 89.36 -21.52 -23.19
C GLY F 337 89.28 -22.84 -22.46
N VAL F 338 88.08 -23.32 -22.15
CA VAL F 338 87.88 -24.60 -21.48
C VAL F 338 86.97 -25.45 -22.34
N ASP F 339 87.47 -26.61 -22.76
CA ASP F 339 86.67 -27.52 -23.56
C ASP F 339 85.69 -28.29 -22.67
N MET F 340 84.52 -28.58 -23.24
CA MET F 340 83.49 -29.31 -22.50
C MET F 340 83.88 -30.75 -22.23
N MET F 341 84.63 -31.36 -23.16
CA MET F 341 84.94 -32.78 -23.03
C MET F 341 85.76 -33.06 -21.77
N ALA F 342 86.78 -32.25 -21.50
CA ALA F 342 87.64 -32.48 -20.35
C ALA F 342 86.85 -32.33 -19.04
N ALA F 343 86.03 -31.29 -18.94
CA ALA F 343 85.24 -31.10 -17.74
C ALA F 343 84.23 -32.24 -17.56
N LEU F 344 83.56 -32.62 -18.64
CA LEU F 344 82.62 -33.74 -18.55
C LEU F 344 83.35 -35.04 -18.27
N ASP F 345 84.53 -35.23 -18.86
CA ASP F 345 85.32 -36.43 -18.57
C ASP F 345 85.70 -36.48 -17.10
N LEU F 346 86.11 -35.34 -16.54
CA LEU F 346 86.45 -35.30 -15.12
C LEU F 346 85.23 -35.62 -14.27
N TYR F 347 84.05 -35.13 -14.67
CA TYR F 347 82.85 -35.37 -13.89
C TYR F 347 82.55 -36.86 -13.78
N PHE F 348 82.71 -37.60 -14.88
CA PHE F 348 82.53 -39.04 -14.81
C PHE F 348 83.58 -39.69 -13.93
N GLN F 349 84.83 -39.21 -14.02
CA GLN F 349 85.89 -39.78 -13.19
C GLN F 349 85.61 -39.55 -11.71
N LEU F 350 85.22 -38.33 -11.34
CA LEU F 350 84.96 -38.03 -9.94
C LEU F 350 83.80 -38.84 -9.41
N CYS F 351 82.72 -38.96 -10.17
CA CYS F 351 81.57 -39.72 -9.73
C CYS F 351 81.85 -41.21 -9.65
N SER F 352 82.91 -41.68 -10.30
CA SER F 352 83.27 -43.10 -10.26
C SER F 352 84.22 -43.45 -9.12
N VAL F 353 84.66 -42.46 -8.33
CA VAL F 353 85.46 -42.78 -7.16
C VAL F 353 84.62 -43.60 -6.19
N GLU F 354 85.24 -44.57 -5.55
CA GLU F 354 84.57 -45.49 -4.64
C GLU F 354 85.17 -45.35 -3.24
N VAL F 355 84.30 -45.46 -2.24
CA VAL F 355 84.69 -45.39 -0.83
C VAL F 355 83.89 -46.44 -0.07
N THR F 356 84.14 -46.52 1.23
CA THR F 356 83.36 -47.31 2.16
C THR F 356 82.55 -46.39 3.06
N CYS F 357 81.57 -46.96 3.76
CA CYS F 357 80.78 -46.16 4.70
C CYS F 357 81.68 -45.61 5.80
N GLU F 358 82.60 -46.42 6.30
CA GLU F 358 83.54 -45.94 7.31
C GLU F 358 84.44 -44.84 6.75
N SER F 359 84.93 -45.03 5.52
CA SER F 359 85.79 -44.01 4.91
C SER F 359 84.98 -42.79 4.48
N GLY F 360 83.74 -42.99 4.04
CA GLY F 360 82.87 -41.91 3.68
C GLY F 360 82.17 -41.23 4.84
N SER F 361 82.34 -41.75 6.06
CA SER F 361 81.79 -41.08 7.24
C SER F 361 82.67 -39.93 7.69
N VAL F 362 83.99 -40.04 7.50
CA VAL F 362 84.87 -38.93 7.84
C VAL F 362 84.56 -37.73 6.96
N MET F 363 84.47 -37.95 5.65
CA MET F 363 83.76 -37.01 4.80
C MET F 363 82.32 -36.96 5.28
N ALA F 364 81.73 -35.76 5.24
CA ALA F 364 80.46 -35.45 5.89
C ALA F 364 80.63 -35.27 7.39
N ALA F 365 81.82 -35.57 7.92
CA ALA F 365 82.22 -35.15 9.26
C ALA F 365 83.37 -34.18 9.22
N THR F 366 84.15 -34.17 8.14
CA THR F 366 85.13 -33.11 7.92
C THR F 366 84.43 -31.78 7.70
N LEU F 367 83.36 -31.78 6.89
CA LEU F 367 82.58 -30.57 6.65
C LEU F 367 81.39 -30.45 7.58
N ALA F 368 81.15 -31.43 8.47
CA ALA F 368 80.29 -31.16 9.62
C ALA F 368 80.95 -30.16 10.54
N ASN F 369 82.26 -30.28 10.72
CA ASN F 369 83.06 -29.28 11.41
C ASN F 369 83.33 -28.12 10.44
N GLY F 370 84.20 -27.20 10.84
CA GLY F 370 84.51 -26.06 10.01
C GLY F 370 85.59 -26.33 8.98
N GLY F 371 85.53 -27.48 8.32
CA GLY F 371 86.49 -27.85 7.30
C GLY F 371 87.75 -28.51 7.80
N ILE F 372 87.89 -28.71 9.12
CA ILE F 372 89.03 -29.38 9.70
C ILE F 372 88.67 -30.85 9.90
N CYS F 373 89.53 -31.74 9.44
CA CYS F 373 89.25 -33.16 9.53
C CYS F 373 89.24 -33.60 10.99
N PRO F 374 88.17 -34.24 11.47
CA PRO F 374 88.13 -34.60 12.90
C PRO F 374 89.23 -35.57 13.30
N ILE F 375 89.62 -36.49 12.42
CA ILE F 375 90.57 -37.52 12.78
C ILE F 375 91.97 -36.95 12.87
N THR F 376 92.49 -36.44 11.76
CA THR F 376 93.88 -36.00 11.66
C THR F 376 94.06 -34.51 11.92
N GLY F 377 92.98 -33.74 11.99
CA GLY F 377 93.05 -32.35 12.39
C GLY F 377 93.52 -31.39 11.30
N GLU F 378 93.83 -31.89 10.11
CA GLU F 378 94.30 -31.01 9.05
C GLU F 378 93.19 -30.09 8.56
N SER F 379 93.55 -28.84 8.30
CA SER F 379 92.63 -27.84 7.78
C SER F 379 92.56 -28.02 6.26
N VAL F 380 91.40 -28.44 5.77
CA VAL F 380 91.24 -28.78 4.36
C VAL F 380 90.53 -27.65 3.63
N LEU F 381 89.31 -27.34 4.04
CA LEU F 381 88.44 -26.41 3.35
C LEU F 381 88.33 -25.10 4.12
N SER F 382 88.04 -24.03 3.39
CA SER F 382 87.76 -22.76 4.04
C SER F 382 86.46 -22.87 4.84
N ALA F 383 86.37 -22.05 5.88
CA ALA F 383 85.16 -22.05 6.70
C ALA F 383 83.95 -21.61 5.89
N GLU F 384 84.13 -20.64 5.00
CA GLU F 384 83.03 -20.22 4.14
C GLU F 384 82.65 -21.33 3.16
N ALA F 385 83.64 -22.09 2.68
CA ALA F 385 83.35 -23.16 1.72
C ALA F 385 82.43 -24.21 2.31
N VAL F 386 82.66 -24.59 3.56
CA VAL F 386 81.77 -25.53 4.22
C VAL F 386 80.41 -24.88 4.48
N ARG F 387 80.41 -23.59 4.82
CA ARG F 387 79.15 -22.87 5.03
C ARG F 387 78.34 -22.80 3.73
N ASN F 388 79.02 -22.54 2.61
CA ASN F 388 78.32 -22.37 1.35
C ASN F 388 77.84 -23.71 0.79
N THR F 389 78.65 -24.76 0.94
CA THR F 389 78.27 -26.07 0.40
C THR F 389 77.19 -26.74 1.24
N LEU F 390 77.23 -26.56 2.57
CA LEU F 390 76.19 -27.12 3.41
C LEU F 390 74.84 -26.48 3.12
N SER F 391 74.83 -25.16 2.93
CA SER F 391 73.57 -24.47 2.65
C SER F 391 72.95 -24.97 1.36
N LEU F 392 73.78 -25.29 0.36
CA LEU F 392 73.26 -25.81 -0.89
C LEU F 392 72.85 -27.28 -0.76
N MET F 393 73.55 -28.04 0.08
CA MET F 393 73.11 -29.41 0.34
C MET F 393 71.75 -29.42 1.02
N HIS F 394 71.46 -28.45 1.86
CA HIS F 394 70.15 -28.36 2.50
C HIS F 394 69.07 -28.03 1.48
N SER F 395 69.30 -26.99 0.66
CA SER F 395 68.25 -26.51 -0.22
C SER F 395 68.00 -27.47 -1.36
N CYS F 396 69.06 -27.96 -2.01
CA CYS F 396 68.93 -28.78 -3.21
C CYS F 396 69.93 -29.93 -3.23
N GLY F 397 70.29 -30.46 -2.06
CA GLY F 397 71.22 -31.59 -2.03
C GLY F 397 70.61 -32.89 -2.50
N MET F 398 69.28 -32.97 -2.60
CA MET F 398 68.61 -34.19 -3.02
C MET F 398 67.59 -33.92 -4.12
N TYR F 399 67.74 -32.83 -4.84
CA TYR F 399 66.93 -32.52 -6.03
C TYR F 399 65.47 -32.41 -5.59
N ASP F 400 64.52 -33.12 -6.22
CA ASP F 400 63.11 -32.91 -5.92
C ASP F 400 62.79 -33.25 -4.48
N PHE F 401 63.37 -34.33 -3.94
CA PHE F 401 63.05 -34.78 -2.61
C PHE F 401 63.72 -33.95 -1.52
N SER F 402 64.43 -32.88 -1.88
CA SER F 402 65.09 -32.06 -0.86
C SER F 402 64.07 -31.43 0.07
N GLY F 403 62.95 -30.95 -0.46
CA GLY F 403 61.95 -30.31 0.37
C GLY F 403 61.37 -31.26 1.41
N GLN F 404 61.08 -32.49 1.01
CA GLN F 404 60.57 -33.47 1.95
C GLN F 404 61.64 -33.87 2.97
N PHE F 405 62.90 -33.91 2.53
CA PHE F 405 63.97 -34.24 3.46
C PHE F 405 64.18 -33.13 4.49
N ALA F 406 64.24 -31.87 4.02
CA ALA F 406 64.37 -30.76 4.96
C ALA F 406 63.16 -30.66 5.87
N PHE F 407 61.96 -30.89 5.34
CA PHE F 407 60.76 -30.85 6.16
C PHE F 407 60.80 -31.91 7.26
N HIS F 408 61.15 -33.14 6.90
CA HIS F 408 61.11 -34.25 7.85
C HIS F 408 62.42 -34.40 8.62
N VAL F 409 63.55 -34.36 7.93
CA VAL F 409 64.85 -34.58 8.56
C VAL F 409 65.44 -33.23 8.97
N GLY F 410 65.65 -32.34 8.00
CA GLY F 410 66.20 -31.04 8.29
C GLY F 410 67.68 -31.06 8.53
N LEU F 411 68.43 -31.69 7.62
CA LEU F 411 69.88 -31.75 7.71
C LEU F 411 70.43 -31.65 6.30
N PRO F 412 71.68 -31.17 6.13
CA PRO F 412 72.30 -31.22 4.80
C PRO F 412 72.73 -32.63 4.45
N ALA F 413 72.03 -33.23 3.49
CA ALA F 413 72.33 -34.58 3.02
C ALA F 413 72.32 -34.59 1.50
N LYS F 414 73.21 -35.40 0.93
CA LYS F 414 73.38 -35.51 -0.51
C LYS F 414 72.98 -36.91 -0.95
N SER F 415 71.93 -36.99 -1.76
CA SER F 415 71.51 -38.27 -2.31
C SER F 415 72.56 -38.79 -3.28
N ALA F 416 72.38 -40.05 -3.69
CA ALA F 416 73.28 -40.67 -4.64
C ALA F 416 72.58 -41.86 -5.26
N VAL F 417 72.75 -42.02 -6.59
CA VAL F 417 72.13 -43.14 -7.28
C VAL F 417 72.74 -44.46 -6.84
N SER F 418 73.94 -44.45 -6.27
CA SER F 418 74.56 -45.65 -5.73
C SER F 418 74.08 -45.97 -4.33
N GLY F 419 73.01 -45.34 -3.86
CA GLY F 419 72.43 -45.63 -2.56
C GLY F 419 73.03 -44.86 -1.40
N ALA F 420 74.05 -44.05 -1.65
CA ALA F 420 74.69 -43.33 -0.55
C ALA F 420 73.85 -42.13 -0.13
N ILE F 421 73.98 -41.76 1.14
CA ILE F 421 73.34 -40.57 1.69
C ILE F 421 74.35 -39.85 2.56
N LEU F 422 74.99 -38.80 2.02
CA LEU F 422 76.06 -38.10 2.71
C LEU F 422 75.43 -37.16 3.74
N LEU F 423 74.99 -37.76 4.85
CA LEU F 423 74.31 -36.99 5.89
C LEU F 423 75.32 -36.22 6.72
N VAL F 424 74.93 -34.99 7.11
CA VAL F 424 75.77 -34.11 7.90
C VAL F 424 74.95 -33.55 9.05
N VAL F 425 75.50 -33.63 10.25
CA VAL F 425 74.91 -33.02 11.44
C VAL F 425 75.93 -32.00 11.96
N PRO F 426 75.79 -30.71 11.64
CA PRO F 426 76.85 -29.75 11.99
C PRO F 426 77.14 -29.73 13.48
N ASN F 427 78.43 -29.66 13.83
CA ASN F 427 78.91 -29.55 15.20
C ASN F 427 78.58 -30.78 16.05
N VAL F 428 78.10 -31.86 15.44
CA VAL F 428 77.81 -33.09 16.17
C VAL F 428 78.53 -34.27 15.53
N MET F 429 78.14 -34.63 14.30
CA MET F 429 78.72 -35.78 13.63
C MET F 429 78.29 -35.76 12.17
N GLY F 430 78.62 -36.84 11.46
CA GLY F 430 78.22 -37.01 10.08
C GLY F 430 78.13 -38.48 9.72
N MET F 431 77.11 -38.85 8.95
CA MET F 431 76.82 -40.24 8.63
C MET F 431 76.84 -40.44 7.12
N MET F 432 77.21 -41.66 6.71
CA MET F 432 77.11 -42.11 5.33
C MET F 432 76.55 -43.52 5.35
N CYS F 433 75.28 -43.67 4.96
CA CYS F 433 74.60 -44.95 4.94
C CYS F 433 74.39 -45.40 3.51
N LEU F 434 74.56 -46.69 3.27
CA LEU F 434 74.53 -47.28 1.94
C LEU F 434 73.31 -48.17 1.79
N SER F 435 72.54 -47.96 0.73
CA SER F 435 71.42 -48.82 0.37
C SER F 435 71.14 -48.70 -1.12
N PRO F 436 71.58 -49.64 -1.94
CA PRO F 436 71.37 -49.53 -3.40
C PRO F 436 69.91 -49.35 -3.78
N PRO F 437 68.95 -50.03 -3.09
CA PRO F 437 67.54 -49.76 -3.42
C PRO F 437 67.15 -48.29 -3.34
N LEU F 438 66.77 -47.70 -4.46
CA LEU F 438 66.38 -46.30 -4.56
C LEU F 438 64.87 -46.13 -4.43
N ASP F 439 64.46 -44.88 -4.23
CA ASP F 439 63.06 -44.49 -4.31
C ASP F 439 62.78 -43.93 -5.70
N LYS F 440 61.59 -43.34 -5.88
CA LYS F 440 61.22 -42.82 -7.20
C LYS F 440 62.13 -41.69 -7.66
N LEU F 441 62.52 -40.81 -6.76
CA LEU F 441 63.22 -39.57 -7.12
C LEU F 441 64.73 -39.69 -7.05
N GLY F 442 65.26 -40.89 -6.83
CA GLY F 442 66.70 -41.08 -6.73
C GLY F 442 67.23 -41.07 -5.31
N ASN F 443 66.45 -41.51 -4.34
CA ASN F 443 66.84 -41.52 -2.94
C ASN F 443 66.78 -42.95 -2.41
N SER F 444 67.79 -43.32 -1.62
CA SER F 444 67.80 -44.65 -1.04
C SER F 444 66.69 -44.78 -0.01
N HIS F 445 65.86 -45.82 -0.17
CA HIS F 445 64.70 -45.98 0.70
C HIS F 445 65.11 -46.30 2.13
N ARG F 446 66.01 -47.28 2.30
CA ARG F 446 66.45 -47.64 3.65
C ARG F 446 67.25 -46.51 4.27
N GLY F 447 68.10 -45.85 3.50
CA GLY F 447 68.90 -44.77 4.04
C GLY F 447 68.06 -43.57 4.46
N THR F 448 67.09 -43.19 3.64
CA THR F 448 66.25 -42.04 3.97
C THR F 448 65.44 -42.31 5.23
N SER F 449 64.88 -43.52 5.36
CA SER F 449 64.09 -43.83 6.55
C SER F 449 64.95 -43.79 7.80
N PHE F 450 66.20 -44.27 7.71
CA PHE F 450 67.08 -44.20 8.87
C PHE F 450 67.31 -42.76 9.30
N CYS F 451 67.52 -41.86 8.33
CA CYS F 451 67.69 -40.45 8.65
C CYS F 451 66.42 -39.89 9.28
N GLN F 452 65.25 -40.23 8.73
CA GLN F 452 64.00 -39.72 9.25
C GLN F 452 63.74 -40.21 10.67
N LYS F 453 63.97 -41.49 10.92
CA LYS F 453 63.79 -42.04 12.26
C LYS F 453 64.82 -41.47 13.23
N LEU F 454 66.07 -41.31 12.78
CA LEU F 454 67.12 -40.83 13.67
C LEU F 454 66.82 -39.43 14.20
N VAL F 455 66.46 -38.51 13.30
CA VAL F 455 66.22 -37.14 13.72
C VAL F 455 64.98 -37.05 14.59
N SER F 456 63.96 -37.85 14.29
CA SER F 456 62.72 -37.80 15.06
C SER F 456 62.93 -38.18 16.51
N LEU F 457 64.05 -38.86 16.83
CA LEU F 457 64.31 -39.31 18.19
C LEU F 457 65.52 -38.66 18.84
N PHE F 458 66.54 -38.28 18.05
CA PHE F 458 67.78 -37.77 18.60
C PHE F 458 67.87 -36.25 18.61
N ASN F 459 66.83 -35.53 18.16
CA ASN F 459 66.75 -34.08 18.30
C ASN F 459 67.90 -33.40 17.56
N PHE F 460 67.95 -33.63 16.25
CA PHE F 460 68.94 -33.01 15.38
C PHE F 460 68.32 -32.08 14.33
N HIS F 461 67.00 -31.89 14.36
CA HIS F 461 66.38 -30.95 13.44
C HIS F 461 66.83 -29.53 13.74
N ASN F 462 66.80 -28.69 12.70
CA ASN F 462 67.24 -27.31 12.86
C ASN F 462 66.31 -26.48 13.72
N TYR F 463 65.09 -26.98 13.98
CA TYR F 463 64.03 -26.17 14.60
C TYR F 463 63.36 -26.92 15.74
N ASP F 464 64.16 -27.46 16.67
CA ASP F 464 63.60 -28.16 17.82
C ASP F 464 62.77 -27.25 18.71
N ASN F 465 62.90 -25.93 18.58
CA ASN F 465 62.21 -24.94 19.41
C ASN F 465 62.27 -25.35 20.89
N LEU F 466 63.48 -25.39 21.44
CA LEU F 466 63.71 -25.97 22.76
C LEU F 466 63.11 -25.09 23.86
N ARG F 467 61.78 -25.11 23.97
CA ARG F 467 61.07 -24.38 25.00
C ARG F 467 60.10 -25.24 25.80
N HIS F 468 59.43 -26.20 25.16
CA HIS F 468 58.43 -27.03 25.84
C HIS F 468 58.40 -28.39 25.14
N CYS F 469 59.11 -29.36 25.71
CA CYS F 469 59.14 -30.72 25.20
C CYS F 469 59.96 -31.58 26.15
N ALA F 470 59.68 -32.88 26.14
CA ALA F 470 60.44 -33.83 26.94
C ALA F 470 60.59 -35.10 26.10
N ARG F 471 61.62 -35.13 25.26
CA ARG F 471 61.91 -36.27 24.39
C ARG F 471 63.28 -36.88 24.71
N LYS F 472 64.31 -36.05 24.82
CA LYS F 472 65.65 -36.51 25.16
C LYS F 472 66.30 -35.50 26.10
N LEU F 473 67.36 -35.95 26.77
CA LEU F 473 68.13 -35.12 27.69
C LEU F 473 69.61 -35.31 27.38
N ASP F 474 69.94 -35.25 26.08
CA ASP F 474 71.32 -35.45 25.66
C ASP F 474 72.28 -34.41 26.22
N PRO F 475 71.98 -33.11 26.19
CA PRO F 475 72.90 -32.14 26.80
C PRO F 475 72.84 -32.21 28.32
N ARG F 476 74.01 -32.11 28.95
CA ARG F 476 74.13 -32.13 30.41
C ARG F 476 73.50 -33.39 30.98
N ARG F 477 74.18 -34.52 30.76
CA ARG F 477 73.69 -35.81 31.25
C ARG F 477 73.72 -35.83 32.78
N LEU G 69 72.25 -19.26 55.10
CA LEU G 69 72.95 -18.70 56.29
C LEU G 69 72.41 -17.31 56.64
N SER G 70 72.05 -16.54 55.62
CA SER G 70 71.53 -15.20 55.79
C SER G 70 70.21 -15.07 55.03
N ARG G 71 69.35 -14.19 55.54
CA ARG G 71 68.04 -14.00 54.94
C ARG G 71 68.17 -13.42 53.54
N LEU G 72 67.50 -14.04 52.57
CA LEU G 72 67.47 -13.59 51.19
C LEU G 72 66.13 -12.99 50.80
N GLY G 73 65.23 -12.75 51.76
CA GLY G 73 63.90 -12.29 51.44
C GLY G 73 63.76 -10.80 51.18
N ASP G 74 64.84 -10.03 51.35
CA ASP G 74 64.76 -8.58 51.21
C ASP G 74 65.79 -8.03 50.23
N LEU G 75 66.35 -8.86 49.35
CA LEU G 75 67.27 -8.38 48.32
C LEU G 75 66.55 -7.81 47.11
N LEU G 76 65.23 -8.03 46.99
CA LEU G 76 64.50 -7.54 45.83
C LEU G 76 64.49 -6.02 45.78
N PHE G 77 64.28 -5.38 46.93
CA PHE G 77 64.26 -3.91 46.96
C PHE G 77 65.66 -3.34 46.84
N TYR G 78 66.62 -3.94 47.54
CA TYR G 78 67.98 -3.38 47.59
C TYR G 78 68.65 -3.40 46.22
N THR G 79 68.46 -4.49 45.46
CA THR G 79 69.22 -4.65 44.22
C THR G 79 68.92 -3.54 43.22
N ILE G 80 67.65 -3.14 43.07
CA ILE G 80 67.33 -2.03 42.19
C ILE G 80 67.75 -0.71 42.84
N ALA G 81 67.64 -0.62 44.17
CA ALA G 81 67.96 0.62 44.86
C ALA G 81 69.46 0.86 44.97
N GLU G 82 70.28 -0.19 45.02
CA GLU G 82 71.71 -0.05 45.25
C GLU G 82 71.99 0.70 46.55
N GLY G 83 71.19 0.42 47.56
CA GLY G 83 71.34 1.04 48.87
C GLY G 83 70.59 2.34 49.06
N GLN G 84 69.99 2.88 48.01
CA GLN G 84 69.24 4.13 48.14
C GLN G 84 67.99 3.92 48.99
N GLU G 85 67.67 4.95 49.79
CA GLU G 85 66.52 4.85 50.69
C GLU G 85 65.21 4.82 49.92
N ARG G 86 65.06 5.69 48.93
CA ARG G 86 63.83 5.81 48.16
C ARG G 86 64.15 6.04 46.69
N ILE G 87 63.20 5.67 45.84
CA ILE G 87 63.37 5.77 44.39
C ILE G 87 62.11 6.42 43.82
N PRO G 88 62.19 7.24 42.77
CA PRO G 88 60.97 7.82 42.19
C PRO G 88 60.25 6.82 41.29
N ILE G 89 59.09 7.26 40.79
CA ILE G 89 58.29 6.41 39.90
C ILE G 89 58.97 6.27 38.53
N HIS G 90 59.52 7.38 38.02
CA HIS G 90 60.05 7.36 36.66
C HIS G 90 61.30 6.50 36.55
N LYS G 91 61.99 6.23 37.66
CA LYS G 91 63.21 5.43 37.61
C LYS G 91 62.92 4.02 37.13
N PHE G 92 61.85 3.40 37.65
CA PHE G 92 61.57 2.01 37.29
C PHE G 92 61.21 1.87 35.82
N THR G 93 60.30 2.69 35.33
CA THR G 93 59.91 2.61 33.93
C THR G 93 61.08 2.92 33.00
N THR G 94 61.86 3.96 33.34
CA THR G 94 63.04 4.26 32.55
C THR G 94 64.09 3.16 32.67
N ALA G 95 64.21 2.55 33.85
CA ALA G 95 65.11 1.42 34.01
C ALA G 95 64.59 0.21 33.22
N LEU G 96 63.28 0.02 33.18
CA LEU G 96 62.71 -1.08 32.42
C LEU G 96 62.75 -0.87 30.92
N LYS G 97 62.81 0.39 30.46
CA LYS G 97 63.00 0.63 29.03
C LYS G 97 64.32 0.06 28.56
N ALA G 98 65.39 0.23 29.34
CA ALA G 98 66.59 -0.56 29.13
C ALA G 98 66.28 -2.02 29.43
N THR G 99 67.07 -2.90 28.82
CA THR G 99 66.87 -4.36 28.78
C THR G 99 65.83 -4.74 27.74
N GLY G 100 65.23 -3.80 27.02
CA GLY G 100 64.35 -4.08 25.91
C GLY G 100 62.87 -4.08 26.25
N LEU G 101 62.49 -4.53 27.45
CA LEU G 101 61.08 -4.63 27.79
C LEU G 101 60.41 -3.26 27.74
N GLN G 102 59.18 -3.25 27.21
CA GLN G 102 58.39 -2.04 27.12
C GLN G 102 57.43 -1.96 28.32
N THR G 103 57.07 -0.72 28.68
CA THR G 103 56.22 -0.52 29.84
C THR G 103 54.82 -1.10 29.63
N SER G 104 54.37 -1.17 28.39
CA SER G 104 53.03 -1.68 28.07
C SER G 104 53.02 -3.18 27.79
N ASP G 105 53.97 -3.93 28.35
CA ASP G 105 53.99 -5.37 28.15
C ASP G 105 52.74 -5.97 28.78
N PRO G 106 51.99 -6.84 28.08
CA PRO G 106 50.82 -7.47 28.71
C PRO G 106 51.15 -8.25 29.96
N ARG G 107 52.36 -8.80 30.08
CA ARG G 107 52.73 -9.52 31.29
C ARG G 107 52.78 -8.59 32.49
N LEU G 108 53.27 -7.37 32.30
CA LEU G 108 53.46 -6.41 33.39
C LEU G 108 52.32 -5.39 33.48
N ARG G 109 51.15 -5.74 32.94
CA ARG G 109 49.99 -4.85 33.07
C ARG G 109 49.58 -4.68 34.53
N ASP G 110 49.66 -5.76 35.31
CA ASP G 110 49.27 -5.68 36.72
C ASP G 110 50.16 -4.73 37.49
N CYS G 111 51.48 -4.76 37.22
CA CYS G 111 52.40 -3.91 37.97
C CYS G 111 52.11 -2.44 37.75
N MET G 112 51.88 -2.04 36.50
CA MET G 112 51.67 -0.62 36.21
C MET G 112 50.39 -0.10 36.85
N SER G 113 49.32 -0.91 36.81
CA SER G 113 48.06 -0.45 37.39
C SER G 113 48.20 -0.18 38.87
N GLU G 114 48.88 -1.07 39.61
CA GLU G 114 49.07 -0.85 41.03
C GLU G 114 50.08 0.28 41.29
N MET G 115 51.17 0.31 40.51
CA MET G 115 52.22 1.28 40.76
C MET G 115 51.73 2.70 40.53
N HIS G 116 50.98 2.93 39.45
CA HIS G 116 50.49 4.27 39.15
C HIS G 116 49.48 4.73 40.19
N ARG G 117 48.48 3.90 40.48
CA ARG G 117 47.39 4.32 41.36
C ARG G 117 47.89 4.56 42.77
N VAL G 118 48.77 3.70 43.28
CA VAL G 118 49.16 3.74 44.69
C VAL G 118 49.85 5.06 45.00
N VAL G 119 50.79 5.49 44.16
CA VAL G 119 51.49 6.74 44.41
C VAL G 119 50.53 7.92 44.36
N GLN G 120 49.62 7.91 43.37
CA GLN G 120 48.66 9.01 43.26
C GLN G 120 47.71 9.03 44.45
N GLU G 121 47.24 7.87 44.89
CA GLU G 121 46.24 7.76 45.95
C GLU G 121 46.78 6.86 47.06
N SER G 122 47.36 7.49 48.07
CA SER G 122 47.85 6.80 49.26
C SER G 122 48.30 7.85 50.27
N SER G 123 48.63 7.40 51.47
CA SER G 123 49.12 8.29 52.52
C SER G 123 50.60 8.62 52.37
N SER G 124 51.37 7.76 51.71
CA SER G 124 52.79 8.05 51.51
C SER G 124 52.98 9.29 50.64
N GLY G 125 52.19 9.43 49.59
CA GLY G 125 52.30 10.58 48.70
C GLY G 125 53.29 10.36 47.58
N GLY G 126 54.36 11.14 47.57
CA GLY G 126 55.39 11.05 46.55
C GLY G 126 56.55 10.16 46.91
N LEU G 127 56.43 9.32 47.93
CA LEU G 127 57.50 8.45 48.40
C LEU G 127 57.12 6.99 48.18
N LEU G 128 58.13 6.13 48.26
CA LEU G 128 57.97 4.69 48.06
C LEU G 128 58.24 3.95 49.36
N ASP G 129 57.81 2.69 49.40
CA ASP G 129 57.97 1.84 50.56
C ASP G 129 58.11 0.39 50.12
N ARG G 130 58.66 -0.42 51.03
CA ARG G 130 59.04 -1.79 50.67
C ARG G 130 57.81 -2.68 50.49
N ASP G 131 56.82 -2.54 51.37
CA ASP G 131 55.70 -3.47 51.38
C ASP G 131 54.92 -3.44 50.06
N LEU G 132 54.68 -2.24 49.53
CA LEU G 132 53.96 -2.15 48.26
C LEU G 132 54.74 -2.81 47.12
N PHE G 133 56.06 -2.59 47.08
CA PHE G 133 56.85 -3.19 46.01
C PHE G 133 56.89 -4.72 46.11
N ARG G 134 56.70 -5.26 47.30
CA ARG G 134 56.79 -6.71 47.47
C ARG G 134 55.61 -7.43 46.83
N LYS G 135 54.45 -6.77 46.71
CA LYS G 135 53.26 -7.40 46.17
C LYS G 135 52.86 -6.89 44.79
N CYS G 136 53.26 -5.66 44.43
CA CYS G 136 52.92 -5.15 43.10
C CYS G 136 53.63 -5.90 41.99
N VAL G 137 54.84 -6.39 42.24
CA VAL G 137 55.60 -7.18 41.27
C VAL G 137 55.52 -8.66 41.54
N SER G 138 54.73 -9.09 42.54
CA SER G 138 54.67 -10.50 42.89
C SER G 138 54.11 -11.35 41.76
N SER G 139 53.24 -10.79 40.92
CA SER G 139 52.66 -11.56 39.83
C SER G 139 53.74 -12.00 38.84
N ASN G 140 54.70 -11.12 38.54
CA ASN G 140 55.73 -11.36 37.54
C ASN G 140 57.10 -10.97 38.08
N ILE G 141 57.40 -11.41 39.30
CA ILE G 141 58.74 -11.20 39.85
C ILE G 141 59.76 -12.00 39.06
N VAL G 142 59.35 -13.10 38.43
CA VAL G 142 60.29 -13.93 37.69
C VAL G 142 60.85 -13.18 36.50
N LEU G 143 60.03 -12.33 35.87
CA LEU G 143 60.51 -11.54 34.73
C LEU G 143 61.59 -10.55 35.17
N LEU G 144 61.35 -9.83 36.27
CA LEU G 144 62.30 -8.81 36.69
C LEU G 144 63.61 -9.41 37.19
N THR G 145 63.55 -10.52 37.93
CA THR G 145 64.77 -11.22 38.31
C THR G 145 65.39 -11.96 37.13
N GLN G 146 64.66 -12.10 36.02
CA GLN G 146 65.24 -12.60 34.78
C GLN G 146 65.59 -11.47 33.82
N ALA G 147 64.97 -10.29 33.97
CA ALA G 147 65.25 -9.17 33.09
C ALA G 147 66.45 -8.37 33.58
N PHE G 148 66.51 -8.10 34.88
CA PHE G 148 67.60 -7.30 35.45
C PHE G 148 68.81 -8.13 35.84
N ARG G 149 68.73 -9.46 35.76
CA ARG G 149 69.87 -10.34 35.98
C ARG G 149 70.58 -10.70 34.67
N LYS G 150 70.17 -10.08 33.55
CA LYS G 150 70.79 -10.33 32.26
C LYS G 150 70.67 -11.79 31.85
N LYS G 151 69.52 -12.39 32.14
CA LYS G 151 69.25 -13.79 31.83
C LYS G 151 68.38 -13.98 30.59
N PHE G 152 68.00 -12.90 29.92
CA PHE G 152 67.23 -13.03 28.69
C PHE G 152 68.11 -13.63 27.60
N VAL G 153 67.50 -13.97 26.46
CA VAL G 153 68.24 -14.55 25.36
C VAL G 153 69.27 -13.59 24.80
N ILE G 154 68.97 -12.30 24.79
CA ILE G 154 69.92 -11.25 24.44
C ILE G 154 70.14 -10.39 25.68
N PRO G 155 71.17 -10.69 26.49
CA PRO G 155 71.32 -9.97 27.76
C PRO G 155 71.57 -8.47 27.58
N ASP G 156 72.58 -8.11 26.80
CA ASP G 156 72.86 -6.72 26.49
C ASP G 156 72.04 -6.32 25.27
N PHE G 157 71.12 -5.37 25.47
CA PHE G 157 70.24 -4.92 24.40
C PHE G 157 70.59 -3.52 23.90
N GLU G 158 71.21 -2.69 24.73
CA GLU G 158 71.65 -1.39 24.26
C GLU G 158 72.71 -1.52 23.18
N GLU G 159 73.66 -2.44 23.37
CA GLU G 159 74.69 -2.67 22.36
C GLU G 159 74.09 -3.33 21.12
N PHE G 160 73.18 -4.29 21.31
CA PHE G 160 72.60 -4.99 20.17
C PHE G 160 71.83 -4.03 19.27
N THR G 161 71.02 -3.16 19.86
CA THR G 161 70.23 -2.23 19.06
C THR G 161 71.11 -1.19 18.38
N GLY G 162 72.23 -0.81 19.01
CA GLY G 162 73.14 0.13 18.36
C GLY G 162 73.66 -0.40 17.04
N HIS G 163 73.96 -1.70 16.98
CA HIS G 163 74.38 -2.30 15.72
C HIS G 163 73.24 -2.28 14.71
N VAL G 164 72.01 -2.51 15.15
CA VAL G 164 70.87 -2.46 14.25
C VAL G 164 70.66 -1.06 13.71
N ASP G 165 70.94 -0.04 14.54
CA ASP G 165 70.81 1.34 14.07
C ASP G 165 71.85 1.66 13.01
N ARG G 166 73.06 1.14 13.16
CA ARG G 166 74.12 1.45 12.20
C ARG G 166 73.80 0.86 10.82
N ILE G 167 73.43 -0.41 10.78
CA ILE G 167 73.01 -1.03 9.53
C ILE G 167 71.80 -0.29 8.95
N PHE G 168 70.88 0.14 9.81
CA PHE G 168 69.67 0.82 9.35
C PHE G 168 70.02 2.03 8.49
N GLU G 169 70.88 2.91 9.00
CA GLU G 169 71.30 4.07 8.22
C GLU G 169 72.16 3.67 7.04
N ASP G 170 72.89 2.56 7.14
CA ASP G 170 73.77 2.13 6.06
C ASP G 170 72.97 1.78 4.81
N VAL G 171 71.87 1.05 4.98
CA VAL G 171 71.07 0.60 3.84
C VAL G 171 69.94 1.59 3.50
N LYS G 172 69.68 2.57 4.37
CA LYS G 172 68.62 3.54 4.07
C LYS G 172 68.95 4.35 2.82
N GLU G 173 70.23 4.72 2.66
CA GLU G 173 70.62 5.51 1.49
C GLU G 173 70.53 4.70 0.20
N LEU G 174 70.39 3.38 0.28
CA LEU G 174 70.25 2.54 -0.89
C LEU G 174 68.81 2.61 -1.38
N THR G 175 68.60 3.13 -2.59
CA THR G 175 67.27 3.47 -3.07
C THR G 175 66.95 2.82 -4.42
N GLY G 176 67.21 1.53 -4.54
CA GLY G 176 66.86 0.78 -5.73
C GLY G 176 65.62 -0.07 -5.50
N GLY G 177 64.99 -0.48 -6.60
CA GLY G 177 63.86 -1.37 -6.58
C GLY G 177 62.74 -0.84 -7.45
N LYS G 178 61.61 -1.55 -7.41
CA LYS G 178 60.42 -1.18 -8.17
C LYS G 178 59.20 -1.58 -7.35
N VAL G 179 58.41 -0.60 -6.93
CA VAL G 179 57.30 -0.86 -6.02
C VAL G 179 56.12 -1.44 -6.80
N ALA G 180 55.64 -2.60 -6.36
CA ALA G 180 54.44 -3.24 -6.87
C ALA G 180 54.45 -3.32 -8.41
N ALA G 181 53.27 -3.39 -9.02
CA ALA G 181 53.14 -3.44 -10.47
C ALA G 181 51.68 -3.68 -10.87
N TYR G 182 51.13 -4.82 -10.47
CA TYR G 182 49.85 -5.28 -11.02
C TYR G 182 48.66 -4.92 -10.14
N ILE G 183 48.84 -4.82 -8.82
CA ILE G 183 47.78 -4.30 -7.95
C ILE G 183 47.87 -2.79 -8.02
N PRO G 184 46.85 -2.08 -8.53
CA PRO G 184 46.99 -0.62 -8.65
C PRO G 184 47.22 0.08 -7.33
N GLN G 185 46.69 -0.44 -6.22
CA GLN G 185 46.80 0.26 -4.95
C GLN G 185 48.24 0.30 -4.44
N LEU G 186 48.95 -0.82 -4.52
CA LEU G 186 50.28 -0.90 -3.92
C LEU G 186 51.27 0.03 -4.60
N ALA G 187 51.01 0.45 -5.83
CA ALA G 187 51.89 1.39 -6.50
C ALA G 187 51.92 2.76 -5.85
N LYS G 188 50.94 3.08 -5.01
CA LYS G 188 50.83 4.38 -4.38
C LYS G 188 51.54 4.46 -3.02
N SER G 189 52.12 3.37 -2.55
CA SER G 189 52.88 3.41 -1.31
C SER G 189 54.16 4.20 -1.48
N ASN G 190 54.56 4.88 -0.42
CA ASN G 190 55.74 5.74 -0.50
C ASN G 190 56.99 4.87 -0.68
N PRO G 191 57.75 5.02 -1.78
CA PRO G 191 58.96 4.22 -1.92
C PRO G 191 60.03 4.56 -0.89
N ASP G 192 59.99 5.75 -0.29
CA ASP G 192 60.99 6.13 0.70
C ASP G 192 60.73 5.51 2.07
N LEU G 193 59.61 4.82 2.25
CA LEU G 193 59.31 4.20 3.53
C LEU G 193 60.30 3.08 3.82
N TRP G 194 60.83 3.07 5.05
CA TRP G 194 61.83 2.07 5.41
C TRP G 194 61.88 1.98 6.94
N GLY G 195 61.52 0.83 7.49
CA GLY G 195 61.51 0.64 8.93
C GLY G 195 61.74 -0.80 9.28
N VAL G 196 62.18 -1.01 10.52
CA VAL G 196 62.50 -2.34 11.04
C VAL G 196 62.04 -2.44 12.48
N SER G 197 61.69 -3.64 12.91
CA SER G 197 61.27 -3.89 14.29
C SER G 197 61.47 -5.35 14.61
N LEU G 198 61.95 -5.63 15.82
CA LEU G 198 62.27 -6.98 16.26
C LEU G 198 61.68 -7.22 17.65
N CYS G 199 61.43 -8.50 17.94
CA CYS G 199 60.92 -8.92 19.24
C CYS G 199 61.56 -10.26 19.59
N THR G 200 62.29 -10.30 20.70
CA THR G 200 62.93 -11.53 21.12
C THR G 200 61.89 -12.51 21.66
N VAL G 201 62.37 -13.65 22.15
CA VAL G 201 61.51 -14.67 22.73
C VAL G 201 61.33 -14.44 24.22
N ASP G 202 61.75 -13.26 24.70
CA ASP G 202 61.54 -12.84 26.07
C ASP G 202 60.78 -11.52 26.20
N GLY G 203 60.50 -10.84 25.09
CA GLY G 203 59.76 -9.59 25.09
C GLY G 203 60.60 -8.36 24.80
N GLN G 204 61.91 -8.51 24.58
CA GLN G 204 62.73 -7.36 24.24
C GLN G 204 62.32 -6.82 22.87
N ARG G 205 61.86 -5.58 22.84
CA ARG G 205 61.35 -4.96 21.63
C ARG G 205 62.19 -3.75 21.25
N HIS G 206 62.42 -3.58 19.95
CA HIS G 206 63.15 -2.44 19.42
C HIS G 206 62.53 -2.06 18.08
N SER G 207 62.67 -0.78 17.72
CA SER G 207 62.07 -0.29 16.49
C SER G 207 62.80 0.97 16.05
N VAL G 208 63.08 1.07 14.75
CA VAL G 208 63.70 2.24 14.16
C VAL G 208 63.03 2.53 12.83
N GLY G 209 62.84 3.81 12.53
CA GLY G 209 62.21 4.21 11.29
C GLY G 209 60.70 4.18 11.36
N HIS G 210 60.09 4.11 10.17
CA HIS G 210 58.64 4.09 10.07
C HIS G 210 58.11 2.72 10.46
N THR G 211 57.98 2.47 11.76
CA THR G 211 57.54 1.19 12.28
C THR G 211 56.07 1.19 12.69
N LYS G 212 55.34 2.25 12.37
CA LYS G 212 53.93 2.37 12.75
C LYS G 212 53.00 2.54 11.57
N ILE G 213 53.51 2.74 10.36
CA ILE G 213 52.66 2.87 9.18
C ILE G 213 52.07 1.50 8.88
N PRO G 214 50.74 1.34 8.84
CA PRO G 214 50.19 0.02 8.52
C PRO G 214 50.52 -0.40 7.09
N PHE G 215 50.68 -1.70 6.91
CA PHE G 215 50.88 -2.28 5.58
C PHE G 215 50.21 -3.63 5.55
N CYS G 216 49.81 -4.05 4.35
CA CYS G 216 49.09 -5.30 4.18
C CYS G 216 50.05 -6.47 4.04
N LEU G 217 49.76 -7.57 4.74
CA LEU G 217 50.54 -8.79 4.64
C LEU G 217 50.10 -9.55 3.39
N GLN G 218 50.58 -9.08 2.25
CA GLN G 218 50.13 -9.65 0.98
C GLN G 218 50.54 -11.11 0.84
N SER G 219 51.70 -11.48 1.39
CA SER G 219 52.12 -12.87 1.39
C SER G 219 52.78 -13.33 2.68
N CYS G 220 52.83 -12.51 3.73
CA CYS G 220 53.36 -12.97 5.01
C CYS G 220 52.33 -13.75 5.80
N VAL G 221 51.07 -13.78 5.35
CA VAL G 221 50.04 -14.55 6.05
C VAL G 221 50.02 -16.00 5.64
N LYS G 222 50.72 -16.37 4.56
CA LYS G 222 50.78 -17.78 4.16
C LYS G 222 51.43 -18.66 5.23
N PRO G 223 52.59 -18.32 5.79
CA PRO G 223 53.10 -19.13 6.90
C PRO G 223 52.20 -19.11 8.12
N LEU G 224 51.53 -17.98 8.37
CA LEU G 224 50.65 -17.90 9.54
C LEU G 224 49.36 -18.66 9.31
N THR G 225 48.76 -18.52 8.12
CA THR G 225 47.54 -19.25 7.83
C THR G 225 47.79 -20.72 7.56
N TYR G 226 49.05 -21.12 7.37
CA TYR G 226 49.42 -22.52 7.25
C TYR G 226 49.65 -23.17 8.61
N ALA G 227 50.37 -22.48 9.50
CA ALA G 227 50.55 -22.99 10.85
C ALA G 227 49.22 -23.13 11.57
N ILE G 228 48.27 -22.26 11.25
CA ILE G 228 46.95 -22.33 11.87
C ILE G 228 46.24 -23.61 11.46
N SER G 229 46.45 -24.05 10.21
CA SER G 229 45.80 -25.26 9.73
C SER G 229 46.49 -26.50 10.29
N ILE G 230 47.80 -26.45 10.48
CA ILE G 230 48.52 -27.60 11.01
C ILE G 230 48.04 -27.91 12.42
N SER G 231 47.92 -26.89 13.26
CA SER G 231 47.56 -27.10 14.66
C SER G 231 46.09 -27.47 14.83
N THR G 232 45.25 -27.25 13.83
CA THR G 232 43.84 -27.59 13.91
C THR G 232 43.51 -28.89 13.21
N LEU G 233 44.16 -29.16 12.07
CA LEU G 233 43.86 -30.33 11.26
C LEU G 233 44.93 -31.39 11.28
N GLY G 234 46.17 -31.05 11.63
CA GLY G 234 47.25 -32.01 11.69
C GLY G 234 48.08 -32.00 10.42
N THR G 235 49.34 -32.40 10.56
CA THR G 235 50.26 -32.38 9.43
C THR G 235 49.79 -33.32 8.32
N ASP G 236 49.31 -34.50 8.69
CA ASP G 236 48.97 -35.51 7.68
C ASP G 236 47.82 -35.05 6.80
N TYR G 237 46.78 -34.46 7.38
CA TYR G 237 45.63 -34.05 6.58
C TYR G 237 45.96 -32.84 5.72
N VAL G 238 46.69 -31.88 6.27
CA VAL G 238 46.96 -30.64 5.54
C VAL G 238 47.79 -30.92 4.29
N HIS G 239 48.77 -31.82 4.39
CA HIS G 239 49.73 -32.03 3.32
C HIS G 239 49.27 -33.06 2.30
N LYS G 240 48.04 -33.56 2.41
CA LYS G 240 47.46 -34.35 1.33
C LYS G 240 47.10 -33.50 0.12
N PHE G 241 46.73 -32.25 0.34
CA PHE G 241 46.29 -31.35 -0.73
C PHE G 241 47.33 -30.32 -1.12
N VAL G 242 48.50 -30.30 -0.49
CA VAL G 242 49.58 -29.40 -0.86
C VAL G 242 50.90 -30.11 -0.60
N GLY G 243 51.81 -30.04 -1.57
CA GLY G 243 53.13 -30.61 -1.41
C GLY G 243 53.94 -29.86 -0.37
N LYS G 244 55.22 -30.20 -0.31
CA LYS G 244 56.15 -29.53 0.60
C LYS G 244 57.52 -29.32 -0.04
N GLU G 245 57.57 -29.25 -1.37
CA GLU G 245 58.82 -29.09 -2.10
C GLU G 245 58.84 -27.76 -2.82
N PRO G 246 59.99 -27.10 -2.94
CA PRO G 246 60.05 -25.87 -3.75
C PRO G 246 59.78 -26.18 -5.21
N SER G 247 59.11 -25.24 -5.87
CA SER G 247 58.71 -25.43 -7.27
C SER G 247 59.78 -24.97 -8.24
N GLY G 248 60.61 -24.00 -7.87
CA GLY G 248 61.52 -23.37 -8.79
C GLY G 248 60.88 -22.31 -9.67
N LEU G 249 59.56 -22.16 -9.61
CA LEU G 249 58.82 -21.16 -10.35
C LEU G 249 58.31 -20.08 -9.40
N ARG G 250 58.14 -18.88 -9.93
CA ARG G 250 57.72 -17.76 -9.11
C ARG G 250 56.28 -17.98 -8.62
N TYR G 251 55.85 -17.13 -7.69
CA TYR G 251 54.55 -17.31 -7.05
C TYR G 251 53.42 -17.22 -8.07
N ASN G 252 53.51 -16.27 -9.00
CA ASN G 252 52.45 -16.10 -9.99
C ASN G 252 52.27 -17.35 -10.84
N ALA G 253 53.37 -18.03 -11.17
CA ALA G 253 53.30 -19.17 -12.09
C ALA G 253 52.37 -20.24 -11.54
N LEU G 254 51.51 -20.76 -12.42
CA LEU G 254 50.52 -21.76 -12.06
C LEU G 254 50.97 -23.09 -12.62
N SER G 255 51.10 -24.08 -11.74
CA SER G 255 51.56 -25.41 -12.12
C SER G 255 51.49 -26.30 -10.89
N LEU G 256 51.53 -27.61 -11.12
CA LEU G 256 51.40 -28.61 -10.07
C LEU G 256 52.50 -29.63 -10.22
N ASN G 257 52.87 -30.24 -9.10
CA ASN G 257 53.92 -31.25 -9.08
C ASN G 257 53.40 -32.53 -9.73
N GLU G 258 54.21 -33.58 -9.72
CA GLU G 258 53.84 -34.83 -10.36
C GLU G 258 52.65 -35.53 -9.71
N GLU G 259 52.28 -35.13 -8.49
CA GLU G 259 51.13 -35.70 -7.80
C GLU G 259 49.85 -34.92 -8.05
N GLY G 260 49.89 -33.89 -8.90
CA GLY G 260 48.69 -33.15 -9.22
C GLY G 260 48.23 -32.18 -8.16
N ILE G 261 49.12 -31.78 -7.25
CA ILE G 261 48.77 -30.85 -6.18
C ILE G 261 49.76 -29.70 -6.24
N PRO G 262 49.47 -28.59 -5.56
CA PRO G 262 50.44 -27.49 -5.50
C PRO G 262 51.75 -27.95 -4.87
N HIS G 263 52.85 -27.35 -5.34
CA HIS G 263 54.17 -27.81 -4.94
C HIS G 263 54.38 -27.66 -3.44
N ASN G 264 53.94 -26.56 -2.87
CA ASN G 264 54.20 -26.25 -1.47
C ASN G 264 53.11 -25.30 -0.97
N PRO G 265 52.96 -25.13 0.35
CA PRO G 265 51.93 -24.24 0.86
C PRO G 265 52.26 -22.75 0.80
N MET G 266 53.31 -22.35 0.07
CA MET G 266 53.74 -20.97 0.01
C MET G 266 53.49 -20.30 -1.33
N VAL G 267 53.53 -21.03 -2.45
CA VAL G 267 53.19 -20.46 -3.73
C VAL G 267 51.71 -20.12 -3.74
N ASN G 268 51.28 -19.31 -4.71
CA ASN G 268 49.87 -18.91 -4.77
C ASN G 268 48.96 -20.13 -4.96
N ALA G 269 49.38 -21.07 -5.80
CA ALA G 269 48.57 -22.28 -6.02
C ALA G 269 48.43 -23.09 -4.74
N GLY G 270 49.38 -22.95 -3.81
CA GLY G 270 49.31 -23.66 -2.56
C GLY G 270 48.56 -22.90 -1.49
N ALA G 271 48.72 -21.57 -1.48
CA ALA G 271 48.06 -20.77 -0.45
C ALA G 271 46.56 -20.78 -0.61
N ILE G 272 46.06 -20.92 -1.84
CA ILE G 272 44.62 -21.01 -2.05
C ILE G 272 44.08 -22.31 -1.47
N VAL G 273 44.84 -23.40 -1.61
CA VAL G 273 44.36 -24.70 -1.12
C VAL G 273 44.30 -24.71 0.40
N VAL G 274 45.38 -24.27 1.06
CA VAL G 274 45.37 -24.23 2.52
C VAL G 274 44.35 -23.23 3.03
N SER G 275 44.14 -22.13 2.32
CA SER G 275 43.07 -21.21 2.63
C SER G 275 41.69 -21.83 2.47
N SER G 276 41.59 -22.96 1.76
CA SER G 276 40.32 -23.66 1.62
C SER G 276 40.07 -24.65 2.75
N LEU G 277 41.11 -25.03 3.51
CA LEU G 277 40.94 -26.01 4.57
C LEU G 277 40.37 -25.40 5.84
N ILE G 278 40.41 -24.08 5.98
CA ILE G 278 40.04 -23.43 7.23
C ILE G 278 38.52 -23.34 7.31
N LYS G 279 37.93 -24.13 8.20
CA LYS G 279 36.51 -24.04 8.52
C LYS G 279 35.65 -24.18 7.26
N MET G 280 35.72 -25.39 6.69
CA MET G 280 35.01 -25.67 5.45
C MET G 280 33.50 -25.43 5.60
N ASP G 281 32.92 -25.87 6.71
CA ASP G 281 31.48 -25.78 6.91
C ASP G 281 31.00 -24.37 7.23
N CYS G 282 31.79 -23.59 7.97
CA CYS G 282 31.32 -22.30 8.45
C CYS G 282 31.16 -21.32 7.30
N ASN G 283 30.50 -20.19 7.59
CA ASN G 283 30.24 -19.18 6.59
C ASN G 283 31.45 -18.25 6.45
N LYS G 284 31.31 -17.23 5.60
CA LYS G 284 32.46 -16.40 5.24
C LYS G 284 32.85 -15.48 6.38
N ALA G 285 31.90 -15.08 7.22
CA ALA G 285 32.24 -14.27 8.38
C ALA G 285 33.06 -15.06 9.39
N GLU G 286 32.68 -16.32 9.64
CA GLU G 286 33.40 -17.13 10.61
C GLU G 286 34.74 -17.59 10.07
N LYS G 287 34.84 -17.80 8.76
CA LYS G 287 36.12 -18.22 8.18
C LYS G 287 37.21 -17.18 8.45
N PHE G 288 36.90 -15.90 8.22
CA PHE G 288 37.88 -14.85 8.50
C PHE G 288 38.06 -14.66 9.99
N ASP G 289 36.97 -14.62 10.75
CA ASP G 289 37.07 -14.32 12.16
C ASP G 289 37.83 -15.39 12.91
N PHE G 290 37.72 -16.64 12.46
CA PHE G 290 38.50 -17.71 13.09
C PHE G 290 40.00 -17.49 12.89
N VAL G 291 40.39 -17.09 11.68
CA VAL G 291 41.81 -16.86 11.42
C VAL G 291 42.27 -15.59 12.13
N LEU G 292 41.47 -14.54 12.10
CA LEU G 292 41.87 -13.26 12.68
C LEU G 292 42.13 -13.40 14.17
N GLN G 293 41.36 -14.26 14.86
CA GLN G 293 41.54 -14.43 16.29
C GLN G 293 42.91 -14.98 16.62
N TYR G 294 43.35 -16.01 15.89
CA TYR G 294 44.69 -16.54 16.12
C TYR G 294 45.76 -15.52 15.77
N LEU G 295 45.59 -14.80 14.65
CA LEU G 295 46.59 -13.81 14.26
C LEU G 295 46.71 -12.71 15.30
N ASN G 296 45.60 -12.36 15.95
CA ASN G 296 45.67 -11.41 17.06
C ASN G 296 46.50 -11.98 18.20
N LYS G 297 46.28 -13.24 18.54
CA LYS G 297 47.07 -13.87 19.60
C LYS G 297 48.51 -14.09 19.16
N MET G 298 48.73 -14.35 17.87
CA MET G 298 50.09 -14.43 17.35
C MET G 298 50.80 -13.09 17.53
N ALA G 299 50.08 -11.99 17.33
CA ALA G 299 50.63 -10.65 17.47
C ALA G 299 50.53 -10.12 18.89
N GLY G 300 50.05 -10.92 19.84
CA GLY G 300 49.95 -10.45 21.21
C GLY G 300 49.00 -9.29 21.39
N ASN G 301 47.86 -9.34 20.72
CA ASN G 301 46.84 -8.29 20.83
C ASN G 301 47.41 -6.91 20.47
N GLU G 302 48.27 -6.91 19.45
CA GLU G 302 48.79 -5.67 18.89
C GLU G 302 47.89 -5.22 17.75
N TYR G 303 48.33 -4.24 16.97
CA TYR G 303 47.51 -3.73 15.88
C TYR G 303 47.22 -4.82 14.86
N MET G 304 45.96 -4.93 14.46
CA MET G 304 45.52 -5.96 13.53
C MET G 304 44.32 -5.38 12.76
N GLY G 305 44.60 -4.84 11.57
CA GLY G 305 43.58 -4.16 10.80
C GLY G 305 43.17 -4.88 9.54
N PHE G 306 42.76 -4.12 8.53
CA PHE G 306 42.31 -4.68 7.26
C PHE G 306 42.33 -3.58 6.22
N SER G 307 43.08 -3.79 5.14
CA SER G 307 43.19 -2.82 4.05
C SER G 307 42.14 -3.18 3.00
N ASN G 308 40.92 -2.67 3.20
CA ASN G 308 39.85 -2.97 2.25
C ASN G 308 40.15 -2.40 0.87
N ALA G 309 40.79 -1.23 0.82
CA ALA G 309 41.18 -0.67 -0.48
C ALA G 309 42.10 -1.63 -1.23
N THR G 310 43.03 -2.25 -0.52
CA THR G 310 43.85 -3.29 -1.13
C THR G 310 43.01 -4.50 -1.48
N PHE G 311 42.05 -4.86 -0.63
CA PHE G 311 41.23 -6.04 -0.87
C PHE G 311 40.46 -5.91 -2.17
N GLN G 312 39.80 -4.76 -2.38
CA GLN G 312 39.05 -4.57 -3.61
C GLN G 312 39.97 -4.45 -4.82
N SER G 313 41.16 -3.87 -4.63
CA SER G 313 42.10 -3.77 -5.73
C SER G 313 42.54 -5.15 -6.21
N GLU G 314 42.80 -6.07 -5.27
CA GLU G 314 43.24 -7.40 -5.65
C GLU G 314 42.08 -8.22 -6.21
N LYS G 315 40.89 -8.08 -5.63
CA LYS G 315 39.75 -8.84 -6.12
C LYS G 315 39.39 -8.45 -7.54
N GLU G 316 39.42 -7.16 -7.86
CA GLU G 316 39.06 -6.70 -9.19
C GLU G 316 40.20 -6.88 -10.19
N THR G 317 41.45 -6.81 -9.74
CA THR G 317 42.60 -6.86 -10.62
C THR G 317 43.38 -8.18 -10.56
N GLY G 318 43.20 -8.96 -9.49
CA GLY G 318 43.99 -10.16 -9.33
C GLY G 318 43.55 -11.27 -10.26
N ASP G 319 43.79 -11.07 -11.56
CA ASP G 319 43.33 -12.04 -12.56
C ASP G 319 44.12 -13.33 -12.50
N ARG G 320 45.42 -13.27 -12.16
CA ARG G 320 46.22 -14.48 -12.11
C ARG G 320 45.70 -15.42 -11.04
N ASN G 321 45.36 -14.89 -9.86
CA ASN G 321 44.86 -15.75 -8.79
C ASN G 321 43.52 -16.37 -9.15
N TYR G 322 42.75 -15.74 -10.04
CA TYR G 322 41.52 -16.34 -10.50
C TYR G 322 41.79 -17.50 -11.44
N ALA G 323 42.81 -17.37 -12.30
CA ALA G 323 43.20 -18.47 -13.16
C ALA G 323 43.72 -19.65 -12.35
N ILE G 324 44.52 -19.37 -11.32
CA ILE G 324 45.01 -20.43 -10.45
C ILE G 324 43.85 -21.12 -9.74
N GLY G 325 42.89 -20.33 -9.25
CA GLY G 325 41.75 -20.92 -8.57
C GLY G 325 40.95 -21.84 -9.47
N TYR G 326 40.66 -21.39 -10.69
CA TYR G 326 39.91 -22.23 -11.61
C TYR G 326 40.76 -23.40 -12.09
N TYR G 327 42.05 -23.17 -12.35
CA TYR G 327 42.93 -24.26 -12.73
C TYR G 327 43.05 -25.30 -11.63
N LEU G 328 43.03 -24.86 -10.37
CA LEU G 328 42.97 -25.80 -9.26
C LEU G 328 41.64 -26.55 -9.25
N LYS G 329 40.54 -25.84 -9.54
CA LYS G 329 39.22 -26.46 -9.53
C LYS G 329 39.10 -27.56 -10.58
N GLU G 330 39.70 -27.38 -11.75
CA GLU G 330 39.67 -28.44 -12.77
C GLU G 330 40.34 -29.70 -12.27
N LYS G 331 41.49 -29.57 -11.61
CA LYS G 331 42.27 -30.71 -11.17
C LYS G 331 41.76 -31.32 -9.87
N LYS G 332 40.62 -30.84 -9.36
CA LYS G 332 39.98 -31.43 -8.18
C LYS G 332 40.91 -31.39 -6.97
N CYS G 333 41.69 -30.31 -6.86
CA CYS G 333 42.67 -30.22 -5.78
C CYS G 333 42.02 -29.90 -4.44
N PHE G 334 40.91 -29.18 -4.42
CA PHE G 334 40.26 -28.84 -3.17
C PHE G 334 39.59 -30.08 -2.57
N PRO G 335 39.34 -30.09 -1.27
CA PRO G 335 38.58 -31.20 -0.68
C PRO G 335 37.15 -31.21 -1.19
N LYS G 336 36.49 -32.36 -1.03
CA LYS G 336 35.10 -32.47 -1.43
C LYS G 336 34.24 -31.53 -0.60
N GLY G 337 33.21 -30.98 -1.23
CA GLY G 337 32.34 -30.03 -0.56
C GLY G 337 33.02 -28.73 -0.21
N VAL G 338 33.86 -28.22 -1.11
CA VAL G 338 34.58 -26.97 -0.91
C VAL G 338 34.26 -26.07 -2.10
N ASP G 339 33.94 -24.81 -1.81
CA ASP G 339 33.78 -23.81 -2.85
C ASP G 339 35.14 -23.19 -3.17
N MET G 340 35.46 -23.11 -4.46
CA MET G 340 36.71 -22.47 -4.86
C MET G 340 36.65 -20.97 -4.62
N MET G 341 35.52 -20.34 -4.93
CA MET G 341 35.40 -18.90 -4.76
C MET G 341 35.55 -18.49 -3.30
N ALA G 342 34.90 -19.24 -2.39
CA ALA G 342 34.97 -18.90 -0.98
C ALA G 342 36.41 -19.02 -0.46
N ALA G 343 37.13 -20.04 -0.91
CA ALA G 343 38.52 -20.18 -0.50
C ALA G 343 39.39 -19.10 -1.14
N LEU G 344 39.20 -18.86 -2.44
CA LEU G 344 39.95 -17.81 -3.11
C LEU G 344 39.61 -16.44 -2.52
N ASP G 345 38.33 -16.21 -2.22
CA ASP G 345 37.95 -14.95 -1.59
C ASP G 345 38.59 -14.81 -0.22
N LEU G 346 38.66 -15.91 0.54
CA LEU G 346 39.31 -15.85 1.85
C LEU G 346 40.79 -15.59 1.71
N TYR G 347 41.40 -16.08 0.63
CA TYR G 347 42.84 -15.84 0.42
C TYR G 347 43.11 -14.36 0.21
N PHE G 348 42.25 -13.68 -0.56
CA PHE G 348 42.41 -12.25 -0.75
C PHE G 348 42.23 -11.50 0.57
N GLN G 349 41.25 -11.91 1.37
CA GLN G 349 40.98 -11.21 2.62
C GLN G 349 42.15 -11.32 3.59
N LEU G 350 42.67 -12.53 3.76
CA LEU G 350 43.80 -12.72 4.66
C LEU G 350 45.02 -11.95 4.17
N CYS G 351 45.24 -11.92 2.86
CA CYS G 351 46.35 -11.18 2.31
C CYS G 351 46.20 -9.67 2.47
N SER G 352 44.99 -9.20 2.79
CA SER G 352 44.72 -7.77 2.97
C SER G 352 44.83 -7.33 4.42
N VAL G 353 45.17 -8.24 5.33
CA VAL G 353 45.27 -7.88 6.74
C VAL G 353 46.41 -6.89 6.94
N GLU G 354 46.12 -5.81 7.66
CA GLU G 354 47.12 -4.78 7.93
C GLU G 354 47.80 -5.06 9.27
N VAL G 355 49.12 -4.90 9.31
CA VAL G 355 49.89 -4.94 10.54
C VAL G 355 51.05 -3.96 10.41
N THR G 356 51.41 -3.35 11.52
CA THR G 356 52.58 -2.50 11.61
C THR G 356 53.82 -3.38 11.75
N CYS G 357 55.00 -2.77 11.58
CA CYS G 357 56.24 -3.51 11.81
C CYS G 357 56.33 -4.00 13.25
N GLU G 358 55.73 -3.26 14.19
CA GLU G 358 55.68 -3.73 15.57
C GLU G 358 54.81 -4.97 15.70
N SER G 359 53.62 -4.95 15.11
CA SER G 359 52.75 -6.12 15.16
C SER G 359 53.37 -7.30 14.43
N GLY G 360 53.97 -7.06 13.26
CA GLY G 360 54.57 -8.14 12.51
C GLY G 360 55.77 -8.75 13.22
N SER G 361 56.56 -7.93 13.91
CA SER G 361 57.72 -8.46 14.61
C SER G 361 57.30 -9.44 15.70
N VAL G 362 56.23 -9.13 16.42
CA VAL G 362 55.72 -10.06 17.43
C VAL G 362 55.23 -11.33 16.78
N MET G 363 54.64 -11.22 15.57
CA MET G 363 54.15 -12.40 14.89
C MET G 363 55.27 -13.38 14.58
N ALA G 364 56.41 -12.88 14.10
CA ALA G 364 57.56 -13.75 13.86
C ALA G 364 58.14 -14.26 15.17
N ALA G 365 58.15 -13.41 16.19
CA ALA G 365 58.65 -13.84 17.49
C ALA G 365 57.85 -15.02 18.04
N THR G 366 56.56 -15.09 17.71
CA THR G 366 55.76 -16.24 18.12
C THR G 366 56.31 -17.52 17.50
N LEU G 367 56.68 -17.47 16.23
CA LEU G 367 57.28 -18.64 15.58
C LEU G 367 58.65 -18.94 16.17
N ALA G 368 59.40 -17.90 16.55
CA ALA G 368 60.70 -18.12 17.15
C ALA G 368 60.57 -18.85 18.48
N ASN G 369 59.59 -18.45 19.30
CA ASN G 369 59.42 -19.04 20.63
C ASN G 369 58.46 -20.22 20.58
N GLY G 370 58.74 -21.13 19.66
CA GLY G 370 58.03 -22.40 19.57
C GLY G 370 56.52 -22.29 19.55
N GLY G 371 56.00 -21.21 18.98
CA GLY G 371 54.56 -21.04 18.91
C GLY G 371 53.93 -20.53 20.19
N ILE G 372 54.70 -19.88 21.05
CA ILE G 372 54.21 -19.25 22.26
C ILE G 372 54.53 -17.76 22.15
N CYS G 373 53.50 -16.93 22.19
CA CYS G 373 53.71 -15.49 22.02
C CYS G 373 54.56 -14.97 23.19
N PRO G 374 55.70 -14.33 22.93
CA PRO G 374 56.60 -14.00 24.05
C PRO G 374 56.02 -12.99 25.02
N ILE G 375 55.31 -11.98 24.53
CA ILE G 375 54.84 -10.89 25.40
C ILE G 375 53.56 -11.24 26.15
N THR G 376 52.94 -12.39 25.85
CA THR G 376 51.78 -12.88 26.60
C THR G 376 51.97 -14.27 27.16
N GLY G 377 52.82 -15.09 26.54
CA GLY G 377 53.07 -16.43 27.04
C GLY G 377 51.99 -17.44 26.76
N GLU G 378 51.04 -17.13 25.89
CA GLU G 378 49.95 -18.05 25.59
C GLU G 378 50.36 -19.01 24.48
N SER G 379 50.02 -20.29 24.66
CA SER G 379 50.33 -21.31 23.68
C SER G 379 49.29 -21.24 22.57
N VAL G 380 49.70 -20.69 21.42
CA VAL G 380 48.77 -20.51 20.31
C VAL G 380 48.96 -21.54 19.20
N LEU G 381 50.20 -22.01 19.01
CA LEU G 381 50.54 -22.89 17.91
C LEU G 381 51.18 -24.16 18.45
N SER G 382 50.93 -25.27 17.75
CA SER G 382 51.47 -26.55 18.15
C SER G 382 52.98 -26.60 17.88
N ALA G 383 53.63 -27.60 18.46
CA ALA G 383 55.05 -27.79 18.22
C ALA G 383 55.33 -28.17 16.77
N GLU G 384 54.43 -28.95 16.17
CA GLU G 384 54.61 -29.33 14.77
C GLU G 384 54.39 -28.15 13.84
N ALA G 385 53.42 -27.29 14.15
CA ALA G 385 53.07 -26.20 13.25
C ALA G 385 54.24 -25.24 13.06
N VAL G 386 54.94 -24.91 14.16
CA VAL G 386 56.11 -24.06 14.05
C VAL G 386 57.24 -24.80 13.34
N ARG G 387 57.49 -26.05 13.74
CA ARG G 387 58.55 -26.83 13.09
C ARG G 387 58.26 -27.01 11.60
N ASN G 388 57.00 -27.29 11.25
CA ASN G 388 56.64 -27.46 9.85
C ASN G 388 56.67 -26.13 9.12
N THR G 389 56.19 -25.06 9.76
CA THR G 389 56.15 -23.75 9.10
C THR G 389 57.55 -23.23 8.81
N LEU G 390 58.44 -23.28 9.81
CA LEU G 390 59.79 -22.76 9.62
C LEU G 390 60.53 -23.54 8.54
N SER G 391 60.41 -24.88 8.56
CA SER G 391 61.10 -25.69 7.58
C SER G 391 60.64 -25.42 6.16
N LEU G 392 59.42 -24.89 5.98
CA LEU G 392 58.91 -24.55 4.66
C LEU G 392 59.21 -23.11 4.28
N MET G 393 59.24 -22.19 5.25
CA MET G 393 59.67 -20.83 4.95
C MET G 393 61.13 -20.80 4.51
N HIS G 394 61.95 -21.71 5.03
CA HIS G 394 63.35 -21.77 4.62
C HIS G 394 63.48 -22.12 3.15
N SER G 395 62.70 -23.08 2.68
CA SER G 395 62.81 -23.57 1.32
C SER G 395 61.88 -22.86 0.34
N CYS G 396 60.76 -22.32 0.83
CA CYS G 396 59.73 -21.77 -0.05
C CYS G 396 59.27 -20.39 0.38
N GLY G 397 59.88 -19.78 1.39
CA GLY G 397 59.39 -18.51 1.88
C GLY G 397 59.58 -17.36 0.92
N MET G 398 60.56 -17.46 0.01
CA MET G 398 60.85 -16.39 -0.94
C MET G 398 60.74 -16.86 -2.39
N TYR G 399 60.15 -18.03 -2.64
CA TYR G 399 59.90 -18.54 -3.99
C TYR G 399 61.25 -18.75 -4.68
N ASP G 400 61.52 -18.14 -5.83
CA ASP G 400 62.78 -18.39 -6.52
C ASP G 400 63.96 -17.93 -5.68
N PHE G 401 63.81 -16.82 -4.96
CA PHE G 401 64.89 -16.27 -4.17
C PHE G 401 65.06 -16.98 -2.82
N SER G 402 64.38 -18.12 -2.61
CA SER G 402 64.67 -18.91 -1.42
C SER G 402 66.13 -19.35 -1.43
N GLY G 403 66.63 -19.80 -2.57
CA GLY G 403 68.06 -19.78 -2.80
C GLY G 403 68.54 -18.38 -3.07
N GLN G 404 69.83 -18.14 -2.77
CA GLN G 404 70.44 -16.82 -2.73
C GLN G 404 70.04 -16.06 -1.47
N PHE G 405 69.15 -16.64 -0.66
CA PHE G 405 68.81 -16.13 0.66
C PHE G 405 69.22 -17.09 1.75
N ALA G 406 68.81 -18.36 1.66
CA ALA G 406 69.37 -19.38 2.53
C ALA G 406 70.87 -19.52 2.31
N PHE G 407 71.33 -19.28 1.07
CA PHE G 407 72.75 -19.32 0.78
C PHE G 407 73.50 -18.25 1.56
N HIS G 408 72.94 -17.05 1.64
CA HIS G 408 73.59 -15.89 2.26
C HIS G 408 73.14 -15.64 3.68
N VAL G 409 71.86 -15.85 3.98
CA VAL G 409 71.27 -15.56 5.29
C VAL G 409 71.06 -16.84 6.09
N GLY G 410 70.23 -17.75 5.58
CA GLY G 410 69.99 -19.02 6.23
C GLY G 410 68.90 -19.02 7.27
N LEU G 411 68.18 -17.92 7.44
CA LEU G 411 67.07 -17.86 8.38
C LEU G 411 65.75 -18.06 7.65
N PRO G 412 64.73 -18.64 8.29
CA PRO G 412 63.43 -18.75 7.61
C PRO G 412 62.75 -17.41 7.51
N ALA G 413 62.55 -16.91 6.29
CA ALA G 413 61.94 -15.62 6.05
C ALA G 413 60.88 -15.74 4.98
N LYS G 414 59.89 -14.85 5.05
CA LYS G 414 58.77 -14.83 4.12
C LYS G 414 58.65 -13.44 3.52
N SER G 415 58.61 -13.37 2.19
CA SER G 415 58.56 -12.11 1.47
C SER G 415 57.12 -11.67 1.24
N ALA G 416 56.97 -10.55 0.55
CA ALA G 416 55.67 -10.02 0.19
C ALA G 416 55.85 -8.85 -0.76
N VAL G 417 54.89 -8.66 -1.66
CA VAL G 417 54.97 -7.56 -2.61
C VAL G 417 54.65 -6.23 -1.94
N SER G 418 54.09 -6.25 -0.73
CA SER G 418 53.89 -5.02 0.02
C SER G 418 55.18 -4.49 0.62
N GLY G 419 56.31 -5.16 0.41
CA GLY G 419 57.58 -4.75 0.96
C GLY G 419 57.97 -5.46 2.22
N ALA G 420 57.03 -6.11 2.89
CA ALA G 420 57.31 -6.77 4.16
C ALA G 420 58.23 -7.97 3.94
N ILE G 421 59.03 -8.26 4.95
CA ILE G 421 59.82 -9.50 4.99
C ILE G 421 59.78 -10.05 6.40
N LEU G 422 58.94 -11.06 6.62
CA LEU G 422 58.77 -11.66 7.94
C LEU G 422 59.99 -12.52 8.24
N LEU G 423 60.89 -12.00 9.07
CA LEU G 423 62.14 -12.69 9.40
C LEU G 423 62.00 -13.37 10.75
N VAL G 424 62.53 -14.60 10.84
CA VAL G 424 62.48 -15.39 12.06
C VAL G 424 63.89 -15.86 12.36
N VAL G 425 64.33 -15.65 13.60
CA VAL G 425 65.59 -16.19 14.09
C VAL G 425 65.24 -17.19 15.19
N PRO G 426 65.24 -18.50 14.93
CA PRO G 426 64.68 -19.43 15.91
C PRO G 426 65.45 -19.41 17.22
N ASN G 427 64.70 -19.52 18.32
CA ASN G 427 65.24 -19.54 19.68
C ASN G 427 65.89 -18.22 20.09
N VAL G 428 65.83 -17.19 19.25
CA VAL G 428 66.44 -15.91 19.57
C VAL G 428 65.41 -14.80 19.45
N MET G 429 64.90 -14.57 18.24
CA MET G 429 63.99 -13.46 18.03
C MET G 429 63.28 -13.62 16.69
N GLY G 430 62.32 -12.73 16.48
CA GLY G 430 61.69 -12.59 15.17
C GLY G 430 61.66 -11.11 14.79
N MET G 431 61.67 -10.87 13.48
CA MET G 431 61.83 -9.52 12.96
C MET G 431 61.03 -9.38 11.68
N MET G 432 60.57 -8.15 11.42
CA MET G 432 59.95 -7.80 10.16
C MET G 432 60.46 -6.45 9.71
N CYS G 433 60.68 -6.30 8.41
CA CYS G 433 61.19 -5.08 7.81
C CYS G 433 60.28 -4.68 6.65
N LEU G 434 59.99 -3.39 6.55
CA LEU G 434 59.07 -2.86 5.55
C LEU G 434 59.85 -1.96 4.59
N SER G 435 59.74 -2.25 3.29
CA SER G 435 60.30 -1.41 2.24
C SER G 435 59.53 -1.67 0.96
N PRO G 436 58.58 -0.82 0.56
CA PRO G 436 57.72 -1.13 -0.59
C PRO G 436 58.48 -1.43 -1.86
N PRO G 437 59.65 -0.82 -2.11
CA PRO G 437 60.41 -1.21 -3.31
C PRO G 437 60.73 -2.70 -3.32
N LEU G 438 60.61 -3.30 -4.50
CA LEU G 438 60.86 -4.72 -4.71
C LEU G 438 62.01 -4.91 -5.69
N ASP G 439 62.59 -6.11 -5.66
CA ASP G 439 63.56 -6.55 -6.64
C ASP G 439 62.84 -7.34 -7.74
N LYS G 440 63.61 -8.00 -8.60
CA LYS G 440 63.02 -8.68 -9.75
C LYS G 440 62.11 -9.82 -9.31
N LEU G 441 62.53 -10.61 -8.32
CA LEU G 441 61.82 -11.83 -7.95
C LEU G 441 60.69 -11.57 -6.96
N GLY G 442 60.17 -10.35 -6.88
CA GLY G 442 59.09 -10.06 -5.96
C GLY G 442 59.49 -10.13 -4.50
N ASN G 443 60.66 -9.58 -4.15
CA ASN G 443 61.10 -9.47 -2.77
C ASN G 443 61.61 -8.07 -2.51
N SER G 444 61.57 -7.66 -1.25
CA SER G 444 62.05 -6.34 -0.88
C SER G 444 63.55 -6.22 -1.16
N HIS G 445 63.94 -5.09 -1.74
CA HIS G 445 65.35 -4.86 -2.04
C HIS G 445 66.11 -4.39 -0.80
N ARG G 446 65.60 -3.35 -0.14
CA ARG G 446 66.23 -2.88 1.08
C ARG G 446 66.12 -3.92 2.19
N GLY G 447 64.99 -4.64 2.24
CA GLY G 447 64.80 -5.61 3.29
C GLY G 447 65.78 -6.77 3.22
N THR G 448 65.95 -7.33 2.01
CA THR G 448 66.86 -8.46 1.87
C THR G 448 68.31 -8.03 2.03
N SER G 449 68.65 -6.80 1.62
CA SER G 449 69.99 -6.29 1.88
C SER G 449 70.25 -6.15 3.36
N PHE G 450 69.25 -5.69 4.12
CA PHE G 450 69.41 -5.57 5.56
C PHE G 450 69.64 -6.93 6.20
N CYS G 451 68.92 -7.95 5.76
CA CYS G 451 69.08 -9.28 6.33
C CYS G 451 70.48 -9.83 6.04
N GLN G 452 70.98 -9.64 4.83
CA GLN G 452 72.30 -10.16 4.48
C GLN G 452 73.38 -9.57 5.37
N LYS G 453 73.39 -8.24 5.52
CA LYS G 453 74.40 -7.61 6.35
C LYS G 453 74.21 -7.98 7.82
N LEU G 454 72.96 -8.14 8.26
CA LEU G 454 72.71 -8.46 9.66
C LEU G 454 73.30 -9.82 10.02
N VAL G 455 72.98 -10.85 9.24
CA VAL G 455 73.43 -12.20 9.59
C VAL G 455 74.92 -12.34 9.44
N SER G 456 75.54 -11.57 8.55
CA SER G 456 76.99 -11.57 8.44
C SER G 456 77.65 -11.07 9.71
N LEU G 457 76.89 -10.37 10.56
CA LEU G 457 77.47 -9.77 11.76
C LEU G 457 77.24 -10.63 12.98
N PHE G 458 76.01 -11.16 13.15
CA PHE G 458 75.55 -11.66 14.43
C PHE G 458 75.59 -13.18 14.56
N ASN G 459 76.16 -13.90 13.60
CA ASN G 459 76.39 -15.35 13.67
C ASN G 459 75.06 -16.13 13.63
N PHE G 460 73.93 -15.46 13.38
CA PHE G 460 72.64 -16.14 13.41
C PHE G 460 72.47 -17.16 12.29
N HIS G 461 73.36 -17.18 11.31
CA HIS G 461 73.24 -18.13 10.20
C HIS G 461 73.10 -19.55 10.71
N ASN G 462 72.37 -20.37 9.96
CA ASN G 462 72.03 -21.70 10.43
C ASN G 462 73.22 -22.65 10.41
N TYR G 463 74.26 -22.33 9.64
CA TYR G 463 75.41 -23.21 9.44
C TYR G 463 76.71 -22.49 9.75
N ASP G 464 76.72 -21.68 10.81
CA ASP G 464 77.96 -21.11 11.33
C ASP G 464 78.46 -22.03 12.44
N ASN G 465 79.51 -22.79 12.14
CA ASN G 465 80.03 -23.76 13.09
C ASN G 465 80.54 -23.07 14.34
N LEU G 466 79.94 -23.39 15.48
CA LEU G 466 80.30 -22.73 16.73
C LEU G 466 81.69 -23.16 17.19
N ARG G 467 82.23 -22.42 18.15
CA ARG G 467 83.56 -22.58 18.72
C ARG G 467 84.68 -22.23 17.74
N HIS G 468 84.31 -21.86 16.51
CA HIS G 468 85.28 -21.44 15.51
C HIS G 468 84.87 -20.15 14.75
N CYS G 469 83.90 -19.41 15.28
CA CYS G 469 83.42 -18.19 14.62
C CYS G 469 84.52 -17.14 14.55
N ALA G 470 85.28 -17.03 15.65
CA ALA G 470 86.43 -16.12 15.83
C ALA G 470 86.13 -14.61 15.91
N ARG G 471 85.56 -14.03 14.86
CA ARG G 471 85.27 -12.59 14.89
C ARG G 471 83.78 -12.22 14.90
N LYS G 472 82.87 -13.19 14.84
CA LYS G 472 81.46 -12.86 14.84
C LYS G 472 80.98 -12.64 16.27
N LEU G 473 80.42 -11.46 16.53
CA LEU G 473 79.78 -11.21 17.82
C LEU G 473 78.54 -12.09 17.94
N ASP G 474 78.41 -12.74 19.09
CA ASP G 474 77.32 -13.68 19.34
C ASP G 474 76.47 -13.15 20.50
N PRO G 475 75.40 -12.40 20.24
CA PRO G 475 74.66 -11.78 21.35
C PRO G 475 73.83 -12.78 22.15
N ARG G 476 73.56 -13.96 21.58
CA ARG G 476 72.69 -14.91 22.26
C ARG G 476 73.29 -15.35 23.59
N ARG G 477 74.61 -15.47 23.66
CA ARG G 477 75.28 -15.81 24.92
C ARG G 477 76.62 -15.08 25.00
N LEU H 69 13.78 -13.71 -78.94
CA LEU H 69 14.39 -14.43 -77.80
C LEU H 69 13.96 -15.90 -77.80
N SER H 70 14.88 -16.78 -78.17
CA SER H 70 14.61 -18.21 -78.20
C SER H 70 14.54 -18.76 -76.77
N ARG H 71 13.85 -19.89 -76.63
CA ARG H 71 13.66 -20.55 -75.35
C ARG H 71 14.24 -21.96 -75.42
N LEU H 72 15.11 -22.29 -74.47
CA LEU H 72 15.73 -23.61 -74.44
C LEU H 72 14.82 -24.64 -73.78
N GLY H 73 13.86 -24.20 -72.97
CA GLY H 73 13.05 -25.14 -72.21
C GLY H 73 12.25 -26.08 -73.11
N ASP H 74 11.79 -25.58 -74.26
CA ASP H 74 10.97 -26.41 -75.14
C ASP H 74 11.74 -27.63 -75.62
N LEU H 75 12.98 -27.45 -76.07
CA LEU H 75 13.76 -28.58 -76.57
C LEU H 75 14.14 -29.53 -75.44
N LEU H 76 14.44 -28.98 -74.26
CA LEU H 76 14.80 -29.83 -73.13
C LEU H 76 13.63 -30.69 -72.69
N PHE H 77 12.41 -30.20 -72.87
CA PHE H 77 11.24 -30.91 -72.34
C PHE H 77 11.05 -32.26 -73.01
N TYR H 78 11.50 -32.40 -74.27
CA TYR H 78 11.27 -33.64 -75.00
C TYR H 78 11.97 -34.82 -74.31
N THR H 79 13.14 -34.58 -73.72
CA THR H 79 13.88 -35.67 -73.08
C THR H 79 13.12 -36.22 -71.88
N ILE H 80 12.36 -35.37 -71.19
CA ILE H 80 11.66 -35.81 -69.98
C ILE H 80 10.63 -36.88 -70.33
N ALA H 81 9.83 -36.64 -71.38
CA ALA H 81 8.79 -37.56 -71.79
C ALA H 81 9.28 -38.61 -72.79
N GLU H 82 10.40 -38.35 -73.47
CA GLU H 82 11.00 -39.21 -74.49
C GLU H 82 9.96 -39.90 -75.37
N GLY H 83 8.92 -39.16 -75.76
CA GLY H 83 7.87 -39.68 -76.62
C GLY H 83 6.73 -40.37 -75.89
N GLN H 84 6.82 -40.51 -74.57
CA GLN H 84 5.76 -41.16 -73.82
C GLN H 84 4.48 -40.33 -73.90
N GLU H 85 3.35 -41.02 -74.10
CA GLU H 85 2.08 -40.32 -74.26
C GLU H 85 1.64 -39.65 -72.96
N ARG H 86 1.75 -40.36 -71.83
CA ARG H 86 1.26 -39.88 -70.55
C ARG H 86 2.27 -40.17 -69.45
N ILE H 87 2.21 -39.37 -68.40
CA ILE H 87 3.13 -39.44 -67.27
C ILE H 87 2.37 -40.02 -66.08
N PRO H 88 2.71 -41.21 -65.58
CA PRO H 88 2.02 -41.71 -64.39
C PRO H 88 2.54 -41.06 -63.11
N ILE H 89 1.76 -41.20 -62.04
CA ILE H 89 2.10 -40.55 -60.79
C ILE H 89 3.32 -41.21 -60.16
N HIS H 90 3.35 -42.55 -60.14
CA HIS H 90 4.39 -43.26 -59.41
C HIS H 90 5.76 -43.03 -60.03
N LYS H 91 5.85 -43.02 -61.36
CA LYS H 91 7.14 -42.94 -62.01
C LYS H 91 7.79 -41.57 -61.78
N PHE H 92 6.99 -40.51 -61.77
CA PHE H 92 7.54 -39.18 -61.58
C PHE H 92 7.97 -38.95 -60.13
N THR H 93 7.31 -39.63 -59.18
CA THR H 93 7.65 -39.42 -57.77
C THR H 93 9.08 -39.82 -57.47
N THR H 94 9.53 -40.98 -57.97
CA THR H 94 10.90 -41.41 -57.75
C THR H 94 11.89 -40.68 -58.65
N ALA H 95 11.45 -40.17 -59.79
CA ALA H 95 12.37 -39.48 -60.71
C ALA H 95 12.79 -38.13 -60.16
N LEU H 96 11.93 -37.51 -59.35
CA LEU H 96 12.26 -36.19 -58.79
C LEU H 96 13.31 -36.29 -57.69
N LYS H 97 13.36 -37.41 -56.97
CA LYS H 97 14.36 -37.58 -55.93
C LYS H 97 15.77 -37.59 -56.51
N ALA H 98 15.96 -38.24 -57.66
CA ALA H 98 17.28 -38.40 -58.24
C ALA H 98 17.86 -37.04 -58.62
N THR H 99 19.14 -37.05 -59.01
CA THR H 99 19.94 -35.90 -59.39
C THR H 99 20.44 -35.10 -58.20
N GLY H 100 20.09 -35.48 -56.97
CA GLY H 100 20.61 -34.83 -55.79
C GLY H 100 19.74 -33.72 -55.25
N LEU H 101 19.23 -32.87 -56.14
CA LEU H 101 18.39 -31.75 -55.71
C LEU H 101 17.13 -32.29 -55.05
N GLN H 102 16.81 -31.74 -53.88
CA GLN H 102 15.67 -32.18 -53.09
C GLN H 102 14.48 -31.26 -53.32
N THR H 103 13.28 -31.82 -53.16
CA THR H 103 12.07 -31.03 -53.36
C THR H 103 11.94 -29.94 -52.31
N SER H 104 12.60 -30.08 -51.16
CA SER H 104 12.62 -29.05 -50.13
C SER H 104 13.67 -27.98 -50.36
N ASP H 105 14.22 -27.90 -51.58
CA ASP H 105 15.21 -26.89 -51.88
C ASP H 105 14.57 -25.50 -51.82
N PRO H 106 15.21 -24.51 -51.19
CA PRO H 106 14.62 -23.16 -51.18
C PRO H 106 14.49 -22.54 -52.56
N ARG H 107 15.22 -23.03 -53.55
CA ARG H 107 15.28 -22.40 -54.86
C ARG H 107 14.15 -22.83 -55.80
N LEU H 108 13.31 -23.78 -55.40
CA LEU H 108 12.29 -24.34 -56.28
C LEU H 108 10.88 -24.12 -55.72
N ARG H 109 10.72 -23.15 -54.82
CA ARG H 109 9.37 -22.84 -54.33
C ARG H 109 8.49 -22.28 -55.44
N ASP H 110 9.11 -21.65 -56.45
CA ASP H 110 8.33 -21.10 -57.56
C ASP H 110 7.57 -22.19 -58.29
N CYS H 111 8.20 -23.37 -58.46
CA CYS H 111 7.53 -24.47 -59.13
C CYS H 111 6.27 -24.89 -58.38
N MET H 112 6.38 -25.07 -57.06
CA MET H 112 5.24 -25.55 -56.29
C MET H 112 4.15 -24.49 -56.15
N SER H 113 4.54 -23.21 -56.08
CA SER H 113 3.57 -22.16 -55.83
C SER H 113 2.51 -22.11 -56.93
N GLU H 114 2.93 -22.09 -58.19
CA GLU H 114 1.97 -22.10 -59.29
C GLU H 114 1.35 -23.47 -59.47
N MET H 115 2.06 -24.53 -59.07
CA MET H 115 1.55 -25.88 -59.24
C MET H 115 0.26 -26.09 -58.45
N HIS H 116 0.22 -25.62 -57.21
CA HIS H 116 -0.97 -25.82 -56.38
C HIS H 116 -2.18 -25.08 -56.94
N ARG H 117 -1.97 -23.89 -57.49
CA ARG H 117 -3.08 -23.16 -58.10
C ARG H 117 -3.53 -23.83 -59.40
N VAL H 118 -2.57 -24.26 -60.23
CA VAL H 118 -2.91 -24.80 -61.54
C VAL H 118 -3.62 -26.14 -61.40
N VAL H 119 -3.19 -26.97 -60.44
CA VAL H 119 -3.72 -28.33 -60.34
C VAL H 119 -5.20 -28.35 -60.00
N GLN H 120 -5.74 -27.27 -59.43
CA GLN H 120 -7.14 -27.17 -59.05
C GLN H 120 -7.93 -26.23 -59.97
N GLU H 121 -7.40 -25.99 -61.17
CA GLU H 121 -8.04 -25.11 -62.15
C GLU H 121 -8.56 -25.88 -63.37
N SER H 122 -7.69 -26.64 -64.03
CA SER H 122 -8.05 -27.37 -65.23
C SER H 122 -8.36 -28.83 -64.89
N SER H 123 -8.89 -29.54 -65.88
CA SER H 123 -9.23 -30.96 -65.75
C SER H 123 -8.17 -31.85 -66.39
N SER H 124 -6.91 -31.43 -66.38
CA SER H 124 -5.83 -32.18 -66.99
C SER H 124 -5.26 -33.27 -66.08
N GLY H 125 -5.77 -33.39 -64.85
CA GLY H 125 -5.26 -34.38 -63.93
C GLY H 125 -3.97 -33.96 -63.26
N GLY H 126 -3.05 -34.91 -63.10
CA GLY H 126 -1.78 -34.63 -62.45
C GLY H 126 -0.68 -34.22 -63.41
N LEU H 127 -1.06 -33.82 -64.63
CA LEU H 127 -0.11 -33.44 -65.66
C LEU H 127 -0.18 -31.93 -65.91
N LEU H 128 0.95 -31.37 -66.32
CA LEU H 128 1.06 -29.95 -66.65
C LEU H 128 1.27 -29.80 -68.15
N ASP H 129 0.57 -28.84 -68.75
CA ASP H 129 0.72 -28.57 -70.16
C ASP H 129 2.08 -27.91 -70.43
N ARG H 130 2.53 -28.00 -71.68
CA ARG H 130 3.84 -27.48 -72.05
C ARG H 130 3.91 -25.98 -71.82
N ASP H 131 2.92 -25.23 -72.30
CA ASP H 131 2.97 -23.77 -72.20
C ASP H 131 2.96 -23.32 -70.74
N LEU H 132 2.09 -23.91 -69.91
CA LEU H 132 2.06 -23.53 -68.50
C LEU H 132 3.35 -23.91 -67.80
N PHE H 133 3.91 -25.07 -68.13
CA PHE H 133 5.15 -25.51 -67.49
C PHE H 133 6.31 -24.60 -67.83
N ARG H 134 6.33 -24.06 -69.06
CA ARG H 134 7.44 -23.21 -69.49
C ARG H 134 7.56 -21.97 -68.63
N LYS H 135 6.44 -21.27 -68.40
CA LYS H 135 6.50 -19.98 -67.72
C LYS H 135 6.75 -20.12 -66.23
N CYS H 136 6.45 -21.27 -65.63
CA CYS H 136 6.67 -21.45 -64.20
C CYS H 136 8.12 -21.74 -63.85
N VAL H 137 8.84 -22.45 -64.72
CA VAL H 137 10.25 -22.80 -64.44
C VAL H 137 11.23 -21.79 -65.00
N SER H 138 10.77 -20.74 -65.67
CA SER H 138 11.69 -19.76 -66.25
C SER H 138 12.49 -19.04 -65.17
N SER H 139 11.96 -18.97 -63.95
CA SER H 139 12.66 -18.28 -62.87
C SER H 139 13.99 -18.95 -62.52
N ASN H 140 14.05 -20.28 -62.57
CA ASN H 140 15.27 -21.02 -62.26
C ASN H 140 15.52 -22.09 -63.32
N ILE H 141 15.37 -21.71 -64.60
CA ILE H 141 15.59 -22.66 -65.67
C ILE H 141 17.08 -23.02 -65.77
N VAL H 142 17.96 -22.05 -65.54
CA VAL H 142 19.39 -22.30 -65.69
C VAL H 142 19.85 -23.36 -64.70
N LEU H 143 19.30 -23.36 -63.49
CA LEU H 143 19.65 -24.39 -62.52
C LEU H 143 19.08 -25.75 -62.94
N LEU H 144 17.82 -25.77 -63.37
CA LEU H 144 17.17 -27.03 -63.71
C LEU H 144 17.87 -27.72 -64.87
N THR H 145 18.23 -26.96 -65.92
CA THR H 145 18.93 -27.57 -67.04
C THR H 145 20.31 -28.05 -66.63
N GLN H 146 20.99 -27.34 -65.74
CA GLN H 146 22.29 -27.80 -65.25
C GLN H 146 22.16 -29.10 -64.47
N ALA H 147 20.99 -29.34 -63.86
CA ALA H 147 20.80 -30.57 -63.09
C ALA H 147 20.65 -31.79 -63.98
N PHE H 148 19.96 -31.65 -65.11
CA PHE H 148 19.69 -32.78 -66.00
C PHE H 148 20.64 -32.87 -67.18
N ARG H 149 21.37 -31.80 -67.49
CA ARG H 149 22.44 -31.86 -68.48
C ARG H 149 23.79 -32.21 -67.86
N LYS H 150 23.79 -32.67 -66.60
CA LYS H 150 25.00 -33.21 -65.96
C LYS H 150 26.10 -32.17 -65.87
N LYS H 151 25.74 -30.91 -65.61
CA LYS H 151 26.73 -29.86 -65.42
C LYS H 151 27.11 -29.65 -63.95
N PHE H 152 26.51 -30.42 -63.03
CA PHE H 152 26.86 -30.29 -61.62
C PHE H 152 28.21 -30.94 -61.34
N VAL H 153 28.71 -30.72 -60.13
CA VAL H 153 30.06 -31.15 -59.78
C VAL H 153 30.17 -32.66 -59.82
N ILE H 154 29.12 -33.36 -59.42
CA ILE H 154 29.12 -34.83 -59.40
C ILE H 154 28.05 -35.30 -60.39
N PRO H 155 28.40 -35.49 -61.66
CA PRO H 155 27.38 -35.92 -62.64
C PRO H 155 26.71 -37.23 -62.30
N ASP H 156 27.44 -38.17 -61.71
CA ASP H 156 26.94 -39.52 -61.42
C ASP H 156 26.60 -39.68 -59.95
N PHE H 157 25.95 -38.66 -59.37
CA PHE H 157 25.65 -38.63 -57.94
C PHE H 157 25.01 -39.92 -57.45
N GLU H 158 24.25 -40.61 -58.32
CA GLU H 158 23.74 -41.93 -57.95
C GLU H 158 24.88 -42.91 -57.71
N GLU H 159 25.92 -42.84 -58.55
CA GLU H 159 27.07 -43.73 -58.35
C GLU H 159 27.95 -43.25 -57.21
N PHE H 160 28.10 -41.93 -57.06
CA PHE H 160 28.93 -41.39 -56.00
C PHE H 160 28.43 -41.83 -54.63
N THR H 161 27.12 -41.68 -54.40
CA THR H 161 26.56 -42.03 -53.09
C THR H 161 26.63 -43.52 -52.82
N GLY H 162 26.77 -44.34 -53.87
CA GLY H 162 26.93 -45.77 -53.66
C GLY H 162 28.20 -46.10 -52.90
N HIS H 163 29.26 -45.32 -53.15
CA HIS H 163 30.51 -45.55 -52.44
C HIS H 163 30.44 -45.04 -51.00
N VAL H 164 29.80 -43.88 -50.79
CA VAL H 164 29.82 -43.25 -49.48
C VAL H 164 29.10 -44.13 -48.45
N ASP H 165 27.89 -44.57 -48.77
CA ASP H 165 27.14 -45.38 -47.82
C ASP H 165 27.74 -46.77 -47.65
N ARG H 166 28.50 -47.25 -48.63
CA ARG H 166 29.22 -48.51 -48.46
C ARG H 166 30.32 -48.35 -47.41
N ILE H 167 31.02 -47.22 -47.44
CA ILE H 167 32.02 -46.93 -46.41
C ILE H 167 31.35 -46.72 -45.07
N PHE H 168 30.15 -46.13 -45.08
CA PHE H 168 29.42 -45.91 -43.83
C PHE H 168 29.18 -47.22 -43.11
N GLU H 169 28.69 -48.24 -43.82
CA GLU H 169 28.47 -49.54 -43.21
C GLU H 169 29.79 -50.19 -42.79
N ASP H 170 30.83 -50.05 -43.61
CA ASP H 170 32.10 -50.70 -43.32
C ASP H 170 32.71 -50.19 -42.03
N VAL H 171 32.81 -48.85 -41.89
CA VAL H 171 33.44 -48.27 -40.73
C VAL H 171 32.62 -48.44 -39.45
N LYS H 172 31.36 -48.83 -39.56
CA LYS H 172 30.52 -49.01 -38.38
C LYS H 172 31.09 -50.07 -37.45
N GLU H 173 31.82 -51.04 -37.99
CA GLU H 173 32.45 -52.06 -37.15
C GLU H 173 33.45 -51.47 -36.17
N LEU H 174 34.04 -50.32 -36.50
CA LEU H 174 35.02 -49.70 -35.61
C LEU H 174 34.33 -48.97 -34.47
N THR H 175 34.64 -49.37 -33.24
CA THR H 175 34.19 -48.67 -32.06
C THR H 175 35.10 -47.47 -31.83
N GLY H 176 34.98 -46.82 -30.68
CA GLY H 176 35.79 -45.68 -30.33
C GLY H 176 36.40 -45.84 -28.94
N GLY H 177 36.65 -44.70 -28.30
CA GLY H 177 37.19 -44.67 -26.96
C GLY H 177 36.26 -43.97 -25.99
N LYS H 178 36.78 -43.02 -25.23
CA LYS H 178 35.95 -42.26 -24.32
C LYS H 178 34.95 -41.41 -25.10
N VAL H 179 33.96 -40.89 -24.38
CA VAL H 179 32.87 -40.11 -24.96
C VAL H 179 32.83 -38.70 -24.39
N ALA H 180 33.98 -38.14 -24.03
CA ALA H 180 34.10 -36.78 -23.52
C ALA H 180 33.25 -36.61 -22.25
N ALA H 181 33.65 -37.35 -21.22
CA ALA H 181 32.92 -37.40 -19.96
C ALA H 181 33.32 -36.27 -19.00
N TYR H 182 34.16 -35.33 -19.42
CA TYR H 182 34.63 -34.29 -18.51
C TYR H 182 33.62 -33.16 -18.35
N ILE H 183 32.53 -33.15 -19.10
CA ILE H 183 31.38 -32.31 -18.79
C ILE H 183 30.15 -33.23 -18.80
N PRO H 184 29.22 -33.11 -17.84
CA PRO H 184 28.20 -34.17 -17.69
C PRO H 184 27.36 -34.44 -18.92
N GLN H 185 26.98 -33.41 -19.68
CA GLN H 185 25.89 -33.60 -20.64
C GLN H 185 26.31 -34.42 -21.85
N LEU H 186 27.50 -34.19 -22.40
CA LEU H 186 27.91 -34.92 -23.59
C LEU H 186 28.05 -36.42 -23.32
N ALA H 187 28.27 -36.82 -22.07
CA ALA H 187 28.34 -38.24 -21.75
C ALA H 187 26.99 -38.94 -21.88
N LYS H 188 25.89 -38.18 -21.94
CA LYS H 188 24.56 -38.77 -22.08
C LYS H 188 24.28 -39.25 -23.50
N SER H 189 24.97 -38.72 -24.50
CA SER H 189 24.74 -39.14 -25.88
C SER H 189 25.06 -40.61 -26.04
N ASN H 190 24.17 -41.34 -26.69
CA ASN H 190 24.37 -42.76 -26.91
C ASN H 190 25.57 -42.95 -27.84
N PRO H 191 26.62 -43.67 -27.43
CA PRO H 191 27.81 -43.76 -28.31
C PRO H 191 27.55 -44.46 -29.62
N ASP H 192 26.44 -45.19 -29.76
CA ASP H 192 26.13 -45.88 -31.00
C ASP H 192 25.73 -44.96 -32.13
N LEU H 193 25.52 -43.67 -31.86
CA LEU H 193 25.15 -42.73 -32.92
C LEU H 193 26.22 -42.71 -34.00
N TRP H 194 25.79 -42.80 -35.25
CA TRP H 194 26.70 -42.78 -36.38
C TRP H 194 25.92 -42.32 -37.61
N GLY H 195 26.20 -41.10 -38.07
CA GLY H 195 25.50 -40.54 -39.20
C GLY H 195 26.40 -39.65 -40.02
N VAL H 196 26.04 -39.48 -41.29
CA VAL H 196 26.87 -38.76 -42.25
C VAL H 196 25.96 -38.04 -43.23
N SER H 197 26.34 -36.82 -43.61
CA SER H 197 25.60 -36.02 -44.57
C SER H 197 26.58 -35.21 -45.39
N LEU H 198 26.34 -35.15 -46.69
CA LEU H 198 27.19 -34.41 -47.62
C LEU H 198 26.32 -33.53 -48.51
N CYS H 199 26.80 -32.31 -48.77
CA CYS H 199 26.08 -31.33 -49.57
C CYS H 199 27.04 -30.76 -50.60
N THR H 200 26.86 -31.15 -51.86
CA THR H 200 27.70 -30.64 -52.92
C THR H 200 27.46 -29.14 -53.09
N VAL H 201 28.49 -28.45 -53.58
CA VAL H 201 28.44 -26.99 -53.73
C VAL H 201 27.41 -26.55 -54.76
N ASP H 202 26.85 -27.51 -55.51
CA ASP H 202 25.76 -27.23 -56.43
C ASP H 202 24.38 -27.48 -55.83
N GLY H 203 24.31 -27.89 -54.57
CA GLY H 203 23.05 -28.15 -53.90
C GLY H 203 22.70 -29.61 -53.78
N GLN H 204 23.37 -30.51 -54.52
CA GLN H 204 23.12 -31.93 -54.37
C GLN H 204 23.38 -32.37 -52.94
N ARG H 205 22.51 -33.22 -52.42
CA ARG H 205 22.56 -33.64 -51.03
C ARG H 205 22.35 -35.14 -50.91
N HIS H 206 23.03 -35.74 -49.93
CA HIS H 206 22.80 -37.12 -49.53
C HIS H 206 22.94 -37.22 -48.03
N SER H 207 22.14 -38.10 -47.42
CA SER H 207 22.11 -38.24 -45.97
C SER H 207 21.82 -39.69 -45.63
N VAL H 208 22.67 -40.30 -44.81
CA VAL H 208 22.52 -41.69 -44.40
C VAL H 208 22.86 -41.79 -42.91
N GLY H 209 22.08 -42.59 -42.19
CA GLY H 209 22.36 -42.85 -40.79
C GLY H 209 21.48 -42.05 -39.85
N HIS H 210 22.10 -41.48 -38.81
CA HIS H 210 21.41 -40.71 -37.78
C HIS H 210 21.51 -39.21 -38.04
N THR H 211 21.43 -38.83 -39.32
CA THR H 211 21.68 -37.44 -39.70
C THR H 211 20.68 -36.48 -39.07
N LYS H 212 19.49 -36.97 -38.71
CA LYS H 212 18.43 -36.11 -38.19
C LYS H 212 18.57 -35.80 -36.71
N ILE H 213 19.45 -36.47 -35.99
CA ILE H 213 19.60 -36.25 -34.56
C ILE H 213 20.34 -34.93 -34.33
N PRO H 214 19.77 -33.94 -33.64
CA PRO H 214 20.54 -32.73 -33.34
C PRO H 214 21.68 -33.01 -32.38
N PHE H 215 22.75 -32.22 -32.52
CA PHE H 215 23.88 -32.30 -31.62
C PHE H 215 24.56 -30.94 -31.57
N CYS H 216 25.34 -30.74 -30.52
CA CYS H 216 25.98 -29.45 -30.27
C CYS H 216 27.26 -29.31 -31.10
N LEU H 217 27.45 -28.11 -31.66
CA LEU H 217 28.69 -27.76 -32.36
C LEU H 217 29.70 -27.28 -31.33
N GLN H 218 30.26 -28.24 -30.58
CA GLN H 218 31.13 -27.88 -29.47
C GLN H 218 32.37 -27.15 -29.94
N SER H 219 32.86 -27.48 -31.15
CA SER H 219 34.00 -26.76 -31.71
C SER H 219 33.86 -26.51 -33.21
N CYS H 220 32.73 -26.85 -33.83
CA CYS H 220 32.54 -26.58 -35.24
C CYS H 220 32.07 -25.15 -35.50
N VAL H 221 31.85 -24.36 -34.47
CA VAL H 221 31.53 -22.95 -34.65
C VAL H 221 32.79 -22.09 -34.70
N LYS H 222 33.93 -22.60 -34.24
CA LYS H 222 35.17 -21.84 -34.28
C LYS H 222 35.55 -21.41 -35.69
N PRO H 223 35.57 -22.28 -36.70
CA PRO H 223 35.80 -21.78 -38.06
C PRO H 223 34.74 -20.81 -38.52
N LEU H 224 33.49 -21.01 -38.10
CA LEU H 224 32.41 -20.15 -38.54
C LEU H 224 32.45 -18.79 -37.85
N THR H 225 32.69 -18.78 -36.54
CA THR H 225 32.77 -17.51 -35.83
C THR H 225 34.03 -16.74 -36.20
N TYR H 226 35.05 -17.43 -36.70
CA TYR H 226 36.22 -16.74 -37.22
C TYR H 226 35.91 -16.04 -38.53
N ALA H 227 35.21 -16.74 -39.44
CA ALA H 227 34.83 -16.13 -40.71
C ALA H 227 33.87 -14.97 -40.49
N ILE H 228 33.01 -15.07 -39.48
CA ILE H 228 32.10 -13.97 -39.17
C ILE H 228 32.88 -12.73 -38.78
N SER H 229 33.91 -12.89 -37.94
CA SER H 229 34.73 -11.76 -37.54
C SER H 229 35.55 -11.24 -38.71
N ILE H 230 36.18 -12.13 -39.47
CA ILE H 230 37.01 -11.70 -40.59
C ILE H 230 36.16 -11.00 -41.64
N SER H 231 35.00 -11.57 -41.95
CA SER H 231 34.15 -10.99 -42.99
C SER H 231 33.57 -9.64 -42.59
N THR H 232 33.66 -9.27 -41.31
CA THR H 232 33.07 -8.02 -40.82
C THR H 232 34.11 -7.02 -40.34
N LEU H 233 35.18 -7.49 -39.69
CA LEU H 233 36.19 -6.61 -39.12
C LEU H 233 37.47 -6.52 -39.94
N GLY H 234 37.66 -7.41 -40.89
CA GLY H 234 38.85 -7.39 -41.73
C GLY H 234 39.93 -8.33 -41.22
N THR H 235 40.76 -8.79 -42.15
CA THR H 235 41.80 -9.76 -41.79
C THR H 235 42.82 -9.15 -40.83
N ASP H 236 43.22 -7.90 -41.08
CA ASP H 236 44.30 -7.30 -40.29
C ASP H 236 43.85 -7.04 -38.86
N TYR H 237 42.63 -6.53 -38.67
CA TYR H 237 42.19 -6.18 -37.32
C TYR H 237 42.04 -7.42 -36.45
N VAL H 238 41.52 -8.51 -37.01
CA VAL H 238 41.26 -9.71 -36.21
C VAL H 238 42.56 -10.28 -35.67
N HIS H 239 43.59 -10.33 -36.50
CA HIS H 239 44.83 -11.03 -36.17
C HIS H 239 45.80 -10.18 -35.38
N LYS H 240 45.46 -8.93 -35.06
CA LYS H 240 46.23 -8.19 -34.07
C LYS H 240 46.14 -8.85 -32.70
N PHE H 241 45.03 -9.54 -32.42
CA PHE H 241 44.76 -10.10 -31.11
C PHE H 241 44.91 -11.61 -31.04
N VAL H 242 44.99 -12.30 -32.17
CA VAL H 242 45.13 -13.75 -32.20
C VAL H 242 46.15 -14.12 -33.27
N GLY H 243 46.96 -15.13 -32.98
CA GLY H 243 47.94 -15.62 -33.91
C GLY H 243 47.30 -16.44 -35.02
N LYS H 244 48.15 -17.02 -35.87
CA LYS H 244 47.67 -17.81 -36.99
C LYS H 244 48.56 -19.03 -37.24
N GLU H 245 49.13 -19.61 -36.19
CA GLU H 245 50.03 -20.75 -36.31
C GLU H 245 49.58 -21.88 -35.38
N PRO H 246 49.85 -23.14 -35.72
CA PRO H 246 49.45 -24.23 -34.84
C PRO H 246 50.21 -24.19 -33.52
N SER H 247 49.48 -24.43 -32.43
CA SER H 247 50.09 -24.33 -31.10
C SER H 247 50.99 -25.52 -30.81
N GLY H 248 50.56 -26.72 -31.18
CA GLY H 248 51.25 -27.94 -30.82
C GLY H 248 50.80 -28.54 -29.51
N LEU H 249 50.10 -27.78 -28.67
CA LEU H 249 49.51 -28.27 -27.45
C LEU H 249 48.04 -28.61 -27.69
N ARG H 250 47.40 -29.22 -26.70
CA ARG H 250 46.00 -29.61 -26.85
C ARG H 250 45.13 -28.37 -26.99
N TYR H 251 43.84 -28.56 -27.25
CA TYR H 251 42.96 -27.40 -27.40
C TYR H 251 42.87 -26.57 -26.13
N ASN H 252 43.03 -27.19 -24.96
CA ASN H 252 43.06 -26.42 -23.71
C ASN H 252 44.17 -25.38 -23.77
N ALA H 253 45.42 -25.86 -23.82
CA ALA H 253 46.60 -25.03 -24.10
C ALA H 253 46.57 -23.72 -23.33
N LEU H 254 46.62 -23.85 -22.00
CA LEU H 254 46.64 -22.65 -21.16
C LEU H 254 48.01 -22.01 -21.31
N SER H 255 48.25 -21.40 -22.47
CA SER H 255 49.55 -20.84 -22.82
C SER H 255 49.42 -20.08 -24.12
N LEU H 256 50.22 -19.03 -24.26
CA LEU H 256 50.23 -18.17 -25.43
C LEU H 256 51.52 -18.34 -26.21
N ASN H 257 51.57 -17.71 -27.37
CA ASN H 257 52.74 -17.82 -28.25
C ASN H 257 53.81 -16.85 -27.76
N GLU H 258 54.85 -16.66 -28.58
CA GLU H 258 55.95 -15.77 -28.20
C GLU H 258 55.47 -14.34 -28.00
N GLU H 259 54.58 -13.86 -28.87
CA GLU H 259 54.13 -12.48 -28.84
C GLU H 259 53.00 -12.24 -27.84
N GLY H 260 52.77 -13.17 -26.91
CA GLY H 260 51.77 -12.96 -25.89
C GLY H 260 50.34 -12.87 -26.40
N ILE H 261 50.02 -13.63 -27.45
CA ILE H 261 48.64 -13.72 -27.94
C ILE H 261 48.33 -15.18 -28.22
N PRO H 262 47.04 -15.54 -28.31
CA PRO H 262 46.69 -16.93 -28.57
C PRO H 262 47.28 -17.41 -29.89
N HIS H 263 47.63 -18.69 -29.93
CA HIS H 263 48.36 -19.24 -31.05
C HIS H 263 47.58 -19.11 -32.36
N ASN H 264 46.28 -19.43 -32.33
CA ASN H 264 45.48 -19.50 -33.53
C ASN H 264 44.00 -19.40 -33.14
N PRO H 265 43.11 -19.11 -34.10
CA PRO H 265 41.70 -18.89 -33.72
C PRO H 265 40.94 -20.17 -33.40
N MET H 266 41.60 -21.33 -33.44
CA MET H 266 40.93 -22.60 -33.23
C MET H 266 41.12 -23.17 -31.82
N VAL H 267 42.22 -22.83 -31.14
CA VAL H 267 42.42 -23.30 -29.76
C VAL H 267 41.43 -22.57 -28.86
N ASN H 268 41.27 -23.07 -27.63
CA ASN H 268 40.32 -22.45 -26.71
C ASN H 268 40.72 -21.02 -26.40
N ALA H 269 42.01 -20.76 -26.18
CA ALA H 269 42.44 -19.41 -25.87
C ALA H 269 42.23 -18.46 -27.04
N GLY H 270 42.11 -19.00 -28.25
CA GLY H 270 41.87 -18.17 -29.42
C GLY H 270 40.40 -17.98 -29.72
N ALA H 271 39.61 -19.04 -29.50
CA ALA H 271 38.17 -18.94 -29.77
C ALA H 271 37.51 -17.95 -28.83
N ILE H 272 38.02 -17.81 -27.62
CA ILE H 272 37.47 -16.83 -26.68
C ILE H 272 37.72 -15.42 -27.20
N VAL H 273 38.92 -15.15 -27.70
CA VAL H 273 39.26 -13.80 -28.14
C VAL H 273 38.43 -13.42 -29.37
N VAL H 274 38.39 -14.28 -30.39
CA VAL H 274 37.60 -13.97 -31.58
C VAL H 274 36.13 -13.86 -31.26
N SER H 275 35.66 -14.55 -30.22
CA SER H 275 34.28 -14.36 -29.77
C SER H 275 34.06 -12.95 -29.21
N SER H 276 35.10 -12.36 -28.61
CA SER H 276 34.96 -11.01 -28.07
C SER H 276 34.86 -9.97 -29.16
N LEU H 277 35.44 -10.24 -30.34
CA LEU H 277 35.51 -9.26 -31.40
C LEU H 277 34.16 -9.01 -32.07
N ILE H 278 33.14 -9.80 -31.78
CA ILE H 278 31.89 -9.77 -32.53
C ILE H 278 30.97 -8.74 -31.87
N LYS H 279 30.93 -7.53 -32.43
CA LYS H 279 29.99 -6.49 -32.03
C LYS H 279 30.05 -6.24 -30.53
N MET H 280 31.23 -5.78 -30.09
CA MET H 280 31.51 -5.66 -28.66
C MET H 280 30.74 -4.53 -28.00
N ASP H 281 30.13 -3.62 -28.77
CA ASP H 281 29.46 -2.46 -28.20
C ASP H 281 27.98 -2.70 -27.91
N CYS H 282 27.46 -3.89 -28.20
CA CYS H 282 26.05 -4.22 -27.99
C CYS H 282 25.92 -5.22 -26.84
N ASN H 283 24.68 -5.45 -26.42
CA ASN H 283 24.39 -6.29 -25.27
C ASN H 283 24.53 -7.77 -25.64
N LYS H 284 24.25 -8.64 -24.68
CA LYS H 284 24.46 -10.07 -24.87
C LYS H 284 23.56 -10.63 -25.96
N ALA H 285 22.26 -10.29 -25.92
CA ALA H 285 21.32 -10.83 -26.89
C ALA H 285 21.70 -10.42 -28.31
N GLU H 286 22.10 -9.16 -28.50
CA GLU H 286 22.50 -8.70 -29.82
C GLU H 286 23.71 -9.45 -30.33
N LYS H 287 24.67 -9.75 -29.45
CA LYS H 287 25.86 -10.50 -29.86
C LYS H 287 25.49 -11.87 -30.38
N PHE H 288 24.59 -12.56 -29.69
CA PHE H 288 24.21 -13.91 -30.12
C PHE H 288 23.37 -13.87 -31.39
N ASP H 289 22.44 -12.92 -31.49
CA ASP H 289 21.63 -12.80 -32.69
C ASP H 289 22.50 -12.50 -33.91
N PHE H 290 23.50 -11.64 -33.75
CA PHE H 290 24.37 -11.30 -34.87
C PHE H 290 25.06 -12.53 -35.42
N VAL H 291 25.57 -13.39 -34.54
CA VAL H 291 26.22 -14.62 -34.99
C VAL H 291 25.19 -15.60 -35.51
N LEU H 292 24.07 -15.76 -34.80
CA LEU H 292 23.09 -16.77 -35.17
C LEU H 292 22.49 -16.50 -36.54
N GLN H 293 22.18 -15.24 -36.85
CA GLN H 293 21.67 -14.91 -38.18
C GLN H 293 22.68 -15.30 -39.25
N TYR H 294 23.97 -15.11 -38.98
CA TYR H 294 25.00 -15.58 -39.91
C TYR H 294 24.97 -17.10 -40.02
N LEU H 295 24.80 -17.80 -38.90
CA LEU H 295 24.78 -19.25 -38.93
C LEU H 295 23.56 -19.76 -39.69
N ASN H 296 22.40 -19.13 -39.49
CA ASN H 296 21.21 -19.52 -40.23
C ASN H 296 21.40 -19.36 -41.72
N LYS H 297 21.90 -18.20 -42.15
CA LYS H 297 22.14 -17.98 -43.58
C LYS H 297 23.21 -18.94 -44.09
N MET H 298 24.26 -19.16 -43.31
CA MET H 298 25.32 -20.08 -43.74
C MET H 298 24.79 -21.49 -43.89
N ALA H 299 23.79 -21.88 -43.10
CA ALA H 299 23.22 -23.21 -43.14
C ALA H 299 22.00 -23.31 -44.06
N GLY H 300 21.68 -22.25 -44.79
CA GLY H 300 20.53 -22.28 -45.68
C GLY H 300 19.20 -22.41 -44.96
N ASN H 301 19.09 -21.85 -43.76
CA ASN H 301 17.83 -21.86 -43.01
C ASN H 301 17.33 -23.27 -42.75
N GLU H 302 18.26 -24.18 -42.44
CA GLU H 302 17.91 -25.52 -42.01
C GLU H 302 17.76 -25.52 -40.49
N TYR H 303 17.66 -26.70 -39.88
CA TYR H 303 17.47 -26.78 -38.44
C TYR H 303 18.65 -26.19 -37.71
N MET H 304 18.44 -25.05 -37.03
CA MET H 304 19.46 -24.38 -36.24
C MET H 304 18.84 -24.12 -34.86
N GLY H 305 19.19 -24.96 -33.89
CA GLY H 305 18.63 -24.88 -32.56
C GLY H 305 19.65 -24.50 -31.51
N PHE H 306 19.25 -24.68 -30.26
CA PHE H 306 20.10 -24.39 -29.11
C PHE H 306 19.72 -25.37 -28.01
N SER H 307 20.73 -25.80 -27.25
CA SER H 307 20.56 -26.80 -26.20
C SER H 307 21.02 -26.19 -24.88
N ASN H 308 20.08 -25.67 -24.09
CA ASN H 308 20.43 -25.09 -22.80
C ASN H 308 21.03 -26.11 -21.85
N ALA H 309 20.71 -27.40 -22.03
CA ALA H 309 21.28 -28.43 -21.17
C ALA H 309 22.80 -28.46 -21.30
N THR H 310 23.31 -28.45 -22.53
CA THR H 310 24.75 -28.42 -22.73
C THR H 310 25.34 -27.10 -22.28
N PHE H 311 24.68 -25.99 -22.59
CA PHE H 311 25.20 -24.68 -22.24
C PHE H 311 25.30 -24.52 -20.73
N GLN H 312 24.27 -24.94 -20.00
CA GLN H 312 24.29 -24.85 -18.55
C GLN H 312 25.20 -25.89 -17.93
N SER H 313 25.47 -26.99 -18.63
CA SER H 313 26.37 -28.01 -18.09
C SER H 313 27.83 -27.55 -18.23
N GLU H 314 28.17 -26.89 -19.32
CA GLU H 314 29.52 -26.38 -19.50
C GLU H 314 29.77 -25.13 -18.69
N LYS H 315 28.76 -24.26 -18.57
CA LYS H 315 28.95 -23.02 -17.83
C LYS H 315 29.23 -23.25 -16.36
N GLU H 316 28.75 -24.37 -15.81
CA GLU H 316 29.00 -24.71 -14.42
C GLU H 316 30.20 -25.62 -14.24
N THR H 317 30.52 -26.43 -15.25
CA THR H 317 31.62 -27.39 -15.16
C THR H 317 32.83 -26.99 -16.02
N GLY H 318 32.69 -25.99 -16.88
CA GLY H 318 33.79 -25.60 -17.74
C GLY H 318 34.87 -24.87 -16.99
N ASP H 319 35.55 -25.58 -16.09
CA ASP H 319 36.57 -24.95 -15.25
C ASP H 319 37.75 -24.46 -16.06
N ARG H 320 38.21 -25.26 -17.04
CA ARG H 320 39.39 -24.88 -17.79
C ARG H 320 39.16 -23.60 -18.59
N ASN H 321 38.00 -23.48 -19.24
CA ASN H 321 37.73 -22.30 -20.04
C ASN H 321 37.66 -21.04 -19.19
N TYR H 322 37.29 -21.17 -17.92
CA TYR H 322 37.38 -20.03 -17.00
C TYR H 322 38.83 -19.71 -16.69
N ALA H 323 39.68 -20.74 -16.55
CA ALA H 323 41.09 -20.49 -16.31
C ALA H 323 41.75 -19.82 -17.50
N ILE H 324 41.40 -20.27 -18.72
CA ILE H 324 41.94 -19.64 -19.92
C ILE H 324 41.39 -18.24 -20.07
N GLY H 325 40.12 -18.03 -19.73
CA GLY H 325 39.54 -16.71 -19.85
C GLY H 325 40.21 -15.70 -18.96
N TYR H 326 40.48 -16.08 -17.70
CA TYR H 326 41.13 -15.15 -16.79
C TYR H 326 42.62 -15.01 -17.10
N TYR H 327 43.25 -16.09 -17.56
CA TYR H 327 44.66 -16.00 -17.93
C TYR H 327 44.85 -15.04 -19.10
N LEU H 328 43.93 -15.04 -20.05
CA LEU H 328 43.99 -14.06 -21.14
C LEU H 328 43.79 -12.65 -20.63
N LYS H 329 42.85 -12.46 -19.70
CA LYS H 329 42.59 -11.12 -19.17
C LYS H 329 43.81 -10.56 -18.45
N GLU H 330 44.62 -11.44 -17.84
CA GLU H 330 45.80 -10.97 -17.12
C GLU H 330 46.92 -10.56 -18.06
N LYS H 331 46.88 -11.03 -19.31
CA LYS H 331 47.90 -10.72 -20.31
C LYS H 331 47.44 -9.68 -21.32
N LYS H 332 46.35 -8.95 -21.03
CA LYS H 332 45.88 -7.88 -21.90
C LYS H 332 45.61 -8.37 -23.32
N CYS H 333 45.05 -9.58 -23.43
CA CYS H 333 44.80 -10.20 -24.73
C CYS H 333 43.47 -9.78 -25.34
N PHE H 334 42.68 -8.94 -24.64
CA PHE H 334 41.39 -8.48 -25.14
C PHE H 334 41.48 -7.02 -25.59
N PRO H 335 40.62 -6.56 -26.50
CA PRO H 335 40.59 -5.13 -26.81
C PRO H 335 40.15 -4.32 -25.60
N LYS H 336 40.61 -3.07 -25.54
CA LYS H 336 40.28 -2.22 -24.41
C LYS H 336 38.77 -2.01 -24.32
N GLY H 337 38.26 -1.97 -23.09
CA GLY H 337 36.85 -1.77 -22.87
C GLY H 337 35.97 -2.97 -23.17
N VAL H 338 36.52 -4.17 -23.14
CA VAL H 338 35.77 -5.40 -23.41
C VAL H 338 35.82 -6.28 -22.18
N ASP H 339 34.66 -6.74 -21.74
CA ASP H 339 34.58 -7.62 -20.59
C ASP H 339 34.97 -9.04 -20.98
N MET H 340 35.70 -9.71 -20.10
CA MET H 340 36.10 -11.09 -20.36
C MET H 340 34.90 -12.02 -20.29
N MET H 341 34.06 -11.88 -19.26
CA MET H 341 32.99 -12.84 -19.03
C MET H 341 31.98 -12.84 -20.16
N ALA H 342 31.64 -11.66 -20.67
CA ALA H 342 30.70 -11.59 -21.79
C ALA H 342 31.27 -12.27 -23.03
N ALA H 343 32.59 -12.16 -23.23
CA ALA H 343 33.21 -12.87 -24.34
C ALA H 343 33.32 -14.36 -24.04
N LEU H 344 33.69 -14.71 -22.82
CA LEU H 344 33.75 -16.13 -22.46
C LEU H 344 32.37 -16.78 -22.51
N ASP H 345 31.35 -16.09 -21.98
CA ASP H 345 30.01 -16.66 -22.00
C ASP H 345 29.52 -16.86 -23.43
N LEU H 346 29.74 -15.89 -24.30
CA LEU H 346 29.34 -16.04 -25.69
C LEU H 346 30.00 -17.24 -26.33
N TYR H 347 31.25 -17.53 -25.96
CA TYR H 347 31.91 -18.71 -26.49
C TYR H 347 31.19 -19.98 -26.07
N PHE H 348 30.72 -20.04 -24.83
CA PHE H 348 29.93 -21.18 -24.38
C PHE H 348 28.61 -21.27 -25.15
N GLN H 349 27.98 -20.13 -25.40
CA GLN H 349 26.72 -20.12 -26.12
C GLN H 349 26.89 -20.66 -27.53
N LEU H 350 27.89 -20.17 -28.25
CA LEU H 350 28.13 -20.64 -29.61
C LEU H 350 28.49 -22.12 -29.62
N CYS H 351 29.24 -22.57 -28.61
CA CYS H 351 29.57 -23.98 -28.52
C CYS H 351 28.32 -24.85 -28.40
N SER H 352 27.29 -24.34 -27.74
CA SER H 352 26.08 -25.11 -27.47
C SER H 352 25.03 -25.01 -28.58
N VAL H 353 25.32 -24.29 -29.66
CA VAL H 353 24.38 -24.23 -30.77
C VAL H 353 24.18 -25.62 -31.33
N GLU H 354 22.92 -26.01 -31.52
CA GLU H 354 22.56 -27.38 -31.85
C GLU H 354 22.06 -27.45 -33.28
N VAL H 355 22.67 -28.33 -34.08
CA VAL H 355 22.30 -28.52 -35.47
C VAL H 355 22.36 -30.00 -35.80
N THR H 356 21.62 -30.38 -36.84
CA THR H 356 21.64 -31.75 -37.36
C THR H 356 22.86 -31.91 -38.28
N CYS H 357 22.99 -33.08 -38.89
CA CYS H 357 24.00 -33.24 -39.93
C CYS H 357 23.57 -32.59 -41.23
N GLU H 358 22.27 -32.57 -41.53
CA GLU H 358 21.79 -31.85 -42.71
C GLU H 358 22.05 -30.36 -42.59
N SER H 359 21.76 -29.79 -41.42
CA SER H 359 21.95 -28.35 -41.23
C SER H 359 23.43 -28.00 -41.26
N GLY H 360 24.26 -28.81 -40.61
CA GLY H 360 25.68 -28.53 -40.58
C GLY H 360 26.41 -28.86 -41.87
N SER H 361 25.94 -29.87 -42.60
CA SER H 361 26.58 -30.21 -43.87
C SER H 361 26.48 -29.06 -44.86
N VAL H 362 25.31 -28.42 -44.94
CA VAL H 362 25.19 -27.20 -45.73
C VAL H 362 26.06 -26.10 -45.13
N MET H 363 26.10 -26.02 -43.81
CA MET H 363 26.93 -25.02 -43.14
C MET H 363 28.41 -25.26 -43.41
N ALA H 364 28.77 -26.49 -43.80
CA ALA H 364 30.12 -26.78 -44.26
C ALA H 364 30.26 -26.63 -45.76
N ALA H 365 29.19 -26.87 -46.52
CA ALA H 365 29.26 -26.72 -47.97
C ALA H 365 29.44 -25.27 -48.37
N THR H 366 29.05 -24.33 -47.51
CA THR H 366 29.22 -22.91 -47.81
C THR H 366 30.71 -22.57 -47.94
N LEU H 367 31.53 -23.09 -47.03
CA LEU H 367 32.96 -22.83 -47.10
C LEU H 367 33.56 -23.40 -48.38
N ALA H 368 33.12 -24.58 -48.79
CA ALA H 368 33.59 -25.16 -50.04
C ALA H 368 33.23 -24.27 -51.22
N ASN H 369 31.99 -23.77 -51.25
CA ASN H 369 31.55 -22.93 -52.35
C ASN H 369 32.25 -21.57 -52.35
N GLY H 370 32.80 -21.15 -51.22
CA GLY H 370 33.51 -19.89 -51.14
C GLY H 370 32.63 -18.72 -50.74
N GLY H 371 31.84 -18.92 -49.68
CA GLY H 371 31.02 -17.85 -49.17
C GLY H 371 29.67 -17.69 -49.82
N ILE H 372 29.20 -18.70 -50.55
CA ILE H 372 27.88 -18.71 -51.16
C ILE H 372 27.18 -19.99 -50.74
N CYS H 373 26.08 -19.88 -50.02
CA CYS H 373 25.34 -21.05 -49.60
C CYS H 373 24.77 -21.73 -50.83
N PRO H 374 25.07 -23.01 -51.08
CA PRO H 374 24.67 -23.61 -52.37
C PRO H 374 23.16 -23.66 -52.59
N ILE H 375 22.37 -23.83 -51.52
CA ILE H 375 20.94 -24.05 -51.69
C ILE H 375 20.12 -22.77 -51.60
N THR H 376 20.75 -21.61 -51.43
CA THR H 376 20.06 -20.32 -51.52
C THR H 376 20.81 -19.29 -52.35
N GLY H 377 22.11 -19.45 -52.57
CA GLY H 377 22.84 -18.50 -53.40
C GLY H 377 23.13 -17.17 -52.76
N GLU H 378 23.10 -17.09 -51.43
CA GLU H 378 23.40 -15.84 -50.74
C GLU H 378 24.89 -15.52 -50.86
N SER H 379 25.29 -14.40 -50.27
CA SER H 379 26.67 -13.92 -50.28
C SER H 379 27.14 -13.66 -48.86
N VAL H 380 26.94 -14.64 -47.99
CA VAL H 380 27.13 -14.44 -46.56
C VAL H 380 28.56 -14.06 -46.21
N LEU H 381 29.54 -14.74 -46.80
CA LEU H 381 30.94 -14.57 -46.41
C LEU H 381 31.76 -14.04 -47.58
N SER H 382 32.73 -13.19 -47.26
CA SER H 382 33.67 -12.69 -48.25
C SER H 382 34.60 -13.83 -48.70
N ALA H 383 35.14 -13.66 -49.91
CA ALA H 383 36.02 -14.69 -50.46
C ALA H 383 37.27 -14.86 -49.60
N GLU H 384 37.85 -13.75 -49.13
CA GLU H 384 39.04 -13.84 -48.30
C GLU H 384 38.72 -14.38 -46.91
N ALA H 385 37.50 -14.13 -46.41
CA ALA H 385 37.12 -14.65 -45.11
C ALA H 385 37.08 -16.18 -45.12
N VAL H 386 36.53 -16.77 -46.18
CA VAL H 386 36.49 -18.23 -46.28
C VAL H 386 37.90 -18.78 -46.53
N ARG H 387 38.68 -18.09 -47.36
CA ARG H 387 40.02 -18.57 -47.66
C ARG H 387 40.88 -18.61 -46.40
N ASN H 388 40.78 -17.58 -45.57
CA ASN H 388 41.51 -17.59 -44.30
C ASN H 388 41.01 -18.71 -43.39
N THR H 389 39.70 -18.92 -43.34
CA THR H 389 39.15 -19.94 -42.46
C THR H 389 39.66 -21.33 -42.84
N LEU H 390 39.72 -21.63 -44.14
CA LEU H 390 40.17 -22.93 -44.57
C LEU H 390 41.64 -23.14 -44.23
N SER H 391 42.44 -22.07 -44.26
CA SER H 391 43.85 -22.21 -43.93
C SER H 391 44.06 -22.57 -42.46
N LEU H 392 43.42 -21.83 -41.54
CA LEU H 392 43.52 -22.19 -40.14
C LEU H 392 42.86 -23.54 -39.86
N MET H 393 41.66 -23.75 -40.42
CA MET H 393 40.97 -25.02 -40.22
C MET H 393 41.78 -26.18 -40.79
N HIS H 394 42.66 -25.92 -41.75
CA HIS H 394 43.52 -26.97 -42.29
C HIS H 394 44.65 -27.30 -41.32
N SER H 395 45.43 -26.28 -40.92
CA SER H 395 46.60 -26.49 -40.07
C SER H 395 46.31 -26.39 -38.59
N CYS H 396 45.09 -26.05 -38.19
CA CYS H 396 44.75 -25.92 -36.77
C CYS H 396 43.39 -26.50 -36.43
N GLY H 397 42.67 -27.09 -37.38
CA GLY H 397 41.31 -27.53 -37.11
C GLY H 397 41.24 -28.64 -36.08
N MET H 398 42.15 -29.61 -36.16
CA MET H 398 42.11 -30.80 -35.32
C MET H 398 43.13 -30.75 -34.19
N TYR H 399 43.66 -29.57 -33.87
CA TYR H 399 44.57 -29.38 -32.73
C TYR H 399 45.82 -30.22 -32.98
N ASP H 400 46.26 -31.04 -32.03
CA ASP H 400 47.47 -31.83 -32.23
C ASP H 400 47.32 -32.79 -33.40
N PHE H 401 46.09 -33.21 -33.70
CA PHE H 401 45.84 -34.12 -34.82
C PHE H 401 45.74 -33.39 -36.15
N SER H 402 46.18 -32.13 -36.25
CA SER H 402 46.27 -31.49 -37.55
C SER H 402 47.17 -32.29 -38.47
N GLY H 403 48.34 -32.67 -37.99
CA GLY H 403 49.07 -33.75 -38.60
C GLY H 403 48.36 -35.06 -38.35
N GLN H 404 48.64 -36.04 -39.22
CA GLN H 404 47.90 -37.29 -39.30
C GLN H 404 46.53 -37.09 -39.97
N PHE H 405 46.18 -35.84 -40.29
CA PHE H 405 45.01 -35.53 -41.09
C PHE H 405 45.40 -34.78 -42.36
N ALA H 406 46.20 -33.74 -42.25
CA ALA H 406 46.84 -33.18 -43.43
C ALA H 406 47.76 -34.20 -44.09
N PHE H 407 48.36 -35.08 -43.28
CA PHE H 407 49.19 -36.15 -43.82
C PHE H 407 48.34 -37.18 -44.55
N HIS H 408 47.26 -37.64 -43.93
CA HIS H 408 46.43 -38.72 -44.46
C HIS H 408 45.26 -38.20 -45.28
N VAL H 409 44.53 -37.21 -44.78
CA VAL H 409 43.31 -36.74 -45.44
C VAL H 409 43.60 -35.53 -46.32
N GLY H 410 44.40 -34.58 -45.85
CA GLY H 410 44.73 -33.43 -46.66
C GLY H 410 43.53 -32.59 -47.05
N LEU H 411 42.61 -32.36 -46.12
CA LEU H 411 41.46 -31.48 -46.35
C LEU H 411 41.24 -30.68 -45.07
N PRO H 412 40.62 -29.50 -45.18
CA PRO H 412 40.26 -28.75 -43.96
C PRO H 412 39.06 -29.37 -43.26
N ALA H 413 39.28 -29.84 -42.03
CA ALA H 413 38.21 -30.35 -41.19
C ALA H 413 38.40 -29.84 -39.78
N LYS H 414 37.30 -29.71 -39.05
CA LYS H 414 37.31 -29.20 -37.69
C LYS H 414 36.72 -30.25 -36.77
N SER H 415 37.47 -30.63 -35.74
CA SER H 415 37.04 -31.66 -34.80
C SER H 415 36.08 -31.05 -33.76
N ALA H 416 35.55 -31.92 -32.92
CA ALA H 416 34.69 -31.51 -31.82
C ALA H 416 34.56 -32.64 -30.83
N VAL H 417 34.22 -32.29 -29.59
CA VAL H 417 34.04 -33.30 -28.55
C VAL H 417 32.65 -33.92 -28.55
N SER H 418 31.72 -33.37 -29.32
CA SER H 418 30.40 -33.97 -29.47
C SER H 418 30.36 -34.99 -30.59
N GLY H 419 31.49 -35.34 -31.19
CA GLY H 419 31.56 -36.30 -32.27
C GLY H 419 31.46 -35.71 -33.66
N ALA H 420 31.44 -34.39 -33.78
CA ALA H 420 31.30 -33.76 -35.09
C ALA H 420 32.66 -33.67 -35.79
N ILE H 421 32.61 -33.67 -37.13
CA ILE H 421 33.77 -33.39 -37.96
C ILE H 421 33.27 -32.55 -39.13
N LEU H 422 33.64 -31.28 -39.16
CA LEU H 422 33.13 -30.34 -40.17
C LEU H 422 33.97 -30.41 -41.44
N LEU H 423 33.99 -31.60 -42.05
CA LEU H 423 34.82 -31.83 -43.23
C LEU H 423 34.37 -30.95 -44.38
N VAL H 424 35.34 -30.30 -45.03
CA VAL H 424 35.08 -29.40 -46.15
C VAL H 424 36.02 -29.79 -47.28
N VAL H 425 35.45 -30.18 -48.41
CA VAL H 425 36.22 -30.48 -49.63
C VAL H 425 36.14 -29.23 -50.51
N PRO H 426 37.22 -28.45 -50.65
CA PRO H 426 37.12 -27.21 -51.43
C PRO H 426 36.71 -27.47 -52.87
N ASN H 427 35.84 -26.60 -53.38
CA ASN H 427 35.38 -26.58 -54.77
C ASN H 427 34.51 -27.77 -55.14
N VAL H 428 34.26 -28.69 -54.20
CA VAL H 428 33.52 -29.91 -54.52
C VAL H 428 32.28 -30.03 -53.64
N MET H 429 32.47 -30.17 -52.33
CA MET H 429 31.35 -30.45 -51.45
C MET H 429 31.73 -30.15 -50.00
N GLY H 430 30.72 -30.14 -49.15
CA GLY H 430 30.92 -30.12 -47.72
C GLY H 430 30.23 -31.32 -47.10
N MET H 431 30.71 -31.71 -45.93
CA MET H 431 30.31 -33.01 -45.38
C MET H 431 30.52 -32.98 -43.88
N MET H 432 29.74 -33.82 -43.17
CA MET H 432 29.88 -33.96 -41.73
C MET H 432 29.70 -35.41 -41.32
N CYS H 433 30.20 -35.71 -40.13
CA CYS H 433 30.08 -37.02 -39.51
C CYS H 433 29.83 -36.85 -38.02
N LEU H 434 28.90 -37.63 -37.48
CA LEU H 434 28.54 -37.57 -36.06
C LEU H 434 28.83 -38.93 -35.43
N SER H 435 29.74 -38.94 -34.47
CA SER H 435 30.05 -40.16 -33.71
C SER H 435 30.67 -39.72 -32.38
N PRO H 436 29.89 -39.73 -31.29
CA PRO H 436 30.38 -39.18 -30.02
C PRO H 436 31.67 -39.84 -29.54
N PRO H 437 31.87 -41.17 -29.71
CA PRO H 437 33.13 -41.76 -29.26
C PRO H 437 34.36 -41.08 -29.85
N LEU H 438 35.23 -40.57 -28.97
CA LEU H 438 36.36 -39.76 -29.37
C LEU H 438 37.64 -40.60 -29.38
N ASP H 439 38.76 -39.97 -29.67
CA ASP H 439 40.09 -40.55 -29.58
C ASP H 439 40.83 -39.81 -28.46
N LYS H 440 42.12 -40.12 -28.27
CA LYS H 440 42.88 -39.50 -27.20
C LYS H 440 42.93 -37.98 -27.34
N LEU H 441 43.17 -37.49 -28.56
CA LEU H 441 43.45 -36.08 -28.77
C LEU H 441 42.20 -35.22 -28.91
N GLY H 442 41.01 -35.82 -28.91
CA GLY H 442 39.77 -35.05 -28.93
C GLY H 442 39.12 -34.95 -30.28
N ASN H 443 39.13 -36.04 -31.04
CA ASN H 443 38.44 -36.12 -32.32
C ASN H 443 37.73 -37.47 -32.40
N SER H 444 36.70 -37.52 -33.24
CA SER H 444 35.91 -38.74 -33.35
C SER H 444 36.71 -39.83 -34.05
N HIS H 445 36.74 -41.01 -33.44
CA HIS H 445 37.50 -42.11 -34.03
C HIS H 445 36.83 -42.64 -35.30
N ARG H 446 35.52 -42.87 -35.24
CA ARG H 446 34.80 -43.27 -36.45
C ARG H 446 34.85 -42.17 -37.51
N GLY H 447 34.67 -40.92 -37.10
CA GLY H 447 34.64 -39.83 -38.06
C GLY H 447 35.96 -39.65 -38.77
N THR H 448 37.07 -39.65 -38.01
CA THR H 448 38.37 -39.47 -38.64
C THR H 448 38.79 -40.71 -39.40
N SER H 449 38.31 -41.89 -38.99
CA SER H 449 38.55 -43.09 -39.79
C SER H 449 37.74 -43.06 -41.07
N PHE H 450 36.54 -42.49 -41.02
CA PHE H 450 35.76 -42.32 -42.25
C PHE H 450 36.47 -41.41 -43.23
N CYS H 451 37.01 -40.28 -42.75
CA CYS H 451 37.67 -39.33 -43.63
C CYS H 451 38.93 -39.94 -44.25
N GLN H 452 39.65 -40.76 -43.47
CA GLN H 452 40.84 -41.41 -44.00
C GLN H 452 40.50 -42.32 -45.16
N LYS H 453 39.40 -43.07 -45.06
CA LYS H 453 39.04 -44.01 -46.12
C LYS H 453 38.41 -43.28 -47.31
N LEU H 454 37.68 -42.19 -47.05
CA LEU H 454 37.02 -41.48 -48.13
C LEU H 454 38.03 -40.87 -49.11
N VAL H 455 39.10 -40.27 -48.58
CA VAL H 455 40.04 -39.57 -49.44
C VAL H 455 40.84 -40.53 -50.31
N SER H 456 41.22 -41.69 -49.79
CA SER H 456 41.99 -42.66 -50.55
C SER H 456 41.19 -43.31 -51.67
N LEU H 457 39.87 -43.11 -51.70
CA LEU H 457 39.00 -43.73 -52.68
C LEU H 457 38.46 -42.76 -53.72
N PHE H 458 38.54 -41.45 -53.48
CA PHE H 458 37.90 -40.46 -54.35
C PHE H 458 38.84 -39.41 -54.90
N ASN H 459 40.11 -39.41 -54.51
CA ASN H 459 41.09 -38.42 -54.95
C ASN H 459 40.62 -37.01 -54.57
N PHE H 460 40.53 -36.78 -53.26
CA PHE H 460 40.21 -35.48 -52.70
C PHE H 460 41.37 -34.88 -51.92
N HIS H 461 42.54 -35.51 -51.93
CA HIS H 461 43.68 -34.98 -51.20
C HIS H 461 44.12 -33.66 -51.80
N ASN H 462 44.77 -32.84 -50.97
CA ASN H 462 45.21 -31.52 -51.42
C ASN H 462 46.35 -31.63 -52.42
N TYR H 463 47.27 -32.56 -52.21
CA TYR H 463 48.51 -32.67 -52.99
C TYR H 463 48.63 -34.00 -53.72
N ASP H 464 47.52 -34.64 -54.05
CA ASP H 464 47.55 -35.82 -54.92
C ASP H 464 47.56 -35.34 -56.36
N ASN H 465 48.72 -35.45 -57.01
CA ASN H 465 48.87 -34.97 -58.37
C ASN H 465 48.01 -35.78 -59.32
N LEU H 466 47.44 -35.10 -60.31
CA LEU H 466 46.66 -35.75 -61.36
C LEU H 466 47.59 -36.49 -62.30
N ARG H 467 46.98 -37.19 -63.27
CA ARG H 467 47.72 -37.95 -64.28
C ARG H 467 48.42 -39.17 -63.68
N HIS H 468 48.15 -39.47 -62.40
CA HIS H 468 48.72 -40.64 -61.76
C HIS H 468 47.70 -41.41 -60.92
N CYS H 469 46.48 -40.89 -60.75
CA CYS H 469 45.48 -41.59 -59.97
C CYS H 469 45.03 -42.88 -60.66
N ALA H 470 44.70 -42.78 -61.95
CA ALA H 470 44.32 -43.94 -62.74
C ALA H 470 43.12 -44.65 -62.13
N ARG H 471 43.37 -45.69 -61.34
CA ARG H 471 42.28 -46.53 -60.85
C ARG H 471 41.39 -45.79 -59.87
N LYS H 472 41.96 -44.89 -59.07
CA LYS H 472 41.17 -44.14 -58.12
C LYS H 472 40.13 -43.29 -58.84
N LEU H 473 38.94 -43.17 -58.25
CA LEU H 473 37.85 -42.47 -58.88
C LEU H 473 38.09 -40.96 -58.86
N ASP H 474 37.30 -40.24 -59.66
CA ASP H 474 37.37 -38.79 -59.75
C ASP H 474 36.00 -38.26 -60.16
N PRO H 475 35.03 -38.19 -59.25
CA PRO H 475 33.67 -37.81 -59.65
C PRO H 475 33.57 -36.38 -60.15
N ARG H 476 34.51 -35.50 -59.80
CA ARG H 476 34.40 -34.11 -60.21
C ARG H 476 34.43 -33.98 -61.72
N ARG H 477 35.35 -34.67 -62.38
CA ARG H 477 35.34 -34.84 -63.84
C ARG H 477 36.47 -35.78 -64.26
N LEU I 69 -57.72 -37.82 44.59
CA LEU I 69 -56.29 -38.22 44.56
C LEU I 69 -56.04 -39.26 43.47
N SER I 70 -56.94 -40.24 43.40
CA SER I 70 -56.81 -41.29 42.39
C SER I 70 -56.97 -40.70 40.99
N ARG I 71 -56.20 -41.24 40.05
CA ARG I 71 -56.21 -40.78 38.66
C ARG I 71 -57.30 -41.54 37.92
N LEU I 72 -58.41 -40.87 37.64
CA LEU I 72 -59.55 -41.48 36.97
C LEU I 72 -59.48 -41.41 35.44
N GLY I 73 -58.27 -41.25 34.89
CA GLY I 73 -58.14 -41.15 33.44
C GLY I 73 -58.62 -42.38 32.70
N ASP I 74 -58.44 -43.56 33.31
CA ASP I 74 -58.85 -44.79 32.64
C ASP I 74 -60.35 -44.80 32.37
N LEU I 75 -61.16 -44.41 33.35
CA LEU I 75 -62.60 -44.32 33.13
C LEU I 75 -62.94 -43.15 32.22
N LEU I 76 -62.12 -42.10 32.23
CA LEU I 76 -62.40 -40.94 31.40
C LEU I 76 -62.31 -41.28 29.91
N PHE I 77 -61.38 -42.16 29.54
CA PHE I 77 -61.26 -42.56 28.14
C PHE I 77 -62.51 -43.27 27.67
N TYR I 78 -63.12 -44.09 28.53
CA TYR I 78 -64.38 -44.75 28.16
C TYR I 78 -65.45 -43.72 27.84
N THR I 79 -65.50 -42.63 28.60
CA THR I 79 -66.43 -41.54 28.27
C THR I 79 -66.02 -40.86 26.97
N ILE I 80 -64.72 -40.74 26.72
CA ILE I 80 -64.26 -40.09 25.50
C ILE I 80 -64.71 -40.88 24.27
N ALA I 81 -64.58 -42.21 24.33
CA ALA I 81 -65.01 -43.07 23.24
C ALA I 81 -66.54 -43.07 23.17
N GLU I 82 -67.09 -43.49 22.04
CA GLU I 82 -68.53 -43.51 21.83
C GLU I 82 -69.19 -44.78 22.36
N GLY I 83 -68.41 -45.75 22.82
CA GLY I 83 -68.96 -46.95 23.44
C GLY I 83 -68.77 -48.21 22.64
N GLN I 84 -68.14 -48.12 21.47
CA GLN I 84 -67.90 -49.28 20.63
C GLN I 84 -66.57 -49.94 21.00
N GLU I 85 -66.44 -51.22 20.62
CA GLU I 85 -65.28 -52.00 21.02
C GLU I 85 -64.01 -51.60 20.28
N ARG I 86 -64.13 -51.02 19.09
CA ARG I 86 -62.98 -50.61 18.30
C ARG I 86 -63.29 -49.32 17.55
N ILE I 87 -62.24 -48.63 17.14
CA ILE I 87 -62.38 -47.39 16.37
C ILE I 87 -61.23 -47.31 15.36
N PRO I 88 -61.47 -46.87 14.13
CA PRO I 88 -60.35 -46.74 13.18
C PRO I 88 -59.38 -45.66 13.61
N ILE I 89 -58.11 -45.86 13.26
CA ILE I 89 -57.09 -44.88 13.61
C ILE I 89 -57.30 -43.57 12.85
N HIS I 90 -57.79 -43.65 11.61
CA HIS I 90 -57.99 -42.46 10.81
C HIS I 90 -58.98 -41.48 11.43
N LYS I 91 -60.00 -41.98 12.13
CA LYS I 91 -61.02 -41.11 12.68
C LYS I 91 -60.54 -40.31 13.88
N PHE I 92 -59.40 -40.65 14.48
CA PHE I 92 -58.90 -39.96 15.65
C PHE I 92 -58.05 -38.74 15.32
N THR I 93 -57.18 -38.84 14.31
CA THR I 93 -56.37 -37.69 13.92
C THR I 93 -57.23 -36.55 13.40
N THR I 94 -58.15 -36.86 12.48
CA THR I 94 -59.07 -35.87 11.96
C THR I 94 -60.35 -35.84 12.82
N ALA I 95 -61.05 -34.71 12.74
CA ALA I 95 -62.30 -34.43 13.46
C ALA I 95 -62.08 -34.23 14.95
N LEU I 96 -60.86 -34.32 15.47
CA LEU I 96 -60.56 -34.13 16.88
C LEU I 96 -60.39 -32.67 17.25
N LYS I 97 -60.16 -31.79 16.27
CA LYS I 97 -59.95 -30.38 16.54
C LYS I 97 -61.27 -29.62 16.67
N ALA I 98 -62.40 -30.31 16.55
CA ALA I 98 -63.69 -29.62 16.58
C ALA I 98 -63.91 -28.89 17.90
N THR I 99 -63.26 -29.32 18.97
CA THR I 99 -63.40 -28.69 20.28
C THR I 99 -62.75 -27.31 20.35
N GLY I 100 -62.16 -26.82 19.26
CA GLY I 100 -61.58 -25.49 19.22
C GLY I 100 -60.10 -25.44 19.55
N LEU I 101 -59.70 -26.06 20.66
CA LEU I 101 -58.30 -26.08 21.06
C LEU I 101 -57.46 -26.75 19.97
N GLN I 102 -56.56 -25.98 19.37
CA GLN I 102 -55.77 -26.49 18.26
C GLN I 102 -54.81 -27.57 18.74
N THR I 103 -54.32 -28.35 17.78
CA THR I 103 -53.34 -29.41 18.05
C THR I 103 -51.90 -28.91 18.02
N SER I 104 -51.68 -27.61 17.81
CA SER I 104 -50.35 -27.04 17.75
C SER I 104 -49.96 -26.35 19.06
N ASP I 105 -50.75 -26.49 20.12
CA ASP I 105 -50.40 -25.86 21.38
C ASP I 105 -49.11 -26.44 21.93
N PRO I 106 -48.21 -25.64 22.51
CA PRO I 106 -47.05 -26.22 23.19
C PRO I 106 -47.43 -27.12 24.34
N ARG I 107 -48.60 -26.92 24.95
CA ARG I 107 -48.97 -27.68 26.14
C ARG I 107 -49.14 -29.16 25.82
N LEU I 108 -49.69 -29.48 24.65
CA LEU I 108 -49.88 -30.86 24.22
C LEU I 108 -48.85 -31.29 23.18
N ARG I 109 -47.74 -30.55 23.06
CA ARG I 109 -46.71 -30.91 22.09
C ARG I 109 -46.03 -32.22 22.47
N ASP I 110 -45.91 -32.50 23.78
CA ASP I 110 -45.23 -33.71 24.23
C ASP I 110 -45.94 -34.96 23.71
N CYS I 111 -47.26 -34.92 23.61
CA CYS I 111 -48.01 -36.09 23.17
C CYS I 111 -47.64 -36.48 21.74
N MET I 112 -47.51 -35.49 20.85
CA MET I 112 -47.24 -35.80 19.45
C MET I 112 -45.79 -36.21 19.24
N SER I 113 -44.89 -35.76 20.12
CA SER I 113 -43.47 -36.01 19.91
C SER I 113 -43.12 -37.49 20.05
N GLU I 114 -43.61 -38.13 21.10
CA GLU I 114 -43.15 -39.49 21.42
C GLU I 114 -43.72 -40.52 20.46
N MET I 115 -44.98 -40.34 20.04
CA MET I 115 -45.65 -41.38 19.25
C MET I 115 -44.95 -41.61 17.92
N HIS I 116 -44.27 -40.60 17.40
CA HIS I 116 -43.66 -40.72 16.07
C HIS I 116 -42.55 -41.77 16.05
N ARG I 117 -41.87 -42.00 17.17
CA ARG I 117 -40.72 -42.88 17.20
C ARG I 117 -41.06 -44.31 17.60
N VAL I 118 -42.18 -44.53 18.29
CA VAL I 118 -42.52 -45.87 18.77
C VAL I 118 -43.19 -46.72 17.71
N VAL I 119 -43.75 -46.10 16.66
CA VAL I 119 -44.52 -46.85 15.67
C VAL I 119 -43.66 -47.88 14.93
N GLN I 120 -42.37 -47.60 14.75
CA GLN I 120 -41.52 -48.49 13.96
C GLN I 120 -41.43 -49.87 14.61
N GLU I 121 -41.17 -49.92 15.91
CA GLU I 121 -41.05 -51.16 16.66
C GLU I 121 -42.06 -51.15 17.80
N SER I 122 -43.28 -51.63 17.51
CA SER I 122 -44.32 -51.75 18.51
C SER I 122 -45.08 -53.08 18.42
N SER I 123 -44.79 -53.92 17.44
CA SER I 123 -45.46 -55.21 17.25
C SER I 123 -46.95 -55.07 16.96
N SER I 124 -47.41 -53.87 16.60
CA SER I 124 -48.82 -53.64 16.28
C SER I 124 -48.95 -52.96 14.92
N GLY I 125 -48.01 -52.07 14.60
CA GLY I 125 -48.01 -51.42 13.30
C GLY I 125 -49.20 -50.54 13.04
N GLY I 126 -49.51 -49.63 13.98
CA GLY I 126 -50.58 -48.67 13.79
C GLY I 126 -51.58 -48.58 14.93
N LEU I 127 -51.23 -49.14 16.10
CA LEU I 127 -52.08 -49.11 17.27
C LEU I 127 -51.40 -48.30 18.37
N LEU I 128 -52.13 -47.35 18.94
CA LEU I 128 -51.57 -46.52 20.01
C LEU I 128 -51.82 -47.13 21.38
N ASP I 129 -52.91 -47.88 21.53
CA ASP I 129 -53.26 -48.58 22.78
C ASP I 129 -53.61 -47.59 23.89
N ARG I 130 -54.49 -47.99 24.79
CA ARG I 130 -54.93 -47.11 25.86
C ARG I 130 -53.93 -47.12 27.02
N ASP I 131 -53.40 -48.29 27.37
CA ASP I 131 -52.50 -48.40 28.51
C ASP I 131 -51.24 -47.56 28.29
N LEU I 132 -50.67 -47.62 27.08
CA LEU I 132 -49.49 -46.82 26.79
C LEU I 132 -49.77 -45.33 26.86
N PHE I 133 -50.92 -44.90 26.35
CA PHE I 133 -51.23 -43.47 26.32
C PHE I 133 -51.38 -42.89 27.72
N ARG I 134 -52.02 -43.63 28.62
CA ARG I 134 -52.28 -43.08 29.95
C ARG I 134 -50.99 -42.83 30.72
N LYS I 135 -50.02 -43.76 30.59
CA LYS I 135 -48.78 -43.62 31.34
C LYS I 135 -47.97 -42.42 30.88
N CYS I 136 -47.87 -42.22 29.56
CA CYS I 136 -47.05 -41.13 29.04
C CYS I 136 -47.64 -39.77 29.38
N VAL I 137 -48.96 -39.61 29.21
CA VAL I 137 -49.63 -38.37 29.55
C VAL I 137 -49.99 -38.40 31.03
N SER I 138 -49.07 -37.91 31.87
CA SER I 138 -49.25 -37.93 33.32
C SER I 138 -49.32 -36.52 33.90
N SER I 139 -48.33 -35.67 33.60
CA SER I 139 -48.28 -34.33 34.16
C SER I 139 -49.32 -33.39 33.56
N ASN I 140 -49.66 -33.58 32.28
CA ASN I 140 -50.62 -32.72 31.59
C ASN I 140 -52.04 -33.28 31.66
N ILE I 141 -52.33 -34.09 32.67
CA ILE I 141 -53.64 -34.73 32.75
C ILE I 141 -54.74 -33.69 33.00
N VAL I 142 -54.45 -32.68 33.81
CA VAL I 142 -55.50 -31.76 34.26
C VAL I 142 -56.08 -30.98 33.08
N LEU I 143 -55.23 -30.59 32.13
CA LEU I 143 -55.70 -29.75 31.03
C LEU I 143 -56.71 -30.48 30.16
N LEU I 144 -56.47 -31.76 29.88
CA LEU I 144 -57.34 -32.49 28.97
C LEU I 144 -58.73 -32.69 29.56
N THR I 145 -58.82 -32.80 30.89
CA THR I 145 -60.12 -33.03 31.53
C THR I 145 -61.07 -31.88 31.25
N GLN I 146 -60.58 -30.65 31.39
CA GLN I 146 -61.44 -29.49 31.15
C GLN I 146 -61.81 -29.38 29.68
N ALA I 147 -60.91 -29.80 28.79
CA ALA I 147 -61.14 -29.61 27.35
C ALA I 147 -62.36 -30.39 26.88
N PHE I 148 -62.47 -31.66 27.26
CA PHE I 148 -63.50 -32.54 26.71
C PHE I 148 -64.72 -32.67 27.61
N ARG I 149 -64.62 -32.26 28.87
CA ARG I 149 -65.78 -32.20 29.76
C ARG I 149 -66.58 -30.92 29.59
N LYS I 150 -66.18 -30.07 28.65
CA LYS I 150 -66.92 -28.82 28.36
C LYS I 150 -66.98 -27.92 29.58
N LYS I 151 -65.90 -27.91 30.36
CA LYS I 151 -65.78 -27.06 31.54
C LYS I 151 -65.04 -25.76 31.26
N PHE I 152 -64.58 -25.55 30.02
CA PHE I 152 -64.03 -24.27 29.64
C PHE I 152 -65.04 -23.15 29.87
N VAL I 153 -64.52 -21.92 29.91
CA VAL I 153 -65.35 -20.74 30.11
C VAL I 153 -66.21 -20.40 28.90
N ILE I 154 -66.00 -21.04 27.76
CA ILE I 154 -66.92 -20.96 26.62
C ILE I 154 -67.25 -22.37 26.15
N PRO I 155 -68.30 -23.01 26.69
CA PRO I 155 -68.78 -24.26 26.08
C PRO I 155 -69.53 -24.03 24.78
N ASP I 156 -70.12 -25.08 24.23
CA ASP I 156 -70.85 -25.08 22.96
C ASP I 156 -70.18 -24.19 21.92
N PHE I 157 -68.89 -24.41 21.75
CA PHE I 157 -68.08 -23.55 20.88
C PHE I 157 -68.53 -23.61 19.42
N GLU I 158 -69.18 -24.70 19.00
CA GLU I 158 -69.71 -24.77 17.65
C GLU I 158 -70.76 -23.69 17.42
N GLU I 159 -71.67 -23.52 18.38
CA GLU I 159 -72.67 -22.46 18.29
C GLU I 159 -72.00 -21.09 18.33
N PHE I 160 -70.99 -20.94 19.19
CA PHE I 160 -70.29 -19.65 19.30
C PHE I 160 -69.62 -19.28 17.99
N THR I 161 -68.93 -20.23 17.37
CA THR I 161 -68.29 -19.97 16.08
C THR I 161 -69.33 -19.86 14.97
N GLY I 162 -70.44 -20.59 15.09
CA GLY I 162 -71.48 -20.52 14.08
C GLY I 162 -72.06 -19.12 13.97
N HIS I 163 -72.35 -18.48 15.11
CA HIS I 163 -72.85 -17.12 15.10
C HIS I 163 -71.78 -16.15 14.58
N VAL I 164 -70.52 -16.38 14.96
CA VAL I 164 -69.44 -15.51 14.51
C VAL I 164 -69.33 -15.54 12.99
N ASP I 165 -69.46 -16.73 12.40
CA ASP I 165 -69.36 -16.86 10.96
C ASP I 165 -70.48 -16.09 10.26
N ARG I 166 -71.67 -16.06 10.85
CA ARG I 166 -72.80 -15.42 10.21
C ARG I 166 -72.56 -13.93 10.04
N ILE I 167 -72.14 -13.25 11.12
CA ILE I 167 -71.88 -11.82 11.03
C ILE I 167 -70.69 -11.54 10.13
N PHE I 168 -69.74 -12.47 10.07
CA PHE I 168 -68.60 -12.31 9.19
C PHE I 168 -69.05 -12.21 7.74
N GLU I 169 -70.02 -13.04 7.35
CA GLU I 169 -70.57 -12.96 6.00
C GLU I 169 -71.34 -11.66 5.80
N ASP I 170 -72.17 -11.27 6.79
CA ASP I 170 -73.01 -10.10 6.62
C ASP I 170 -72.18 -8.82 6.57
N VAL I 171 -71.23 -8.66 7.50
CA VAL I 171 -70.43 -7.44 7.54
C VAL I 171 -69.55 -7.30 6.31
N LYS I 172 -69.26 -8.40 5.60
CA LYS I 172 -68.36 -8.33 4.44
C LYS I 172 -68.92 -7.44 3.34
N GLU I 173 -70.22 -7.18 3.32
CA GLU I 173 -70.81 -6.38 2.25
C GLU I 173 -70.37 -4.93 2.33
N LEU I 174 -70.13 -4.43 3.54
CA LEU I 174 -69.84 -3.01 3.72
C LEU I 174 -68.50 -2.64 3.07
N THR I 175 -68.38 -1.37 2.69
CA THR I 175 -67.15 -0.84 2.12
C THR I 175 -66.99 0.61 2.58
N GLY I 176 -65.82 0.93 3.11
CA GLY I 176 -65.55 2.25 3.62
C GLY I 176 -64.86 3.14 2.61
N GLY I 177 -63.64 3.55 2.91
CA GLY I 177 -62.88 4.39 2.01
C GLY I 177 -61.70 5.00 2.73
N LYS I 178 -60.91 5.76 1.95
CA LYS I 178 -59.74 6.48 2.47
C LYS I 178 -58.81 5.51 3.21
N VAL I 179 -58.28 4.57 2.44
CA VAL I 179 -57.48 3.50 3.02
C VAL I 179 -56.26 4.06 3.75
N ALA I 180 -55.49 4.93 3.08
CA ALA I 180 -54.37 5.60 3.73
C ALA I 180 -53.94 6.76 2.86
N ALA I 181 -54.09 7.99 3.38
CA ALA I 181 -53.58 9.15 2.67
C ALA I 181 -52.06 9.23 2.74
N TYR I 182 -51.47 8.68 3.79
CA TYR I 182 -50.03 8.73 4.03
C TYR I 182 -49.51 7.32 4.29
N ILE I 183 -48.20 7.18 4.52
CA ILE I 183 -47.56 5.87 4.59
C ILE I 183 -47.89 5.12 3.31
N PRO I 184 -47.25 5.46 2.19
CA PRO I 184 -47.63 4.84 0.91
C PRO I 184 -47.62 3.32 0.92
N GLN I 185 -46.75 2.70 1.72
CA GLN I 185 -46.71 1.25 1.78
C GLN I 185 -47.99 0.65 2.35
N LEU I 186 -48.80 1.44 3.05
CA LEU I 186 -50.12 0.99 3.48
C LEU I 186 -51.19 1.22 2.42
N ALA I 187 -50.98 2.17 1.50
CA ALA I 187 -51.93 2.42 0.43
C ALA I 187 -51.92 1.33 -0.63
N LYS I 188 -50.94 0.43 -0.62
CA LYS I 188 -50.85 -0.65 -1.59
C LYS I 188 -51.64 -1.88 -1.17
N SER I 189 -52.20 -1.90 0.03
CA SER I 189 -52.91 -3.07 0.52
C SER I 189 -54.24 -3.24 -0.23
N ASN I 190 -54.74 -4.47 -0.22
CA ASN I 190 -55.98 -4.79 -0.91
C ASN I 190 -57.16 -4.28 -0.08
N PRO I 191 -58.00 -3.39 -0.61
CA PRO I 191 -59.16 -2.94 0.17
C PRO I 191 -60.12 -4.06 0.57
N ASP I 192 -60.26 -5.09 -0.26
CA ASP I 192 -61.23 -6.15 -0.02
C ASP I 192 -60.70 -7.26 0.88
N LEU I 193 -59.67 -6.99 1.67
CA LEU I 193 -59.12 -7.99 2.58
C LEU I 193 -59.85 -7.90 3.91
N TRP I 194 -60.43 -9.01 4.35
CA TRP I 194 -61.26 -9.03 5.55
C TRP I 194 -61.08 -10.36 6.24
N GLY I 195 -60.93 -10.32 7.57
CA GLY I 195 -60.73 -11.54 8.34
C GLY I 195 -60.82 -11.24 9.81
N VAL I 196 -60.92 -12.32 10.61
CA VAL I 196 -61.08 -12.22 12.04
C VAL I 196 -60.63 -13.51 12.69
N SER I 197 -60.15 -13.40 13.93
CA SER I 197 -59.75 -14.56 14.71
C SER I 197 -59.94 -14.23 16.18
N LEU I 198 -60.27 -15.26 16.96
CA LEU I 198 -60.44 -15.12 18.40
C LEU I 198 -59.72 -16.26 19.11
N CYS I 199 -59.07 -15.93 20.21
CA CYS I 199 -58.38 -16.91 21.05
C CYS I 199 -58.83 -16.67 22.48
N THR I 200 -59.72 -17.52 22.97
CA THR I 200 -60.28 -17.36 24.30
C THR I 200 -59.17 -17.45 25.35
N VAL I 201 -59.53 -17.07 26.58
CA VAL I 201 -58.58 -17.09 27.70
C VAL I 201 -58.05 -18.49 27.97
N ASP I 202 -58.73 -19.52 27.49
CA ASP I 202 -58.31 -20.90 27.67
C ASP I 202 -57.53 -21.45 26.48
N GLY I 203 -57.24 -20.62 25.48
CA GLY I 203 -56.53 -21.04 24.29
C GLY I 203 -57.42 -21.60 23.19
N GLN I 204 -58.72 -21.69 23.40
CA GLN I 204 -59.62 -22.21 22.38
C GLN I 204 -59.75 -21.20 21.25
N ARG I 205 -59.48 -21.62 20.02
CA ARG I 205 -59.28 -20.71 18.90
C ARG I 205 -60.21 -21.05 17.75
N HIS I 206 -60.60 -20.03 16.98
CA HIS I 206 -61.29 -20.18 15.72
C HIS I 206 -61.01 -18.97 14.85
N SER I 207 -60.66 -19.23 13.59
CA SER I 207 -60.31 -18.18 12.65
C SER I 207 -61.01 -18.44 11.32
N VAL I 208 -61.41 -17.36 10.65
CA VAL I 208 -62.09 -17.44 9.36
C VAL I 208 -61.72 -16.22 8.54
N GLY I 209 -61.58 -16.41 7.24
CA GLY I 209 -61.34 -15.33 6.31
C GLY I 209 -59.88 -15.26 5.88
N HIS I 210 -59.32 -14.05 5.90
CA HIS I 210 -57.94 -13.79 5.45
C HIS I 210 -56.99 -13.62 6.64
N THR I 211 -57.17 -14.44 7.67
CA THR I 211 -56.41 -14.31 8.91
C THR I 211 -54.91 -14.51 8.72
N LYS I 212 -54.51 -15.16 7.63
CA LYS I 212 -53.12 -15.58 7.45
C LYS I 212 -52.26 -14.54 6.74
N ILE I 213 -52.80 -13.37 6.44
CA ILE I 213 -52.07 -12.31 5.76
C ILE I 213 -51.43 -11.42 6.81
N PRO I 214 -50.10 -11.32 6.89
CA PRO I 214 -49.50 -10.41 7.87
C PRO I 214 -49.90 -8.96 7.62
N PHE I 215 -50.12 -8.23 8.71
CA PHE I 215 -50.41 -6.81 8.67
C PHE I 215 -49.60 -6.11 9.75
N CYS I 216 -49.30 -4.84 9.53
CA CYS I 216 -48.50 -4.09 10.49
C CYS I 216 -49.31 -3.82 11.75
N LEU I 217 -48.60 -3.76 12.88
CA LEU I 217 -49.21 -3.57 14.19
C LEU I 217 -49.21 -2.10 14.61
N GLN I 218 -49.33 -1.18 13.66
CA GLN I 218 -49.29 0.25 13.98
C GLN I 218 -50.40 0.60 14.94
N SER I 219 -50.04 1.29 16.03
CA SER I 219 -50.97 1.80 17.04
C SER I 219 -51.66 0.70 17.84
N CYS I 220 -51.39 -0.57 17.54
CA CYS I 220 -51.78 -1.66 18.42
C CYS I 220 -50.69 -2.03 19.40
N VAL I 221 -49.44 -1.67 19.10
CA VAL I 221 -48.36 -1.87 20.06
C VAL I 221 -48.38 -0.82 21.17
N LYS I 222 -49.14 0.26 21.00
CA LYS I 222 -49.22 1.27 22.04
C LYS I 222 -49.77 0.72 23.36
N PRO I 223 -50.91 0.03 23.39
CA PRO I 223 -51.32 -0.60 24.66
C PRO I 223 -50.34 -1.65 25.14
N LEU I 224 -49.73 -2.41 24.22
CA LEU I 224 -48.75 -3.41 24.64
C LEU I 224 -47.50 -2.75 25.21
N THR I 225 -46.92 -1.79 24.47
CA THR I 225 -45.67 -1.17 24.90
C THR I 225 -45.87 -0.35 26.16
N TYR I 226 -47.08 0.15 26.40
CA TYR I 226 -47.38 0.78 27.68
C TYR I 226 -47.33 -0.25 28.79
N ALA I 227 -47.86 -1.45 28.54
CA ALA I 227 -47.83 -2.50 29.54
C ALA I 227 -46.40 -2.95 29.83
N ILE I 228 -45.53 -2.92 28.81
CA ILE I 228 -44.13 -3.30 29.03
C ILE I 228 -43.47 -2.35 30.01
N SER I 229 -43.69 -1.04 29.84
CA SER I 229 -43.01 -0.06 30.67
C SER I 229 -43.48 -0.13 32.11
N ILE I 230 -44.79 -0.17 32.33
CA ILE I 230 -45.33 -0.11 33.69
C ILE I 230 -44.96 -1.38 34.47
N SER I 231 -45.04 -2.55 33.83
CA SER I 231 -44.74 -3.78 34.54
C SER I 231 -43.27 -3.88 34.91
N THR I 232 -42.41 -3.09 34.28
CA THR I 232 -40.98 -3.11 34.53
C THR I 232 -40.45 -1.85 35.21
N LEU I 233 -41.28 -0.81 35.37
CA LEU I 233 -40.84 0.44 35.97
C LEU I 233 -41.81 1.02 36.98
N GLY I 234 -42.94 0.38 37.22
CA GLY I 234 -43.89 0.87 38.21
C GLY I 234 -44.90 1.83 37.62
N THR I 235 -46.04 1.94 38.30
CA THR I 235 -47.14 2.78 37.82
C THR I 235 -46.88 4.27 38.03
N ASP I 236 -46.11 4.65 39.05
CA ASP I 236 -45.89 6.06 39.35
C ASP I 236 -44.75 6.67 38.55
N TYR I 237 -43.77 5.88 38.14
CA TYR I 237 -42.69 6.41 37.32
C TYR I 237 -43.14 6.66 35.89
N VAL I 238 -43.97 5.78 35.34
CA VAL I 238 -44.39 5.92 33.96
C VAL I 238 -45.31 7.13 33.80
N HIS I 239 -46.28 7.28 34.70
CA HIS I 239 -47.29 8.32 34.57
C HIS I 239 -46.80 9.69 35.03
N LYS I 240 -45.58 9.79 35.53
CA LYS I 240 -44.99 11.11 35.75
C LYS I 240 -44.81 11.87 34.44
N PHE I 241 -44.74 11.17 33.31
CA PHE I 241 -44.44 11.78 32.02
C PHE I 241 -45.59 11.72 31.02
N VAL I 242 -46.63 10.92 31.27
CA VAL I 242 -47.78 10.81 30.37
C VAL I 242 -49.05 10.83 31.21
N GLY I 243 -50.02 11.62 30.78
CA GLY I 243 -51.30 11.68 31.45
C GLY I 243 -52.08 10.39 31.28
N LYS I 244 -53.31 10.40 31.76
CA LYS I 244 -54.18 9.23 31.65
C LYS I 244 -55.63 9.62 31.37
N GLU I 245 -55.84 10.71 30.62
CA GLU I 245 -57.16 11.20 30.29
C GLU I 245 -57.29 11.41 28.79
N PRO I 246 -58.47 11.17 28.20
CA PRO I 246 -58.61 11.37 26.76
C PRO I 246 -58.48 12.83 26.36
N SER I 247 -57.99 13.05 25.15
CA SER I 247 -57.76 14.39 24.63
C SER I 247 -58.87 14.89 23.70
N GLY I 248 -59.46 14.01 22.91
CA GLY I 248 -60.47 14.43 21.96
C GLY I 248 -59.95 15.38 20.90
N LEU I 249 -58.71 15.17 20.46
CA LEU I 249 -58.08 16.00 19.43
C LEU I 249 -57.33 15.12 18.44
N ARG I 250 -57.95 14.03 18.00
CA ARG I 250 -57.34 13.11 17.04
C ARG I 250 -56.10 12.46 17.65
N TYR I 251 -55.48 11.53 16.92
CA TYR I 251 -54.32 10.83 17.46
C TYR I 251 -53.02 11.59 17.25
N ASN I 252 -52.93 12.42 16.21
CA ASN I 252 -51.72 13.23 16.02
C ASN I 252 -51.56 14.19 17.20
N ALA I 253 -52.49 15.13 17.33
CA ALA I 253 -52.70 15.86 18.58
C ALA I 253 -51.43 16.56 19.05
N LEU I 254 -51.01 17.57 18.29
CA LEU I 254 -49.90 18.41 18.74
C LEU I 254 -50.36 19.30 19.88
N SER I 255 -50.64 18.69 21.04
CA SER I 255 -51.13 19.41 22.19
C SER I 255 -50.86 18.60 23.44
N LEU I 256 -50.57 19.29 24.53
CA LEU I 256 -50.34 18.69 25.84
C LEU I 256 -51.41 19.18 26.81
N ASN I 257 -51.60 18.42 27.89
CA ASN I 257 -52.65 18.70 28.84
C ASN I 257 -52.24 19.88 29.72
N GLU I 258 -53.02 20.13 30.77
CA GLU I 258 -52.79 21.31 31.60
C GLU I 258 -51.42 21.26 32.29
N GLU I 259 -50.99 20.08 32.73
CA GLU I 259 -49.75 19.96 33.49
C GLU I 259 -48.53 19.70 32.61
N GLY I 260 -48.66 19.87 31.28
CA GLY I 260 -47.50 19.85 30.41
C GLY I 260 -46.99 18.49 30.01
N ILE I 261 -47.84 17.46 29.99
CA ILE I 261 -47.45 16.13 29.54
C ILE I 261 -48.47 15.66 28.52
N PRO I 262 -48.13 14.71 27.63
CA PRO I 262 -49.12 14.22 26.68
C PRO I 262 -50.32 13.62 27.38
N HIS I 263 -51.48 13.75 26.74
CA HIS I 263 -52.75 13.49 27.41
C HIS I 263 -52.84 12.06 27.90
N ASN I 264 -52.40 11.10 27.09
CA ASN I 264 -52.50 9.69 27.44
C ASN I 264 -51.49 8.91 26.61
N PRO I 265 -51.13 7.70 27.03
CA PRO I 265 -50.20 6.89 26.23
C PRO I 265 -50.71 6.55 24.85
N MET I 266 -52.02 6.59 24.61
CA MET I 266 -52.57 6.12 23.34
C MET I 266 -52.33 7.10 22.21
N VAL I 267 -52.34 8.41 22.47
CA VAL I 267 -52.08 9.38 21.42
C VAL I 267 -50.62 9.26 20.98
N ASN I 268 -50.31 9.81 19.81
CA ASN I 268 -48.93 9.76 19.32
C ASN I 268 -47.98 10.49 20.27
N ALA I 269 -48.46 11.56 20.91
CA ALA I 269 -47.59 12.32 21.80
C ALA I 269 -47.21 11.52 23.04
N GLY I 270 -48.09 10.63 23.49
CA GLY I 270 -47.81 9.81 24.66
C GLY I 270 -47.11 8.52 24.30
N ALA I 271 -47.45 7.95 23.14
CA ALA I 271 -46.83 6.70 22.71
C ALA I 271 -45.33 6.87 22.53
N ILE I 272 -44.89 8.05 22.13
CA ILE I 272 -43.45 8.30 21.98
C ILE I 272 -42.78 8.35 23.35
N VAL I 273 -43.45 8.97 24.33
CA VAL I 273 -42.84 9.12 25.65
C VAL I 273 -42.74 7.77 26.36
N VAL I 274 -43.81 6.98 26.31
CA VAL I 274 -43.73 5.65 26.91
C VAL I 274 -42.70 4.80 26.17
N SER I 275 -42.59 4.96 24.85
CA SER I 275 -41.52 4.31 24.11
C SER I 275 -40.15 4.80 24.55
N SER I 276 -40.07 6.02 25.09
CA SER I 276 -38.79 6.54 25.55
C SER I 276 -38.37 5.94 26.88
N LEU I 277 -39.31 5.33 27.61
CA LEU I 277 -39.01 4.84 28.95
C LEU I 277 -38.39 3.43 28.94
N ILE I 278 -38.38 2.76 27.81
CA ILE I 278 -38.00 1.35 27.74
C ILE I 278 -36.48 1.28 27.56
N LYS I 279 -35.77 1.06 28.66
CA LYS I 279 -34.32 0.83 28.63
C LYS I 279 -33.60 2.02 28.00
N MET I 280 -33.77 3.19 28.60
CA MET I 280 -33.18 4.41 28.06
C MET I 280 -31.65 4.39 28.10
N ASP I 281 -31.04 3.48 28.85
CA ASP I 281 -29.59 3.41 28.95
C ASP I 281 -28.96 2.46 27.94
N CYS I 282 -29.72 1.49 27.42
CA CYS I 282 -29.20 0.52 26.48
C CYS I 282 -29.10 1.14 25.09
N ASN I 283 -28.56 0.37 24.14
CA ASN I 283 -28.42 0.79 22.76
C ASN I 283 -29.66 0.41 21.96
N LYS I 284 -29.70 0.85 20.70
CA LYS I 284 -30.92 0.72 19.91
C LYS I 284 -31.29 -0.74 19.70
N ALA I 285 -30.31 -1.60 19.45
CA ALA I 285 -30.61 -3.00 19.18
C ALA I 285 -31.27 -3.66 20.39
N GLU I 286 -30.75 -3.40 21.58
CA GLU I 286 -31.29 -4.04 22.78
C GLU I 286 -32.64 -3.46 23.17
N LYS I 287 -32.89 -2.18 22.85
CA LYS I 287 -34.18 -1.58 23.17
C LYS I 287 -35.29 -2.25 22.38
N PHE I 288 -35.10 -2.43 21.06
CA PHE I 288 -36.08 -3.17 20.28
C PHE I 288 -36.12 -4.63 20.68
N ASP I 289 -34.95 -5.24 20.88
CA ASP I 289 -34.92 -6.66 21.19
C ASP I 289 -35.61 -6.96 22.51
N PHE I 290 -35.55 -6.01 23.45
CA PHE I 290 -36.22 -6.21 24.74
C PHE I 290 -37.73 -6.32 24.56
N VAL I 291 -38.32 -5.41 23.78
CA VAL I 291 -39.77 -5.39 23.61
C VAL I 291 -40.23 -6.59 22.79
N LEU I 292 -39.50 -6.91 21.72
CA LEU I 292 -39.93 -7.99 20.83
C LEU I 292 -39.96 -9.32 21.57
N GLN I 293 -39.09 -9.50 22.56
CA GLN I 293 -39.14 -10.74 23.36
C GLN I 293 -40.44 -10.82 24.15
N TYR I 294 -40.86 -9.71 24.76
CA TYR I 294 -42.15 -9.70 25.43
C TYR I 294 -43.29 -9.94 24.45
N LEU I 295 -43.23 -9.32 23.28
CA LEU I 295 -44.31 -9.47 22.31
C LEU I 295 -44.38 -10.90 21.80
N ASN I 296 -43.26 -11.63 21.83
CA ASN I 296 -43.30 -13.06 21.50
C ASN I 296 -43.97 -13.85 22.62
N LYS I 297 -43.60 -13.57 23.86
CA LYS I 297 -44.24 -14.25 24.99
C LYS I 297 -45.72 -13.89 25.06
N MET I 298 -46.07 -12.64 24.78
CA MET I 298 -47.47 -12.24 24.75
C MET I 298 -48.24 -13.00 23.68
N ALA I 299 -47.63 -13.21 22.52
CA ALA I 299 -48.27 -13.92 21.44
C ALA I 299 -48.09 -15.44 21.53
N GLY I 300 -47.40 -15.93 22.55
CA GLY I 300 -47.14 -17.36 22.65
C GLY I 300 -46.23 -17.89 21.56
N ASN I 301 -45.23 -17.10 21.17
CA ASN I 301 -44.25 -17.51 20.16
C ASN I 301 -44.92 -17.90 18.85
N GLU I 302 -45.96 -17.16 18.47
CA GLU I 302 -46.60 -17.31 17.18
C GLU I 302 -45.83 -16.45 16.16
N TYR I 303 -46.39 -16.26 14.97
CA TYR I 303 -45.72 -15.48 13.95
C TYR I 303 -45.56 -14.04 14.40
N MET I 304 -44.34 -13.51 14.26
CA MET I 304 -44.04 -12.14 14.65
C MET I 304 -42.87 -11.68 13.79
N GLY I 305 -43.13 -10.75 12.87
CA GLY I 305 -42.12 -10.30 11.93
C GLY I 305 -41.79 -8.83 12.07
N PHE I 306 -41.33 -8.23 10.97
CA PHE I 306 -41.03 -6.81 10.95
C PHE I 306 -41.09 -6.36 9.49
N SER I 307 -42.07 -5.53 9.16
CA SER I 307 -42.21 -5.04 7.79
C SER I 307 -41.28 -3.85 7.61
N ASN I 308 -40.08 -4.11 7.08
CA ASN I 308 -39.15 -3.03 6.80
C ASN I 308 -39.68 -2.09 5.73
N ALA I 309 -40.51 -2.59 4.81
CA ALA I 309 -41.07 -1.71 3.79
C ALA I 309 -41.90 -0.61 4.42
N THR I 310 -42.72 -0.95 5.42
CA THR I 310 -43.49 0.06 6.13
C THR I 310 -42.64 0.84 7.12
N PHE I 311 -41.55 0.26 7.64
CA PHE I 311 -40.67 1.01 8.51
C PHE I 311 -39.88 2.07 7.76
N GLN I 312 -39.50 1.78 6.51
CA GLN I 312 -38.85 2.79 5.69
C GLN I 312 -39.83 3.85 5.22
N SER I 313 -41.07 3.46 4.97
CA SER I 313 -42.18 4.41 5.02
C SER I 313 -42.40 4.79 6.48
N GLU I 314 -43.24 5.81 6.70
CA GLU I 314 -43.56 6.27 8.05
C GLU I 314 -42.34 6.89 8.74
N LYS I 315 -41.19 6.92 8.08
CA LYS I 315 -39.96 7.51 8.59
C LYS I 315 -39.37 8.53 7.63
N GLU I 316 -39.41 8.25 6.33
CA GLU I 316 -39.09 9.26 5.33
C GLU I 316 -40.25 10.22 5.14
N THR I 317 -41.48 9.70 5.19
CA THR I 317 -42.68 10.48 4.87
C THR I 317 -43.62 10.65 6.05
N GLY I 318 -43.35 10.03 7.19
CA GLY I 318 -44.16 10.28 8.37
C GLY I 318 -43.62 11.50 9.09
N ASP I 319 -44.22 12.65 8.81
CA ASP I 319 -43.69 13.92 9.27
C ASP I 319 -44.43 14.48 10.48
N ARG I 320 -45.69 14.11 10.67
CA ARG I 320 -46.44 14.65 11.80
C ARG I 320 -45.90 14.08 13.11
N ASN I 321 -45.37 12.85 13.06
CA ASN I 321 -44.73 12.27 14.22
C ASN I 321 -43.44 12.99 14.57
N TYR I 322 -42.67 13.37 13.56
CA TYR I 322 -41.43 14.11 13.82
C TYR I 322 -41.72 15.44 14.50
N ALA I 323 -42.78 16.13 14.07
CA ALA I 323 -43.15 17.38 14.71
C ALA I 323 -43.51 17.17 16.17
N ILE I 324 -44.23 16.09 16.46
CA ILE I 324 -44.58 15.78 17.85
C ILE I 324 -43.31 15.52 18.66
N GLY I 325 -42.39 14.73 18.11
CA GLY I 325 -41.17 14.43 18.82
C GLY I 325 -40.37 15.68 19.15
N TYR I 326 -40.21 16.57 18.17
CA TYR I 326 -39.48 17.81 18.43
C TYR I 326 -40.30 18.77 19.27
N TYR I 327 -41.63 18.74 19.14
CA TYR I 327 -42.48 19.52 20.03
C TYR I 327 -42.35 19.04 21.47
N LEU I 328 -42.38 17.72 21.68
CA LEU I 328 -42.22 17.18 23.02
C LEU I 328 -40.84 17.51 23.59
N LYS I 329 -39.80 17.37 22.79
CA LYS I 329 -38.45 17.72 23.25
C LYS I 329 -38.38 19.20 23.61
N GLU I 330 -39.16 20.03 22.92
CA GLU I 330 -39.16 21.47 23.22
C GLU I 330 -39.67 21.73 24.62
N LYS I 331 -40.69 21.00 25.05
CA LYS I 331 -41.27 21.18 26.38
C LYS I 331 -40.51 20.44 27.46
N LYS I 332 -39.43 19.73 27.12
CA LYS I 332 -38.59 19.04 28.09
C LYS I 332 -39.41 18.06 28.92
N CYS I 333 -40.28 17.32 28.24
CA CYS I 333 -41.15 16.34 28.89
C CYS I 333 -40.62 14.92 28.79
N PHE I 334 -39.39 14.74 28.31
CA PHE I 334 -38.74 13.45 28.29
C PHE I 334 -37.95 13.23 29.57
N PRO I 335 -37.57 12.00 29.89
CA PRO I 335 -36.69 11.78 31.04
C PRO I 335 -35.32 12.43 30.82
N LYS I 336 -34.50 12.35 31.85
CA LYS I 336 -33.18 12.97 31.79
C LYS I 336 -32.26 12.18 30.87
N GLY I 337 -31.51 12.91 30.05
CA GLY I 337 -30.51 12.29 29.19
C GLY I 337 -31.05 11.25 28.24
N VAL I 338 -32.15 11.58 27.55
CA VAL I 338 -32.78 10.67 26.59
C VAL I 338 -32.86 11.38 25.25
N ASP I 339 -32.41 10.71 24.20
CA ASP I 339 -32.49 11.26 22.85
C ASP I 339 -33.90 11.03 22.29
N MET I 340 -34.51 12.10 21.80
CA MET I 340 -35.84 11.97 21.21
C MET I 340 -35.82 11.09 19.98
N MET I 341 -34.80 11.24 19.14
CA MET I 341 -34.73 10.47 17.89
C MET I 341 -34.63 8.97 18.18
N ALA I 342 -33.83 8.60 19.18
CA ALA I 342 -33.71 7.18 19.53
C ALA I 342 -35.04 6.63 20.06
N ALA I 343 -35.76 7.44 20.83
CA ALA I 343 -37.08 7.02 21.30
C ALA I 343 -38.10 7.05 20.17
N LEU I 344 -38.04 8.08 19.33
CA LEU I 344 -38.95 8.17 18.20
C LEU I 344 -38.70 7.04 17.20
N ASP I 345 -37.43 6.70 16.97
CA ASP I 345 -37.12 5.60 16.06
C ASP I 345 -37.71 4.29 16.57
N LEU I 346 -37.63 4.05 17.88
CA LEU I 346 -38.23 2.83 18.44
C LEU I 346 -39.73 2.82 18.24
N TYR I 347 -40.37 3.99 18.30
CA TYR I 347 -41.80 4.06 18.06
C TYR I 347 -42.15 3.63 16.65
N PHE I 348 -41.31 3.98 15.68
CA PHE I 348 -41.54 3.51 14.31
C PHE I 348 -41.28 2.02 14.19
N GLN I 349 -40.28 1.51 14.93
CA GLN I 349 -39.97 0.08 14.85
C GLN I 349 -41.09 -0.76 15.46
N LEU I 350 -41.55 -0.38 16.65
CA LEU I 350 -42.67 -1.09 17.25
C LEU I 350 -43.91 -1.01 16.37
N CYS I 351 -44.17 0.18 15.82
CA CYS I 351 -45.28 0.36 14.90
C CYS I 351 -45.15 -0.52 13.66
N SER I 352 -43.92 -0.88 13.28
CA SER I 352 -43.69 -1.63 12.05
C SER I 352 -43.74 -3.13 12.24
N VAL I 353 -43.86 -3.62 13.48
CA VAL I 353 -43.97 -5.06 13.70
C VAL I 353 -45.23 -5.57 13.04
N GLU I 354 -45.09 -6.62 12.23
CA GLU I 354 -46.21 -7.22 11.53
C GLU I 354 -46.61 -8.53 12.19
N VAL I 355 -47.91 -8.70 12.41
CA VAL I 355 -48.46 -9.92 12.97
C VAL I 355 -49.76 -10.24 12.25
N THR I 356 -50.06 -11.52 12.17
CA THR I 356 -51.29 -12.01 11.58
C THR I 356 -52.42 -11.96 12.59
N CYS I 357 -53.65 -11.99 12.09
CA CYS I 357 -54.81 -12.00 12.98
C CYS I 357 -54.81 -13.22 13.88
N GLU I 358 -54.43 -14.37 13.33
CA GLU I 358 -54.34 -15.58 14.14
C GLU I 358 -53.31 -15.42 15.25
N SER I 359 -52.13 -14.88 14.92
CA SER I 359 -51.10 -14.67 15.92
C SER I 359 -51.44 -13.48 16.81
N GLY I 360 -51.99 -12.42 16.24
CA GLY I 360 -52.35 -11.24 16.99
C GLY I 360 -53.58 -11.38 17.85
N SER I 361 -54.32 -12.48 17.70
CA SER I 361 -55.44 -12.74 18.60
C SER I 361 -54.98 -13.26 19.94
N VAL I 362 -53.83 -13.94 19.99
CA VAL I 362 -53.27 -14.34 21.28
C VAL I 362 -52.90 -13.10 22.09
N MET I 363 -52.29 -12.12 21.44
CA MET I 363 -52.29 -10.77 21.99
C MET I 363 -53.72 -10.26 21.99
N ALA I 364 -54.07 -9.49 23.03
CA ALA I 364 -55.45 -9.11 23.34
C ALA I 364 -56.22 -10.26 23.97
N ALA I 365 -55.63 -11.45 24.01
CA ALA I 365 -56.07 -12.53 24.88
C ALA I 365 -55.10 -12.77 26.02
N THR I 366 -53.84 -12.34 25.86
CA THR I 366 -52.90 -12.35 26.97
C THR I 366 -53.30 -11.31 28.02
N LEU I 367 -53.67 -10.11 27.57
CA LEU I 367 -54.11 -9.06 28.48
C LEU I 367 -55.62 -9.04 28.68
N ALA I 368 -56.38 -9.86 27.94
CA ALA I 368 -57.73 -10.19 28.40
C ALA I 368 -57.66 -10.99 29.69
N ASN I 369 -56.72 -11.92 29.76
CA ASN I 369 -56.37 -12.56 31.02
C ASN I 369 -55.64 -11.54 31.91
N GLY I 370 -55.21 -11.98 33.08
CA GLY I 370 -54.52 -11.10 34.00
C GLY I 370 -53.04 -10.94 33.72
N GLY I 371 -52.66 -10.91 32.45
CA GLY I 371 -51.28 -10.74 32.06
C GLY I 371 -50.53 -12.03 31.78
N ILE I 372 -51.22 -13.16 31.70
CA ILE I 372 -50.60 -14.44 31.40
C ILE I 372 -51.04 -14.88 30.01
N CYS I 373 -50.09 -15.32 29.20
CA CYS I 373 -50.43 -15.80 27.86
C CYS I 373 -51.26 -17.06 27.98
N PRO I 374 -52.47 -17.12 27.41
CA PRO I 374 -53.33 -18.29 27.65
C PRO I 374 -52.76 -19.59 27.12
N ILE I 375 -51.93 -19.52 26.07
CA ILE I 375 -51.48 -20.75 25.41
C ILE I 375 -50.40 -21.42 26.23
N THR I 376 -49.32 -20.69 26.53
CA THR I 376 -48.20 -21.25 27.29
C THR I 376 -48.34 -21.10 28.79
N GLY I 377 -49.22 -20.21 29.27
CA GLY I 377 -49.39 -20.02 30.68
C GLY I 377 -48.32 -19.19 31.36
N GLU I 378 -47.37 -18.66 30.59
CA GLU I 378 -46.31 -17.85 31.17
C GLU I 378 -46.87 -16.56 31.75
N SER I 379 -46.26 -16.11 32.84
CA SER I 379 -46.59 -14.82 33.46
C SER I 379 -45.72 -13.77 32.78
N VAL I 380 -46.36 -12.95 31.95
CA VAL I 380 -45.66 -11.97 31.13
C VAL I 380 -45.85 -10.55 31.65
N LEU I 381 -47.09 -10.20 31.99
CA LEU I 381 -47.44 -8.86 32.42
C LEU I 381 -48.02 -8.89 33.83
N SER I 382 -47.65 -7.89 34.62
CA SER I 382 -48.25 -7.74 35.94
C SER I 382 -49.75 -7.50 35.81
N ALA I 383 -50.51 -8.04 36.76
CA ALA I 383 -51.96 -7.83 36.75
C ALA I 383 -52.28 -6.34 36.85
N GLU I 384 -51.44 -5.57 37.54
CA GLU I 384 -51.63 -4.13 37.61
C GLU I 384 -51.40 -3.49 36.24
N ALA I 385 -50.47 -4.02 35.46
CA ALA I 385 -50.23 -3.49 34.12
C ALA I 385 -51.44 -3.72 33.23
N VAL I 386 -52.02 -4.92 33.28
CA VAL I 386 -53.18 -5.22 32.45
C VAL I 386 -54.41 -4.44 32.93
N ARG I 387 -54.58 -4.32 34.24
CA ARG I 387 -55.69 -3.55 34.77
C ARG I 387 -55.58 -2.09 34.34
N ASN I 388 -54.37 -1.54 34.34
CA ASN I 388 -54.20 -0.13 34.00
C ASN I 388 -54.38 0.10 32.52
N THR I 389 -53.83 -0.77 31.67
CA THR I 389 -53.96 -0.56 30.23
C THR I 389 -55.38 -0.82 29.75
N LEU I 390 -56.07 -1.82 30.30
CA LEU I 390 -57.46 -2.05 29.95
C LEU I 390 -58.33 -0.86 30.34
N SER I 391 -58.10 -0.32 31.53
CA SER I 391 -58.83 0.88 31.96
C SER I 391 -58.48 2.09 31.11
N LEU I 392 -57.39 2.03 30.35
CA LEU I 392 -56.94 3.14 29.53
C LEU I 392 -57.37 3.00 28.08
N MET I 393 -57.32 1.79 27.54
CA MET I 393 -57.80 1.57 26.17
C MET I 393 -59.28 1.86 26.05
N HIS I 394 -60.04 1.66 27.13
CA HIS I 394 -61.49 1.85 27.06
C HIS I 394 -61.85 3.28 26.72
N SER I 395 -61.17 4.24 27.34
CA SER I 395 -61.49 5.66 27.17
C SER I 395 -60.56 6.38 26.20
N CYS I 396 -59.44 5.77 25.81
CA CYS I 396 -58.43 6.44 25.01
C CYS I 396 -57.92 5.60 23.83
N GLY I 397 -58.40 4.36 23.69
CA GLY I 397 -57.84 3.48 22.67
C GLY I 397 -58.14 3.95 21.26
N MET I 398 -59.38 4.40 21.00
CA MET I 398 -59.84 4.68 19.65
C MET I 398 -59.93 6.18 19.36
N TYR I 399 -59.30 7.01 20.19
CA TYR I 399 -59.20 8.46 19.93
C TYR I 399 -60.61 9.06 19.98
N ASP I 400 -61.01 9.88 19.01
CA ASP I 400 -62.31 10.54 19.08
C ASP I 400 -63.46 9.55 19.08
N PHE I 401 -63.29 8.41 18.41
CA PHE I 401 -64.34 7.41 18.32
C PHE I 401 -64.43 6.52 19.55
N SER I 402 -63.65 6.81 20.61
CA SER I 402 -63.74 5.99 21.81
C SER I 402 -65.11 6.08 22.45
N GLY I 403 -65.69 7.29 22.51
CA GLY I 403 -67.01 7.43 23.08
C GLY I 403 -68.07 6.70 22.28
N GLN I 404 -68.02 6.85 20.95
CA GLN I 404 -68.95 6.12 20.10
C GLN I 404 -68.76 4.62 20.26
N PHE I 405 -67.51 4.17 20.35
CA PHE I 405 -67.25 2.74 20.55
C PHE I 405 -67.73 2.30 21.92
N ALA I 406 -67.36 3.04 22.97
CA ALA I 406 -67.78 2.66 24.31
C ALA I 406 -69.29 2.73 24.49
N PHE I 407 -69.99 3.52 23.67
CA PHE I 407 -71.43 3.62 23.78
C PHE I 407 -72.11 2.35 23.27
N HIS I 408 -71.66 1.83 22.13
CA HIS I 408 -72.28 0.68 21.50
C HIS I 408 -71.56 -0.64 21.82
N VAL I 409 -70.24 -0.59 21.99
CA VAL I 409 -69.45 -1.79 22.20
C VAL I 409 -69.12 -1.93 23.68
N GLY I 410 -68.51 -0.90 24.26
CA GLY I 410 -68.14 -0.94 25.66
C GLY I 410 -67.09 -1.99 25.97
N LEU I 411 -66.10 -2.15 25.10
CA LEU I 411 -65.00 -3.08 25.30
C LEU I 411 -63.68 -2.36 25.05
N PRO I 412 -62.59 -2.79 25.70
CA PRO I 412 -61.28 -2.18 25.38
C PRO I 412 -60.79 -2.60 24.00
N ALA I 413 -60.73 -1.64 23.08
CA ALA I 413 -60.26 -1.88 21.72
C ALA I 413 -59.26 -0.80 21.34
N LYS I 414 -58.38 -1.13 20.41
CA LYS I 414 -57.34 -0.22 19.94
C LYS I 414 -57.34 -0.20 18.42
N SER I 415 -57.41 1.00 17.85
CA SER I 415 -57.54 1.16 16.41
C SER I 415 -56.17 1.14 15.74
N ALA I 416 -56.17 1.25 14.42
CA ALA I 416 -54.96 1.27 13.63
C ALA I 416 -55.29 1.67 12.20
N VAL I 417 -54.41 2.44 11.58
CA VAL I 417 -54.61 2.82 10.18
C VAL I 417 -54.39 1.64 9.25
N SER I 418 -53.80 0.55 9.73
CA SER I 418 -53.63 -0.65 8.93
C SER I 418 -54.84 -1.58 9.00
N GLY I 419 -55.96 -1.12 9.57
CA GLY I 419 -57.17 -1.91 9.65
C GLY I 419 -57.30 -2.76 10.89
N ALA I 420 -56.28 -2.80 11.74
CA ALA I 420 -56.32 -3.68 12.91
C ALA I 420 -57.21 -3.08 14.00
N ILE I 421 -57.96 -3.96 14.66
CA ILE I 421 -58.68 -3.63 15.89
C ILE I 421 -58.30 -4.67 16.92
N LEU I 422 -57.66 -4.23 18.01
CA LEU I 422 -57.19 -5.13 19.06
C LEU I 422 -58.28 -5.23 20.13
N LEU I 423 -59.35 -5.91 19.76
CA LEU I 423 -60.51 -6.04 20.64
C LEU I 423 -60.19 -6.96 21.81
N VAL I 424 -60.73 -6.62 22.98
CA VAL I 424 -60.49 -7.38 24.21
C VAL I 424 -61.81 -7.52 24.95
N VAL I 425 -62.07 -8.72 25.47
CA VAL I 425 -63.20 -8.99 26.35
C VAL I 425 -62.66 -9.67 27.60
N PRO I 426 -62.36 -8.91 28.65
CA PRO I 426 -61.67 -9.49 29.81
C PRO I 426 -62.43 -10.67 30.42
N ASN I 427 -61.68 -11.71 30.77
CA ASN I 427 -62.17 -12.94 31.37
C ASN I 427 -62.93 -13.83 30.38
N VAL I 428 -63.06 -13.40 29.11
CA VAL I 428 -63.84 -14.14 28.14
C VAL I 428 -62.98 -14.51 26.94
N MET I 429 -62.50 -13.51 26.20
CA MET I 429 -61.84 -13.77 24.92
C MET I 429 -61.20 -12.48 24.42
N GLY I 430 -60.36 -12.63 23.40
CA GLY I 430 -59.72 -11.51 22.73
C GLY I 430 -59.64 -11.70 21.23
N MET I 431 -60.18 -10.75 20.48
CA MET I 431 -60.28 -10.83 19.03
C MET I 431 -59.20 -9.99 18.36
N MET I 432 -59.12 -10.10 17.04
CA MET I 432 -58.26 -9.23 16.23
C MET I 432 -58.82 -9.24 14.81
N CYS I 433 -59.37 -8.11 14.38
CA CYS I 433 -59.93 -7.96 13.05
C CYS I 433 -58.89 -7.40 12.09
N LEU I 434 -59.26 -7.28 10.82
CA LEU I 434 -58.39 -6.72 9.80
C LEU I 434 -59.23 -6.24 8.63
N SER I 435 -59.16 -4.93 8.36
CA SER I 435 -59.85 -4.32 7.24
C SER I 435 -59.13 -3.04 6.85
N PRO I 436 -58.31 -3.05 5.79
CA PRO I 436 -57.52 -1.86 5.44
C PRO I 436 -58.37 -0.61 5.22
N PRO I 437 -59.59 -0.72 4.67
CA PRO I 437 -60.43 0.48 4.57
C PRO I 437 -60.69 1.11 5.94
N LEU I 438 -60.67 2.44 5.97
CA LEU I 438 -60.87 3.23 7.18
C LEU I 438 -62.13 4.08 7.10
N ASP I 439 -62.47 4.69 8.22
CA ASP I 439 -63.47 5.75 8.28
C ASP I 439 -62.77 7.10 8.39
N LYS I 440 -63.54 8.15 8.64
CA LYS I 440 -62.99 9.50 8.69
C LYS I 440 -61.98 9.63 9.83
N LEU I 441 -62.29 9.07 10.99
CA LEU I 441 -61.51 9.31 12.21
C LEU I 441 -60.29 8.40 12.34
N GLY I 442 -60.08 7.48 11.41
CA GLY I 442 -58.93 6.59 11.46
C GLY I 442 -59.25 5.25 12.10
N ASN I 443 -60.39 4.68 11.74
CA ASN I 443 -60.83 3.39 12.25
C ASN I 443 -61.38 2.57 11.10
N SER I 444 -61.19 1.26 11.18
CA SER I 444 -61.62 0.38 10.10
C SER I 444 -63.15 0.32 10.04
N HIS I 445 -63.69 0.55 8.84
CA HIS I 445 -65.13 0.58 8.68
C HIS I 445 -65.74 -0.79 8.97
N ARG I 446 -65.22 -1.83 8.32
CA ARG I 446 -65.79 -3.18 8.50
C ARG I 446 -65.51 -3.70 9.90
N GLY I 447 -64.31 -3.45 10.43
CA GLY I 447 -63.98 -3.96 11.75
C GLY I 447 -64.85 -3.38 12.85
N THR I 448 -65.13 -2.07 12.78
CA THR I 448 -65.97 -1.44 13.78
C THR I 448 -67.39 -2.01 13.74
N SER I 449 -67.90 -2.28 12.54
CA SER I 449 -69.25 -2.84 12.41
C SER I 449 -69.34 -4.21 13.09
N PHE I 450 -68.30 -5.02 12.95
CA PHE I 450 -68.33 -6.35 13.55
C PHE I 450 -68.40 -6.26 15.07
N CYS I 451 -67.62 -5.37 15.67
CA CYS I 451 -67.65 -5.20 17.12
C CYS I 451 -69.02 -4.71 17.57
N GLN I 452 -69.61 -3.75 16.84
CA GLN I 452 -70.93 -3.26 17.19
C GLN I 452 -71.98 -4.36 17.08
N LYS I 453 -71.92 -5.15 16.01
CA LYS I 453 -72.86 -6.25 15.84
C LYS I 453 -72.62 -7.35 16.88
N LEU I 454 -71.35 -7.67 17.14
CA LEU I 454 -71.04 -8.78 18.04
C LEU I 454 -71.57 -8.53 19.44
N VAL I 455 -71.41 -7.30 19.94
CA VAL I 455 -71.89 -6.99 21.29
C VAL I 455 -73.40 -7.10 21.36
N SER I 456 -74.09 -6.73 20.29
CA SER I 456 -75.55 -6.78 20.30
C SER I 456 -76.09 -8.21 20.30
N LEU I 457 -75.24 -9.20 20.06
CA LEU I 457 -75.67 -10.59 19.96
C LEU I 457 -74.89 -11.54 20.86
N PHE I 458 -74.05 -11.02 21.77
CA PHE I 458 -73.33 -11.88 22.70
C PHE I 458 -73.27 -11.31 24.12
N ASN I 459 -73.89 -10.17 24.39
CA ASN I 459 -74.00 -9.58 25.72
C ASN I 459 -72.63 -9.18 26.28
N PHE I 460 -71.64 -8.88 25.44
CA PHE I 460 -70.32 -8.57 25.94
C PHE I 460 -70.22 -7.17 26.54
N HIS I 461 -71.25 -6.34 26.40
CA HIS I 461 -71.20 -4.99 26.93
C HIS I 461 -71.02 -5.02 28.45
N ASN I 462 -70.28 -4.05 28.96
CA ASN I 462 -69.90 -4.06 30.37
C ASN I 462 -71.13 -4.00 31.28
N TYR I 463 -72.16 -3.26 30.87
CA TYR I 463 -73.31 -2.97 31.73
C TYR I 463 -74.53 -3.80 31.38
N ASP I 464 -74.32 -5.07 31.04
CA ASP I 464 -75.39 -6.01 30.75
C ASP I 464 -75.42 -7.10 31.82
N ASN I 465 -76.31 -8.08 31.65
CA ASN I 465 -76.50 -9.17 32.61
C ASN I 465 -76.86 -8.61 33.99
N LEU I 466 -77.88 -7.75 34.04
CA LEU I 466 -78.17 -7.02 35.26
C LEU I 466 -78.58 -7.96 36.40
N ARG I 467 -79.78 -8.54 36.30
CA ARG I 467 -80.17 -9.69 37.14
C ARG I 467 -80.64 -10.87 36.31
N HIS I 468 -81.65 -10.65 35.46
CA HIS I 468 -82.22 -11.69 34.61
C HIS I 468 -82.33 -11.25 33.16
N CYS I 469 -82.69 -9.99 32.92
CA CYS I 469 -82.87 -9.38 31.60
C CYS I 469 -83.71 -10.32 30.73
N ALA I 470 -83.56 -10.24 29.40
CA ALA I 470 -84.22 -11.15 28.49
C ALA I 470 -83.44 -12.46 28.44
N ARG I 471 -83.78 -13.34 27.51
CA ARG I 471 -83.06 -14.59 27.36
C ARG I 471 -81.59 -14.35 27.02
N LYS I 472 -81.33 -13.57 25.96
CA LYS I 472 -79.98 -13.14 25.59
C LYS I 472 -79.02 -14.32 25.54
N LEU I 473 -79.33 -15.31 24.71
CA LEU I 473 -78.54 -16.53 24.57
C LEU I 473 -78.46 -17.24 25.91
N ASP I 474 -77.68 -18.33 25.98
CA ASP I 474 -77.58 -19.10 27.23
C ASP I 474 -76.93 -18.23 28.31
N PRO I 475 -77.58 -18.04 29.48
CA PRO I 475 -76.93 -17.24 30.54
C PRO I 475 -76.04 -18.11 31.44
N ARG I 476 -74.90 -18.50 30.86
CA ARG I 476 -73.89 -19.36 31.49
C ARG I 476 -74.44 -20.74 31.92
N ARG I 477 -75.47 -21.21 31.22
CA ARG I 477 -76.07 -22.51 31.47
C ARG I 477 -76.27 -23.26 30.16
N LEU J 69 -21.74 70.53 -15.80
CA LEU J 69 -21.65 71.34 -17.04
C LEU J 69 -21.39 72.80 -16.70
N SER J 70 -22.34 73.41 -15.99
CA SER J 70 -22.25 74.82 -15.60
C SER J 70 -21.40 74.90 -14.33
N ARG J 71 -20.08 74.88 -14.52
CA ARG J 71 -19.17 74.99 -13.39
C ARG J 71 -19.38 76.34 -12.70
N LEU J 72 -19.47 76.29 -11.36
CA LEU J 72 -19.78 77.47 -10.56
C LEU J 72 -18.94 77.51 -9.28
N GLY J 73 -17.74 76.95 -9.31
CA GLY J 73 -16.91 76.90 -8.12
C GLY J 73 -16.51 78.26 -7.57
N ASP J 74 -16.59 79.31 -8.39
CA ASP J 74 -16.15 80.64 -7.94
C ASP J 74 -16.98 81.12 -6.75
N LEU J 75 -18.31 81.03 -6.85
CA LEU J 75 -19.15 81.42 -5.71
C LEU J 75 -19.06 80.40 -4.59
N LEU J 76 -18.85 79.12 -4.94
CA LEU J 76 -18.74 78.08 -3.92
C LEU J 76 -17.53 78.31 -3.04
N PHE J 77 -16.41 78.77 -3.63
CA PHE J 77 -15.18 78.95 -2.86
C PHE J 77 -15.36 80.00 -1.77
N TYR J 78 -16.05 81.10 -2.08
CA TYR J 78 -16.21 82.17 -1.10
C TYR J 78 -16.96 81.70 0.13
N THR J 79 -18.00 80.88 -0.07
CA THR J 79 -18.77 80.38 1.06
C THR J 79 -17.96 79.41 1.93
N ILE J 80 -17.06 78.64 1.32
CA ILE J 80 -16.30 77.64 2.07
C ILE J 80 -15.40 78.31 3.09
N ALA J 81 -14.71 79.37 2.68
CA ALA J 81 -13.74 80.03 3.54
C ALA J 81 -14.44 80.87 4.59
N GLU J 82 -13.83 80.93 5.77
CA GLU J 82 -14.34 81.75 6.87
C GLU J 82 -13.80 83.17 6.85
N GLY J 83 -12.84 83.47 5.98
CA GLY J 83 -12.24 84.79 5.92
C GLY J 83 -10.73 84.73 5.75
N GLN J 84 -10.12 83.67 6.26
CA GLN J 84 -8.67 83.52 6.18
C GLN J 84 -8.27 82.97 4.83
N GLU J 85 -7.27 83.61 4.21
CA GLU J 85 -6.74 83.09 2.94
C GLU J 85 -6.12 81.72 3.13
N ARG J 86 -5.40 81.52 4.24
CA ARG J 86 -4.78 80.25 4.57
C ARG J 86 -5.61 79.55 5.64
N ILE J 87 -5.91 78.28 5.41
CA ILE J 87 -6.71 77.48 6.35
C ILE J 87 -5.98 76.16 6.61
N PRO J 88 -5.84 75.71 7.86
CA PRO J 88 -5.20 74.41 8.09
C PRO J 88 -6.07 73.26 7.60
N ILE J 89 -5.43 72.12 7.35
CA ILE J 89 -6.14 70.95 6.85
C ILE J 89 -7.13 70.44 7.90
N HIS J 90 -6.75 70.51 9.18
CA HIS J 90 -7.62 70.00 10.23
C HIS J 90 -8.94 70.76 10.32
N LYS J 91 -8.97 72.02 9.87
CA LYS J 91 -10.23 72.77 9.87
C LYS J 91 -11.21 72.21 8.85
N PHE J 92 -10.71 71.67 7.75
CA PHE J 92 -11.59 71.07 6.74
C PHE J 92 -12.14 69.73 7.18
N THR J 93 -11.32 68.90 7.84
CA THR J 93 -11.81 67.61 8.32
C THR J 93 -12.93 67.81 9.32
N THR J 94 -12.75 68.72 10.28
CA THR J 94 -13.82 69.09 11.17
C THR J 94 -14.79 70.02 10.44
N ALA J 95 -15.95 70.25 11.05
CA ALA J 95 -17.07 71.02 10.50
C ALA J 95 -17.77 70.31 9.36
N LEU J 96 -17.33 69.11 8.98
CA LEU J 96 -18.01 68.27 8.01
C LEU J 96 -18.59 67.02 8.64
N LYS J 97 -17.81 66.35 9.49
CA LYS J 97 -18.33 65.21 10.25
C LYS J 97 -19.41 65.64 11.22
N ALA J 98 -19.37 66.90 11.66
CA ALA J 98 -20.41 67.42 12.56
C ALA J 98 -21.76 67.50 11.88
N THR J 99 -21.81 67.53 10.55
CA THR J 99 -23.07 67.60 9.81
C THR J 99 -23.70 66.22 9.60
N GLY J 100 -23.08 65.15 10.11
CA GLY J 100 -23.59 63.80 10.01
C GLY J 100 -22.87 62.92 9.01
N LEU J 101 -22.56 63.44 7.84
CA LEU J 101 -21.84 62.65 6.84
C LEU J 101 -20.44 62.32 7.34
N GLN J 102 -20.06 61.06 7.22
CA GLN J 102 -18.76 60.59 7.65
C GLN J 102 -17.77 60.61 6.50
N THR J 103 -16.49 60.65 6.84
CA THR J 103 -15.41 60.69 5.86
C THR J 103 -14.98 59.29 5.40
N SER J 104 -15.81 58.27 5.65
CA SER J 104 -15.47 56.89 5.30
C SER J 104 -16.44 56.29 4.30
N ASP J 105 -17.28 57.09 3.64
CA ASP J 105 -18.18 56.55 2.65
C ASP J 105 -17.41 56.15 1.40
N PRO J 106 -17.83 55.10 0.68
CA PRO J 106 -17.13 54.75 -0.57
C PRO J 106 -17.21 55.84 -1.62
N ARG J 107 -18.20 56.74 -1.55
CA ARG J 107 -18.38 57.75 -2.58
C ARG J 107 -17.17 58.68 -2.64
N LEU J 108 -16.66 59.10 -1.49
CA LEU J 108 -15.56 60.04 -1.40
C LEU J 108 -14.23 59.36 -1.06
N ARG J 109 -14.13 58.04 -1.26
CA ARG J 109 -12.88 57.34 -1.00
C ARG J 109 -11.76 57.86 -1.90
N ASP J 110 -12.10 58.32 -3.10
CA ASP J 110 -11.09 58.84 -4.02
C ASP J 110 -10.43 60.08 -3.46
N CYS J 111 -11.21 60.96 -2.81
CA CYS J 111 -10.66 62.21 -2.32
C CYS J 111 -9.59 61.98 -1.27
N MET J 112 -9.84 61.11 -0.30
CA MET J 112 -8.88 60.89 0.78
C MET J 112 -7.59 60.28 0.25
N SER J 113 -7.71 59.29 -0.66
CA SER J 113 -6.52 58.62 -1.17
C SER J 113 -5.61 59.58 -1.92
N GLU J 114 -6.19 60.40 -2.81
CA GLU J 114 -5.38 61.37 -3.55
C GLU J 114 -4.86 62.47 -2.64
N MET J 115 -5.63 62.83 -1.60
CA MET J 115 -5.20 63.88 -0.69
C MET J 115 -3.90 63.50 0.01
N HIS J 116 -3.78 62.26 0.47
CA HIS J 116 -2.56 61.82 1.13
C HIS J 116 -1.39 61.72 0.17
N ARG J 117 -1.65 61.51 -1.12
CA ARG J 117 -0.57 61.50 -2.11
C ARG J 117 -0.24 62.90 -2.58
N VAL J 118 -1.25 63.76 -2.73
CA VAL J 118 -1.00 65.13 -3.16
C VAL J 118 -0.23 65.89 -2.09
N VAL J 119 -0.59 65.69 -0.82
CA VAL J 119 0.11 66.31 0.29
C VAL J 119 1.48 65.66 0.41
N GLN J 120 2.38 66.27 1.18
CA GLN J 120 3.78 65.92 1.38
C GLN J 120 4.65 66.42 0.22
N GLU J 121 4.09 67.07 -0.80
CA GLU J 121 4.89 67.66 -1.87
C GLU J 121 4.18 68.93 -2.33
N SER J 122 4.56 70.06 -1.74
CA SER J 122 3.99 71.36 -2.08
C SER J 122 5.06 72.44 -2.07
N SER J 123 6.29 72.10 -2.45
CA SER J 123 7.44 72.99 -2.37
C SER J 123 7.72 73.34 -0.91
N SER J 124 6.83 74.12 -0.28
CA SER J 124 6.96 74.39 1.15
C SER J 124 6.81 73.10 1.95
N GLY J 125 5.91 72.23 1.54
CA GLY J 125 5.68 70.95 2.20
C GLY J 125 4.61 70.96 3.27
N GLY J 126 4.63 71.95 4.15
CA GLY J 126 3.68 72.04 5.23
C GLY J 126 2.60 73.09 5.02
N LEU J 127 2.59 73.75 3.86
CA LEU J 127 1.65 74.82 3.55
C LEU J 127 0.70 74.35 2.47
N LEU J 128 -0.60 74.54 2.70
CA LEU J 128 -1.63 74.12 1.77
C LEU J 128 -1.75 75.14 0.63
N ASP J 129 -2.35 74.70 -0.47
CA ASP J 129 -2.59 75.57 -1.62
C ASP J 129 -4.00 75.30 -2.15
N ARG J 130 -4.55 76.30 -2.83
CA ARG J 130 -5.91 76.22 -3.32
C ARG J 130 -6.11 75.46 -4.62
N ASP J 131 -5.16 75.57 -5.53
CA ASP J 131 -5.34 74.97 -6.86
C ASP J 131 -5.35 73.45 -6.77
N LEU J 132 -4.43 72.87 -6.01
CA LEU J 132 -4.31 71.42 -5.97
C LEU J 132 -5.54 70.77 -5.34
N PHE J 133 -6.18 71.45 -4.38
CA PHE J 133 -7.38 70.89 -3.76
C PHE J 133 -8.53 70.78 -4.75
N ARG J 134 -8.49 71.56 -5.82
CA ARG J 134 -9.60 71.57 -6.78
C ARG J 134 -9.73 70.23 -7.48
N LYS J 135 -8.61 69.52 -7.67
CA LYS J 135 -8.62 68.33 -8.53
C LYS J 135 -9.52 67.24 -7.97
N CYS J 136 -9.36 66.90 -6.71
CA CYS J 136 -10.05 65.75 -6.11
C CYS J 136 -11.39 66.15 -5.49
N VAL J 137 -12.23 66.87 -6.24
CA VAL J 137 -13.59 67.16 -5.82
C VAL J 137 -14.57 66.94 -6.97
N SER J 138 -14.05 66.79 -8.20
CA SER J 138 -14.93 66.73 -9.36
C SER J 138 -15.67 65.40 -9.45
N SER J 139 -15.09 64.33 -8.90
CA SER J 139 -15.71 63.01 -9.03
C SER J 139 -17.09 62.98 -8.39
N ASN J 140 -17.21 63.54 -7.19
CA ASN J 140 -18.49 63.61 -6.46
C ASN J 140 -18.63 65.03 -5.93
N ILE J 141 -19.33 65.87 -6.69
CA ILE J 141 -19.47 67.28 -6.37
C ILE J 141 -20.89 67.63 -5.97
N VAL J 142 -21.89 67.00 -6.60
CA VAL J 142 -23.28 67.35 -6.32
C VAL J 142 -23.63 67.05 -4.87
N LEU J 143 -23.13 65.94 -4.33
CA LEU J 143 -23.43 65.58 -2.95
C LEU J 143 -22.90 66.62 -1.97
N LEU J 144 -21.68 67.12 -2.22
CA LEU J 144 -21.07 68.09 -1.32
C LEU J 144 -21.87 69.38 -1.26
N THR J 145 -22.40 69.83 -2.40
CA THR J 145 -23.19 71.06 -2.41
C THR J 145 -24.44 70.92 -1.56
N GLN J 146 -25.12 69.77 -1.64
CA GLN J 146 -26.35 69.57 -0.88
C GLN J 146 -26.06 69.52 0.62
N ALA J 147 -24.87 69.05 1.00
CA ALA J 147 -24.55 68.88 2.41
C ALA J 147 -24.30 70.22 3.10
N PHE J 148 -23.34 70.99 2.59
CA PHE J 148 -22.92 72.21 3.27
C PHE J 148 -23.96 73.31 3.22
N ARG J 149 -24.97 73.22 2.34
CA ARG J 149 -26.03 74.22 2.24
C ARG J 149 -27.25 73.85 3.07
N LYS J 150 -27.12 72.85 3.96
CA LYS J 150 -28.20 72.44 4.85
C LYS J 150 -29.44 72.00 4.07
N LYS J 151 -29.23 71.40 2.89
CA LYS J 151 -30.33 70.97 2.04
C LYS J 151 -30.72 69.52 2.27
N PHE J 152 -30.06 68.81 3.18
CA PHE J 152 -30.44 67.44 3.47
C PHE J 152 -31.74 67.42 4.27
N VAL J 153 -32.31 66.22 4.40
CA VAL J 153 -33.63 66.06 5.00
C VAL J 153 -33.70 66.48 6.46
N ILE J 154 -32.55 66.63 7.12
CA ILE J 154 -32.53 67.01 8.53
C ILE J 154 -31.61 68.22 8.71
N PRO J 155 -32.10 69.45 8.52
CA PRO J 155 -31.29 70.61 8.88
C PRO J 155 -31.05 70.65 10.38
N ASP J 156 -29.89 71.22 10.75
CA ASP J 156 -29.47 71.30 12.14
C ASP J 156 -29.36 69.89 12.74
N PHE J 157 -28.58 69.06 12.04
CA PHE J 157 -28.39 67.68 12.46
C PHE J 157 -27.75 67.58 13.84
N GLU J 158 -26.98 68.59 14.25
CA GLU J 158 -26.33 68.52 15.56
C GLU J 158 -27.36 68.51 16.69
N GLU J 159 -28.41 69.31 16.56
CA GLU J 159 -29.44 69.33 17.60
C GLU J 159 -30.28 68.06 17.55
N PHE J 160 -30.45 67.48 16.37
CA PHE J 160 -31.21 66.23 16.26
C PHE J 160 -30.52 65.12 17.03
N THR J 161 -29.18 65.04 16.94
CA THR J 161 -28.44 64.08 17.75
C THR J 161 -28.50 64.45 19.23
N GLY J 162 -28.48 65.75 19.54
CA GLY J 162 -28.58 66.17 20.93
C GLY J 162 -29.89 65.75 21.56
N HIS J 163 -30.99 65.91 20.83
CA HIS J 163 -32.28 65.44 21.33
C HIS J 163 -32.31 63.91 21.42
N VAL J 164 -31.65 63.24 20.48
CA VAL J 164 -31.54 61.78 20.54
C VAL J 164 -30.74 61.37 21.77
N ASP J 165 -29.69 62.12 22.09
CA ASP J 165 -28.84 61.77 23.23
C ASP J 165 -29.62 61.83 24.54
N ARG J 166 -30.48 62.85 24.70
CA ARG J 166 -31.23 62.97 25.95
C ARG J 166 -32.16 61.77 26.14
N ILE J 167 -32.83 61.33 25.07
CA ILE J 167 -33.65 60.14 25.16
C ILE J 167 -32.81 58.93 25.49
N PHE J 168 -31.60 58.86 24.91
CA PHE J 168 -30.71 57.75 25.17
C PHE J 168 -30.33 57.69 26.65
N GLU J 169 -29.88 58.82 27.21
CA GLU J 169 -29.56 58.87 28.62
C GLU J 169 -30.81 58.71 29.48
N ASP J 170 -31.94 59.24 29.02
CA ASP J 170 -33.17 59.19 29.81
C ASP J 170 -33.62 57.75 30.05
N VAL J 171 -33.56 56.91 29.02
CA VAL J 171 -34.08 55.55 29.12
C VAL J 171 -33.06 54.55 29.63
N LYS J 172 -31.78 54.94 29.72
CA LYS J 172 -30.76 54.01 30.21
C LYS J 172 -31.02 53.59 31.66
N GLU J 173 -31.72 54.42 32.44
CA GLU J 173 -31.95 54.09 33.83
C GLU J 173 -32.82 52.85 34.03
N LEU J 174 -33.59 52.47 33.01
CA LEU J 174 -34.44 51.29 33.13
C LEU J 174 -33.59 50.03 33.20
N THR J 175 -34.10 49.03 33.93
CA THR J 175 -33.41 47.76 34.14
C THR J 175 -33.88 46.67 33.19
N GLY J 176 -35.19 46.48 33.05
CA GLY J 176 -35.72 45.49 32.14
C GLY J 176 -35.83 44.12 32.74
N GLY J 177 -36.45 43.23 31.98
CA GLY J 177 -36.69 41.86 32.40
C GLY J 177 -35.59 40.92 31.96
N LYS J 178 -35.94 39.64 31.84
CA LYS J 178 -34.99 38.62 31.45
C LYS J 178 -34.58 38.78 29.99
N VAL J 179 -33.59 38.01 29.57
CA VAL J 179 -33.02 38.12 28.23
C VAL J 179 -33.42 36.90 27.39
N ALA J 180 -33.03 35.70 27.80
CA ALA J 180 -33.31 34.52 27.01
C ALA J 180 -32.86 33.29 27.79
N ALA J 181 -33.54 32.16 27.54
CA ALA J 181 -33.22 30.91 28.22
C ALA J 181 -33.06 29.76 27.25
N TYR J 182 -33.76 29.78 26.13
CA TYR J 182 -33.82 28.63 25.24
C TYR J 182 -32.68 28.60 24.22
N ILE J 183 -31.89 29.66 24.11
CA ILE J 183 -30.65 29.66 23.37
C ILE J 183 -29.52 30.01 24.32
N PRO J 184 -28.78 29.02 24.82
CA PRO J 184 -27.79 29.32 25.88
C PRO J 184 -26.73 30.32 25.46
N GLN J 185 -26.44 30.46 24.18
CA GLN J 185 -25.42 31.39 23.72
C GLN J 185 -25.91 32.83 23.72
N LEU J 186 -27.21 33.06 23.86
CA LEU J 186 -27.74 34.41 24.08
C LEU J 186 -27.82 34.77 25.56
N ALA J 187 -27.80 33.78 26.45
CA ALA J 187 -27.78 34.06 27.88
C ALA J 187 -26.43 34.57 28.36
N LYS J 188 -25.37 34.38 27.57
CA LYS J 188 -24.05 34.90 27.92
C LYS J 188 -23.89 36.37 27.55
N SER J 189 -24.82 36.93 26.79
CA SER J 189 -24.73 38.33 26.41
C SER J 189 -24.86 39.23 27.64
N ASN J 190 -24.14 40.34 27.61
CA ASN J 190 -24.18 41.28 28.73
C ASN J 190 -25.53 41.98 28.77
N PRO J 191 -26.29 41.90 29.87
CA PRO J 191 -27.57 42.64 29.91
C PRO J 191 -27.41 44.14 29.85
N ASP J 192 -26.22 44.67 30.13
CA ASP J 192 -26.00 46.11 30.18
C ASP J 192 -25.68 46.70 28.82
N LEU J 193 -25.67 45.91 27.76
CA LEU J 193 -25.49 46.44 26.42
C LEU J 193 -26.64 47.38 26.09
N TRP J 194 -26.32 48.61 25.68
CA TRP J 194 -27.35 49.58 25.33
C TRP J 194 -26.73 50.57 24.35
N GLY J 195 -27.06 50.43 23.07
CA GLY J 195 -26.52 51.30 22.04
C GLY J 195 -27.55 51.58 20.98
N VAL J 196 -27.46 52.77 20.39
CA VAL J 196 -28.37 53.21 19.35
C VAL J 196 -27.55 53.79 18.20
N SER J 197 -27.99 53.55 16.98
CA SER J 197 -27.33 54.05 15.80
C SER J 197 -28.37 54.35 14.74
N LEU J 198 -28.24 55.51 14.10
CA LEU J 198 -29.18 55.99 13.09
C LEU J 198 -28.41 56.34 11.83
N CYS J 199 -28.98 55.98 10.68
CA CYS J 199 -28.41 56.31 9.38
C CYS J 199 -29.49 56.98 8.54
N THR J 200 -29.40 58.30 8.41
CA THR J 200 -30.37 59.04 7.63
C THR J 200 -30.22 58.70 6.14
N VAL J 201 -31.30 58.86 5.41
CA VAL J 201 -31.36 58.55 3.97
C VAL J 201 -30.29 59.31 3.22
N ASP J 202 -29.96 60.52 3.68
CA ASP J 202 -28.97 61.36 3.02
C ASP J 202 -27.54 60.96 3.36
N GLY J 203 -27.35 59.91 4.13
CA GLY J 203 -26.03 59.49 4.55
C GLY J 203 -25.62 59.99 5.93
N GLN J 204 -26.29 61.01 6.44
CA GLN J 204 -26.01 61.47 7.80
C GLN J 204 -26.24 60.33 8.78
N ARG J 205 -25.37 60.23 9.79
CA ARG J 205 -25.46 59.13 10.73
C ARG J 205 -24.82 59.54 12.05
N HIS J 206 -25.35 59.00 13.14
CA HIS J 206 -24.83 59.26 14.47
C HIS J 206 -25.12 58.05 15.35
N SER J 207 -24.11 57.57 16.06
CA SER J 207 -24.24 56.40 16.93
C SER J 207 -23.65 56.72 18.29
N VAL J 208 -24.42 56.39 19.34
CA VAL J 208 -24.01 56.60 20.71
C VAL J 208 -24.32 55.34 21.51
N GLY J 209 -23.41 54.99 22.42
CA GLY J 209 -23.56 53.80 23.23
C GLY J 209 -22.78 52.62 22.69
N HIS J 210 -23.04 51.46 23.31
CA HIS J 210 -22.33 50.24 22.95
C HIS J 210 -22.84 49.71 21.61
N THR J 211 -22.51 50.41 20.54
CA THR J 211 -22.97 50.04 19.20
C THR J 211 -21.97 49.18 18.45
N LYS J 212 -20.67 49.40 18.65
CA LYS J 212 -19.66 48.64 17.92
C LYS J 212 -19.63 47.17 18.27
N ILE J 213 -20.25 46.77 19.39
CA ILE J 213 -20.25 45.37 19.79
C ILE J 213 -21.12 44.58 18.81
N PRO J 214 -20.59 43.57 18.12
CA PRO J 214 -21.46 42.75 17.27
C PRO J 214 -22.51 42.02 18.09
N PHE J 215 -23.71 41.92 17.53
CA PHE J 215 -24.79 41.17 18.13
C PHE J 215 -25.47 40.35 17.05
N CYS J 216 -25.95 39.17 17.44
CA CYS J 216 -26.59 38.29 16.48
C CYS J 216 -27.87 38.92 15.96
N LEU J 217 -28.19 38.62 14.70
CA LEU J 217 -29.29 39.26 13.98
C LEU J 217 -30.55 38.41 13.98
N GLN J 218 -30.84 37.77 15.11
CA GLN J 218 -31.98 36.87 15.22
C GLN J 218 -33.27 37.55 14.80
N SER J 219 -33.87 37.06 13.71
CA SER J 219 -35.21 37.42 13.24
C SER J 219 -35.30 38.83 12.67
N CYS J 220 -34.22 39.62 12.67
CA CYS J 220 -34.19 40.83 11.88
C CYS J 220 -33.87 40.57 10.42
N VAL J 221 -33.50 39.33 10.08
CA VAL J 221 -33.23 38.97 8.70
C VAL J 221 -34.50 38.58 7.96
N LYS J 222 -35.61 38.34 8.68
CA LYS J 222 -36.87 38.05 8.00
C LYS J 222 -37.32 39.17 7.09
N PRO J 223 -37.41 40.43 7.51
CA PRO J 223 -37.80 41.49 6.56
C PRO J 223 -36.79 41.64 5.44
N LEU J 224 -35.52 41.38 5.71
CA LEU J 224 -34.50 41.43 4.66
C LEU J 224 -34.65 40.25 3.71
N THR J 225 -34.84 39.05 4.26
CA THR J 225 -34.98 37.86 3.42
C THR J 225 -36.24 37.91 2.58
N TYR J 226 -37.35 38.38 3.16
CA TYR J 226 -38.58 38.49 2.39
C TYR J 226 -38.41 39.47 1.23
N ALA J 227 -37.76 40.60 1.49
CA ALA J 227 -37.50 41.57 0.42
C ALA J 227 -36.62 40.97 -0.66
N ILE J 228 -35.65 40.15 -0.27
CA ILE J 228 -34.74 39.55 -1.24
C ILE J 228 -35.49 38.54 -2.12
N SER J 229 -36.38 37.76 -1.51
CA SER J 229 -37.09 36.74 -2.28
C SER J 229 -38.07 37.37 -3.25
N ILE J 230 -38.84 38.35 -2.79
CA ILE J 230 -39.89 38.92 -3.63
C ILE J 230 -39.29 39.63 -4.84
N SER J 231 -38.19 40.37 -4.65
CA SER J 231 -37.59 41.08 -5.76
C SER J 231 -37.08 40.11 -6.82
N THR J 232 -36.47 39.01 -6.40
CA THR J 232 -35.93 38.04 -7.35
C THR J 232 -37.03 37.19 -7.98
N LEU J 233 -38.06 36.83 -7.22
CA LEU J 233 -39.08 35.90 -7.67
C LEU J 233 -40.38 36.57 -8.11
N GLY J 234 -40.81 37.61 -7.41
CA GLY J 234 -42.01 38.35 -7.77
C GLY J 234 -43.06 38.28 -6.67
N THR J 235 -43.91 39.31 -6.63
CA THR J 235 -44.94 39.40 -5.60
C THR J 235 -45.93 38.25 -5.70
N ASP J 236 -46.36 37.93 -6.93
CA ASP J 236 -47.43 36.96 -7.11
C ASP J 236 -46.99 35.52 -6.87
N TYR J 237 -45.69 35.25 -6.88
CA TYR J 237 -45.21 33.88 -6.67
C TYR J 237 -44.85 33.62 -5.21
N VAL J 238 -44.17 34.57 -4.56
CA VAL J 238 -43.71 34.34 -3.20
C VAL J 238 -44.89 34.27 -2.23
N HIS J 239 -45.89 35.11 -2.43
CA HIS J 239 -47.01 35.17 -1.51
C HIS J 239 -48.03 34.06 -1.74
N LYS J 240 -47.86 33.26 -2.79
CA LYS J 240 -48.68 32.05 -2.92
C LYS J 240 -48.35 31.05 -1.82
N PHE J 241 -47.12 31.08 -1.29
CA PHE J 241 -46.67 30.14 -0.28
C PHE J 241 -46.76 30.68 1.14
N VAL J 242 -46.93 31.99 1.31
CA VAL J 242 -46.98 32.63 2.62
C VAL J 242 -48.09 33.66 2.63
N GLY J 243 -48.80 33.77 3.75
CA GLY J 243 -49.86 34.75 3.89
C GLY J 243 -49.30 36.15 4.08
N LYS J 244 -50.23 37.10 4.25
CA LYS J 244 -49.86 38.49 4.47
C LYS J 244 -50.77 39.13 5.50
N GLU J 245 -51.11 38.40 6.56
CA GLU J 245 -52.01 38.89 7.61
C GLU J 245 -51.36 38.73 8.99
N PRO J 246 -51.77 39.55 9.98
CA PRO J 246 -51.26 39.32 11.34
C PRO J 246 -51.76 38.03 11.96
N SER J 247 -50.84 37.16 12.35
CA SER J 247 -51.24 35.92 13.00
C SER J 247 -51.85 36.18 14.36
N GLY J 248 -51.19 37.00 15.18
CA GLY J 248 -51.65 37.23 16.54
C GLY J 248 -51.56 36.01 17.42
N LEU J 249 -50.67 35.07 17.10
CA LEU J 249 -50.48 33.83 17.86
C LEU J 249 -49.00 33.63 18.16
N ARG J 250 -48.30 34.71 18.51
CA ARG J 250 -46.90 34.64 18.91
C ARG J 250 -46.03 34.22 17.73
N TYR J 251 -44.71 34.28 17.88
CA TYR J 251 -43.83 33.97 16.76
C TYR J 251 -43.48 32.49 16.65
N ASN J 252 -43.71 31.69 17.69
CA ASN J 252 -43.51 30.25 17.55
C ASN J 252 -44.57 29.65 16.64
N ALA J 253 -45.83 29.72 17.05
CA ALA J 253 -46.98 29.65 16.14
C ALA J 253 -46.98 28.37 15.31
N LEU J 254 -47.16 27.23 15.99
CA LEU J 254 -47.47 25.99 15.28
C LEU J 254 -48.91 26.09 14.79
N SER J 255 -49.12 26.92 13.76
CA SER J 255 -50.46 27.21 13.27
C SER J 255 -50.34 27.84 11.89
N LEU J 256 -51.33 27.56 11.06
CA LEU J 256 -51.42 28.09 9.70
C LEU J 256 -52.81 28.66 9.50
N ASN J 257 -52.94 29.51 8.47
CA ASN J 257 -54.20 30.19 8.21
C ASN J 257 -55.19 29.23 7.55
N GLU J 258 -56.34 29.75 7.14
CA GLU J 258 -57.39 28.92 6.58
C GLU J 258 -57.00 28.27 5.26
N GLU J 259 -56.03 28.84 4.55
CA GLU J 259 -55.62 28.33 3.25
C GLU J 259 -54.52 27.28 3.36
N GLY J 260 -54.02 27.00 4.56
CA GLY J 260 -52.98 26.01 4.75
C GLY J 260 -51.56 26.53 4.61
N ILE J 261 -51.39 27.85 4.52
CA ILE J 261 -50.07 28.45 4.39
C ILE J 261 -49.74 29.22 5.66
N PRO J 262 -48.48 29.48 5.96
CA PRO J 262 -48.17 30.28 7.16
C PRO J 262 -48.78 31.67 7.08
N HIS J 263 -49.10 32.23 8.25
CA HIS J 263 -49.89 33.44 8.30
C HIS J 263 -49.19 34.60 7.60
N ASN J 264 -47.88 34.74 7.80
CA ASN J 264 -47.14 35.84 7.20
C ASN J 264 -45.66 35.46 7.17
N PRO J 265 -44.84 36.16 6.38
CA PRO J 265 -43.41 35.83 6.31
C PRO J 265 -42.60 36.27 7.53
N MET J 266 -43.20 36.98 8.48
CA MET J 266 -42.49 37.43 9.67
C MET J 266 -42.55 36.46 10.84
N VAL J 267 -43.56 35.58 10.87
CA VAL J 267 -43.58 34.52 11.88
C VAL J 267 -42.65 33.40 11.48
N ASN J 268 -42.28 32.57 12.45
CA ASN J 268 -41.29 31.53 12.20
C ASN J 268 -41.76 30.55 11.12
N ALA J 269 -43.08 30.30 11.06
CA ALA J 269 -43.59 29.38 10.05
C ALA J 269 -43.37 29.91 8.65
N GLY J 270 -43.61 31.20 8.44
CA GLY J 270 -43.42 31.79 7.12
C GLY J 270 -41.97 32.13 6.82
N ALA J 271 -41.19 32.46 7.85
CA ALA J 271 -39.79 32.78 7.63
C ALA J 271 -39.01 31.58 7.13
N ILE J 272 -39.44 30.37 7.51
CA ILE J 272 -38.83 29.16 6.97
C ILE J 272 -39.21 29.00 5.50
N VAL J 273 -40.49 29.22 5.18
CA VAL J 273 -40.96 29.01 3.81
C VAL J 273 -40.28 29.98 2.86
N VAL J 274 -40.18 31.26 3.23
CA VAL J 274 -39.51 32.22 2.36
C VAL J 274 -38.03 31.88 2.20
N SER J 275 -37.38 31.39 3.26
CA SER J 275 -36.01 30.94 3.13
C SER J 275 -35.90 29.70 2.25
N SER J 276 -37.01 28.96 2.09
CA SER J 276 -36.99 27.81 1.20
C SER J 276 -37.00 28.22 -0.26
N LEU J 277 -37.51 29.41 -0.57
CA LEU J 277 -37.67 29.84 -1.95
C LEU J 277 -36.36 30.26 -2.60
N ILE J 278 -35.39 30.74 -1.82
CA ILE J 278 -34.21 31.41 -2.37
C ILE J 278 -33.28 30.38 -2.99
N LYS J 279 -33.14 30.44 -4.32
CA LYS J 279 -32.19 29.61 -5.06
C LYS J 279 -32.38 28.13 -4.73
N MET J 280 -33.56 27.63 -5.10
CA MET J 280 -33.91 26.25 -4.77
C MET J 280 -32.95 25.26 -5.42
N ASP J 281 -32.46 25.57 -6.62
CA ASP J 281 -31.60 24.65 -7.35
C ASP J 281 -30.16 24.63 -6.84
N CYS J 282 -29.65 25.76 -6.36
CA CYS J 282 -28.26 25.83 -5.96
C CYS J 282 -28.04 25.04 -4.67
N ASN J 283 -26.77 24.87 -4.31
CA ASN J 283 -26.39 24.13 -3.12
C ASN J 283 -26.38 25.03 -1.90
N LYS J 284 -26.06 24.46 -0.74
CA LYS J 284 -26.16 25.20 0.52
C LYS J 284 -25.23 26.40 0.55
N ALA J 285 -24.00 26.22 0.04
CA ALA J 285 -23.04 27.31 0.08
C ALA J 285 -23.51 28.51 -0.74
N GLU J 286 -24.07 28.24 -1.92
CA GLU J 286 -24.50 29.34 -2.79
C GLU J 286 -25.79 29.96 -2.28
N LYS J 287 -26.65 29.18 -1.63
CA LYS J 287 -27.89 29.73 -1.09
C LYS J 287 -27.60 30.75 0.02
N PHE J 288 -26.65 30.44 0.89
CA PHE J 288 -26.28 31.38 1.94
C PHE J 288 -25.56 32.59 1.35
N ASP J 289 -24.61 32.36 0.45
CA ASP J 289 -23.82 33.46 -0.09
C ASP J 289 -24.68 34.40 -0.93
N PHE J 290 -25.65 33.87 -1.66
CA PHE J 290 -26.54 34.72 -2.45
C PHE J 290 -27.29 35.69 -1.56
N VAL J 291 -27.79 35.21 -0.41
CA VAL J 291 -28.44 36.10 0.55
C VAL J 291 -27.42 37.04 1.15
N LEU J 292 -26.22 36.55 1.46
CA LEU J 292 -25.21 37.37 2.11
C LEU J 292 -24.79 38.54 1.22
N GLN J 293 -24.79 38.34 -0.11
CA GLN J 293 -24.41 39.44 -1.00
C GLN J 293 -25.37 40.61 -0.87
N TYR J 294 -26.68 40.34 -0.79
CA TYR J 294 -27.63 41.43 -0.59
C TYR J 294 -27.40 42.12 0.74
N LEU J 295 -27.22 41.35 1.82
CA LEU J 295 -27.03 41.95 3.13
C LEU J 295 -25.77 42.81 3.15
N ASN J 296 -24.70 42.34 2.49
CA ASN J 296 -23.51 43.16 2.38
C ASN J 296 -23.78 44.42 1.57
N LYS J 297 -24.53 44.28 0.46
CA LYS J 297 -24.87 45.45 -0.34
C LYS J 297 -25.79 46.40 0.40
N MET J 298 -26.72 45.86 1.20
CA MET J 298 -27.59 46.73 2.00
C MET J 298 -26.77 47.56 2.98
N ALA J 299 -25.68 46.99 3.49
CA ALA J 299 -24.87 47.64 4.51
C ALA J 299 -23.73 48.47 3.92
N GLY J 300 -23.66 48.60 2.60
CA GLY J 300 -22.55 49.33 1.99
C GLY J 300 -21.20 48.70 2.27
N ASN J 301 -21.15 47.37 2.33
CA ASN J 301 -19.91 46.65 2.56
C ASN J 301 -19.29 47.03 3.91
N GLU J 302 -20.14 47.21 4.92
CA GLU J 302 -19.69 47.42 6.29
C GLU J 302 -19.69 46.06 7.00
N TYR J 303 -19.53 46.08 8.32
CA TYR J 303 -19.36 44.84 9.08
C TYR J 303 -20.56 43.92 8.88
N MET J 304 -20.28 42.69 8.43
CA MET J 304 -21.31 41.68 8.22
C MET J 304 -20.65 40.34 8.54
N GLY J 305 -20.80 39.89 9.78
CA GLY J 305 -20.11 38.72 10.28
C GLY J 305 -21.00 37.49 10.31
N PHE J 306 -20.58 36.53 11.14
CA PHE J 306 -21.36 35.32 11.36
C PHE J 306 -20.97 34.77 12.72
N SER J 307 -21.97 34.43 13.53
CA SER J 307 -21.75 33.96 14.90
C SER J 307 -22.03 32.47 14.92
N ASN J 308 -20.98 31.67 14.68
CA ASN J 308 -21.15 30.23 14.69
C ASN J 308 -21.54 29.71 16.06
N ALA J 309 -21.13 30.39 17.12
CA ALA J 309 -21.56 29.99 18.46
C ALA J 309 -23.07 30.06 18.59
N THR J 310 -23.69 31.10 18.03
CA THR J 310 -25.13 31.22 18.04
C THR J 310 -25.80 30.39 16.95
N PHE J 311 -25.02 29.79 16.04
CA PHE J 311 -25.58 28.89 15.04
C PHE J 311 -25.58 27.45 15.51
N GLN J 312 -24.46 26.98 16.08
CA GLN J 312 -24.43 25.63 16.62
C GLN J 312 -25.42 25.48 17.76
N SER J 313 -25.51 26.48 18.63
CA SER J 313 -26.70 26.65 19.43
C SER J 313 -27.82 27.18 18.54
N GLU J 314 -29.06 26.84 18.91
CA GLU J 314 -30.26 27.08 18.09
C GLU J 314 -30.37 26.06 16.97
N LYS J 315 -29.36 25.21 16.80
CA LYS J 315 -29.43 24.02 15.97
C LYS J 315 -29.42 22.75 16.80
N GLU J 316 -28.71 22.78 17.93
CA GLU J 316 -28.75 21.69 18.89
C GLU J 316 -29.86 21.85 19.92
N THR J 317 -30.33 23.07 20.14
CA THR J 317 -31.35 23.38 21.13
C THR J 317 -32.63 23.95 20.52
N GLY J 318 -32.59 24.43 19.29
CA GLY J 318 -33.76 25.05 18.69
C GLY J 318 -34.80 24.03 18.29
N ASP J 319 -35.42 23.41 19.30
CA ASP J 319 -36.38 22.34 19.03
C ASP J 319 -37.64 22.86 18.36
N ARG J 320 -38.12 24.04 18.77
CA ARG J 320 -39.39 24.53 18.26
C ARG J 320 -39.35 24.74 16.75
N ASN J 321 -38.26 25.31 16.25
CA ASN J 321 -38.17 25.56 14.81
C ASN J 321 -38.11 24.26 14.02
N TYR J 322 -37.65 23.18 14.65
CA TYR J 322 -37.69 21.88 13.98
C TYR J 322 -39.12 21.36 13.91
N ALA J 323 -39.90 21.57 14.97
CA ALA J 323 -41.30 21.16 14.93
C ALA J 323 -42.07 21.91 13.85
N ILE J 324 -41.78 23.21 13.71
CA ILE J 324 -42.42 23.99 12.66
C ILE J 324 -41.95 23.51 11.29
N GLY J 325 -40.67 23.17 11.16
CA GLY J 325 -40.17 22.68 9.89
C GLY J 325 -40.86 21.43 9.42
N TYR J 326 -41.05 20.46 10.33
CA TYR J 326 -41.75 19.24 9.95
C TYR J 326 -43.25 19.46 9.83
N TYR J 327 -43.80 20.36 10.63
CA TYR J 327 -45.21 20.71 10.50
C TYR J 327 -45.51 21.32 9.14
N LEU J 328 -44.57 22.12 8.63
CA LEU J 328 -44.75 22.71 7.30
C LEU J 328 -44.59 21.66 6.20
N LYS J 329 -43.68 20.70 6.39
CA LYS J 329 -43.53 19.63 5.41
C LYS J 329 -44.80 18.79 5.33
N GLU J 330 -45.42 18.50 6.47
CA GLU J 330 -46.59 17.64 6.49
C GLU J 330 -47.75 18.26 5.71
N LYS J 331 -47.93 19.57 5.82
CA LYS J 331 -49.00 20.26 5.12
C LYS J 331 -48.63 20.57 3.67
N LYS J 332 -47.46 20.14 3.20
CA LYS J 332 -47.05 20.28 1.80
C LYS J 332 -47.12 21.73 1.35
N CYS J 333 -46.64 22.63 2.20
CA CYS J 333 -46.59 24.06 1.88
C CYS J 333 -45.22 24.52 1.44
N PHE J 334 -44.37 23.60 0.97
CA PHE J 334 -43.10 23.93 0.34
C PHE J 334 -43.19 23.72 -1.17
N PRO J 335 -42.34 24.38 -1.96
CA PRO J 335 -42.33 24.10 -3.40
C PRO J 335 -41.83 22.69 -3.67
N LYS J 336 -42.18 22.19 -4.85
CA LYS J 336 -41.83 20.82 -5.22
C LYS J 336 -40.32 20.65 -5.30
N GLY J 337 -39.87 19.42 -5.03
CA GLY J 337 -38.46 19.09 -5.13
C GLY J 337 -37.56 19.86 -4.20
N VAL J 338 -38.08 20.34 -3.07
CA VAL J 338 -37.34 21.13 -2.11
C VAL J 338 -37.40 20.45 -0.76
N ASP J 339 -36.23 20.18 -0.18
CA ASP J 339 -36.14 19.58 1.13
C ASP J 339 -36.35 20.63 2.22
N MET J 340 -36.72 20.17 3.40
CA MET J 340 -36.97 21.09 4.51
C MET J 340 -35.69 21.36 5.31
N MET J 341 -34.80 20.38 5.40
CA MET J 341 -33.58 20.56 6.18
C MET J 341 -32.74 21.70 5.64
N ALA J 342 -32.55 21.75 4.32
CA ALA J 342 -31.75 22.81 3.73
C ALA J 342 -32.45 24.17 3.87
N ALA J 343 -33.77 24.18 3.75
CA ALA J 343 -34.52 25.43 3.96
C ALA J 343 -34.47 25.84 5.43
N LEU J 344 -34.76 24.89 6.33
CA LEU J 344 -34.73 25.20 7.76
C LEU J 344 -33.32 25.55 8.22
N ASP J 345 -32.32 24.81 7.73
CA ASP J 345 -30.95 25.09 8.13
C ASP J 345 -30.52 26.47 7.69
N LEU J 346 -30.90 26.88 6.48
CA LEU J 346 -30.57 28.22 6.00
C LEU J 346 -31.18 29.28 6.91
N TYR J 347 -32.39 29.03 7.41
CA TYR J 347 -33.03 29.99 8.32
C TYR J 347 -32.19 30.19 9.57
N PHE J 348 -31.63 29.11 10.13
CA PHE J 348 -30.75 29.25 11.28
C PHE J 348 -29.50 30.05 10.91
N GLN J 349 -28.96 29.82 9.71
CA GLN J 349 -27.74 30.50 9.31
C GLN J 349 -27.97 32.00 9.14
N LEU J 350 -29.08 32.37 8.47
CA LEU J 350 -29.38 33.78 8.30
C LEU J 350 -29.60 34.47 9.64
N CYS J 351 -30.31 33.80 10.54
CA CYS J 351 -30.48 34.36 11.88
C CYS J 351 -29.13 34.51 12.58
N SER J 352 -28.26 33.53 12.41
CA SER J 352 -26.96 33.53 13.09
C SER J 352 -26.02 34.61 12.58
N VAL J 353 -26.34 35.26 11.45
CA VAL J 353 -25.55 36.40 11.00
C VAL J 353 -25.54 37.46 12.09
N GLU J 354 -24.35 38.02 12.35
CA GLU J 354 -24.18 39.04 13.37
C GLU J 354 -23.77 40.35 12.72
N VAL J 355 -24.40 41.44 13.16
CA VAL J 355 -24.08 42.78 12.69
C VAL J 355 -24.02 43.71 13.90
N THR J 356 -23.28 44.80 13.74
CA THR J 356 -23.24 45.85 14.74
C THR J 356 -24.41 46.80 14.51
N CYS J 357 -24.67 47.67 15.48
CA CYS J 357 -25.68 48.70 15.27
C CYS J 357 -25.25 49.67 14.18
N GLU J 358 -23.95 49.84 13.97
CA GLU J 358 -23.47 50.72 12.91
C GLU J 358 -23.91 50.20 11.54
N SER J 359 -23.61 48.94 11.25
CA SER J 359 -24.02 48.36 9.98
C SER J 359 -25.49 47.97 9.98
N GLY J 360 -26.11 47.84 11.14
CA GLY J 360 -27.52 47.54 11.24
C GLY J 360 -28.43 48.73 11.04
N SER J 361 -27.88 49.94 10.93
CA SER J 361 -28.64 51.14 10.66
C SER J 361 -28.68 51.50 9.18
N VAL J 362 -27.55 51.35 8.48
CA VAL J 362 -27.58 51.47 7.02
C VAL J 362 -28.54 50.45 6.43
N MET J 363 -28.53 49.24 6.99
CA MET J 363 -29.67 48.35 6.83
C MET J 363 -30.83 48.90 7.64
N ALA J 364 -32.03 48.85 7.08
CA ALA J 364 -33.23 49.53 7.53
C ALA J 364 -33.21 51.00 7.14
N ALA J 365 -32.10 51.51 6.59
CA ALA J 365 -32.12 52.74 5.82
C ALA J 365 -32.14 52.47 4.32
N THR J 366 -31.69 51.29 3.90
CA THR J 366 -31.85 50.88 2.51
C THR J 366 -33.32 50.76 2.16
N LEU J 367 -34.09 50.03 2.98
CA LEU J 367 -35.52 49.89 2.74
C LEU J 367 -36.32 51.04 3.31
N ALA J 368 -35.68 51.99 4.01
CA ALA J 368 -36.31 53.29 4.20
C ALA J 368 -36.38 54.04 2.86
N ASN J 369 -35.30 53.96 2.08
CA ASN J 369 -35.37 54.29 0.66
C ASN J 369 -36.15 53.22 -0.08
N GLY J 370 -36.36 53.43 -1.37
CA GLY J 370 -36.99 52.42 -2.21
C GLY J 370 -36.04 51.35 -2.65
N GLY J 371 -35.26 50.79 -1.72
CA GLY J 371 -34.28 49.78 -2.03
C GLY J 371 -32.92 50.28 -2.45
N ILE J 372 -32.66 51.59 -2.36
CA ILE J 372 -31.39 52.18 -2.75
C ILE J 372 -30.59 52.44 -1.49
N CYS J 373 -29.43 51.78 -1.37
CA CYS J 373 -28.59 51.97 -0.20
C CYS J 373 -28.08 53.42 -0.18
N PRO J 374 -28.23 54.15 0.93
CA PRO J 374 -27.88 55.57 0.90
C PRO J 374 -26.38 55.81 0.84
N ILE J 375 -25.57 54.96 1.47
CA ILE J 375 -24.13 55.23 1.56
C ILE J 375 -23.48 55.16 0.20
N THR J 376 -23.75 54.11 -0.58
CA THR J 376 -23.13 53.92 -1.88
C THR J 376 -24.08 54.15 -3.05
N GLY J 377 -25.37 54.30 -2.78
CA GLY J 377 -26.33 54.57 -3.84
C GLY J 377 -26.68 53.40 -4.71
N GLU J 378 -26.23 52.19 -4.37
CA GLU J 378 -26.53 51.01 -5.16
C GLU J 378 -28.00 50.64 -5.03
N SER J 379 -28.60 50.26 -6.14
CA SER J 379 -30.01 49.83 -6.17
C SER J 379 -30.04 48.35 -5.81
N VAL J 380 -30.39 48.05 -4.56
CA VAL J 380 -30.37 46.69 -4.06
C VAL J 380 -31.72 46.03 -4.33
N LEU J 381 -32.78 46.60 -3.76
CA LEU J 381 -34.11 46.02 -3.78
C LEU J 381 -35.02 46.77 -4.73
N SER J 382 -35.99 46.06 -5.29
CA SER J 382 -36.98 46.69 -6.16
C SER J 382 -37.91 47.57 -5.34
N ALA J 383 -38.64 48.44 -6.04
CA ALA J 383 -39.57 49.32 -5.36
C ALA J 383 -40.68 48.55 -4.65
N GLU J 384 -41.20 47.50 -5.30
CA GLU J 384 -42.28 46.73 -4.70
C GLU J 384 -41.80 45.97 -3.47
N ALA J 385 -40.52 45.58 -3.43
CA ALA J 385 -40.00 44.86 -2.27
C ALA J 385 -40.05 45.73 -1.03
N VAL J 386 -39.70 47.01 -1.16
CA VAL J 386 -39.76 47.93 -0.02
C VAL J 386 -41.20 48.17 0.40
N ARG J 387 -42.08 48.43 -0.55
CA ARG J 387 -43.47 48.74 -0.20
C ARG J 387 -44.13 47.54 0.45
N ASN J 388 -43.83 46.33 -0.02
CA ASN J 388 -44.46 45.14 0.54
C ASN J 388 -43.89 44.80 1.91
N THR J 389 -42.57 44.85 2.06
CA THR J 389 -41.97 44.45 3.34
C THR J 389 -42.32 45.43 4.46
N LEU J 390 -42.37 46.73 4.14
CA LEU J 390 -42.70 47.71 5.17
C LEU J 390 -44.13 47.51 5.66
N SER J 391 -45.06 47.23 4.75
CA SER J 391 -46.45 47.02 5.15
C SER J 391 -46.58 45.81 6.07
N LEU J 392 -45.83 44.74 5.78
CA LEU J 392 -45.84 43.58 6.66
C LEU J 392 -45.25 43.91 8.03
N MET J 393 -44.18 44.71 8.06
CA MET J 393 -43.57 45.07 9.33
C MET J 393 -44.53 45.87 10.20
N HIS J 394 -45.29 46.79 9.60
CA HIS J 394 -46.35 47.47 10.34
C HIS J 394 -47.38 46.46 10.84
N SER J 395 -47.82 45.56 9.96
CA SER J 395 -48.90 44.65 10.31
C SER J 395 -48.47 43.69 11.41
N CYS J 396 -47.42 42.90 11.16
CA CYS J 396 -46.97 41.86 12.08
C CYS J 396 -45.45 41.78 12.11
N GLY J 397 -44.80 42.95 12.17
CA GLY J 397 -43.35 42.96 12.26
C GLY J 397 -42.83 42.64 13.64
N MET J 398 -43.68 42.73 14.66
CA MET J 398 -43.28 42.49 16.04
C MET J 398 -44.29 41.61 16.78
N TYR J 399 -44.98 40.74 16.04
CA TYR J 399 -45.77 39.64 16.61
C TYR J 399 -46.93 40.24 17.42
N ASP J 400 -47.19 39.76 18.64
CA ASP J 400 -48.36 40.21 19.38
C ASP J 400 -48.26 41.69 19.74
N PHE J 401 -47.05 42.22 19.89
CA PHE J 401 -46.84 43.60 20.27
C PHE J 401 -46.90 44.57 19.10
N SER J 402 -47.04 44.08 17.86
CA SER J 402 -47.10 44.96 16.71
C SER J 402 -48.31 45.88 16.78
N GLY J 403 -49.39 45.42 17.40
CA GLY J 403 -50.55 46.28 17.57
C GLY J 403 -50.27 47.44 18.51
N GLN J 404 -49.58 47.16 19.62
CA GLN J 404 -49.21 48.24 20.53
C GLN J 404 -48.19 49.18 19.92
N PHE J 405 -47.15 48.63 19.27
CA PHE J 405 -46.18 49.47 18.60
C PHE J 405 -46.82 50.29 17.49
N ALA J 406 -47.68 49.66 16.69
CA ALA J 406 -48.42 50.41 15.68
C ALA J 406 -49.30 51.46 16.34
N PHE J 407 -49.94 51.12 17.45
CA PHE J 407 -50.75 52.08 18.18
C PHE J 407 -49.91 53.22 18.73
N HIS J 408 -48.84 52.89 19.47
CA HIS J 408 -48.05 53.90 20.15
C HIS J 408 -47.10 54.62 19.21
N VAL J 409 -46.47 53.88 18.29
CA VAL J 409 -45.41 54.40 17.43
C VAL J 409 -45.87 54.53 15.98
N GLY J 410 -46.51 53.49 15.45
CA GLY J 410 -47.00 53.53 14.09
C GLY J 410 -45.89 53.66 13.08
N LEU J 411 -44.83 52.86 13.24
CA LEU J 411 -43.72 52.81 12.31
C LEU J 411 -43.41 51.36 11.99
N PRO J 412 -42.88 51.07 10.79
CA PRO J 412 -42.44 49.70 10.52
C PRO J 412 -41.20 49.34 11.31
N ALA J 413 -41.30 48.32 12.16
CA ALA J 413 -40.18 47.89 12.99
C ALA J 413 -40.14 46.36 13.03
N LYS J 414 -38.96 45.83 13.30
CA LYS J 414 -38.75 44.39 13.42
C LYS J 414 -37.96 44.13 14.70
N SER J 415 -38.41 43.16 15.49
CA SER J 415 -37.82 42.89 16.79
C SER J 415 -36.72 41.84 16.66
N ALA J 416 -36.22 41.37 17.79
CA ALA J 416 -35.20 40.32 17.81
C ALA J 416 -35.05 39.82 19.23
N VAL J 417 -34.96 38.49 19.38
CA VAL J 417 -34.67 37.91 20.69
C VAL J 417 -33.29 38.28 21.20
N SER J 418 -32.41 38.80 20.33
CA SER J 418 -31.11 39.30 20.74
C SER J 418 -31.15 40.75 21.19
N GLY J 419 -32.33 41.38 21.20
CA GLY J 419 -32.50 42.73 21.69
C GLY J 419 -32.62 43.79 20.61
N ALA J 420 -32.34 43.45 19.36
CA ALA J 420 -32.39 44.45 18.30
C ALA J 420 -33.82 44.92 18.06
N ILE J 421 -33.94 46.16 17.59
CA ILE J 421 -35.22 46.71 17.12
C ILE J 421 -34.95 47.44 15.81
N LEU J 422 -35.25 46.80 14.69
CA LEU J 422 -34.98 47.36 13.37
C LEU J 422 -36.03 48.42 13.05
N LEU J 423 -35.88 49.58 13.69
CA LEU J 423 -36.81 50.67 13.52
C LEU J 423 -36.58 51.37 12.18
N VAL J 424 -37.67 51.69 11.49
CA VAL J 424 -37.63 52.29 10.16
C VAL J 424 -38.52 53.52 10.16
N VAL J 425 -37.98 54.64 9.69
CA VAL J 425 -38.75 55.86 9.46
C VAL J 425 -38.80 56.08 7.95
N PRO J 426 -39.92 55.80 7.29
CA PRO J 426 -39.93 55.86 5.81
C PRO J 426 -39.56 57.24 5.29
N ASN J 427 -38.76 57.25 4.22
CA ASN J 427 -38.36 58.46 3.51
C ASN J 427 -37.52 59.41 4.35
N VAL J 428 -37.14 59.02 5.57
CA VAL J 428 -36.37 59.90 6.44
C VAL J 428 -35.08 59.21 6.88
N MET J 429 -35.19 58.12 7.62
CA MET J 429 -34.03 57.55 8.29
C MET J 429 -34.35 56.12 8.74
N GLY J 430 -33.31 55.43 9.17
CA GLY J 430 -33.45 54.12 9.76
C GLY J 430 -32.63 54.02 11.03
N MET J 431 -33.00 53.07 11.89
CA MET J 431 -32.38 52.95 13.20
C MET J 431 -32.28 51.48 13.59
N MET J 432 -31.41 51.20 14.55
CA MET J 432 -31.24 49.86 15.09
C MET J 432 -30.64 50.01 16.49
N CYS J 433 -31.44 49.76 17.52
CA CYS J 433 -31.01 49.88 18.90
C CYS J 433 -30.85 48.49 19.52
N LEU J 434 -29.78 48.33 20.30
CA LEU J 434 -29.44 47.06 20.92
C LEU J 434 -29.75 47.12 22.41
N SER J 435 -30.49 46.13 22.90
CA SER J 435 -30.84 46.02 24.30
C SER J 435 -31.27 44.58 24.60
N PRO J 436 -30.35 43.69 24.94
CA PRO J 436 -30.68 42.25 25.04
C PRO J 436 -31.85 41.95 25.97
N PRO J 437 -31.96 42.57 27.14
CA PRO J 437 -33.05 42.19 28.06
C PRO J 437 -34.43 42.32 27.41
N LEU J 438 -35.14 41.19 27.33
CA LEU J 438 -36.45 41.11 26.71
C LEU J 438 -37.57 41.48 27.67
N ASP J 439 -38.74 41.74 27.10
CA ASP J 439 -39.99 41.87 27.84
C ASP J 439 -40.71 40.53 27.75
N LYS J 440 -41.97 40.48 28.21
CA LYS J 440 -42.70 39.21 28.24
C LYS J 440 -42.93 38.67 26.83
N LEU J 441 -43.32 39.54 25.89
CA LEU J 441 -43.82 39.09 24.60
C LEU J 441 -42.71 38.85 23.57
N GLY J 442 -41.45 39.09 23.92
CA GLY J 442 -40.36 38.88 23.00
C GLY J 442 -39.74 40.14 22.45
N ASN J 443 -39.82 41.26 23.16
CA ASN J 443 -39.26 42.53 22.73
C ASN J 443 -38.52 43.18 23.89
N SER J 444 -37.47 43.91 23.57
CA SER J 444 -36.63 44.50 24.60
C SER J 444 -37.36 45.65 25.29
N HIS J 445 -37.28 45.67 26.62
CA HIS J 445 -37.99 46.70 27.39
C HIS J 445 -37.43 48.08 27.10
N ARG J 446 -36.11 48.21 27.01
CA ARG J 446 -35.51 49.50 26.73
C ARG J 446 -35.71 49.92 25.27
N GLY J 447 -35.54 48.98 24.35
CA GLY J 447 -35.72 49.30 22.95
C GLY J 447 -37.13 49.77 22.63
N THR J 448 -38.13 49.07 23.18
CA THR J 448 -39.51 49.51 23.00
C THR J 448 -39.73 50.87 23.65
N SER J 449 -39.17 51.08 24.84
CA SER J 449 -39.35 52.37 25.52
C SER J 449 -38.68 53.49 24.75
N PHE J 450 -37.53 53.22 24.12
CA PHE J 450 -36.86 54.23 23.32
C PHE J 450 -37.74 54.68 22.16
N CYS J 451 -38.35 53.72 21.46
CA CYS J 451 -39.15 54.05 20.29
C CYS J 451 -40.39 54.85 20.67
N GLN J 452 -40.95 54.59 21.85
CA GLN J 452 -42.14 55.32 22.27
C GLN J 452 -41.84 56.78 22.53
N LYS J 453 -40.72 57.06 23.21
CA LYS J 453 -40.37 58.44 23.52
C LYS J 453 -39.85 59.18 22.30
N LEU J 454 -39.29 58.46 21.33
CA LEU J 454 -38.73 59.10 20.15
C LEU J 454 -39.82 59.82 19.36
N VAL J 455 -40.94 59.14 19.10
CA VAL J 455 -42.03 59.77 18.37
C VAL J 455 -42.69 60.87 19.18
N SER J 456 -42.77 60.71 20.50
CA SER J 456 -43.46 61.68 21.35
C SER J 456 -42.78 63.04 21.37
N LEU J 457 -41.53 63.13 20.89
CA LEU J 457 -40.79 64.39 20.87
C LEU J 457 -40.38 64.82 19.46
N PHE J 458 -40.32 63.89 18.51
CA PHE J 458 -39.95 64.21 17.14
C PHE J 458 -41.15 64.25 16.20
N ASN J 459 -42.26 63.58 16.54
CA ASN J 459 -43.48 63.63 15.75
C ASN J 459 -43.27 63.02 14.36
N PHE J 460 -42.73 61.80 14.35
CA PHE J 460 -42.59 61.00 13.14
C PHE J 460 -43.79 60.11 12.88
N HIS J 461 -44.81 60.15 13.72
CA HIS J 461 -45.99 59.32 13.51
C HIS J 461 -46.67 59.74 12.20
N ASN J 462 -47.30 58.77 11.54
CA ASN J 462 -47.91 58.98 10.23
C ASN J 462 -49.05 59.99 10.24
N TYR J 463 -49.49 60.47 11.41
CA TYR J 463 -50.73 61.24 11.53
C TYR J 463 -50.45 62.63 12.09
N ASP J 464 -49.45 63.31 11.52
CA ASP J 464 -48.99 64.60 12.07
C ASP J 464 -50.11 65.62 12.13
N ASN J 465 -51.04 65.60 11.17
CA ASN J 465 -52.17 66.54 11.07
C ASN J 465 -51.71 67.99 11.30
N LEU J 466 -50.85 68.44 10.39
CA LEU J 466 -50.27 69.78 10.48
C LEU J 466 -51.29 70.86 10.14
N ARG J 467 -52.17 71.19 11.08
CA ARG J 467 -53.13 72.27 10.93
C ARG J 467 -53.00 73.36 11.99
N HIS J 468 -52.79 73.01 13.25
CA HIS J 468 -52.59 74.01 14.30
C HIS J 468 -51.69 73.38 15.38
N CYS J 469 -50.39 73.67 15.30
CA CYS J 469 -49.42 73.15 16.25
C CYS J 469 -48.08 73.81 15.99
N ALA J 470 -47.28 73.96 17.05
CA ALA J 470 -45.91 74.45 16.92
C ALA J 470 -45.02 73.52 17.74
N ARG J 471 -44.59 72.43 17.10
CA ARG J 471 -43.72 71.44 17.72
C ARG J 471 -42.50 71.15 16.86
N LYS J 472 -42.69 71.02 15.54
CA LYS J 472 -41.61 70.74 14.61
C LYS J 472 -42.18 70.88 13.20
N LEU J 473 -41.35 71.38 12.28
CA LEU J 473 -41.80 71.66 10.92
C LEU J 473 -40.79 71.10 9.94
N ASP J 474 -40.40 69.84 10.14
CA ASP J 474 -39.43 69.20 9.25
C ASP J 474 -39.90 69.14 7.80
N PRO J 475 -41.13 68.76 7.49
CA PRO J 475 -41.52 68.68 6.07
C PRO J 475 -41.78 70.04 5.46
N ARG J 476 -41.16 70.28 4.30
CA ARG J 476 -41.40 71.48 3.49
C ARG J 476 -41.14 72.74 4.32
N ARG J 477 -39.86 73.00 4.58
CA ARG J 477 -39.45 74.17 5.34
C ARG J 477 -39.75 75.44 4.57
N LEU K 69 -47.91 96.80 -3.23
CA LEU K 69 -48.58 97.27 -1.98
C LEU K 69 -49.97 97.81 -2.27
N SER K 70 -50.91 96.90 -2.51
CA SER K 70 -52.30 97.24 -2.79
C SER K 70 -53.22 96.37 -1.94
N ARG K 71 -54.37 96.92 -1.58
CA ARG K 71 -55.32 96.20 -0.75
C ARG K 71 -55.90 95.01 -1.52
N LEU K 72 -56.01 93.88 -0.85
CA LEU K 72 -56.54 92.65 -1.44
C LEU K 72 -58.03 92.48 -1.21
N GLY K 73 -58.68 93.41 -0.50
CA GLY K 73 -60.08 93.26 -0.17
C GLY K 73 -61.05 93.70 -1.26
N ASP K 74 -60.55 94.21 -2.39
CA ASP K 74 -61.43 94.69 -3.45
C ASP K 74 -60.99 94.18 -4.83
N LEU K 75 -60.45 92.97 -4.91
CA LEU K 75 -60.05 92.38 -6.19
C LEU K 75 -61.12 91.49 -6.79
N LEU K 76 -62.28 91.36 -6.14
CA LEU K 76 -63.29 90.41 -6.60
C LEU K 76 -63.84 90.78 -7.96
N PHE K 77 -64.11 92.08 -8.17
CA PHE K 77 -64.76 92.50 -9.42
C PHE K 77 -63.88 92.20 -10.63
N TYR K 78 -62.58 92.47 -10.53
CA TYR K 78 -61.70 92.27 -11.68
C TYR K 78 -61.54 90.79 -12.01
N THR K 79 -61.27 89.97 -11.00
CA THR K 79 -60.98 88.56 -11.26
C THR K 79 -62.23 87.80 -11.71
N ILE K 80 -63.39 88.08 -11.13
CA ILE K 80 -64.60 87.35 -11.50
C ILE K 80 -65.02 87.71 -12.91
N ALA K 81 -64.98 88.99 -13.26
CA ALA K 81 -65.35 89.41 -14.62
C ALA K 81 -64.20 89.22 -15.60
N GLU K 82 -62.97 89.05 -15.11
CA GLU K 82 -61.79 88.96 -15.95
C GLU K 82 -61.65 90.20 -16.84
N GLY K 83 -62.03 91.35 -16.29
CA GLY K 83 -61.92 92.61 -16.99
C GLY K 83 -63.11 92.97 -17.85
N GLN K 84 -64.08 92.07 -18.01
CA GLN K 84 -65.25 92.37 -18.84
C GLN K 84 -66.22 93.28 -18.10
N GLU K 85 -66.87 94.16 -18.86
CA GLU K 85 -67.83 95.09 -18.26
C GLU K 85 -69.11 94.38 -17.84
N ARG K 86 -69.64 93.50 -18.71
CA ARG K 86 -70.89 92.80 -18.45
C ARG K 86 -70.79 91.38 -18.96
N ILE K 87 -71.59 90.48 -18.38
CA ILE K 87 -71.60 89.08 -18.75
C ILE K 87 -73.05 88.66 -18.96
N PRO K 88 -73.36 87.74 -19.89
CA PRO K 88 -74.75 87.32 -20.04
C PRO K 88 -75.24 86.52 -18.84
N ILE K 89 -76.57 86.53 -18.67
CA ILE K 89 -77.17 85.84 -17.54
C ILE K 89 -76.93 84.33 -17.61
N HIS K 90 -77.05 83.75 -18.80
CA HIS K 90 -76.89 82.31 -18.93
C HIS K 90 -75.46 81.88 -18.61
N LYS K 91 -74.48 82.73 -18.92
CA LYS K 91 -73.09 82.39 -18.65
C LYS K 91 -72.83 82.30 -17.14
N PHE K 92 -73.49 83.15 -16.35
CA PHE K 92 -73.22 83.17 -14.91
C PHE K 92 -73.61 81.85 -14.26
N THR K 93 -74.74 81.26 -14.68
CA THR K 93 -75.19 80.02 -14.06
C THR K 93 -74.19 78.89 -14.29
N THR K 94 -73.65 78.79 -15.51
CA THR K 94 -72.68 77.74 -15.80
C THR K 94 -71.42 77.89 -14.96
N ALA K 95 -70.92 79.12 -14.82
CA ALA K 95 -69.68 79.33 -14.08
C ALA K 95 -69.84 78.97 -12.62
N LEU K 96 -70.97 79.34 -12.01
CA LEU K 96 -71.17 79.04 -10.59
C LEU K 96 -71.25 77.54 -10.34
N LYS K 97 -71.82 76.79 -11.27
CA LYS K 97 -71.93 75.33 -11.11
C LYS K 97 -70.56 74.68 -11.10
N ALA K 98 -69.56 75.32 -11.71
CA ALA K 98 -68.26 74.71 -11.89
C ALA K 98 -67.56 74.49 -10.55
N THR K 99 -66.59 73.59 -10.56
CA THR K 99 -65.74 73.20 -9.43
C THR K 99 -66.43 72.27 -8.45
N GLY K 100 -67.71 71.96 -8.64
CA GLY K 100 -68.39 70.93 -7.88
C GLY K 100 -68.96 71.40 -6.56
N LEU K 101 -68.46 72.48 -5.99
CA LEU K 101 -68.95 72.94 -4.69
C LEU K 101 -70.42 73.35 -4.79
N GLN K 102 -71.18 73.00 -3.75
CA GLN K 102 -72.62 73.24 -3.72
C GLN K 102 -72.92 74.64 -3.21
N THR K 103 -73.88 75.29 -3.86
CA THR K 103 -74.30 76.63 -3.44
C THR K 103 -74.96 76.65 -2.07
N SER K 104 -75.64 75.56 -1.70
CA SER K 104 -76.37 75.49 -0.44
C SER K 104 -75.53 74.94 0.71
N ASP K 105 -74.21 75.08 0.64
CA ASP K 105 -73.37 74.62 1.74
C ASP K 105 -73.65 75.44 2.99
N PRO K 106 -73.47 74.87 4.19
CA PRO K 106 -73.83 75.61 5.40
C PRO K 106 -73.06 76.91 5.58
N ARG K 107 -71.78 76.96 5.17
CA ARG K 107 -70.96 78.12 5.49
C ARG K 107 -71.47 79.39 4.82
N LEU K 108 -71.90 79.29 3.55
CA LEU K 108 -72.33 80.44 2.77
C LEU K 108 -73.85 80.55 2.66
N ARG K 109 -74.59 79.84 3.52
CA ARG K 109 -76.05 79.90 3.45
C ARG K 109 -76.56 81.31 3.74
N ASP K 110 -75.99 81.97 4.75
CA ASP K 110 -76.49 83.30 5.13
C ASP K 110 -76.29 84.31 4.01
N CYS K 111 -75.13 84.28 3.35
CA CYS K 111 -74.84 85.28 2.32
C CYS K 111 -75.82 85.16 1.16
N MET K 112 -76.06 83.93 0.69
CA MET K 112 -76.92 83.74 -0.48
C MET K 112 -78.37 84.09 -0.17
N SER K 113 -78.77 83.98 1.10
CA SER K 113 -80.17 84.21 1.46
C SER K 113 -80.60 85.63 1.12
N GLU K 114 -79.78 86.62 1.45
CA GLU K 114 -80.14 88.00 1.18
C GLU K 114 -80.11 88.30 -0.33
N MET K 115 -79.19 87.66 -1.06
CA MET K 115 -79.06 87.94 -2.49
C MET K 115 -80.31 87.51 -3.23
N HIS K 116 -80.90 86.37 -2.86
CA HIS K 116 -82.07 85.87 -3.58
C HIS K 116 -83.25 86.82 -3.48
N ARG K 117 -83.47 87.38 -2.30
CA ARG K 117 -84.60 88.29 -2.11
C ARG K 117 -84.46 89.53 -2.98
N VAL K 118 -83.26 90.11 -3.05
CA VAL K 118 -83.04 91.33 -3.80
C VAL K 118 -83.26 91.09 -5.29
N VAL K 119 -82.76 89.98 -5.81
CA VAL K 119 -82.81 89.73 -7.26
C VAL K 119 -84.25 89.62 -7.72
N GLN K 120 -85.09 88.89 -6.99
CA GLN K 120 -86.46 88.67 -7.42
C GLN K 120 -87.26 89.97 -7.43
N GLU K 121 -87.10 90.79 -6.40
CA GLU K 121 -87.88 92.03 -6.26
C GLU K 121 -86.94 93.16 -5.81
N SER K 122 -86.58 94.01 -6.76
CA SER K 122 -85.76 95.20 -6.48
C SER K 122 -85.73 96.05 -7.74
N SER K 123 -85.21 97.27 -7.60
CA SER K 123 -85.05 98.18 -8.73
C SER K 123 -83.74 98.00 -9.47
N SER K 124 -82.66 97.62 -8.77
CA SER K 124 -81.38 97.42 -9.44
C SER K 124 -81.45 96.29 -10.45
N GLY K 125 -82.11 95.19 -10.09
CA GLY K 125 -82.28 94.06 -10.99
C GLY K 125 -81.10 93.09 -10.92
N GLY K 126 -80.44 92.87 -12.05
CA GLY K 126 -79.35 91.91 -12.15
C GLY K 126 -77.97 92.48 -11.97
N LEU K 127 -77.83 93.70 -11.45
CA LEU K 127 -76.55 94.35 -11.25
C LEU K 127 -76.17 94.32 -9.78
N LEU K 128 -74.89 94.54 -9.51
CA LEU K 128 -74.33 94.51 -8.17
C LEU K 128 -73.84 95.90 -7.79
N ASP K 129 -73.62 96.09 -6.49
CA ASP K 129 -73.09 97.33 -5.93
C ASP K 129 -71.88 97.01 -5.07
N ARG K 130 -71.00 98.01 -4.91
CA ARG K 130 -69.72 97.77 -4.27
C ARG K 130 -69.79 98.00 -2.77
N ASP K 131 -70.36 99.13 -2.34
CA ASP K 131 -70.33 99.48 -0.93
C ASP K 131 -71.08 98.46 -0.08
N LEU K 132 -72.24 98.00 -0.55
CA LEU K 132 -72.98 96.98 0.20
C LEU K 132 -72.19 95.68 0.28
N PHE K 133 -71.53 95.29 -0.81
CA PHE K 133 -70.81 94.02 -0.83
C PHE K 133 -69.55 94.05 0.02
N ARG K 134 -69.03 95.24 0.33
CA ARG K 134 -67.75 95.32 1.03
C ARG K 134 -67.85 94.86 2.48
N LYS K 135 -69.05 94.86 3.06
CA LYS K 135 -69.23 94.64 4.49
C LYS K 135 -69.81 93.27 4.84
N CYS K 136 -70.55 92.64 3.94
CA CYS K 136 -71.15 91.34 4.26
C CYS K 136 -70.13 90.21 4.30
N VAL K 137 -68.92 90.43 3.77
CA VAL K 137 -67.87 89.43 3.73
C VAL K 137 -66.58 89.91 4.39
N SER K 138 -66.61 91.07 5.04
CA SER K 138 -65.41 91.61 5.68
C SER K 138 -65.02 90.87 6.95
N SER K 139 -65.89 90.00 7.46
CA SER K 139 -65.62 89.38 8.76
C SER K 139 -64.41 88.44 8.70
N ASN K 140 -64.32 87.62 7.67
CA ASN K 140 -63.33 86.55 7.59
C ASN K 140 -62.67 86.54 6.20
N ILE K 141 -62.22 87.71 5.75
CA ILE K 141 -61.60 87.79 4.43
C ILE K 141 -60.33 86.96 4.36
N VAL K 142 -59.55 86.91 5.45
CA VAL K 142 -58.30 86.16 5.43
C VAL K 142 -58.58 84.67 5.28
N LEU K 143 -59.64 84.17 5.91
CA LEU K 143 -59.99 82.76 5.75
C LEU K 143 -60.63 82.51 4.40
N LEU K 144 -61.51 83.42 3.95
CA LEU K 144 -62.20 83.23 2.68
C LEU K 144 -61.25 83.26 1.50
N THR K 145 -60.29 84.20 1.51
CA THR K 145 -59.40 84.35 0.37
C THR K 145 -58.51 83.13 0.18
N GLN K 146 -58.16 82.43 1.27
CA GLN K 146 -57.33 81.24 1.14
C GLN K 146 -58.03 80.17 0.32
N ALA K 147 -59.37 80.13 0.37
CA ALA K 147 -60.11 79.14 -0.40
C ALA K 147 -60.13 79.48 -1.89
N PHE K 148 -60.19 80.77 -2.21
CA PHE K 148 -60.38 81.21 -3.59
C PHE K 148 -59.08 81.34 -4.37
N ARG K 149 -57.92 81.14 -3.73
CA ARG K 149 -56.63 81.21 -4.41
C ARG K 149 -56.15 79.84 -4.88
N LYS K 150 -57.06 78.89 -5.05
CA LYS K 150 -56.72 77.56 -5.55
C LYS K 150 -55.67 76.88 -4.66
N LYS K 151 -55.81 77.07 -3.35
CA LYS K 151 -54.90 76.50 -2.37
C LYS K 151 -55.41 75.21 -1.76
N PHE K 152 -56.46 74.62 -2.34
CA PHE K 152 -57.02 73.39 -1.82
C PHE K 152 -56.05 72.23 -2.05
N VAL K 153 -56.33 71.11 -1.38
CA VAL K 153 -55.44 69.95 -1.42
C VAL K 153 -55.43 69.31 -2.81
N ILE K 154 -56.52 69.40 -3.55
CA ILE K 154 -56.60 68.85 -4.91
C ILE K 154 -57.13 69.95 -5.82
N PRO K 155 -56.30 70.93 -6.24
CA PRO K 155 -56.81 72.00 -7.11
C PRO K 155 -57.38 71.48 -8.42
N ASP K 156 -56.73 70.47 -9.00
CA ASP K 156 -57.18 69.88 -10.25
C ASP K 156 -58.20 68.80 -9.93
N PHE K 157 -59.33 69.22 -9.37
CA PHE K 157 -60.36 68.28 -8.94
C PHE K 157 -61.18 67.74 -10.10
N GLU K 158 -61.31 68.51 -11.19
CA GLU K 158 -62.06 68.03 -12.34
C GLU K 158 -61.43 66.78 -12.94
N GLU K 159 -60.11 66.79 -13.12
CA GLU K 159 -59.42 65.62 -13.63
C GLU K 159 -59.39 64.51 -12.59
N PHE K 160 -59.27 64.87 -11.31
CA PHE K 160 -59.30 63.86 -10.25
C PHE K 160 -60.63 63.13 -10.25
N THR K 161 -61.73 63.87 -10.40
CA THR K 161 -63.04 63.23 -10.58
C THR K 161 -63.08 62.44 -11.88
N GLY K 162 -62.46 62.98 -12.94
CA GLY K 162 -62.46 62.28 -14.22
C GLY K 162 -61.80 60.92 -14.13
N HIS K 163 -60.70 60.84 -13.38
CA HIS K 163 -60.02 59.55 -13.22
C HIS K 163 -60.92 58.54 -12.52
N VAL K 164 -61.69 58.98 -11.53
CA VAL K 164 -62.60 58.08 -10.84
C VAL K 164 -63.67 57.57 -11.80
N ASP K 165 -64.08 58.40 -12.75
CA ASP K 165 -65.11 58.00 -13.70
C ASP K 165 -64.62 56.85 -14.59
N ARG K 166 -63.34 56.86 -14.97
CA ARG K 166 -62.82 55.81 -15.83
C ARG K 166 -62.91 54.45 -15.14
N ILE K 167 -62.52 54.37 -13.86
CA ILE K 167 -62.61 53.12 -13.13
C ILE K 167 -64.07 52.77 -12.85
N PHE K 168 -64.95 53.78 -12.82
CA PHE K 168 -66.35 53.53 -12.47
C PHE K 168 -66.99 52.55 -13.45
N GLU K 169 -66.60 52.61 -14.72
CA GLU K 169 -67.09 51.62 -15.68
C GLU K 169 -66.49 50.25 -15.42
N ASP K 170 -65.19 50.19 -15.11
CA ASP K 170 -64.51 48.92 -14.97
C ASP K 170 -64.99 48.15 -13.74
N VAL K 171 -65.24 48.85 -12.64
CA VAL K 171 -65.62 48.18 -11.40
C VAL K 171 -66.95 47.47 -11.56
N LYS K 172 -67.89 48.04 -12.33
CA LYS K 172 -69.17 47.39 -12.55
C LYS K 172 -69.01 46.04 -13.25
N GLU K 173 -67.90 45.82 -13.95
CA GLU K 173 -67.69 44.54 -14.62
C GLU K 173 -67.61 43.39 -13.61
N LEU K 174 -66.94 43.61 -12.48
CA LEU K 174 -66.84 42.57 -11.45
C LEU K 174 -68.15 42.49 -10.69
N THR K 175 -68.76 41.30 -10.69
CA THR K 175 -70.06 41.07 -10.07
C THR K 175 -70.04 39.77 -9.27
N GLY K 176 -68.96 39.52 -8.54
CA GLY K 176 -68.82 38.33 -7.71
C GLY K 176 -68.93 38.70 -6.24
N GLY K 177 -69.72 37.92 -5.50
CA GLY K 177 -69.88 38.17 -4.08
C GLY K 177 -71.08 37.40 -3.54
N LYS K 178 -71.35 37.49 -2.23
CA LYS K 178 -72.51 36.90 -1.57
C LYS K 178 -73.01 38.03 -0.66
N VAL K 179 -74.33 38.17 -0.52
CA VAL K 179 -74.88 39.26 0.29
C VAL K 179 -75.31 38.95 1.73
N ALA K 180 -74.62 37.99 2.36
CA ALA K 180 -74.78 37.54 3.77
C ALA K 180 -76.04 36.72 4.05
N ALA K 181 -76.09 36.09 5.22
CA ALA K 181 -77.25 35.28 5.60
C ALA K 181 -77.93 35.64 6.93
N TYR K 182 -77.14 35.79 7.99
CA TYR K 182 -77.69 36.03 9.33
C TYR K 182 -78.48 37.31 9.62
N ILE K 183 -78.17 38.43 8.95
CA ILE K 183 -78.86 39.73 9.11
C ILE K 183 -79.90 39.91 8.00
N PRO K 184 -81.23 39.66 8.35
CA PRO K 184 -82.12 39.70 7.19
C PRO K 184 -82.20 40.88 6.24
N GLN K 185 -82.26 42.12 6.74
CA GLN K 185 -82.44 43.28 5.85
C GLN K 185 -81.38 43.46 4.78
N LEU K 186 -80.16 43.02 5.09
CA LEU K 186 -79.02 43.11 4.21
C LEU K 186 -79.28 42.38 2.91
N ALA K 187 -79.95 41.24 3.04
CA ALA K 187 -80.28 40.37 1.91
C ALA K 187 -81.19 41.01 0.86
N LYS K 188 -82.18 41.79 1.30
CA LYS K 188 -83.16 42.38 0.36
C LYS K 188 -82.70 43.50 -0.60
N SER K 189 -81.54 44.08 -0.34
CA SER K 189 -80.97 45.16 -1.12
C SER K 189 -80.52 44.66 -2.48
N ASN K 190 -80.50 45.57 -3.45
CA ASN K 190 -80.12 45.20 -4.81
C ASN K 190 -78.64 44.81 -4.84
N PRO K 191 -78.29 43.60 -5.27
CA PRO K 191 -76.85 43.26 -5.34
C PRO K 191 -76.08 44.15 -6.30
N ASP K 192 -76.73 44.63 -7.36
CA ASP K 192 -76.09 45.51 -8.32
C ASP K 192 -75.97 46.95 -7.81
N LEU K 193 -76.54 47.26 -6.64
CA LEU K 193 -76.40 48.59 -6.08
C LEU K 193 -74.92 48.91 -5.87
N TRP K 194 -74.48 50.05 -6.39
CA TRP K 194 -73.07 50.41 -6.36
C TRP K 194 -72.95 51.92 -6.35
N GLY K 195 -72.15 52.45 -5.43
CA GLY K 195 -71.96 53.90 -5.36
C GLY K 195 -70.73 54.22 -4.55
N VAL K 196 -70.13 55.36 -4.88
CA VAL K 196 -68.91 55.84 -4.24
C VAL K 196 -69.06 57.33 -3.96
N SER K 197 -68.70 57.74 -2.76
CA SER K 197 -68.72 59.14 -2.35
C SER K 197 -67.42 59.47 -1.65
N LEU K 198 -66.85 60.63 -2.00
CA LEU K 198 -65.59 61.07 -1.44
C LEU K 198 -65.71 62.53 -1.02
N CYS K 199 -65.02 62.89 0.04
CA CYS K 199 -64.99 64.25 0.55
C CYS K 199 -63.57 64.57 1.00
N THR K 200 -63.07 65.73 0.58
CA THR K 200 -61.75 66.17 0.98
C THR K 200 -61.81 66.98 2.26
N VAL K 201 -60.63 67.22 2.85
CA VAL K 201 -60.55 68.00 4.08
C VAL K 201 -60.80 69.47 3.86
N ASP K 202 -60.68 69.95 2.62
CA ASP K 202 -60.88 71.36 2.29
C ASP K 202 -62.25 71.64 1.69
N GLY K 203 -63.21 70.72 1.87
CA GLY K 203 -64.57 70.94 1.49
C GLY K 203 -64.95 70.42 0.11
N GLN K 204 -63.98 70.06 -0.72
CA GLN K 204 -64.31 69.49 -2.02
C GLN K 204 -65.10 68.21 -1.82
N ARG K 205 -66.07 67.97 -2.70
CA ARG K 205 -66.93 66.80 -2.57
C ARG K 205 -67.40 66.36 -3.96
N HIS K 206 -67.47 65.04 -4.14
CA HIS K 206 -68.01 64.44 -5.34
C HIS K 206 -68.52 63.05 -5.01
N SER K 207 -69.63 62.67 -5.66
CA SER K 207 -70.23 61.37 -5.45
C SER K 207 -70.87 60.91 -6.74
N VAL K 208 -70.55 59.69 -7.16
CA VAL K 208 -71.03 59.13 -8.42
C VAL K 208 -71.65 57.76 -8.14
N GLY K 209 -72.77 57.50 -8.80
CA GLY K 209 -73.47 56.24 -8.64
C GLY K 209 -74.56 56.30 -7.60
N HIS K 210 -74.90 55.14 -7.06
CA HIS K 210 -75.95 55.01 -6.06
C HIS K 210 -75.41 55.52 -4.74
N THR K 211 -75.49 56.84 -4.57
CA THR K 211 -74.97 57.52 -3.38
C THR K 211 -76.07 58.25 -2.63
N LYS K 212 -77.30 57.74 -2.71
CA LYS K 212 -78.45 58.31 -2.01
C LYS K 212 -79.28 57.28 -1.25
N ILE K 213 -79.16 56.00 -1.56
CA ILE K 213 -79.96 54.98 -0.89
C ILE K 213 -79.41 54.79 0.53
N PRO K 214 -80.23 54.93 1.57
CA PRO K 214 -79.69 54.80 2.94
C PRO K 214 -79.22 53.38 3.23
N PHE K 215 -78.26 53.28 4.14
CA PHE K 215 -77.75 52.00 4.62
C PHE K 215 -77.40 52.13 6.09
N CYS K 216 -77.20 50.99 6.74
CA CYS K 216 -76.93 50.92 8.16
C CYS K 216 -75.43 50.77 8.39
N LEU K 217 -74.87 51.62 9.24
CA LEU K 217 -73.45 51.52 9.63
C LEU K 217 -73.32 50.35 10.58
N GLN K 218 -73.26 49.14 10.00
CA GLN K 218 -73.25 47.93 10.81
C GLN K 218 -72.01 47.86 11.70
N SER K 219 -70.85 48.27 11.17
CA SER K 219 -69.63 48.29 11.95
C SER K 219 -68.82 49.58 11.80
N CYS K 220 -69.20 50.49 10.90
CA CYS K 220 -68.45 51.73 10.74
C CYS K 220 -68.55 52.64 11.96
N VAL K 221 -69.48 52.38 12.88
CA VAL K 221 -69.57 53.19 14.09
C VAL K 221 -68.51 52.80 15.11
N LYS K 222 -67.92 51.62 15.00
CA LYS K 222 -66.89 51.20 15.95
C LYS K 222 -65.70 52.16 15.98
N PRO K 223 -65.07 52.52 14.86
CA PRO K 223 -64.00 53.53 14.94
C PRO K 223 -64.49 54.86 15.46
N LEU K 224 -65.73 55.24 15.13
CA LEU K 224 -66.27 56.51 15.58
C LEU K 224 -66.56 56.47 17.08
N THR K 225 -67.37 55.51 17.52
CA THR K 225 -67.73 55.41 18.93
C THR K 225 -66.50 55.19 19.81
N TYR K 226 -65.47 54.52 19.31
CA TYR K 226 -64.22 54.42 20.06
C TYR K 226 -63.57 55.79 20.20
N ALA K 227 -63.65 56.61 19.16
CA ALA K 227 -63.08 57.96 19.23
C ALA K 227 -63.80 58.81 20.25
N ILE K 228 -65.09 58.53 20.47
CA ILE K 228 -65.85 59.26 21.49
C ILE K 228 -65.24 59.01 22.87
N SER K 229 -64.98 57.74 23.18
CA SER K 229 -64.46 57.38 24.49
C SER K 229 -63.07 57.96 24.70
N ILE K 230 -62.20 57.86 23.68
CA ILE K 230 -60.82 58.30 23.85
C ILE K 230 -60.75 59.79 24.13
N SER K 231 -61.47 60.59 23.32
CA SER K 231 -61.43 62.03 23.52
C SER K 231 -62.04 62.41 24.88
N THR K 232 -63.14 61.77 25.26
CA THR K 232 -63.81 62.11 26.51
C THR K 232 -63.09 61.56 27.73
N LEU K 233 -62.51 60.36 27.61
CA LEU K 233 -61.93 59.66 28.76
C LEU K 233 -60.43 59.43 28.65
N GLY K 234 -59.84 59.57 27.48
CA GLY K 234 -58.42 59.40 27.32
C GLY K 234 -58.03 57.98 26.98
N THR K 235 -56.82 57.82 26.43
CA THR K 235 -56.37 56.49 26.05
C THR K 235 -56.11 55.61 27.28
N ASP K 236 -55.62 56.21 28.37
CA ASP K 236 -55.24 55.42 29.53
C ASP K 236 -56.43 54.70 30.13
N TYR K 237 -57.54 55.41 30.35
CA TYR K 237 -58.68 54.80 31.01
C TYR K 237 -59.39 53.79 30.10
N VAL K 238 -59.57 54.14 28.82
CA VAL K 238 -60.37 53.29 27.94
C VAL K 238 -59.70 51.95 27.72
N HIS K 239 -58.37 51.95 27.59
CA HIS K 239 -57.64 50.72 27.27
C HIS K 239 -57.35 49.87 28.50
N LYS K 240 -57.85 50.24 29.67
CA LYS K 240 -57.80 49.36 30.83
C LYS K 240 -58.76 48.19 30.71
N PHE K 241 -59.77 48.29 29.84
CA PHE K 241 -60.78 47.25 29.67
C PHE K 241 -60.75 46.58 28.31
N VAL K 242 -60.04 47.13 27.33
CA VAL K 242 -59.96 46.56 25.99
C VAL K 242 -58.52 46.63 25.50
N GLY K 243 -58.07 45.54 24.89
CA GLY K 243 -56.76 45.48 24.28
C GLY K 243 -56.68 46.39 23.07
N LYS K 244 -55.49 46.42 22.47
CA LYS K 244 -55.23 47.30 21.33
C LYS K 244 -54.39 46.59 20.26
N GLU K 245 -54.55 45.28 20.11
CA GLU K 245 -53.77 44.50 19.16
C GLU K 245 -54.69 43.61 18.33
N PRO K 246 -54.32 43.31 17.08
CA PRO K 246 -55.19 42.46 16.26
C PRO K 246 -55.36 41.08 16.86
N SER K 247 -56.59 40.57 16.78
CA SER K 247 -56.89 39.27 17.35
C SER K 247 -56.36 38.14 16.48
N GLY K 248 -56.45 38.28 15.17
CA GLY K 248 -56.19 37.19 14.25
C GLY K 248 -57.38 36.32 13.97
N LEU K 249 -58.45 36.45 14.76
CA LEU K 249 -59.70 35.74 14.54
C LEU K 249 -60.76 36.71 14.06
N ARG K 250 -61.70 36.18 13.29
CA ARG K 250 -62.73 37.02 12.68
C ARG K 250 -63.59 37.68 13.75
N TYR K 251 -64.34 38.71 13.33
CA TYR K 251 -65.23 39.41 14.25
C TYR K 251 -66.28 38.48 14.83
N ASN K 252 -66.67 37.45 14.07
CA ASN K 252 -67.64 36.48 14.57
C ASN K 252 -67.15 35.82 15.85
N ALA K 253 -65.85 35.55 15.93
CA ALA K 253 -65.31 34.78 17.04
C ALA K 253 -65.44 35.54 18.35
N LEU K 254 -65.47 34.78 19.45
CA LEU K 254 -65.52 35.33 20.80
C LEU K 254 -64.34 34.77 21.58
N SER K 255 -63.46 35.65 22.02
CA SER K 255 -62.25 35.25 22.74
C SER K 255 -61.57 36.49 23.29
N LEU K 256 -60.69 36.28 24.27
CA LEU K 256 -59.96 37.34 24.92
C LEU K 256 -58.47 37.03 24.91
N ASN K 257 -57.66 38.08 24.97
CA ASN K 257 -56.21 37.92 24.88
C ASN K 257 -55.69 37.23 26.15
N GLU K 258 -54.38 37.05 26.23
CA GLU K 258 -53.77 36.41 27.39
C GLU K 258 -54.03 37.19 28.68
N GLU K 259 -54.24 38.50 28.58
CA GLU K 259 -54.52 39.34 29.73
C GLU K 259 -55.98 39.29 30.15
N GLY K 260 -56.84 38.61 29.40
CA GLY K 260 -58.23 38.45 29.77
C GLY K 260 -59.16 39.56 29.33
N ILE K 261 -58.74 40.41 28.40
CA ILE K 261 -59.56 41.51 27.92
C ILE K 261 -59.66 41.38 26.40
N PRO K 262 -60.64 42.03 25.78
CA PRO K 262 -60.79 41.91 24.32
C PRO K 262 -59.53 42.37 23.59
N HIS K 263 -59.28 41.73 22.44
CA HIS K 263 -58.05 41.98 21.71
C HIS K 263 -57.96 43.43 21.24
N ASN K 264 -59.07 43.98 20.76
CA ASN K 264 -59.06 45.30 20.12
C ASN K 264 -60.47 45.83 20.09
N PRO K 265 -60.65 47.14 19.86
CA PRO K 265 -61.99 47.72 19.85
C PRO K 265 -62.81 47.45 18.60
N MET K 266 -62.22 46.88 17.54
CA MET K 266 -62.93 46.68 16.29
C MET K 266 -63.69 45.37 16.21
N VAL K 267 -63.22 44.32 16.87
CA VAL K 267 -63.97 43.06 16.91
C VAL K 267 -65.21 43.25 17.77
N ASN K 268 -66.15 42.31 17.68
CA ASN K 268 -67.42 42.46 18.39
C ASN K 268 -67.21 42.51 19.90
N ALA K 269 -66.27 41.71 20.42
CA ALA K 269 -66.03 41.70 21.86
C ALA K 269 -65.54 43.05 22.36
N GLY K 270 -64.94 43.86 21.49
CA GLY K 270 -64.48 45.17 21.88
C GLY K 270 -65.56 46.23 21.76
N ALA K 271 -66.31 46.20 20.66
CA ALA K 271 -67.34 47.20 20.45
C ALA K 271 -68.40 47.16 21.55
N ILE K 272 -68.63 45.99 22.13
CA ILE K 272 -69.60 45.90 23.23
C ILE K 272 -69.06 46.60 24.47
N VAL K 273 -67.77 46.42 24.76
CA VAL K 273 -67.20 47.00 25.97
C VAL K 273 -67.16 48.53 25.86
N VAL K 274 -66.66 49.05 24.74
CA VAL K 274 -66.51 50.49 24.59
C VAL K 274 -67.87 51.19 24.66
N SER K 275 -68.92 50.58 24.11
CA SER K 275 -70.24 51.15 24.21
C SER K 275 -70.76 51.22 25.64
N SER K 276 -70.20 50.42 26.55
CA SER K 276 -70.56 50.48 27.95
C SER K 276 -69.91 51.65 28.68
N LEU K 277 -68.85 52.24 28.12
CA LEU K 277 -68.17 53.35 28.76
C LEU K 277 -68.82 54.69 28.46
N ILE K 278 -69.85 54.73 27.62
CA ILE K 278 -70.46 55.99 27.19
C ILE K 278 -71.62 56.28 28.14
N LYS K 279 -71.40 57.21 29.07
CA LYS K 279 -72.43 57.69 29.98
C LYS K 279 -73.03 56.52 30.78
N MET K 280 -72.18 55.96 31.65
CA MET K 280 -72.48 54.71 32.33
C MET K 280 -73.82 54.76 33.05
N ASP K 281 -74.08 55.84 33.79
CA ASP K 281 -75.24 55.90 34.67
C ASP K 281 -76.49 56.48 34.02
N CYS K 282 -76.42 56.89 32.75
CA CYS K 282 -77.55 57.50 32.08
C CYS K 282 -78.49 56.42 31.54
N ASN K 283 -79.61 56.86 30.97
CA ASN K 283 -80.63 55.97 30.46
C ASN K 283 -80.42 55.70 28.97
N LYS K 284 -81.17 54.75 28.39
CA LYS K 284 -81.05 54.43 26.98
C LYS K 284 -81.38 55.62 26.07
N ALA K 285 -82.34 56.48 26.43
CA ALA K 285 -82.65 57.62 25.58
C ALA K 285 -81.48 58.60 25.53
N GLU K 286 -80.86 58.87 26.69
CA GLU K 286 -79.77 59.84 26.73
C GLU K 286 -78.50 59.30 26.09
N LYS K 287 -78.21 58.01 26.27
CA LYS K 287 -77.00 57.44 25.71
C LYS K 287 -77.01 57.51 24.19
N PHE K 288 -78.08 57.03 23.56
CA PHE K 288 -78.19 57.10 22.12
C PHE K 288 -78.23 58.55 21.64
N ASP K 289 -78.95 59.41 22.36
CA ASP K 289 -79.02 60.82 21.96
C ASP K 289 -77.65 61.47 22.03
N PHE K 290 -76.86 61.12 23.04
CA PHE K 290 -75.52 61.68 23.15
C PHE K 290 -74.66 61.30 21.95
N VAL K 291 -74.68 60.02 21.57
CA VAL K 291 -73.89 59.58 20.43
C VAL K 291 -74.49 60.11 19.13
N LEU K 292 -75.82 60.05 18.99
CA LEU K 292 -76.45 60.51 17.76
C LEU K 292 -76.20 62.00 17.53
N GLN K 293 -76.34 62.81 18.59
CA GLN K 293 -76.03 64.23 18.45
C GLN K 293 -74.57 64.45 18.12
N TYR K 294 -73.68 63.69 18.76
CA TYR K 294 -72.25 63.81 18.46
C TYR K 294 -71.95 63.37 17.04
N LEU K 295 -72.60 62.30 16.58
CA LEU K 295 -72.40 61.82 15.22
C LEU K 295 -72.84 62.86 14.20
N ASN K 296 -73.90 63.60 14.49
CA ASN K 296 -74.35 64.64 13.58
C ASN K 296 -73.27 65.70 13.40
N LYS K 297 -72.56 66.05 14.48
CA LYS K 297 -71.45 66.99 14.37
C LYS K 297 -70.35 66.43 13.49
N MET K 298 -70.15 65.11 13.52
CA MET K 298 -69.10 64.50 12.70
C MET K 298 -69.37 64.72 11.23
N ALA K 299 -70.62 64.56 10.80
CA ALA K 299 -71.02 64.73 9.42
C ALA K 299 -71.50 66.14 9.11
N GLY K 300 -71.46 67.05 10.08
CA GLY K 300 -71.93 68.41 9.86
C GLY K 300 -73.42 68.51 9.60
N ASN K 301 -74.23 67.77 10.37
CA ASN K 301 -75.68 67.81 10.25
C ASN K 301 -76.13 67.43 8.84
N GLU K 302 -75.47 66.44 8.27
CA GLU K 302 -75.88 65.84 7.01
C GLU K 302 -76.91 64.75 7.31
N TYR K 303 -77.24 63.93 6.31
CA TYR K 303 -78.24 62.88 6.51
C TYR K 303 -77.80 61.93 7.61
N MET K 304 -78.66 61.74 8.60
CA MET K 304 -78.37 60.84 9.72
C MET K 304 -79.71 60.35 10.28
N GLY K 305 -80.09 59.15 9.89
CA GLY K 305 -81.34 58.55 10.31
C GLY K 305 -81.13 57.41 11.31
N PHE K 306 -82.09 56.48 11.30
CA PHE K 306 -82.01 55.31 12.17
C PHE K 306 -82.93 54.24 11.57
N SER K 307 -82.36 53.12 11.16
CA SER K 307 -83.14 52.03 10.58
C SER K 307 -83.86 51.29 11.70
N ASN K 308 -85.11 51.66 11.93
CA ASN K 308 -85.90 50.98 12.96
C ASN K 308 -86.08 49.51 12.64
N ALA K 309 -86.31 49.18 11.35
CA ALA K 309 -86.47 47.78 10.97
C ALA K 309 -85.20 46.99 11.21
N THR K 310 -84.04 47.57 10.89
CA THR K 310 -82.79 46.85 11.06
C THR K 310 -82.47 46.64 12.53
N PHE K 311 -82.83 47.59 13.39
CA PHE K 311 -82.58 47.44 14.81
C PHE K 311 -83.31 46.23 15.37
N GLN K 312 -84.59 46.05 14.99
CA GLN K 312 -85.33 44.88 15.44
C GLN K 312 -84.82 43.62 14.79
N SER K 313 -84.39 43.70 13.52
CA SER K 313 -83.87 42.52 12.84
C SER K 313 -82.59 42.01 13.50
N GLU K 314 -81.72 42.93 13.92
CA GLU K 314 -80.46 42.56 14.54
C GLU K 314 -80.63 42.14 16.00
N LYS K 315 -81.57 42.77 16.72
CA LYS K 315 -81.73 42.46 18.13
C LYS K 315 -82.11 41.00 18.35
N GLU K 316 -83.08 40.51 17.59
CA GLU K 316 -83.54 39.14 17.78
C GLU K 316 -82.57 38.11 17.22
N THR K 317 -82.02 38.36 16.02
CA THR K 317 -81.21 37.37 15.33
C THR K 317 -79.71 37.52 15.56
N GLY K 318 -79.27 38.56 16.27
CA GLY K 318 -77.86 38.70 16.59
C GLY K 318 -77.46 37.78 17.72
N ASP K 319 -77.59 36.47 17.51
CA ASP K 319 -77.40 35.52 18.60
C ASP K 319 -75.96 35.47 19.08
N ARG K 320 -74.99 35.59 18.18
CA ARG K 320 -73.60 35.53 18.60
C ARG K 320 -73.26 36.68 19.53
N ASN K 321 -73.74 37.90 19.23
CA ASN K 321 -73.40 39.05 20.04
C ASN K 321 -73.87 38.87 21.47
N TYR K 322 -74.98 38.16 21.67
CA TYR K 322 -75.45 37.88 23.02
C TYR K 322 -74.52 36.92 23.74
N ALA K 323 -73.95 35.95 23.00
CA ALA K 323 -72.96 35.06 23.60
C ALA K 323 -71.71 35.83 24.00
N ILE K 324 -71.26 36.76 23.14
CA ILE K 324 -70.09 37.57 23.45
C ILE K 324 -70.36 38.44 24.67
N GLY K 325 -71.54 39.06 24.72
CA GLY K 325 -71.85 39.93 25.85
C GLY K 325 -71.88 39.18 27.17
N TYR K 326 -72.46 37.97 27.17
CA TYR K 326 -72.55 37.20 28.40
C TYR K 326 -71.19 36.62 28.78
N TYR K 327 -70.38 36.26 27.80
CA TYR K 327 -69.04 35.76 28.09
C TYR K 327 -68.18 36.85 28.73
N LEU K 328 -68.34 38.09 28.27
CA LEU K 328 -67.53 39.19 28.80
C LEU K 328 -67.84 39.44 30.27
N LYS K 329 -69.12 39.58 30.63
CA LYS K 329 -69.46 39.85 32.02
C LYS K 329 -69.13 38.67 32.92
N GLU K 330 -69.12 37.46 32.38
CA GLU K 330 -68.64 36.31 33.15
C GLU K 330 -67.18 36.48 33.54
N LYS K 331 -66.41 37.20 32.74
CA LYS K 331 -65.00 37.45 33.00
C LYS K 331 -64.72 38.82 33.61
N LYS K 332 -65.76 39.53 34.05
CA LYS K 332 -65.62 40.83 34.72
C LYS K 332 -64.91 41.84 33.82
N CYS K 333 -65.14 41.77 32.51
CA CYS K 333 -64.50 42.71 31.59
C CYS K 333 -65.13 44.09 31.67
N PHE K 334 -66.40 44.18 32.07
CA PHE K 334 -67.10 45.45 32.09
C PHE K 334 -66.70 46.28 33.30
N PRO K 335 -66.92 47.59 33.26
CA PRO K 335 -66.69 48.41 34.46
C PRO K 335 -67.59 47.99 35.62
N LYS K 336 -67.35 48.62 36.76
CA LYS K 336 -68.14 48.34 37.95
C LYS K 336 -69.56 48.88 37.81
N GLY K 337 -70.53 48.10 38.26
CA GLY K 337 -71.90 48.55 38.36
C GLY K 337 -72.51 49.01 37.04
N VAL K 338 -72.33 48.23 35.99
CA VAL K 338 -72.87 48.54 34.67
C VAL K 338 -73.62 47.32 34.15
N ASP K 339 -74.70 47.59 33.41
CA ASP K 339 -75.54 46.53 32.86
C ASP K 339 -75.03 46.15 31.47
N MET K 340 -74.69 44.88 31.29
CA MET K 340 -74.24 44.41 29.99
C MET K 340 -75.34 44.52 28.96
N MET K 341 -76.59 44.23 29.35
CA MET K 341 -77.69 44.26 28.40
C MET K 341 -77.87 45.64 27.79
N ALA K 342 -77.77 46.69 28.60
CA ALA K 342 -77.88 48.05 28.06
C ALA K 342 -76.75 48.33 27.08
N ALA K 343 -75.52 47.95 27.43
CA ALA K 343 -74.40 48.16 26.53
C ALA K 343 -74.56 47.37 25.24
N LEU K 344 -74.96 46.10 25.36
CA LEU K 344 -75.22 45.29 24.17
C LEU K 344 -76.37 45.86 23.36
N ASP K 345 -77.42 46.33 24.04
CA ASP K 345 -78.52 47.01 23.35
C ASP K 345 -78.02 48.27 22.67
N LEU K 346 -77.14 49.01 23.34
CA LEU K 346 -76.58 50.22 22.74
C LEU K 346 -75.77 49.87 21.49
N TYR K 347 -75.06 48.75 21.52
CA TYR K 347 -74.27 48.34 20.35
C TYR K 347 -75.15 48.11 19.14
N PHE K 348 -76.29 47.45 19.33
CA PHE K 348 -77.21 47.22 18.22
C PHE K 348 -77.75 48.54 17.69
N GLN K 349 -78.05 49.49 18.58
CA GLN K 349 -78.60 50.77 18.14
C GLN K 349 -77.62 51.50 17.22
N LEU K 350 -76.34 51.53 17.59
CA LEU K 350 -75.35 52.18 16.75
C LEU K 350 -75.16 51.43 15.45
N CYS K 351 -75.25 50.09 15.49
CA CYS K 351 -75.15 49.31 14.26
C CYS K 351 -76.27 49.64 13.28
N SER K 352 -77.41 50.09 13.79
CA SER K 352 -78.58 50.36 12.97
C SER K 352 -78.69 51.82 12.55
N VAL K 353 -77.69 52.66 12.85
CA VAL K 353 -77.75 54.06 12.45
C VAL K 353 -77.79 54.14 10.92
N GLU K 354 -78.73 54.92 10.40
CA GLU K 354 -79.00 54.99 8.98
C GLU K 354 -78.38 56.25 8.40
N VAL K 355 -77.54 56.09 7.38
CA VAL K 355 -76.89 57.19 6.68
C VAL K 355 -76.79 56.84 5.21
N THR K 356 -76.24 57.77 4.43
CA THR K 356 -76.04 57.60 2.99
C THR K 356 -74.58 57.87 2.65
N CYS K 357 -74.20 57.48 1.43
CA CYS K 357 -72.81 57.61 1.01
C CYS K 357 -72.37 59.07 0.99
N GLU K 358 -73.25 59.97 0.53
CA GLU K 358 -72.92 61.38 0.53
C GLU K 358 -72.58 61.87 1.94
N SER K 359 -73.41 61.50 2.92
CA SER K 359 -73.07 61.79 4.30
C SER K 359 -71.89 60.95 4.76
N GLY K 360 -71.76 59.73 4.24
CA GLY K 360 -70.68 58.85 4.64
C GLY K 360 -69.31 59.42 4.34
N SER K 361 -69.15 60.07 3.19
CA SER K 361 -67.86 60.66 2.85
C SER K 361 -67.46 61.73 3.86
N VAL K 362 -68.42 62.55 4.28
CA VAL K 362 -68.12 63.57 5.28
C VAL K 362 -67.70 62.92 6.59
N MET K 363 -68.32 61.79 6.92
CA MET K 363 -67.93 61.06 8.14
C MET K 363 -66.47 60.63 8.06
N ALA K 364 -66.09 59.95 6.97
CA ALA K 364 -64.71 59.52 6.82
C ALA K 364 -63.77 60.72 6.70
N ALA K 365 -64.17 61.73 5.93
CA ALA K 365 -63.32 62.92 5.78
C ALA K 365 -63.08 63.62 7.10
N THR K 366 -64.02 63.48 8.06
CA THR K 366 -63.80 64.06 9.38
C THR K 366 -62.57 63.44 10.04
N LEU K 367 -62.42 62.12 9.92
CA LEU K 367 -61.27 61.44 10.51
C LEU K 367 -59.98 61.85 9.83
N ALA K 368 -60.03 62.30 8.58
CA ALA K 368 -58.82 62.67 7.87
C ALA K 368 -58.13 63.86 8.53
N ASN K 369 -58.89 64.92 8.81
CA ASN K 369 -58.33 66.17 9.33
C ASN K 369 -58.47 66.21 10.85
N GLY K 370 -57.73 65.31 11.50
CA GLY K 370 -57.64 65.30 12.95
C GLY K 370 -58.95 65.40 13.70
N GLY K 371 -60.03 64.92 13.10
CA GLY K 371 -61.32 64.96 13.74
C GLY K 371 -61.90 66.35 13.91
N ILE K 372 -61.69 67.23 12.93
CA ILE K 372 -62.37 68.53 12.86
C ILE K 372 -63.16 68.56 11.57
N CYS K 373 -64.42 68.96 11.66
CA CYS K 373 -65.33 68.84 10.53
C CYS K 373 -64.83 69.71 9.37
N PRO K 374 -64.74 69.18 8.15
CA PRO K 374 -64.19 69.99 7.05
C PRO K 374 -65.18 71.02 6.52
N ILE K 375 -66.49 70.78 6.67
CA ILE K 375 -67.49 71.68 6.10
C ILE K 375 -67.99 72.72 7.09
N THR K 376 -67.86 72.47 8.40
CA THR K 376 -68.22 73.45 9.42
C THR K 376 -67.04 73.94 10.23
N GLY K 377 -65.99 73.15 10.39
CA GLY K 377 -64.82 73.55 11.13
C GLY K 377 -64.94 73.45 12.64
N GLU K 378 -66.07 72.97 13.15
CA GLU K 378 -66.24 72.84 14.58
C GLU K 378 -65.29 71.78 15.14
N SER K 379 -64.71 72.08 16.30
CA SER K 379 -63.79 71.14 16.96
C SER K 379 -64.61 69.97 17.49
N VAL K 380 -64.67 68.91 16.69
CA VAL K 380 -65.51 67.76 17.02
C VAL K 380 -64.76 66.81 17.94
N LEU K 381 -63.56 66.41 17.56
CA LEU K 381 -62.80 65.38 18.26
C LEU K 381 -61.39 65.88 18.53
N SER K 382 -60.79 65.30 19.57
CA SER K 382 -59.40 65.59 19.90
C SER K 382 -58.47 64.92 18.88
N ALA K 383 -57.31 65.54 18.68
CA ALA K 383 -56.36 65.02 17.70
C ALA K 383 -55.86 63.63 18.10
N GLU K 384 -55.57 63.43 19.39
CA GLU K 384 -55.06 62.14 19.83
C GLU K 384 -56.09 61.03 19.62
N ALA K 385 -57.37 61.34 19.73
CA ALA K 385 -58.40 60.33 19.53
C ALA K 385 -58.36 59.77 18.11
N VAL K 386 -58.19 60.65 17.13
CA VAL K 386 -58.05 60.21 15.75
C VAL K 386 -56.72 59.49 15.55
N ARG K 387 -55.66 59.97 16.21
CA ARG K 387 -54.37 59.29 16.12
C ARG K 387 -54.46 57.86 16.64
N ASN K 388 -55.18 57.68 17.75
CA ASN K 388 -55.41 56.33 18.25
C ASN K 388 -56.38 55.56 17.36
N THR K 389 -57.42 56.24 16.88
CA THR K 389 -58.44 55.55 16.09
C THR K 389 -57.88 55.11 14.74
N LEU K 390 -57.16 55.99 14.04
CA LEU K 390 -56.59 55.63 12.75
C LEU K 390 -55.58 54.50 12.90
N SER K 391 -54.72 54.57 13.92
CA SER K 391 -53.71 53.53 14.10
C SER K 391 -54.35 52.17 14.33
N LEU K 392 -55.52 52.13 14.96
CA LEU K 392 -56.24 50.89 15.19
C LEU K 392 -57.06 50.47 13.97
N MET K 393 -57.54 51.43 13.18
CA MET K 393 -58.28 51.10 11.98
C MET K 393 -57.39 50.42 10.96
N HIS K 394 -56.11 50.81 10.88
CA HIS K 394 -55.21 50.24 9.90
C HIS K 394 -55.01 48.75 10.12
N SER K 395 -54.81 48.34 11.37
CA SER K 395 -54.49 46.95 11.69
C SER K 395 -55.71 46.11 12.00
N CYS K 396 -56.82 46.73 12.40
CA CYS K 396 -57.99 46.01 12.90
C CYS K 396 -59.30 46.41 12.21
N GLY K 397 -59.26 47.37 11.28
CA GLY K 397 -60.49 47.85 10.67
C GLY K 397 -61.22 46.80 9.85
N MET K 398 -60.48 45.89 9.20
CA MET K 398 -61.07 44.91 8.30
C MET K 398 -60.98 43.48 8.86
N TYR K 399 -60.72 43.35 10.16
CA TYR K 399 -60.68 42.05 10.84
C TYR K 399 -59.58 41.21 10.18
N ASP K 400 -59.88 39.99 9.71
CA ASP K 400 -58.84 39.15 9.12
C ASP K 400 -58.26 39.74 7.84
N PHE K 401 -59.01 40.62 7.17
CA PHE K 401 -58.56 41.21 5.92
C PHE K 401 -57.85 42.56 6.12
N SER K 402 -57.47 42.88 7.36
CA SER K 402 -56.61 44.05 7.57
C SER K 402 -55.30 43.87 6.82
N GLY K 403 -54.70 42.69 6.90
CA GLY K 403 -53.73 42.28 5.91
C GLY K 403 -54.41 41.94 4.60
N GLN K 404 -53.63 42.03 3.52
CA GLN K 404 -54.12 41.91 2.14
C GLN K 404 -54.85 43.17 1.71
N PHE K 405 -55.04 44.12 2.62
CA PHE K 405 -55.58 45.44 2.32
C PHE K 405 -54.61 46.55 2.69
N ALA K 406 -54.06 46.52 3.91
CA ALA K 406 -52.91 47.36 4.21
C ALA K 406 -51.73 46.99 3.33
N PHE K 407 -51.63 45.71 2.95
CA PHE K 407 -50.59 45.28 2.03
C PHE K 407 -50.84 45.81 0.62
N HIS K 408 -52.07 45.67 0.12
CA HIS K 408 -52.39 46.03 -1.25
C HIS K 408 -52.86 47.46 -1.40
N VAL K 409 -53.65 47.98 -0.46
CA VAL K 409 -54.17 49.34 -0.52
C VAL K 409 -53.34 50.30 0.32
N GLY K 410 -53.02 49.90 1.55
CA GLY K 410 -52.19 50.71 2.41
C GLY K 410 -52.88 51.91 3.03
N LEU K 411 -54.18 51.84 3.29
CA LEU K 411 -54.93 52.91 3.92
C LEU K 411 -55.79 52.36 5.06
N PRO K 412 -56.12 53.19 6.06
CA PRO K 412 -57.08 52.73 7.07
C PRO K 412 -58.50 52.66 6.53
N ALA K 413 -59.09 51.46 6.54
CA ALA K 413 -60.44 51.25 6.05
C ALA K 413 -61.21 50.40 7.04
N LYS K 414 -62.45 50.77 7.30
CA LYS K 414 -63.34 50.05 8.20
C LYS K 414 -64.49 49.47 7.38
N SER K 415 -64.54 48.16 7.29
CA SER K 415 -65.55 47.48 6.48
C SER K 415 -66.82 47.24 7.29
N ALA K 416 -67.86 46.77 6.60
CA ALA K 416 -69.12 46.40 7.23
C ALA K 416 -69.86 45.45 6.30
N VAL K 417 -70.78 44.68 6.89
CA VAL K 417 -71.59 43.74 6.11
C VAL K 417 -72.60 44.44 5.22
N SER K 418 -72.85 45.72 5.43
CA SER K 418 -73.75 46.48 4.57
C SER K 418 -73.08 46.94 3.27
N GLY K 419 -71.79 46.64 3.09
CA GLY K 419 -71.05 47.08 1.93
C GLY K 419 -70.24 48.35 2.15
N ALA K 420 -70.47 49.07 3.24
CA ALA K 420 -69.73 50.29 3.50
C ALA K 420 -68.27 49.98 3.78
N ILE K 421 -67.39 50.87 3.32
CA ILE K 421 -65.95 50.78 3.57
C ILE K 421 -65.50 52.19 3.92
N LEU K 422 -65.37 52.49 5.21
CA LEU K 422 -65.02 53.83 5.66
C LEU K 422 -63.54 54.09 5.38
N LEU K 423 -63.19 54.24 4.11
CA LEU K 423 -61.81 54.52 3.73
C LEU K 423 -61.44 55.93 4.14
N VAL K 424 -60.22 56.09 4.66
CA VAL K 424 -59.71 57.38 5.10
C VAL K 424 -58.31 57.56 4.54
N VAL K 425 -58.06 58.72 3.93
CA VAL K 425 -56.73 59.12 3.48
C VAL K 425 -56.29 60.28 4.37
N PRO K 426 -55.28 60.10 5.23
CA PRO K 426 -55.00 61.15 6.23
C PRO K 426 -54.54 62.44 5.57
N ASN K 427 -55.01 63.55 6.13
CA ASN K 427 -54.68 64.91 5.72
C ASN K 427 -55.21 65.28 4.33
N VAL K 428 -55.90 64.38 3.64
CA VAL K 428 -56.31 64.62 2.26
C VAL K 428 -57.82 64.49 2.11
N MET K 429 -58.36 63.31 2.37
CA MET K 429 -59.76 63.06 2.08
C MET K 429 -60.22 61.78 2.76
N GLY K 430 -61.54 61.61 2.78
CA GLY K 430 -62.15 60.34 3.15
C GLY K 430 -63.25 60.00 2.17
N MET K 431 -63.66 58.74 2.18
CA MET K 431 -64.64 58.28 1.22
C MET K 431 -65.24 56.95 1.68
N MET K 432 -66.38 56.62 1.08
CA MET K 432 -67.06 55.35 1.33
C MET K 432 -67.48 54.74 0.00
N CYS K 433 -67.45 53.40 -0.06
CA CYS K 433 -67.91 52.64 -1.20
C CYS K 433 -69.00 51.68 -0.74
N LEU K 434 -70.05 51.56 -1.55
CA LEU K 434 -71.22 50.76 -1.21
C LEU K 434 -71.37 49.61 -2.19
N SER K 435 -71.33 48.39 -1.67
CA SER K 435 -71.58 47.18 -2.46
C SER K 435 -72.04 46.08 -1.53
N PRO K 436 -73.34 45.77 -1.47
CA PRO K 436 -73.82 44.72 -0.56
C PRO K 436 -73.13 43.38 -0.79
N PRO K 437 -72.73 43.04 -2.01
CA PRO K 437 -71.93 41.81 -2.18
C PRO K 437 -70.68 41.82 -1.30
N LEU K 438 -70.41 40.68 -0.67
CA LEU K 438 -69.31 40.52 0.26
C LEU K 438 -68.40 39.38 -0.21
N ASP K 439 -67.34 39.16 0.56
CA ASP K 439 -66.40 38.08 0.33
C ASP K 439 -66.49 37.08 1.48
N LYS K 440 -65.63 36.06 1.46
CA LYS K 440 -65.64 35.05 2.50
C LYS K 440 -65.34 35.66 3.87
N LEU K 441 -64.42 36.63 3.91
CA LEU K 441 -63.98 37.21 5.17
C LEU K 441 -64.85 38.39 5.58
N GLY K 442 -66.08 38.44 5.10
CA GLY K 442 -67.00 39.50 5.47
C GLY K 442 -66.57 40.87 5.00
N ASN K 443 -66.09 40.98 3.75
CA ASN K 443 -65.62 42.23 3.19
C ASN K 443 -66.19 42.42 1.79
N SER K 444 -66.51 43.66 1.45
CA SER K 444 -67.08 43.97 0.15
C SER K 444 -66.10 43.62 -0.96
N HIS K 445 -66.62 43.01 -2.03
CA HIS K 445 -65.78 42.59 -3.15
C HIS K 445 -65.53 43.74 -4.13
N ARG K 446 -66.60 44.45 -4.54
CA ARG K 446 -66.41 45.57 -5.45
C ARG K 446 -65.57 46.67 -4.80
N GLY K 447 -65.86 47.00 -3.54
CA GLY K 447 -65.14 48.07 -2.88
C GLY K 447 -63.69 47.75 -2.64
N THR K 448 -63.40 46.54 -2.15
CA THR K 448 -62.01 46.20 -1.85
C THR K 448 -61.17 46.15 -3.12
N SER K 449 -61.76 45.70 -4.23
CA SER K 449 -61.07 45.77 -5.50
C SER K 449 -60.94 47.22 -5.97
N PHE K 450 -61.96 48.04 -5.68
CA PHE K 450 -61.94 49.43 -6.13
C PHE K 450 -60.82 50.20 -5.44
N CYS K 451 -60.64 49.99 -4.14
CA CYS K 451 -59.63 50.74 -3.40
C CYS K 451 -58.22 50.39 -3.88
N GLN K 452 -58.00 49.13 -4.26
CA GLN K 452 -56.69 48.73 -4.75
C GLN K 452 -56.30 49.52 -5.99
N LYS K 453 -57.22 49.62 -6.95
CA LYS K 453 -56.93 50.34 -8.20
C LYS K 453 -56.82 51.83 -7.97
N LEU K 454 -57.63 52.37 -7.05
CA LEU K 454 -57.61 53.82 -6.80
C LEU K 454 -56.24 54.27 -6.31
N VAL K 455 -55.73 53.61 -5.26
CA VAL K 455 -54.48 54.06 -4.66
C VAL K 455 -53.29 53.78 -5.58
N SER K 456 -53.32 52.67 -6.31
CA SER K 456 -52.20 52.35 -7.20
C SER K 456 -52.00 53.44 -8.24
N LEU K 457 -53.09 54.09 -8.66
CA LEU K 457 -53.00 55.15 -9.65
C LEU K 457 -52.50 56.46 -9.03
N PHE K 458 -52.90 56.75 -7.79
CA PHE K 458 -52.77 58.08 -7.21
C PHE K 458 -51.81 58.14 -6.02
N ASN K 459 -50.93 57.14 -5.87
CA ASN K 459 -49.77 57.22 -4.99
C ASN K 459 -50.14 57.24 -3.50
N PHE K 460 -51.43 57.12 -3.16
CA PHE K 460 -51.88 57.31 -1.79
C PHE K 460 -51.44 56.21 -0.82
N HIS K 461 -50.65 55.22 -1.26
CA HIS K 461 -50.22 54.18 -0.36
C HIS K 461 -49.34 54.75 0.74
N ASN K 462 -49.38 54.12 1.91
CA ASN K 462 -48.65 54.64 3.07
C ASN K 462 -47.14 54.55 2.89
N TYR K 463 -46.65 53.75 1.95
CA TYR K 463 -45.22 53.53 1.75
C TYR K 463 -44.85 53.70 0.29
N ASP K 464 -45.51 54.63 -0.40
CA ASP K 464 -45.13 54.98 -1.77
C ASP K 464 -44.05 56.06 -1.67
N ASN K 465 -42.80 55.64 -1.86
CA ASN K 465 -41.69 56.59 -1.81
C ASN K 465 -41.86 57.66 -2.87
N LEU K 466 -41.79 58.92 -2.46
CA LEU K 466 -42.00 60.04 -3.36
C LEU K 466 -40.69 60.40 -4.06
N ARG K 467 -40.70 61.56 -4.73
CA ARG K 467 -39.53 62.16 -5.37
C ARG K 467 -39.04 61.34 -6.55
N HIS K 468 -39.80 60.31 -6.96
CA HIS K 468 -39.45 59.50 -8.13
C HIS K 468 -40.66 59.15 -8.98
N CYS K 469 -41.76 59.89 -8.84
CA CYS K 469 -42.93 59.63 -9.67
C CYS K 469 -42.61 59.90 -11.14
N ALA K 470 -42.00 61.06 -11.42
CA ALA K 470 -41.56 61.40 -12.76
C ALA K 470 -42.71 61.37 -13.76
N ARG K 471 -42.88 60.25 -14.47
CA ARG K 471 -43.91 60.14 -15.50
C ARG K 471 -45.31 60.00 -14.94
N LYS K 472 -45.45 59.73 -13.64
CA LYS K 472 -46.75 59.62 -13.00
C LYS K 472 -47.19 60.99 -12.52
N LEU K 473 -48.50 61.22 -12.51
CA LEU K 473 -49.05 62.55 -12.24
C LEU K 473 -48.66 63.04 -10.84
N ASP K 474 -48.22 64.29 -10.79
CA ASP K 474 -47.94 65.00 -9.53
C ASP K 474 -48.65 66.34 -9.58
N PRO K 475 -49.69 66.56 -8.77
CA PRO K 475 -50.49 67.78 -8.96
C PRO K 475 -49.82 69.05 -8.45
N ARG K 476 -48.89 68.95 -7.50
CA ARG K 476 -48.27 70.16 -6.97
C ARG K 476 -47.41 70.86 -8.02
N ARG K 477 -46.74 70.10 -8.88
CA ARG K 477 -46.02 70.69 -9.99
C ARG K 477 -46.99 71.29 -11.01
N LEU L 69 -94.49 -32.19 50.41
CA LEU L 69 -95.77 -32.30 51.15
C LEU L 69 -95.81 -31.30 52.30
N SER L 70 -94.76 -31.30 53.11
CA SER L 70 -94.66 -30.37 54.22
C SER L 70 -94.28 -28.98 53.74
N ARG L 71 -94.51 -27.99 54.59
CA ARG L 71 -94.24 -26.59 54.29
C ARG L 71 -92.95 -26.16 54.98
N LEU L 72 -92.12 -25.40 54.25
CA LEU L 72 -90.80 -25.06 54.75
C LEU L 72 -90.84 -24.12 55.95
N GLY L 73 -91.98 -23.46 56.17
CA GLY L 73 -92.07 -22.50 57.27
C GLY L 73 -91.85 -23.12 58.62
N ASP L 74 -92.26 -24.39 58.79
CA ASP L 74 -92.14 -25.04 60.09
C ASP L 74 -90.69 -25.12 60.53
N LEU L 75 -89.78 -25.52 59.62
CA LEU L 75 -88.37 -25.56 59.96
C LEU L 75 -87.81 -24.17 60.17
N LEU L 76 -88.31 -23.19 59.42
CA LEU L 76 -87.79 -21.83 59.51
C LEU L 76 -88.07 -21.21 60.88
N PHE L 77 -89.18 -21.61 61.52
CA PHE L 77 -89.59 -20.96 62.76
C PHE L 77 -88.57 -21.20 63.87
N TYR L 78 -87.99 -22.41 63.94
CA TYR L 78 -87.06 -22.71 65.01
C TYR L 78 -85.85 -21.79 64.97
N THR L 79 -85.38 -21.47 63.77
CA THR L 79 -84.24 -20.56 63.64
C THR L 79 -84.59 -19.17 64.16
N ILE L 80 -85.82 -18.71 63.89
CA ILE L 80 -86.21 -17.35 64.28
C ILE L 80 -86.19 -17.20 65.79
N ALA L 81 -86.75 -18.18 66.51
CA ALA L 81 -86.86 -18.11 67.96
C ALA L 81 -85.65 -18.66 68.69
N GLU L 82 -84.70 -19.27 67.96
CA GLU L 82 -83.49 -19.89 68.50
C GLU L 82 -83.74 -20.62 69.83
N GLY L 83 -84.85 -21.36 69.90
CA GLY L 83 -85.23 -22.10 71.08
C GLY L 83 -86.15 -21.37 72.03
N GLN L 84 -86.38 -20.08 71.82
CA GLN L 84 -87.30 -19.34 72.68
C GLN L 84 -88.72 -19.85 72.51
N GLU L 85 -89.43 -19.99 73.63
CA GLU L 85 -90.76 -20.57 73.59
C GLU L 85 -91.72 -19.71 72.78
N ARG L 86 -91.67 -18.39 72.97
CA ARG L 86 -92.56 -17.46 72.28
C ARG L 86 -91.82 -16.15 72.00
N ILE L 87 -92.34 -15.41 71.03
CA ILE L 87 -91.71 -14.19 70.54
C ILE L 87 -92.51 -13.00 71.09
N PRO L 88 -91.97 -12.23 72.04
CA PRO L 88 -92.64 -10.99 72.44
C PRO L 88 -92.38 -9.88 71.45
N ILE L 89 -93.15 -8.79 71.61
CA ILE L 89 -93.06 -7.66 70.69
C ILE L 89 -91.69 -7.00 70.78
N HIS L 90 -91.19 -6.79 72.00
CA HIS L 90 -89.97 -6.00 72.17
C HIS L 90 -88.77 -6.68 71.53
N LYS L 91 -88.69 -8.01 71.62
CA LYS L 91 -87.64 -8.72 70.89
C LYS L 91 -87.82 -8.58 69.39
N PHE L 92 -89.07 -8.67 68.91
CA PHE L 92 -89.34 -8.58 67.48
C PHE L 92 -88.95 -7.22 66.93
N THR L 93 -89.28 -6.14 67.65
CA THR L 93 -89.00 -4.80 67.14
C THR L 93 -87.50 -4.54 67.04
N THR L 94 -86.76 -4.82 68.11
CA THR L 94 -85.32 -4.52 68.11
C THR L 94 -84.53 -5.48 67.23
N ALA L 95 -84.94 -6.75 67.14
CA ALA L 95 -84.16 -7.70 66.35
C ALA L 95 -84.35 -7.50 64.86
N LEU L 96 -85.58 -7.19 64.43
CA LEU L 96 -85.86 -7.07 63.00
C LEU L 96 -85.19 -5.84 62.39
N LYS L 97 -84.77 -4.87 63.23
CA LYS L 97 -84.14 -3.66 62.70
C LYS L 97 -82.84 -3.99 61.98
N ALA L 98 -82.09 -4.96 62.50
CA ALA L 98 -80.79 -5.30 61.93
C ALA L 98 -80.94 -5.84 60.51
N THR L 99 -79.79 -6.11 59.89
CA THR L 99 -79.67 -6.68 58.55
C THR L 99 -79.96 -5.66 57.45
N GLY L 100 -79.94 -4.37 57.76
CA GLY L 100 -80.02 -3.31 56.77
C GLY L 100 -81.43 -2.91 56.41
N LEU L 101 -82.36 -3.85 56.35
CA LEU L 101 -83.72 -3.54 55.96
C LEU L 101 -84.37 -2.57 56.94
N GLN L 102 -85.09 -1.59 56.41
CA GLN L 102 -85.68 -0.52 57.20
C GLN L 102 -87.18 -0.76 57.40
N THR L 103 -87.70 -0.20 58.50
CA THR L 103 -89.11 -0.36 58.81
C THR L 103 -90.00 0.51 57.94
N SER L 104 -89.42 1.53 57.29
CA SER L 104 -90.19 2.48 56.48
C SER L 104 -90.26 2.09 55.01
N ASP L 105 -90.20 0.80 54.71
CA ASP L 105 -90.30 0.37 53.32
C ASP L 105 -91.69 0.69 52.78
N PRO L 106 -91.81 1.39 51.64
CA PRO L 106 -93.16 1.65 51.09
C PRO L 106 -93.93 0.39 50.75
N ARG L 107 -93.25 -0.72 50.46
CA ARG L 107 -93.93 -1.94 50.05
C ARG L 107 -94.72 -2.59 51.17
N LEU L 108 -94.50 -2.19 52.43
CA LEU L 108 -95.13 -2.84 53.58
C LEU L 108 -96.17 -1.94 54.26
N ARG L 109 -96.59 -0.87 53.60
CA ARG L 109 -97.64 -0.02 54.17
C ARG L 109 -98.94 -0.80 54.33
N ASP L 110 -99.30 -1.60 53.32
CA ASP L 110 -100.51 -2.40 53.42
C ASP L 110 -100.39 -3.45 54.52
N CYS L 111 -99.20 -4.05 54.67
CA CYS L 111 -99.02 -5.09 55.68
C CYS L 111 -99.24 -4.55 57.08
N MET L 112 -98.68 -3.37 57.38
CA MET L 112 -98.81 -2.81 58.72
C MET L 112 -100.26 -2.51 59.06
N SER L 113 -101.01 -1.97 58.09
CA SER L 113 -102.39 -1.60 58.37
C SER L 113 -103.26 -2.83 58.61
N GLU L 114 -102.88 -3.98 58.05
CA GLU L 114 -103.75 -5.15 58.08
C GLU L 114 -103.91 -5.69 59.51
N MET L 115 -102.81 -5.90 60.22
CA MET L 115 -102.89 -6.55 61.52
C MET L 115 -103.21 -5.57 62.66
N HIS L 116 -103.16 -4.27 62.41
CA HIS L 116 -103.53 -3.31 63.44
C HIS L 116 -105.00 -3.45 63.81
N ARG L 117 -105.85 -3.71 62.81
CA ARG L 117 -107.27 -3.96 63.10
C ARG L 117 -107.46 -5.33 63.74
N VAL L 118 -106.72 -6.34 63.27
CA VAL L 118 -106.94 -7.70 63.72
C VAL L 118 -106.57 -7.86 65.20
N VAL L 119 -105.54 -7.14 65.65
CA VAL L 119 -105.02 -7.35 67.00
C VAL L 119 -106.05 -7.03 68.08
N GLN L 120 -107.07 -6.24 67.75
CA GLN L 120 -108.13 -5.88 68.68
C GLN L 120 -109.40 -6.70 68.47
N GLU L 121 -109.26 -7.96 68.07
CA GLU L 121 -110.40 -8.84 67.81
C GLU L 121 -110.63 -9.83 68.96
N SER L 122 -109.62 -10.59 69.35
CA SER L 122 -109.75 -11.62 70.36
C SER L 122 -109.30 -11.09 71.72
N SER L 123 -109.45 -11.92 72.75
CA SER L 123 -109.08 -11.59 74.12
C SER L 123 -107.72 -12.17 74.51
N SER L 124 -106.80 -12.25 73.57
CA SER L 124 -105.47 -12.80 73.82
C SER L 124 -104.54 -11.81 74.52
N GLY L 125 -104.95 -10.56 74.69
CA GLY L 125 -104.12 -9.58 75.35
C GLY L 125 -103.03 -9.02 74.46
N GLY L 126 -101.85 -8.80 75.02
CA GLY L 126 -100.73 -8.24 74.29
C GLY L 126 -99.88 -9.25 73.55
N LEU L 127 -100.29 -10.51 73.49
CA LEU L 127 -99.53 -11.56 72.82
C LEU L 127 -100.02 -11.73 71.38
N LEU L 128 -99.18 -12.38 70.58
CA LEU L 128 -99.46 -12.66 69.18
C LEU L 128 -99.37 -14.16 68.93
N ASP L 129 -100.23 -14.65 68.04
CA ASP L 129 -100.28 -16.06 67.72
C ASP L 129 -99.49 -16.36 66.45
N ARG L 130 -98.98 -17.59 66.37
CA ARG L 130 -98.18 -17.99 65.21
C ARG L 130 -99.01 -17.99 63.93
N ASP L 131 -100.28 -18.41 64.03
CA ASP L 131 -101.12 -18.49 62.84
C ASP L 131 -101.31 -17.12 62.20
N LEU L 132 -101.50 -16.09 63.02
CA LEU L 132 -101.61 -14.74 62.49
C LEU L 132 -100.32 -14.32 61.80
N PHE L 133 -99.17 -14.67 62.37
CA PHE L 133 -97.89 -14.33 61.77
C PHE L 133 -97.70 -15.01 60.43
N ARG L 134 -98.09 -16.29 60.32
CA ARG L 134 -97.90 -17.02 59.08
C ARG L 134 -98.76 -16.45 57.96
N LYS L 135 -100.01 -16.10 58.26
CA LYS L 135 -100.96 -15.73 57.21
C LYS L 135 -100.66 -14.37 56.61
N CYS L 136 -99.99 -13.48 57.33
CA CYS L 136 -99.73 -12.13 56.81
C CYS L 136 -98.41 -12.05 56.05
N VAL L 137 -97.42 -12.88 56.40
CA VAL L 137 -96.13 -12.85 55.71
C VAL L 137 -96.11 -13.69 54.45
N SER L 138 -97.13 -14.53 54.22
CA SER L 138 -97.15 -15.37 53.03
C SER L 138 -97.21 -14.56 51.74
N SER L 139 -97.71 -13.33 51.80
CA SER L 139 -97.79 -12.51 50.60
C SER L 139 -96.41 -12.18 50.03
N ASN L 140 -95.40 -12.07 50.91
CA ASN L 140 -94.03 -11.73 50.50
C ASN L 140 -93.06 -12.77 51.04
N ILE L 141 -93.44 -14.04 50.99
CA ILE L 141 -92.56 -15.11 51.47
C ILE L 141 -91.29 -15.16 50.63
N VAL L 142 -91.40 -14.94 49.32
CA VAL L 142 -90.22 -14.99 48.46
C VAL L 142 -89.25 -13.87 48.81
N LEU L 143 -89.78 -12.73 49.27
CA LEU L 143 -88.92 -11.60 49.63
C LEU L 143 -88.10 -11.92 50.87
N LEU L 144 -88.74 -12.44 51.92
CA LEU L 144 -88.05 -12.66 53.18
C LEU L 144 -87.06 -13.81 53.08
N THR L 145 -87.44 -14.89 52.38
CA THR L 145 -86.55 -16.04 52.30
C THR L 145 -85.27 -15.71 51.55
N GLN L 146 -85.30 -14.68 50.69
CA GLN L 146 -84.08 -14.28 49.98
C GLN L 146 -83.00 -13.82 50.95
N ALA L 147 -83.39 -13.08 51.99
CA ALA L 147 -82.42 -12.58 52.95
C ALA L 147 -81.72 -13.71 53.70
N PHE L 148 -82.48 -14.73 54.09
CA PHE L 148 -81.95 -15.82 54.90
C PHE L 148 -81.31 -16.94 54.09
N ARG L 149 -81.44 -16.91 52.76
CA ARG L 149 -80.76 -17.86 51.88
C ARG L 149 -79.49 -17.30 51.27
N LYS L 150 -78.99 -16.18 51.79
CA LYS L 150 -77.74 -15.57 51.32
C LYS L 150 -77.81 -15.20 49.84
N LYS L 151 -79.00 -14.82 49.37
CA LYS L 151 -79.16 -14.36 48.00
C LYS L 151 -78.82 -12.87 47.84
N PHE L 152 -78.59 -12.16 48.93
CA PHE L 152 -78.21 -10.76 48.84
C PHE L 152 -76.75 -10.62 48.44
N VAL L 153 -76.42 -9.45 47.87
CA VAL L 153 -75.08 -9.20 47.37
C VAL L 153 -74.10 -8.85 48.47
N ILE L 154 -74.58 -8.36 49.62
CA ILE L 154 -73.71 -8.04 50.75
C ILE L 154 -74.29 -8.66 52.03
N PRO L 155 -74.22 -9.99 52.17
CA PRO L 155 -74.57 -10.58 53.48
C PRO L 155 -73.60 -10.20 54.57
N ASP L 156 -72.40 -9.74 54.19
CA ASP L 156 -71.26 -9.62 55.09
C ASP L 156 -71.11 -8.19 55.60
N PHE L 157 -72.25 -7.52 55.82
CA PHE L 157 -72.23 -6.08 56.07
C PHE L 157 -71.48 -5.70 57.34
N GLU L 158 -71.48 -6.58 58.36
CA GLU L 158 -70.87 -6.23 59.63
C GLU L 158 -69.39 -5.89 59.47
N GLU L 159 -68.67 -6.67 58.67
CA GLU L 159 -67.27 -6.36 58.36
C GLU L 159 -67.15 -5.34 57.24
N PHE L 160 -68.21 -5.14 56.45
CA PHE L 160 -68.19 -4.09 55.45
C PHE L 160 -68.08 -2.72 56.12
N THR L 161 -68.96 -2.45 57.08
CA THR L 161 -68.94 -1.16 57.74
C THR L 161 -67.72 -1.00 58.63
N GLY L 162 -67.06 -2.10 58.97
CA GLY L 162 -65.84 -1.99 59.76
C GLY L 162 -64.75 -1.21 59.03
N HIS L 163 -64.63 -1.44 57.73
CA HIS L 163 -63.59 -0.76 56.95
C HIS L 163 -63.91 0.72 56.76
N VAL L 164 -65.17 1.03 56.40
CA VAL L 164 -65.51 2.41 56.09
C VAL L 164 -65.44 3.29 57.34
N ASP L 165 -65.67 2.69 58.52
CA ASP L 165 -65.61 3.47 59.75
C ASP L 165 -64.22 4.04 60.01
N ARG L 166 -63.17 3.23 59.81
CA ARG L 166 -61.81 3.74 60.04
C ARG L 166 -61.42 4.75 58.96
N ILE L 167 -62.03 4.65 57.78
CA ILE L 167 -61.76 5.63 56.73
C ILE L 167 -62.20 7.01 57.17
N PHE L 168 -63.32 7.09 57.89
CA PHE L 168 -63.80 8.38 58.39
C PHE L 168 -62.78 9.01 59.33
N GLU L 169 -62.21 8.22 60.24
CA GLU L 169 -61.23 8.76 61.17
C GLU L 169 -59.98 9.23 60.45
N ASP L 170 -59.51 8.46 59.46
CA ASP L 170 -58.30 8.83 58.74
C ASP L 170 -58.51 10.07 57.88
N VAL L 171 -59.67 10.17 57.23
CA VAL L 171 -59.91 11.25 56.28
C VAL L 171 -60.29 12.55 56.98
N LYS L 172 -60.79 12.49 58.21
CA LYS L 172 -61.23 13.69 58.90
C LYS L 172 -60.09 14.69 59.09
N GLU L 173 -58.90 14.21 59.48
CA GLU L 173 -57.78 15.11 59.72
C GLU L 173 -57.21 15.69 58.42
N LEU L 174 -57.46 15.06 57.29
CA LEU L 174 -56.91 15.52 56.03
C LEU L 174 -57.58 16.83 55.60
N THR L 175 -56.82 17.65 54.88
CA THR L 175 -57.30 18.94 54.40
C THR L 175 -57.91 18.78 53.00
N GLY L 176 -58.35 19.89 52.42
CA GLY L 176 -58.94 19.87 51.09
C GLY L 176 -58.58 21.13 50.33
N GLY L 177 -59.14 21.24 49.13
CA GLY L 177 -58.92 22.37 48.24
C GLY L 177 -60.00 23.41 48.36
N LYS L 178 -60.12 24.24 47.33
CA LYS L 178 -61.13 25.28 47.32
C LYS L 178 -62.53 24.68 47.25
N VAL L 179 -63.53 25.52 47.52
CA VAL L 179 -64.94 25.11 47.45
C VAL L 179 -65.62 25.86 46.30
N ALA L 180 -64.83 26.36 45.36
CA ALA L 180 -65.35 27.19 44.26
C ALA L 180 -66.15 28.37 44.82
N ALA L 181 -65.46 29.21 45.57
CA ALA L 181 -66.07 30.32 46.29
C ALA L 181 -66.31 31.54 45.41
N TYR L 182 -65.95 31.49 44.13
CA TYR L 182 -66.16 32.62 43.24
C TYR L 182 -67.64 32.78 42.85
N ILE L 183 -68.50 31.83 43.22
CA ILE L 183 -69.93 31.94 43.01
C ILE L 183 -70.61 32.12 44.37
N PRO L 184 -71.81 32.70 44.44
CA PRO L 184 -72.34 33.11 45.75
C PRO L 184 -72.66 31.96 46.69
N GLN L 185 -73.44 30.97 46.23
CA GLN L 185 -74.07 30.04 47.16
C GLN L 185 -73.06 29.22 47.92
N LEU L 186 -72.01 28.73 47.25
CA LEU L 186 -71.03 27.89 47.92
C LEU L 186 -70.27 28.61 49.02
N ALA L 187 -70.25 29.94 49.01
CA ALA L 187 -69.67 30.68 50.11
C ALA L 187 -70.48 30.55 51.39
N LYS L 188 -71.80 30.34 51.28
CA LYS L 188 -72.66 30.14 52.44
C LYS L 188 -72.60 28.72 52.99
N SER L 189 -72.23 27.74 52.17
CA SER L 189 -72.20 26.36 52.63
C SER L 189 -71.02 26.12 53.57
N ASN L 190 -71.25 25.27 54.56
CA ASN L 190 -70.22 24.97 55.55
C ASN L 190 -69.26 23.92 54.97
N PRO L 191 -67.96 24.23 54.80
CA PRO L 191 -67.08 23.26 54.14
C PRO L 191 -66.79 21.99 54.92
N ASP L 192 -67.14 21.93 56.20
CA ASP L 192 -66.76 20.81 57.06
C ASP L 192 -67.65 19.59 56.88
N LEU L 193 -68.72 19.69 56.08
CA LEU L 193 -69.64 18.57 55.94
C LEU L 193 -68.96 17.38 55.27
N TRP L 194 -69.36 16.18 55.68
CA TRP L 194 -68.79 14.94 55.14
C TRP L 194 -69.78 13.82 55.38
N GLY L 195 -70.36 13.30 54.31
CA GLY L 195 -71.38 12.27 54.44
C GLY L 195 -71.30 11.26 53.31
N VAL L 196 -71.60 10.01 53.63
CA VAL L 196 -71.55 8.91 52.67
C VAL L 196 -72.79 8.05 52.88
N SER L 197 -73.39 7.61 51.78
CA SER L 197 -74.56 6.75 51.82
C SER L 197 -74.52 5.78 50.64
N LEU L 198 -75.01 4.56 50.89
CA LEU L 198 -75.05 3.51 49.88
C LEU L 198 -76.41 2.82 49.93
N CYS L 199 -76.88 2.37 48.77
CA CYS L 199 -78.16 1.68 48.66
C CYS L 199 -77.98 0.46 47.76
N THR L 200 -77.66 -0.67 48.37
CA THR L 200 -77.51 -1.91 47.63
C THR L 200 -78.85 -2.33 47.03
N VAL L 201 -78.78 -3.02 45.88
CA VAL L 201 -80.00 -3.42 45.19
C VAL L 201 -80.89 -4.29 46.09
N ASP L 202 -80.32 -5.03 47.03
CA ASP L 202 -81.11 -5.75 48.01
C ASP L 202 -81.86 -4.82 48.94
N GLY L 203 -81.46 -3.54 49.02
CA GLY L 203 -82.11 -2.57 49.86
C GLY L 203 -81.34 -2.18 51.11
N GLN L 204 -80.15 -2.73 51.32
CA GLN L 204 -79.32 -2.32 52.44
C GLN L 204 -79.01 -0.84 52.33
N ARG L 205 -79.20 -0.11 53.43
CA ARG L 205 -78.92 1.31 53.49
C ARG L 205 -78.12 1.62 54.75
N HIS L 206 -77.13 2.47 54.62
CA HIS L 206 -76.29 2.89 55.74
C HIS L 206 -75.76 4.28 55.49
N SER L 207 -75.77 5.11 56.53
CA SER L 207 -75.34 6.49 56.44
C SER L 207 -74.49 6.83 57.65
N VAL L 208 -73.40 7.56 57.41
CA VAL L 208 -72.50 8.00 58.48
C VAL L 208 -72.21 9.48 58.28
N GLY L 209 -72.31 10.25 59.36
CA GLY L 209 -72.00 11.66 59.31
C GLY L 209 -73.21 12.56 59.14
N HIS L 210 -73.08 13.57 58.29
CA HIS L 210 -74.11 14.59 58.08
C HIS L 210 -74.94 14.30 56.83
N THR L 211 -75.23 13.02 56.57
CA THR L 211 -75.89 12.64 55.33
C THR L 211 -77.27 13.26 55.16
N LYS L 212 -77.93 13.66 56.26
CA LYS L 212 -79.29 14.18 56.17
C LYS L 212 -79.34 15.65 55.77
N ILE L 213 -78.21 16.34 55.69
CA ILE L 213 -78.21 17.75 55.31
C ILE L 213 -78.61 17.83 53.84
N PRO L 214 -79.68 18.54 53.47
CA PRO L 214 -80.04 18.62 52.05
C PRO L 214 -79.00 19.39 51.24
N PHE L 215 -78.90 19.03 49.97
CA PHE L 215 -78.01 19.72 49.04
C PHE L 215 -78.53 19.52 47.63
N CYS L 216 -78.03 20.34 46.71
CA CYS L 216 -78.53 20.38 45.35
C CYS L 216 -77.77 19.39 44.46
N LEU L 217 -78.50 18.81 43.51
CA LEU L 217 -77.90 17.98 42.46
C LEU L 217 -77.47 18.90 41.32
N GLN L 218 -76.35 19.58 41.53
CA GLN L 218 -75.92 20.61 40.58
C GLN L 218 -75.63 20.00 39.21
N SER L 219 -74.92 18.87 39.19
CA SER L 219 -74.62 18.16 37.95
C SER L 219 -75.07 16.71 37.95
N CYS L 220 -75.55 16.20 39.09
CA CYS L 220 -76.03 14.83 39.14
C CYS L 220 -77.39 14.66 38.48
N VAL L 221 -77.97 15.70 37.90
CA VAL L 221 -79.23 15.57 37.16
C VAL L 221 -79.00 15.26 35.68
N LYS L 222 -77.82 15.60 35.14
CA LYS L 222 -77.58 15.38 33.71
C LYS L 222 -77.71 13.92 33.30
N PRO L 223 -77.09 12.95 33.99
CA PRO L 223 -77.35 11.55 33.64
C PRO L 223 -78.81 11.17 33.83
N LEU L 224 -79.49 11.81 34.79
CA LEU L 224 -80.89 11.51 35.04
C LEU L 224 -81.78 12.07 33.94
N THR L 225 -81.73 13.39 33.72
CA THR L 225 -82.56 14.01 32.70
C THR L 225 -82.24 13.47 31.31
N TYR L 226 -80.99 13.06 31.08
CA TYR L 226 -80.65 12.46 29.80
C TYR L 226 -81.39 11.13 29.61
N ALA L 227 -81.45 10.31 30.67
CA ALA L 227 -82.14 9.04 30.57
C ALA L 227 -83.61 9.22 30.25
N ILE L 228 -84.22 10.29 30.78
CA ILE L 228 -85.62 10.56 30.50
C ILE L 228 -85.82 10.82 29.01
N SER L 229 -84.90 11.57 28.40
CA SER L 229 -85.00 11.82 26.97
C SER L 229 -84.83 10.54 26.17
N ILE L 230 -83.86 9.70 26.55
CA ILE L 230 -83.61 8.46 25.81
C ILE L 230 -84.84 7.56 25.90
N SER L 231 -85.39 7.40 27.10
CA SER L 231 -86.57 6.56 27.26
C SER L 231 -87.77 7.12 26.51
N THR L 232 -87.95 8.44 26.54
CA THR L 232 -89.13 9.07 25.96
C THR L 232 -88.97 9.41 24.48
N LEU L 233 -87.75 9.34 23.93
CA LEU L 233 -87.51 9.71 22.53
C LEU L 233 -86.68 8.70 21.75
N GLY L 234 -85.97 7.80 22.41
CA GLY L 234 -85.14 6.83 21.74
C GLY L 234 -83.71 7.33 21.56
N THR L 235 -82.83 6.39 21.24
CA THR L 235 -81.41 6.72 21.11
C THR L 235 -81.14 7.54 19.86
N ASP L 236 -81.71 7.14 18.72
CA ASP L 236 -81.36 7.78 17.45
C ASP L 236 -81.77 9.25 17.44
N TYR L 237 -82.98 9.56 17.90
CA TYR L 237 -83.47 10.94 17.81
C TYR L 237 -82.67 11.86 18.72
N VAL L 238 -82.36 11.40 19.94
CA VAL L 238 -81.67 12.25 20.90
C VAL L 238 -80.27 12.59 20.40
N HIS L 239 -79.56 11.60 19.86
CA HIS L 239 -78.16 11.78 19.51
C HIS L 239 -77.95 12.48 18.18
N LYS L 240 -79.01 12.76 17.42
CA LYS L 240 -78.85 13.61 16.24
C LYS L 240 -78.47 15.02 16.60
N PHE L 241 -78.82 15.48 17.81
CA PHE L 241 -78.52 16.82 18.27
C PHE L 241 -77.42 16.89 19.31
N VAL L 242 -76.99 15.75 19.85
CA VAL L 242 -75.95 15.69 20.87
C VAL L 242 -74.98 14.57 20.51
N GLY L 243 -73.69 14.85 20.65
CA GLY L 243 -72.68 13.84 20.44
C GLY L 243 -72.66 12.86 21.60
N LYS L 244 -71.71 11.92 21.52
CA LYS L 244 -71.57 10.90 22.55
C LYS L 244 -70.11 10.58 22.86
N GLU L 245 -69.23 11.57 22.75
CA GLU L 245 -67.81 11.38 23.02
C GLU L 245 -67.28 12.44 23.96
N PRO L 246 -66.23 12.13 24.74
CA PRO L 246 -65.70 13.13 25.68
C PRO L 246 -65.08 14.30 24.95
N SER L 247 -65.12 15.46 25.59
CA SER L 247 -64.60 16.69 25.02
C SER L 247 -63.13 16.91 25.38
N GLY L 248 -62.73 16.59 26.60
CA GLY L 248 -61.40 16.86 27.08
C GLY L 248 -61.21 18.26 27.64
N LEU L 249 -62.17 19.16 27.43
CA LEU L 249 -62.11 20.51 27.94
C LEU L 249 -62.86 20.59 29.27
N ARG L 250 -62.92 21.80 29.83
CA ARG L 250 -63.62 22.00 31.08
C ARG L 250 -65.14 21.86 30.87
N TYR L 251 -65.85 21.62 31.97
CA TYR L 251 -67.29 21.37 31.88
C TYR L 251 -68.06 22.58 31.41
N ASN L 252 -67.49 23.78 31.50
CA ASN L 252 -68.12 24.95 30.90
C ASN L 252 -68.37 24.71 29.42
N ALA L 253 -67.33 24.30 28.70
CA ALA L 253 -67.45 23.76 27.33
C ALA L 253 -68.16 24.74 26.41
N LEU L 254 -67.52 25.88 26.22
CA LEU L 254 -67.97 26.88 25.24
C LEU L 254 -67.45 26.50 23.86
N SER L 255 -67.89 25.33 23.39
CA SER L 255 -67.41 24.79 22.13
C SER L 255 -68.30 23.64 21.70
N LEU L 256 -68.20 23.29 20.42
CA LEU L 256 -68.88 22.15 19.84
C LEU L 256 -67.87 21.33 19.05
N ASN L 257 -68.22 20.08 18.76
CA ASN L 257 -67.33 19.18 18.05
C ASN L 257 -67.37 19.49 16.56
N GLU L 258 -66.70 18.67 15.75
CA GLU L 258 -66.61 18.93 14.32
C GLU L 258 -67.99 18.89 13.66
N GLU L 259 -68.87 18.03 14.15
CA GLU L 259 -70.21 17.91 13.58
C GLU L 259 -71.07 19.15 13.84
N GLY L 260 -70.64 20.04 14.73
CA GLY L 260 -71.42 21.22 15.05
C GLY L 260 -72.46 21.03 16.13
N ILE L 261 -72.32 19.99 16.96
CA ILE L 261 -73.26 19.73 18.05
C ILE L 261 -72.44 19.56 19.32
N PRO L 262 -73.07 19.66 20.50
CA PRO L 262 -72.32 19.48 21.74
C PRO L 262 -71.69 18.10 21.82
N HIS L 263 -70.55 18.04 22.53
CA HIS L 263 -69.75 16.82 22.55
C HIS L 263 -70.52 15.65 23.15
N ASN L 264 -71.24 15.89 24.25
CA ASN L 264 -71.94 14.82 24.95
C ASN L 264 -72.96 15.46 25.89
N PRO L 265 -73.95 14.70 26.36
CA PRO L 265 -74.98 15.28 27.22
C PRO L 265 -74.51 15.67 28.62
N MET L 266 -73.25 15.41 28.97
CA MET L 266 -72.74 15.73 30.30
C MET L 266 -72.14 17.13 30.39
N VAL L 267 -71.51 17.62 29.33
CA VAL L 267 -70.96 18.97 29.35
C VAL L 267 -72.13 19.96 29.36
N ASN L 268 -71.84 21.22 29.70
CA ASN L 268 -72.90 22.21 29.80
C ASN L 268 -73.59 22.42 28.46
N ALA L 269 -72.83 22.35 27.36
CA ALA L 269 -73.44 22.53 26.04
C ALA L 269 -74.46 21.45 25.74
N GLY L 270 -74.15 20.19 26.08
CA GLY L 270 -75.10 19.11 25.81
C GLY L 270 -76.20 18.99 26.83
N ALA L 271 -75.96 19.43 28.06
CA ALA L 271 -77.00 19.35 29.08
C ALA L 271 -78.17 20.24 28.75
N ILE L 272 -77.91 21.37 28.08
CA ILE L 272 -79.00 22.26 27.68
C ILE L 272 -79.84 21.63 26.58
N VAL L 273 -79.19 20.93 25.64
CA VAL L 273 -79.91 20.36 24.51
C VAL L 273 -80.85 19.26 24.97
N VAL L 274 -80.37 18.36 25.84
CA VAL L 274 -81.25 17.30 26.33
C VAL L 274 -82.38 17.86 27.17
N SER L 275 -82.13 18.93 27.94
CA SER L 275 -83.22 19.59 28.64
C SER L 275 -84.21 20.19 27.65
N SER L 276 -83.73 20.67 26.50
CA SER L 276 -84.62 21.21 25.49
C SER L 276 -85.53 20.14 24.91
N LEU L 277 -85.01 18.92 24.73
CA LEU L 277 -85.76 17.86 24.07
C LEU L 277 -86.98 17.39 24.86
N ILE L 278 -87.02 17.64 26.17
CA ILE L 278 -88.05 17.06 27.02
C ILE L 278 -89.35 17.82 26.81
N LYS L 279 -90.20 17.30 25.93
CA LYS L 279 -91.59 17.76 25.77
C LYS L 279 -91.64 19.29 25.55
N MET L 280 -91.07 19.69 24.42
CA MET L 280 -90.94 21.11 24.11
C MET L 280 -92.30 21.78 23.93
N ASP L 281 -93.34 21.01 23.64
CA ASP L 281 -94.65 21.56 23.32
C ASP L 281 -95.56 21.67 24.53
N CYS L 282 -95.01 21.87 25.72
CA CYS L 282 -95.78 22.07 26.93
C CYS L 282 -95.19 23.21 27.76
N ASN L 283 -96.05 23.82 28.58
CA ASN L 283 -95.68 25.00 29.34
C ASN L 283 -94.58 24.67 30.35
N LYS L 284 -94.06 25.73 30.98
CA LYS L 284 -92.92 25.57 31.88
C LYS L 284 -93.28 24.69 33.08
N ALA L 285 -94.44 24.90 33.67
CA ALA L 285 -94.82 24.15 34.86
C ALA L 285 -94.95 22.66 34.55
N GLU L 286 -95.50 22.34 33.38
CA GLU L 286 -95.67 20.93 33.02
C GLU L 286 -94.33 20.23 32.86
N LYS L 287 -93.34 20.91 32.29
CA LYS L 287 -92.03 20.28 32.10
C LYS L 287 -91.41 19.88 33.42
N PHE L 288 -91.45 20.79 34.41
CA PHE L 288 -90.85 20.49 35.71
C PHE L 288 -91.56 19.32 36.38
N ASP L 289 -92.89 19.31 36.34
CA ASP L 289 -93.65 18.20 36.91
C ASP L 289 -93.37 16.91 36.16
N PHE L 290 -93.35 16.98 34.82
CA PHE L 290 -93.11 15.78 34.03
C PHE L 290 -91.74 15.18 34.33
N VAL L 291 -90.71 16.03 34.42
CA VAL L 291 -89.39 15.56 34.80
C VAL L 291 -89.40 15.08 36.25
N LEU L 292 -90.05 15.84 37.13
CA LEU L 292 -90.02 15.50 38.55
C LEU L 292 -90.71 14.17 38.83
N GLN L 293 -91.72 13.83 38.04
CA GLN L 293 -92.45 12.58 38.28
C GLN L 293 -91.54 11.38 38.12
N TYR L 294 -90.75 11.33 37.05
CA TYR L 294 -89.79 10.25 36.89
C TYR L 294 -88.68 10.33 37.92
N LEU L 295 -88.23 11.54 38.25
CA LEU L 295 -87.24 11.69 39.31
C LEU L 295 -87.80 11.24 40.65
N ASN L 296 -89.09 11.50 40.89
CA ASN L 296 -89.71 11.09 42.15
C ASN L 296 -89.70 9.57 42.29
N LYS L 297 -90.01 8.85 41.21
CA LYS L 297 -89.96 7.40 41.26
C LYS L 297 -88.52 6.90 41.38
N MET L 298 -87.58 7.58 40.73
CA MET L 298 -86.18 7.19 40.83
C MET L 298 -85.69 7.24 42.26
N ALA L 299 -86.13 8.25 43.02
CA ALA L 299 -85.77 8.38 44.43
C ALA L 299 -86.58 7.47 45.33
N GLY L 300 -87.52 6.70 44.78
CA GLY L 300 -88.35 5.83 45.61
C GLY L 300 -89.25 6.60 46.54
N ASN L 301 -89.84 7.69 46.05
CA ASN L 301 -90.78 8.50 46.83
C ASN L 301 -90.13 9.03 48.10
N GLU L 302 -88.86 9.39 48.01
CA GLU L 302 -88.13 10.00 49.11
C GLU L 302 -88.20 11.52 48.99
N TYR L 303 -87.54 12.23 49.89
CA TYR L 303 -87.59 13.69 49.89
C TYR L 303 -86.89 14.24 48.66
N MET L 304 -87.59 15.10 47.92
CA MET L 304 -87.02 15.80 46.76
C MET L 304 -87.46 17.26 46.87
N GLY L 305 -86.66 18.07 47.56
CA GLY L 305 -86.94 19.48 47.72
C GLY L 305 -86.31 20.32 46.62
N PHE L 306 -86.71 21.58 46.59
CA PHE L 306 -86.20 22.56 45.64
C PHE L 306 -85.56 23.71 46.42
N SER L 307 -84.28 23.95 46.15
CA SER L 307 -83.54 25.02 46.82
C SER L 307 -83.62 26.27 45.94
N ASN L 308 -84.69 27.04 46.15
CA ASN L 308 -84.89 28.25 45.36
C ASN L 308 -83.77 29.25 45.58
N ALA L 309 -83.16 29.26 46.77
CA ALA L 309 -82.03 30.15 47.01
C ALA L 309 -80.87 29.81 46.09
N THR L 310 -80.61 28.52 45.89
CA THR L 310 -79.55 28.11 44.96
C THR L 310 -79.94 28.42 43.52
N PHE L 311 -81.21 28.23 43.17
CA PHE L 311 -81.64 28.45 41.79
C PHE L 311 -81.46 29.92 41.40
N GLN L 312 -81.93 30.84 42.23
CA GLN L 312 -81.75 32.26 41.94
C GLN L 312 -80.29 32.66 41.99
N SER L 313 -79.50 32.02 42.86
CA SER L 313 -78.08 32.32 42.92
C SER L 313 -77.39 31.95 41.61
N GLU L 314 -77.74 30.80 41.03
CA GLU L 314 -77.13 30.38 39.77
C GLU L 314 -77.72 31.14 38.59
N LYS L 315 -79.02 31.42 38.63
CA LYS L 315 -79.67 32.08 37.49
C LYS L 315 -79.12 33.49 37.29
N GLU L 316 -78.92 34.23 38.38
CA GLU L 316 -78.46 35.60 38.29
C GLU L 316 -76.95 35.72 38.17
N THR L 317 -76.20 34.63 38.38
CA THR L 317 -74.75 34.64 38.29
C THR L 317 -74.19 33.61 37.33
N GLY L 318 -75.01 32.67 36.86
CA GLY L 318 -74.56 31.69 35.89
C GLY L 318 -74.47 32.28 34.50
N ASP L 319 -73.56 33.24 34.32
CA ASP L 319 -73.43 33.92 33.03
C ASP L 319 -72.82 33.02 31.98
N ARG L 320 -71.98 32.06 32.39
CA ARG L 320 -71.37 31.15 31.42
C ARG L 320 -72.44 30.33 30.70
N ASN L 321 -73.44 29.85 31.44
CA ASN L 321 -74.47 29.02 30.82
C ASN L 321 -75.34 29.81 29.86
N TYR L 322 -75.49 31.12 30.08
CA TYR L 322 -76.21 31.94 29.13
C TYR L 322 -75.45 32.08 27.82
N ALA L 323 -74.12 32.24 27.90
CA ALA L 323 -73.33 32.34 26.68
C ALA L 323 -73.39 31.04 25.87
N ILE L 324 -73.37 29.90 26.56
CA ILE L 324 -73.47 28.63 25.88
C ILE L 324 -74.82 28.48 25.19
N GLY L 325 -75.90 28.85 25.88
CA GLY L 325 -77.21 28.75 25.28
C GLY L 325 -77.36 29.62 24.06
N TYR L 326 -76.93 30.89 24.15
CA TYR L 326 -76.98 31.75 22.99
C TYR L 326 -76.03 31.26 21.90
N TYR L 327 -74.88 30.72 22.30
CA TYR L 327 -73.92 30.21 21.31
C TYR L 327 -74.52 29.06 20.52
N LEU L 328 -75.20 28.13 21.21
CA LEU L 328 -75.85 27.03 20.51
C LEU L 328 -76.96 27.54 19.60
N LYS L 329 -77.74 28.53 20.06
CA LYS L 329 -78.87 29.02 19.29
C LYS L 329 -78.42 29.54 17.92
N GLU L 330 -77.20 30.08 17.85
CA GLU L 330 -76.66 30.49 16.55
C GLU L 330 -76.44 29.28 15.65
N LYS L 331 -75.84 28.23 16.18
CA LYS L 331 -75.42 27.08 15.39
C LYS L 331 -76.54 26.08 15.13
N LYS L 332 -77.79 26.44 15.43
CA LYS L 332 -78.93 25.59 15.14
C LYS L 332 -78.79 24.23 15.83
N CYS L 333 -78.47 24.26 17.12
CA CYS L 333 -78.28 23.05 17.90
C CYS L 333 -79.53 22.61 18.64
N PHE L 334 -80.67 23.27 18.40
CA PHE L 334 -81.93 22.94 19.04
C PHE L 334 -82.94 22.44 18.01
N PRO L 335 -83.95 21.67 18.41
CA PRO L 335 -85.01 21.31 17.46
C PRO L 335 -85.80 22.54 17.03
N LYS L 336 -86.45 22.42 15.88
CA LYS L 336 -87.21 23.55 15.33
C LYS L 336 -88.28 24.01 16.31
N GLY L 337 -88.38 25.34 16.46
CA GLY L 337 -89.44 25.92 17.25
C GLY L 337 -89.25 25.85 18.75
N VAL L 338 -88.02 25.87 19.25
CA VAL L 338 -87.73 25.84 20.68
C VAL L 338 -87.05 27.14 21.06
N ASP L 339 -87.54 27.77 22.12
CA ASP L 339 -86.93 28.98 22.66
C ASP L 339 -85.78 28.59 23.58
N MET L 340 -84.64 29.25 23.41
CA MET L 340 -83.45 28.90 24.20
C MET L 340 -83.69 29.13 25.68
N MET L 341 -84.31 30.25 26.04
CA MET L 341 -84.48 30.59 27.46
C MET L 341 -85.36 29.57 28.16
N ALA L 342 -86.40 29.08 27.49
CA ALA L 342 -87.26 28.08 28.10
C ALA L 342 -86.49 26.83 28.46
N ALA L 343 -85.63 26.35 27.54
CA ALA L 343 -84.80 25.20 27.85
C ALA L 343 -83.77 25.53 28.92
N LEU L 344 -83.14 26.71 28.82
CA LEU L 344 -82.12 27.07 29.79
C LEU L 344 -82.73 27.27 31.18
N ASP L 345 -83.91 27.89 31.25
CA ASP L 345 -84.57 28.08 32.54
C ASP L 345 -84.86 26.72 33.18
N LEU L 346 -85.32 25.75 32.38
CA LEU L 346 -85.53 24.41 32.91
C LEU L 346 -84.22 23.80 33.38
N TYR L 347 -83.13 24.03 32.65
CA TYR L 347 -81.85 23.40 32.98
C TYR L 347 -81.36 23.86 34.35
N PHE L 348 -81.51 25.14 34.66
CA PHE L 348 -81.08 25.64 35.96
C PHE L 348 -81.94 25.04 37.07
N GLN L 349 -83.24 24.94 36.85
CA GLN L 349 -84.14 24.45 37.89
C GLN L 349 -83.80 23.01 38.27
N LEU L 350 -83.52 22.16 37.29
CA LEU L 350 -83.14 20.79 37.59
C LEU L 350 -81.83 20.74 38.36
N CYS L 351 -80.93 21.69 38.08
CA CYS L 351 -79.63 21.69 38.75
C CYS L 351 -79.80 21.95 40.25
N SER L 352 -80.79 22.74 40.62
CA SER L 352 -80.98 23.16 42.01
C SER L 352 -81.91 22.24 42.79
N VAL L 353 -82.31 21.09 42.23
CA VAL L 353 -83.17 20.17 42.95
C VAL L 353 -82.47 19.71 44.22
N GLU L 354 -83.10 19.98 45.36
CA GLU L 354 -82.51 19.70 46.67
C GLU L 354 -82.85 18.28 47.09
N VAL L 355 -81.82 17.49 47.41
CA VAL L 355 -81.99 16.13 47.89
C VAL L 355 -80.92 15.87 48.96
N THR L 356 -81.09 14.77 49.67
CA THR L 356 -80.17 14.33 50.70
C THR L 356 -79.35 13.14 50.20
N CYS L 357 -78.31 12.80 50.96
CA CYS L 357 -77.50 11.64 50.61
C CYS L 357 -78.30 10.34 50.70
N GLU L 358 -79.31 10.30 51.56
CA GLU L 358 -80.21 9.15 51.59
C GLU L 358 -81.01 9.06 50.30
N SER L 359 -81.57 10.20 49.85
CA SER L 359 -82.31 10.21 48.60
C SER L 359 -81.38 10.01 47.41
N GLY L 360 -80.23 10.68 47.42
CA GLY L 360 -79.29 10.54 46.32
C GLY L 360 -78.76 9.12 46.17
N SER L 361 -78.56 8.43 47.30
CA SER L 361 -78.02 7.07 47.25
C SER L 361 -78.97 6.14 46.50
N VAL L 362 -80.27 6.24 46.75
CA VAL L 362 -81.23 5.41 46.06
C VAL L 362 -81.39 5.84 44.62
N MET L 363 -81.11 7.11 44.31
CA MET L 363 -81.14 7.55 42.92
C MET L 363 -80.07 6.82 42.11
N ALA L 364 -78.86 6.71 42.64
CA ALA L 364 -77.80 5.99 41.94
C ALA L 364 -78.13 4.49 41.85
N ALA L 365 -78.70 3.92 42.90
CA ALA L 365 -78.96 2.49 42.93
C ALA L 365 -79.91 2.06 41.81
N THR L 366 -80.81 2.96 41.39
CA THR L 366 -81.71 2.60 40.31
C THR L 366 -80.96 2.34 39.02
N LEU L 367 -79.92 3.13 38.75
CA LEU L 367 -79.07 2.86 37.59
C LEU L 367 -78.36 1.53 37.72
N ALA L 368 -77.92 1.19 38.94
CA ALA L 368 -77.26 -0.09 39.16
C ALA L 368 -78.21 -1.25 38.87
N ASN L 369 -79.48 -1.10 39.23
CA ASN L 369 -80.45 -2.15 38.98
C ASN L 369 -81.01 -2.12 37.57
N GLY L 370 -80.48 -1.26 36.70
CA GLY L 370 -80.96 -1.18 35.34
C GLY L 370 -82.37 -0.64 35.22
N GLY L 371 -82.67 0.42 35.96
CA GLY L 371 -83.95 1.09 35.83
C GLY L 371 -85.08 0.44 36.60
N ILE L 372 -84.77 -0.38 37.60
CA ILE L 372 -85.77 -1.00 38.46
C ILE L 372 -85.50 -0.52 39.88
N CYS L 373 -86.42 0.27 40.44
CA CYS L 373 -86.21 0.84 41.76
C CYS L 373 -86.18 -0.28 42.80
N PRO L 374 -85.10 -0.42 43.58
CA PRO L 374 -85.04 -1.59 44.48
C PRO L 374 -86.04 -1.55 45.62
N ILE L 375 -86.34 -0.36 46.15
CA ILE L 375 -87.21 -0.24 47.31
C ILE L 375 -88.68 -0.07 46.92
N THR L 376 -89.00 0.01 45.64
CA THR L 376 -90.38 0.01 45.18
C THR L 376 -90.65 -0.95 44.03
N GLY L 377 -89.62 -1.46 43.36
CA GLY L 377 -89.82 -2.45 42.32
C GLY L 377 -90.63 -1.97 41.13
N GLU L 378 -90.39 -0.73 40.68
CA GLU L 378 -91.10 -0.18 39.54
C GLU L 378 -90.29 -0.43 38.26
N SER L 379 -90.80 0.08 37.14
CA SER L 379 -90.14 0.03 35.83
C SER L 379 -89.88 1.43 35.33
N VAL L 380 -89.26 2.24 36.20
CA VAL L 380 -89.20 3.68 35.99
C VAL L 380 -88.51 4.04 34.67
N LEU L 381 -87.40 3.37 34.36
CA LEU L 381 -86.60 3.69 33.19
C LEU L 381 -86.29 2.43 32.39
N SER L 382 -86.18 2.59 31.08
CA SER L 382 -85.78 1.49 30.22
C SER L 382 -84.35 1.05 30.56
N ALA L 383 -84.12 -0.25 30.48
CA ALA L 383 -82.77 -0.77 30.74
C ALA L 383 -81.78 -0.24 29.72
N GLU L 384 -82.23 -0.04 28.48
CA GLU L 384 -81.35 0.50 27.45
C GLU L 384 -80.91 1.91 27.79
N ALA L 385 -81.81 2.74 28.30
CA ALA L 385 -81.44 4.10 28.67
C ALA L 385 -80.41 4.11 29.79
N VAL L 386 -80.59 3.23 30.79
CA VAL L 386 -79.63 3.14 31.88
C VAL L 386 -78.28 2.70 31.36
N ARG L 387 -78.25 1.70 30.48
CA ARG L 387 -77.00 1.27 29.86
C ARG L 387 -76.34 2.42 29.12
N ASN L 388 -77.14 3.21 28.41
CA ASN L 388 -76.59 4.39 27.74
C ASN L 388 -76.09 5.42 28.73
N THR L 389 -76.83 5.63 29.82
CA THR L 389 -76.42 6.62 30.82
C THR L 389 -75.10 6.22 31.47
N LEU L 390 -74.95 4.95 31.83
CA LEU L 390 -73.70 4.51 32.44
C LEU L 390 -72.53 4.63 31.48
N SER L 391 -72.75 4.30 30.20
CA SER L 391 -71.67 4.42 29.22
C SER L 391 -71.19 5.85 29.07
N LEU L 392 -72.12 6.81 28.98
CA LEU L 392 -71.72 8.21 28.94
C LEU L 392 -71.12 8.66 30.27
N MET L 393 -71.78 8.31 31.38
CA MET L 393 -71.31 8.78 32.68
C MET L 393 -69.95 8.17 33.04
N HIS L 394 -69.59 7.04 32.42
CA HIS L 394 -68.26 6.47 32.66
C HIS L 394 -67.18 7.33 32.03
N SER L 395 -67.35 7.70 30.77
CA SER L 395 -66.35 8.46 30.03
C SER L 395 -66.57 9.97 30.07
N CYS L 396 -67.70 10.43 30.64
CA CYS L 396 -68.02 11.84 30.65
C CYS L 396 -68.60 12.32 31.96
N GLY L 397 -68.64 11.47 33.00
CA GLY L 397 -69.25 11.89 34.26
C GLY L 397 -68.47 12.98 34.96
N MET L 398 -67.15 12.86 35.01
CA MET L 398 -66.31 13.80 35.74
C MET L 398 -65.55 14.74 34.81
N TYR L 399 -65.88 14.77 33.53
CA TYR L 399 -65.29 15.70 32.57
C TYR L 399 -63.79 15.42 32.48
N ASP L 400 -62.91 16.34 32.86
CA ASP L 400 -61.48 16.09 32.76
C ASP L 400 -61.06 14.91 33.62
N PHE L 401 -61.69 14.72 34.76
CA PHE L 401 -61.31 13.65 35.68
C PHE L 401 -61.93 12.30 35.30
N SER L 402 -62.44 12.17 34.09
CA SER L 402 -62.85 10.84 33.62
C SER L 402 -61.66 9.89 33.64
N GLY L 403 -60.51 10.34 33.15
CA GLY L 403 -59.26 9.71 33.51
C GLY L 403 -58.85 10.09 34.92
N GLN L 404 -58.08 9.20 35.55
CA GLN L 404 -57.74 9.19 36.97
C GLN L 404 -58.90 8.70 37.82
N PHE L 405 -60.09 8.49 37.24
CA PHE L 405 -61.20 7.83 37.91
C PHE L 405 -61.52 6.49 37.27
N ALA L 406 -61.69 6.46 35.94
CA ALA L 406 -61.73 5.18 35.25
C ALA L 406 -60.43 4.41 35.44
N PHE L 407 -59.31 5.13 35.48
CA PHE L 407 -58.02 4.49 35.72
C PHE L 407 -57.93 3.92 37.13
N HIS L 408 -58.25 4.72 38.13
CA HIS L 408 -58.06 4.33 39.52
C HIS L 408 -59.29 3.64 40.12
N VAL L 409 -60.49 4.13 39.81
CA VAL L 409 -61.72 3.61 40.36
C VAL L 409 -62.43 2.68 39.39
N GLY L 410 -62.58 3.10 38.14
CA GLY L 410 -63.25 2.26 37.16
C GLY L 410 -64.72 2.05 37.43
N LEU L 411 -65.43 3.11 37.79
CA LEU L 411 -66.87 3.05 38.00
C LEU L 411 -67.52 4.27 37.38
N PRO L 412 -68.77 4.16 36.90
CA PRO L 412 -69.47 5.38 36.45
C PRO L 412 -69.84 6.26 37.64
N ALA L 413 -69.40 7.51 37.59
CA ALA L 413 -69.69 8.47 38.64
C ALA L 413 -69.81 9.85 38.03
N LYS L 414 -70.70 10.67 38.61
CA LYS L 414 -70.98 12.01 38.13
C LYS L 414 -70.67 12.99 39.25
N SER L 415 -69.67 13.86 39.03
CA SER L 415 -69.28 14.83 40.04
C SER L 415 -70.28 15.98 40.08
N ALA L 416 -70.01 16.94 40.95
CA ALA L 416 -70.85 18.12 41.08
C ALA L 416 -70.15 19.12 41.98
N VAL L 417 -70.37 20.41 41.70
CA VAL L 417 -69.78 21.47 42.52
C VAL L 417 -70.38 21.52 43.91
N SER L 418 -71.49 20.84 44.15
CA SER L 418 -72.06 20.73 45.48
C SER L 418 -71.41 19.63 46.32
N GLY L 419 -70.40 18.95 45.77
CA GLY L 419 -69.76 17.85 46.45
C GLY L 419 -70.36 16.49 46.17
N ALA L 420 -71.51 16.45 45.51
CA ALA L 420 -72.16 15.18 45.21
C ALA L 420 -71.34 14.37 44.21
N ILE L 421 -71.30 13.06 44.41
CA ILE L 421 -70.66 12.13 43.49
C ILE L 421 -71.58 10.95 43.29
N LEU L 422 -72.29 10.91 42.17
CA LEU L 422 -73.28 9.87 41.91
C LEU L 422 -72.60 8.56 41.49
N LEU L 423 -71.78 8.03 42.39
CA LEU L 423 -71.03 6.81 42.09
C LEU L 423 -72.00 5.63 42.00
N VAL L 424 -71.88 4.87 40.92
CA VAL L 424 -72.72 3.71 40.67
C VAL L 424 -71.84 2.48 40.54
N VAL L 425 -72.15 1.45 41.33
CA VAL L 425 -71.51 0.15 41.20
C VAL L 425 -72.51 -0.77 40.50
N PRO L 426 -72.31 -1.11 39.22
CA PRO L 426 -73.35 -1.86 38.49
C PRO L 426 -73.63 -3.21 39.15
N ASN L 427 -74.91 -3.55 39.20
CA ASN L 427 -75.43 -4.83 39.69
C ASN L 427 -75.17 -5.06 41.18
N VAL L 428 -74.63 -4.07 41.88
CA VAL L 428 -74.35 -4.22 43.31
C VAL L 428 -75.05 -3.12 44.09
N MET L 429 -74.67 -1.87 43.85
CA MET L 429 -75.13 -0.77 44.68
C MET L 429 -74.87 0.54 43.98
N GLY L 430 -75.49 1.59 44.50
CA GLY L 430 -75.20 2.96 44.09
C GLY L 430 -74.88 3.79 45.32
N MET L 431 -73.84 4.62 45.21
CA MET L 431 -73.31 5.36 46.34
C MET L 431 -73.27 6.85 46.03
N MET L 432 -73.36 7.65 47.09
CA MET L 432 -73.29 9.11 46.99
C MET L 432 -72.40 9.61 48.11
N CYS L 433 -71.60 10.63 47.82
CA CYS L 433 -70.70 11.23 48.80
C CYS L 433 -70.81 12.75 48.70
N LEU L 434 -70.83 13.41 49.86
CA LEU L 434 -71.00 14.86 49.94
C LEU L 434 -69.75 15.48 50.53
N SER L 435 -69.17 16.44 49.82
CA SER L 435 -68.04 17.21 50.30
C SER L 435 -67.97 18.54 49.53
N PRO L 436 -68.46 19.64 50.10
CA PRO L 436 -68.43 20.93 49.38
C PRO L 436 -67.04 21.30 48.89
N PRO L 437 -65.98 21.19 49.71
CA PRO L 437 -64.65 21.61 49.21
C PRO L 437 -64.20 20.75 48.04
N LEU L 438 -64.01 21.38 46.89
CA LEU L 438 -63.66 20.69 45.66
C LEU L 438 -62.14 20.66 45.49
N ASP L 439 -61.69 20.23 44.31
CA ASP L 439 -60.29 20.26 43.94
C ASP L 439 -60.19 21.09 42.66
N LYS L 440 -58.98 21.29 42.14
CA LYS L 440 -58.78 22.23 41.03
C LYS L 440 -59.56 21.81 39.80
N LEU L 441 -59.68 20.50 39.55
CA LEU L 441 -60.32 20.01 38.33
C LEU L 441 -61.84 19.95 38.42
N GLY L 442 -62.42 20.29 39.57
CA GLY L 442 -63.87 20.33 39.70
C GLY L 442 -64.46 19.09 40.32
N ASN L 443 -63.75 18.49 41.27
CA ASN L 443 -64.22 17.31 41.98
C ASN L 443 -63.81 17.42 43.45
N SER L 444 -64.46 16.63 44.28
CA SER L 444 -64.17 16.65 45.71
C SER L 444 -62.88 15.90 46.01
N HIS L 445 -61.97 16.55 46.73
CA HIS L 445 -60.78 15.86 47.22
C HIS L 445 -61.16 14.76 48.21
N ARG L 446 -62.09 15.06 49.11
CA ARG L 446 -62.49 14.08 50.12
C ARG L 446 -63.38 13.00 49.52
N GLY L 447 -64.30 13.39 48.63
CA GLY L 447 -65.18 12.40 48.02
C GLY L 447 -64.45 11.44 47.12
N THR L 448 -63.53 11.95 46.30
CA THR L 448 -62.83 11.08 45.36
C THR L 448 -61.81 10.18 46.07
N SER L 449 -61.23 10.65 47.17
CA SER L 449 -60.29 9.82 47.92
C SER L 449 -60.97 8.59 48.49
N PHE L 450 -62.20 8.76 49.00
CA PHE L 450 -62.94 7.63 49.55
C PHE L 450 -63.25 6.61 48.47
N CYS L 451 -63.60 7.09 47.27
CA CYS L 451 -63.94 6.18 46.18
C CYS L 451 -62.77 5.27 45.82
N GLN L 452 -61.56 5.83 45.75
CA GLN L 452 -60.39 5.04 45.39
C GLN L 452 -60.11 3.97 46.43
N LYS L 453 -60.20 4.32 47.71
CA LYS L 453 -59.89 3.37 48.78
C LYS L 453 -60.88 2.22 48.80
N LEU L 454 -62.17 2.51 48.61
CA LEU L 454 -63.19 1.47 48.72
C LEU L 454 -63.00 0.41 47.64
N VAL L 455 -62.89 0.83 46.38
CA VAL L 455 -62.75 -0.12 45.28
C VAL L 455 -61.40 -0.84 45.32
N SER L 456 -60.37 -0.20 45.88
CA SER L 456 -59.05 -0.81 45.91
C SER L 456 -58.97 -2.04 46.79
N LEU L 457 -59.97 -2.27 47.66
CA LEU L 457 -59.95 -3.40 48.58
C LEU L 457 -61.15 -4.33 48.40
N PHE L 458 -62.22 -3.89 47.73
CA PHE L 458 -63.41 -4.71 47.51
C PHE L 458 -63.52 -5.25 46.10
N ASN L 459 -62.63 -4.87 45.19
CA ASN L 459 -62.57 -5.46 43.84
C ASN L 459 -63.89 -5.23 43.09
N PHE L 460 -64.17 -3.95 42.83
CA PHE L 460 -65.32 -3.53 42.03
C PHE L 460 -64.90 -2.86 40.73
N HIS L 461 -63.60 -2.79 40.44
CA HIS L 461 -63.14 -2.21 39.18
C HIS L 461 -63.58 -3.08 38.01
N ASN L 462 -63.80 -2.45 36.86
CA ASN L 462 -64.36 -3.16 35.71
C ASN L 462 -63.43 -4.27 35.24
N TYR L 463 -62.13 -4.00 35.17
CA TYR L 463 -61.16 -4.92 34.59
C TYR L 463 -60.21 -5.50 35.63
N ASP L 464 -60.70 -5.73 36.84
CA ASP L 464 -59.93 -6.44 37.87
C ASP L 464 -60.26 -7.92 37.78
N ASN L 465 -59.32 -8.70 37.25
CA ASN L 465 -59.60 -10.10 36.95
C ASN L 465 -59.81 -10.90 38.23
N LEU L 466 -60.68 -11.92 38.13
CA LEU L 466 -60.94 -12.82 39.24
C LEU L 466 -59.82 -13.86 39.32
N ARG L 467 -59.99 -14.82 40.22
CA ARG L 467 -59.08 -15.93 40.49
C ARG L 467 -57.81 -15.49 41.20
N HIS L 468 -57.64 -14.21 41.52
CA HIS L 468 -56.45 -13.72 42.21
C HIS L 468 -56.79 -12.76 43.34
N CYS L 469 -58.06 -12.66 43.75
CA CYS L 469 -58.41 -11.75 44.83
C CYS L 469 -57.72 -12.16 46.13
N ALA L 470 -57.89 -13.43 46.53
CA ALA L 470 -57.23 -13.96 47.72
C ALA L 470 -57.54 -13.13 48.95
N ARG L 471 -56.65 -12.19 49.29
CA ARG L 471 -56.86 -11.36 50.46
C ARG L 471 -57.97 -10.33 50.23
N LYS L 472 -58.14 -9.88 48.99
CA LYS L 472 -59.19 -8.92 48.70
C LYS L 472 -60.55 -9.54 48.90
N LEU L 473 -61.50 -8.74 49.40
CA LEU L 473 -62.82 -9.22 49.75
C LEU L 473 -63.65 -9.45 48.48
N ASP L 474 -64.77 -10.15 48.64
CA ASP L 474 -65.69 -10.46 47.55
C ASP L 474 -67.08 -10.67 48.11
N PRO L 475 -67.82 -9.60 48.44
CA PRO L 475 -69.14 -9.78 49.06
C PRO L 475 -70.13 -10.55 48.19
N ARG L 476 -70.02 -10.46 46.87
CA ARG L 476 -70.97 -11.15 46.00
C ARG L 476 -70.85 -12.66 46.17
N ARG L 477 -69.63 -13.17 46.24
CA ARG L 477 -69.40 -14.57 46.60
C ARG L 477 -67.95 -14.79 47.01
N GLN M . 9.16 -12.75 -18.84
CA GLN M . 8.80 -12.47 -17.42
C GLN M . 9.58 -13.39 -16.49
O GLN M . 10.46 -14.13 -16.93
CB GLN M . 7.30 -12.66 -17.20
CG GLN M . 6.42 -12.19 -18.35
CD GLN M . 4.95 -12.35 -18.05
OE1 GLN M . 4.45 -11.86 -17.05
NE2 GLN M . 4.25 -13.04 -18.94
OXT GLN M . 9.35 -13.42 -15.28
H1 GLN M . 10.04 -12.91 -18.89
H2 GLN M . 8.97 -12.04 -19.33
H3 GLN M . 8.72 -13.45 -19.13
HA GLN M . 9.03 -11.56 -17.21
HB2 GLN M . 7.04 -12.16 -16.41
HB3 GLN M . 7.12 -13.60 -17.06
HG2 GLN M . 6.60 -11.25 -18.51
HG3 GLN M . 6.63 -12.71 -19.14
HE21 GLN M . 4.64 -13.38 -19.63
HE22 GLN M . 3.40 -13.16 -18.83
N GLN N . 23.43 -1.34 6.44
CA GLN N . 22.45 -1.63 7.53
C GLN N . 21.20 -2.26 6.93
O GLN N . 20.79 -1.92 5.83
CB GLN N . 22.09 -0.36 8.29
CG GLN N . 20.85 -0.47 9.17
CD GLN N . 20.70 0.71 10.11
OE1 GLN N . 21.16 0.68 11.25
NE2 GLN N . 20.03 1.76 9.64
OXT GLN N . 20.57 -3.12 7.54
H1 GLN N . 23.53 -2.06 5.93
H2 GLN N . 23.14 -0.66 5.95
H3 GLN N . 24.22 -1.12 6.82
HA GLN N . 22.84 -2.27 8.16
HB2 GLN N . 22.84 -0.11 8.86
HB3 GLN N . 21.93 0.35 7.64
HG2 GLN N . 20.91 -1.27 9.70
HG3 GLN N . 20.07 -0.49 8.61
HE21 GLN N . 19.72 1.74 8.84
HE22 GLN N . 19.91 2.44 10.14
N GLN O . -10.42 20.70 5.58
CA GLN O . -9.41 20.49 4.52
C GLN O . -9.60 19.13 3.85
O GLN O . -9.12 18.89 2.74
CB GLN O . -7.99 20.60 5.07
CG GLN O . -7.01 21.23 4.08
CD GLN O . -5.59 21.18 4.57
OE1 GLN O . -5.25 20.44 5.49
NE2 GLN O . -4.73 22.00 3.96
OXT GLN O . -10.23 18.23 4.41
H1 GLN O . -10.05 21.14 6.27
H2 GLN O . -11.09 21.19 5.26
H3 GLN O . -10.72 19.91 5.87
HA GLN O . -9.53 21.18 3.83
HB2 GLN O . -7.67 19.71 5.28
HB3 GLN O . -8.00 21.15 5.86
HG2 GLN O . -7.26 22.15 3.95
HG3 GLN O . -7.06 20.74 3.25
HE21 GLN O . -5.01 22.51 3.33
HE22 GLN O . -3.90 22.01 4.21
N GLN P . -22.92 -6.01 5.19
CA GLN P . -22.11 -6.75 6.12
C GLN P . -20.89 -5.95 6.55
O GLN P . -20.12 -5.47 5.67
CB GLN P . -21.67 -8.08 5.51
CG GLN P . -20.44 -8.62 6.23
CD GLN P . -20.02 -9.93 5.56
OE1 GLN P . -20.60 -10.93 5.81
NE2 GLN P . -18.92 -9.96 4.61
OXT GLN P . -20.65 -5.77 7.76
H1 GLN P . -22.35 -5.70 4.42
H2 GLN P . -23.67 -6.60 4.84
H3 GLN P . -23.33 -5.21 5.65
HA GLN P . -22.70 -6.97 7.01
HB2 GLN P . -21.43 -7.92 4.45
HB3 GLN P . -22.48 -8.80 5.58
HG2 GLN P . -19.62 -7.91 6.15
HG3 GLN P . -20.68 -8.79 7.27
HE21 GLN P . -18.43 -9.11 4.39
HE22 GLN P . -18.66 -10.83 4.18
N GLN Q . 71.77 -26.38 -40.76
CA GLN Q . 71.17 -26.62 -39.41
C GLN Q . 71.28 -28.10 -39.07
O GLN Q . 71.82 -28.88 -39.84
CB GLN Q . 69.71 -26.17 -39.36
CG GLN Q . 69.41 -24.83 -40.02
CD GLN Q . 67.92 -24.62 -40.26
OE1 GLN Q . 67.10 -25.18 -39.55
NE2 GLN Q . 67.59 -23.84 -41.27
OXT GLN Q . 70.82 -28.53 -38.01
H1 GLN Q . 72.53 -26.83 -40.84
H2 GLN Q . 71.19 -26.65 -41.39
H3 GLN Q . 71.93 -25.51 -40.86
HA GLN Q . 71.67 -26.11 -38.75
HB2 GLN Q . 69.44 -26.10 -38.44
HB3 GLN Q . 69.17 -26.84 -39.80
HG2 GLN Q . 69.84 -24.79 -40.90
HG3 GLN Q . 69.73 -24.11 -39.46
HE21 GLN Q . 68.20 -23.46 -41.73
HE22 GLN Q . 66.76 -23.68 -41.44
N GLN R . 77.02 -38.42 -12.07
CA GLN R . 75.92 -39.30 -11.74
C GLN R . 74.94 -39.33 -12.90
O GLN R . 74.56 -40.44 -13.36
CB GLN R . 75.22 -38.82 -10.47
CG GLN R . 73.77 -39.28 -10.46
CD GLN R . 73.12 -38.83 -9.15
OE1 GLN R . 73.01 -39.59 -8.25
NE2 GLN R . 72.64 -37.46 -9.00
OXT GLN R . 74.52 -38.26 -13.40
H1 GLN R . 76.67 -37.52 -12.38
H2 GLN R . 77.57 -38.84 -12.82
H3 GLN R . 77.61 -38.29 -11.26
HA GLN R . 76.31 -40.30 -11.58
HB2 GLN R . 75.27 -37.73 -10.42
HB3 GLN R . 75.74 -39.23 -9.60
HG2 GLN R . 73.74 -40.37 -10.52
HG3 GLN R . 73.24 -38.85 -11.30
HE21 GLN R . 72.75 -36.81 -9.77
HE22 GLN R . 72.21 -37.17 -8.13
N GLN S . 47.89 -12.33 -3.19
CA GLN S . 49.10 -11.80 -3.87
C GLN S . 49.04 -12.06 -5.38
O GLN S . 49.72 -11.40 -6.17
CB GLN S . 50.37 -12.42 -3.29
CG GLN S . 51.59 -11.53 -3.39
CD GLN S . 52.88 -12.27 -3.10
OE1 GLN S . 52.91 -13.50 -3.09
NE2 GLN S . 53.95 -11.52 -2.86
OXT GLN S . 48.32 -12.95 -5.83
H1 GLN S . 47.26 -12.51 -3.78
H2 GLN S . 47.58 -11.72 -2.62
H3 GLN S . 48.10 -13.07 -2.74
HA GLN S . 49.15 -10.84 -3.74
HB2 GLN S . 50.56 -13.24 -3.77
HB3 GLN S . 50.21 -12.62 -2.35
HG2 GLN S . 51.50 -10.82 -2.73
HG3 GLN S . 51.64 -11.15 -4.28
HE21 GLN S . 53.88 -10.67 -2.87
HE22 GLN S . 54.71 -11.89 -2.70
N GLN T . 34.30 -25.85 -25.18
CA GLN T . 34.89 -27.21 -25.17
C GLN T . 36.03 -27.29 -24.17
O GLN T . 36.26 -28.34 -23.56
CB GLN T . 35.39 -27.58 -26.58
CG GLN T . 36.29 -28.81 -26.63
CD GLN T . 36.57 -29.25 -28.05
OE1 GLN T . 35.68 -29.71 -28.75
NE2 GLN T . 37.82 -29.11 -28.48
OXT GLN T . 36.75 -26.32 -23.94
H1 GLN T . 34.95 -25.25 -25.28
H2 GLN T . 33.72 -25.77 -25.85
H3 GLN T . 33.88 -25.70 -24.41
HA GLN T . 34.21 -27.85 -24.91
HB2 GLN T . 35.89 -26.83 -26.94
HB3 GLN T . 34.61 -27.75 -27.14
HG2 GLN T . 37.14 -28.59 -26.23
HG3 GLN T . 35.87 -29.53 -26.16
HE21 GLN T . 38.42 -28.77 -27.96
HE22 GLN T . 38.03 -29.34 -29.29
N GLN U . -48.69 5.36 14.31
CA GLN U . -49.14 5.60 12.91
C GLN U . -48.82 7.03 12.48
O GLN U . -48.51 7.29 11.33
CB GLN U . -50.65 5.34 12.76
CG GLN U . -51.53 5.99 13.81
CD GLN U . -52.90 5.34 13.91
OE1 GLN U . -53.01 4.11 13.93
NE2 GLN U . -53.95 6.15 13.98
OXT GLN U . -48.88 7.96 13.29
H1 GLN U . -47.85 5.09 14.30
H2 GLN U . -49.20 4.74 14.68
H3 GLN U . -48.76 6.12 14.77
HA GLN U . -48.67 5.00 12.32
HB2 GLN U . -50.80 4.38 12.80
HB3 GLN U . -50.93 5.67 11.89
HG2 GLN U . -51.67 6.93 13.58
HG3 GLN U . -51.11 5.94 14.69
HE21 GLN U . -53.82 7.00 13.97
HE22 GLN U . -54.74 5.83 14.03
N GLN V . -34.91 32.27 15.46
CA GLN V . -35.46 32.83 16.73
C GLN V . -36.57 31.92 17.25
O GLN V . -37.18 31.17 16.50
CB GLN V . -35.95 34.26 16.53
CG GLN V . -36.80 34.82 17.67
CD GLN V . -37.17 36.27 17.45
OE1 GLN V . -36.54 37.17 18.01
NE2 GLN V . -38.20 36.51 16.66
OXT GLN V . -36.89 31.93 18.44
H1 GLN V . -34.05 32.45 15.39
H2 GLN V . -35.04 31.39 15.43
H3 GLN V . -35.34 32.66 14.77
HA GLN V . -34.75 32.84 17.39
HB2 GLN V . -35.19 34.84 16.42
HB3 GLN V . -36.50 34.28 15.73
HG2 GLN V . -36.30 34.76 18.50
HG3 GLN V . -37.63 34.32 17.74
HE21 GLN V . -38.62 35.85 16.29
HE22 GLN V . -38.45 37.32 16.50
N GLN W . -72.87 43.81 14.42
CA GLN W . -72.64 43.15 13.11
C GLN W . -73.08 41.69 13.15
O GLN W . -72.62 40.86 12.37
CB GLN W . -71.16 43.25 12.71
CG GLN W . -70.92 43.14 11.21
CD GLN W . -69.45 43.26 10.84
OE1 GLN W . -68.57 43.17 11.70
NE2 GLN W . -69.18 43.48 9.56
OXT GLN W . -73.90 41.30 13.98
H1 GLN W . -73.70 44.12 14.45
H2 GLN W . -72.76 43.22 15.08
H3 GLN W . -72.29 44.48 14.52
HA GLN W . -73.16 43.60 12.43
HB2 GLN W . -70.67 42.53 13.14
HB3 GLN W . -70.82 44.11 13.00
HG2 GLN W . -71.40 43.84 10.76
HG3 GLN W . -71.23 42.28 10.90
HE21 GLN W . -69.82 43.53 8.99
HE22 GLN W . -68.36 43.55 9.30
N GLN X . -74.65 23.63 35.67
CA GLN X . -73.61 23.90 36.70
C GLN X . -72.65 24.99 36.21
O GLN X . -72.34 25.08 35.03
CB GLN X . -72.84 22.62 37.03
CG GLN X . -71.68 22.80 38.00
CD GLN X . -71.01 21.48 38.35
OE1 GLN X . -71.60 20.65 39.03
NE2 GLN X . -69.79 21.28 37.86
OXT GLN X . -72.17 25.80 37.01
H1 GLN X . -74.26 23.51 34.88
H2 GLN X . -75.11 22.90 35.89
H3 GLN X . -75.21 24.33 35.62
HA GLN X . -74.04 24.22 37.51
HB2 GLN X . -72.49 22.24 36.21
HB3 GLN X . -73.47 21.99 37.43
HG2 GLN X . -72.00 23.21 38.81
HG3 GLN X . -71.00 23.36 37.59
HE21 GLN X . -69.42 21.90 37.37
HE22 GLN X . -69.38 20.55 38.03
#